data_7XMX
#
_entry.id   7XMX
#
_cell.length_a   1.00
_cell.length_b   1.00
_cell.length_c   1.00
_cell.angle_alpha   90.00
_cell.angle_beta   90.00
_cell.angle_gamma   90.00
#
_symmetry.space_group_name_H-M   'P 1'
#
loop_
_entity.id
_entity.type
_entity.pdbx_description
1 polymer 'Spike glycoprotein'
2 polymer 'F61 heavy chain'
3 polymer 'F61 light chain'
4 non-polymer 2-acetamido-2-deoxy-beta-D-glucopyranose
#
loop_
_entity_poly.entity_id
_entity_poly.type
_entity_poly.pdbx_seq_one_letter_code
_entity_poly.pdbx_strand_id
1 'polypeptide(L)'
;MFVFLVLLPLVSSQCVNLTTRTQLPPAYTNSFTRGVYYPDKVFRSSVLHSTQDLFLPFFSNVTWFHAIHVSGTNGTKRFD
NPVLPFNDGVYFASTEKSNIIRGWIFGTTLDSKTQSLLIVNNATNVVIKVCEFQFCNDPFLGVYYHKNNKSWMESEFRVY
SSANNCTFEYVSQPFLMDLEGKQGNFKNLREFVFKNIDGYFKIYSKHTPINLVRDLPQGFSALEPLVDLPIGINITRFQT
LLALHRSYLTPGDSSSGWTAGAAAYYVGYLQPRTFLLKYNENGTITDAVDCALDPLSETKCTLKSFTVEKGIYQTSNFRV
QPTESIVRFPNITNLCPFGEVFNATRFASVYAWNRKRISNCVADYSVLYNSASFSTFKCYGVSPTKLNDLCFTNVYADSF
VIRGDEVRQIAPGQTGKIADYNYKLPDDFTGCVIAWNSNNLDSKVGGNYNYLYRLFRKSNLKPFERDISTEIYQAGSTPC
NGVEGFNCYFPLQSYGFQPTNGVGYQPYRVVVLSFELLHAPATVCGPKKSTNLVKNKCVNFNFNGLTGTGVLTESNKKFL
PFQQFGRDIADTTDAVRDPQTLEILDITPCSFGGVSVITPGTNTSNQVAVLYQDVNCTEVPVAIHADQLTPTWRVYSTGS
NVFQTRAGCLIGAEHVNNSYECDIPIGAGICASYQTQTNSPGSASSVASQSIIAYTMSLGAENSVAYSNNSIAIPTNFTI
SVTTEILPVSMTKTSVDCTMYICGDSTECSNLLLQYGSFCTQLNRALTGIAVEQDKNTQEVFAQVKQIYKTPPIKDFGGF
NFSQILPDPSKPSKRSPIEDLLFNKVTLADAGFIKQYGDCLGDIAARDLICAQKFNGLTVLPPLLTDEMIAQYTSALLAG
TITSGWTFGAGPALQIPFPMQMAYRFNGIGVTQNVLYENQKLIANQFNSAIGKIQDSLSSTPSALGKLQDVVNQNAQALN
TLVKQLSSNFGAISSVLNDILSRLDPPEAEVQIDRLITGRLQSLQTYVTQQLIRAAEIRASANLAATKMSECVLGQSKRV
DFCGKGYHLMSFPQSAPHGVVFLHVTYVPAQEKNFTTAPAICHDGKAHFPREGVFVSNGTHWFVTQRNFYEPQIITTDNT
FVSGNCDVVIGIVNNTVYDPLQPELDSFKEELDKYFKNHTSPDVDLGDISGINASVVNIQKEIDRLNEVAKNLNESLIDL
QELGKYEQGSGYIPEAPRDGQAYVRKDGEWVLLSTFLGRSLEVLFQGPGHHHHHHHHSAWSHPQFEKGGGSGGGGSGGSA
WSHPQFEKGSDYKDDDDK
;
A,B,C
2 'polypeptide(L)'
;EVQLVESGGGLVQPGGSLRLSCEASEIIVNRNYMNWVRQAPGKGLEWVSIIYPGGSTFYADSVKGRFTISRDNSKNTMYL
QMNSLRAEDTAVYYCARSYGDFYVDFWGQGTLVTVSS
;
E,H,K
3 'polypeptide(L)'
;QSVLTQPPSVSAAPGQKVTISCSGSSSNIGNNYVSWYQQLPGTAPKLLIYDNNKRPSGIPDRFSGSKSGTSATLGITGLQ
TGDEADYYCGTWDSSLSAWVFGGGTKLTVL
;
F,I,L
#
loop_
_chem_comp.id
_chem_comp.type
_chem_comp.name
_chem_comp.formula
NAG D-saccharide, beta linking 2-acetamido-2-deoxy-beta-D-glucopyranose 'C8 H15 N O6'
#
# COMPACT_ATOMS: atom_id res chain seq x y z
N PRO A 26 -19.28 -55.03 -4.93
CA PRO A 26 -20.01 -54.53 -3.76
C PRO A 26 -21.32 -53.84 -4.13
N ALA A 27 -21.83 -54.12 -5.32
CA ALA A 27 -23.10 -53.58 -5.78
C ALA A 27 -23.09 -52.05 -5.81
N TYR A 28 -22.22 -51.49 -6.65
CA TYR A 28 -22.16 -50.04 -6.79
C TYR A 28 -23.45 -49.52 -7.44
N THR A 29 -23.75 -48.25 -7.17
CA THR A 29 -24.92 -47.60 -7.74
C THR A 29 -24.60 -46.14 -8.00
N ASN A 30 -25.37 -45.53 -8.90
CA ASN A 30 -25.20 -44.13 -9.25
C ASN A 30 -26.24 -43.27 -8.53
N SER A 31 -25.78 -42.20 -7.91
CA SER A 31 -26.67 -41.26 -7.23
C SER A 31 -27.03 -40.17 -8.25
N PHE A 32 -28.29 -40.18 -8.69
CA PHE A 32 -28.67 -39.27 -9.76
C PHE A 32 -28.70 -37.82 -9.28
N THR A 33 -29.71 -37.47 -8.47
CA THR A 33 -29.87 -36.06 -8.03
C THR A 33 -30.27 -36.00 -6.56
N ARG A 34 -29.72 -36.91 -5.74
CA ARG A 34 -30.03 -36.92 -4.29
C ARG A 34 -28.75 -36.58 -3.51
N GLY A 35 -28.82 -35.61 -2.59
CA GLY A 35 -27.61 -35.19 -1.84
C GLY A 35 -27.46 -33.69 -1.87
N VAL A 36 -28.53 -32.94 -1.59
CA VAL A 36 -28.49 -31.49 -1.61
C VAL A 36 -29.16 -30.98 -0.35
N TYR A 37 -28.65 -29.89 0.20
CA TYR A 37 -29.11 -29.41 1.49
C TYR A 37 -29.00 -27.90 1.56
N TYR A 38 -29.85 -27.31 2.39
CA TYR A 38 -29.85 -25.87 2.54
C TYR A 38 -28.53 -25.42 3.15
N PRO A 39 -27.62 -24.68 2.43
CA PRO A 39 -26.32 -24.34 3.01
C PRO A 39 -26.43 -23.32 4.15
N ASP A 40 -27.44 -22.44 4.10
CA ASP A 40 -27.57 -21.36 5.12
C ASP A 40 -29.05 -21.13 5.43
N LYS A 41 -29.36 -20.58 6.61
CA LYS A 41 -30.76 -20.27 7.00
C LYS A 41 -31.16 -18.91 6.43
N VAL A 42 -30.86 -18.66 5.15
CA VAL A 42 -31.19 -17.40 4.51
C VAL A 42 -32.40 -17.58 3.62
N PHE A 43 -33.26 -16.57 3.58
CA PHE A 43 -34.47 -16.61 2.77
C PHE A 43 -34.26 -15.85 1.47
N ARG A 44 -34.41 -16.54 0.35
CA ARG A 44 -34.31 -15.94 -0.97
C ARG A 44 -35.47 -16.42 -1.83
N SER A 45 -36.07 -15.50 -2.59
CA SER A 45 -37.29 -15.76 -3.32
C SER A 45 -37.07 -15.59 -4.82
N SER A 46 -37.36 -16.64 -5.57
CA SER A 46 -37.40 -16.59 -7.04
C SER A 46 -36.13 -16.01 -7.63
N VAL A 47 -34.98 -16.49 -7.16
CA VAL A 47 -33.69 -16.09 -7.69
C VAL A 47 -32.86 -17.33 -7.92
N LEU A 48 -31.81 -17.17 -8.71
CA LEU A 48 -30.84 -18.24 -8.93
C LEU A 48 -29.53 -17.84 -8.28
N HIS A 49 -29.02 -18.70 -7.40
CA HIS A 49 -27.85 -18.39 -6.60
C HIS A 49 -26.82 -19.49 -6.75
N SER A 50 -25.55 -19.13 -6.61
CA SER A 50 -24.45 -20.10 -6.72
C SER A 50 -23.68 -20.12 -5.42
N THR A 51 -23.50 -21.31 -4.86
CA THR A 51 -22.73 -21.50 -3.64
C THR A 51 -21.65 -22.53 -3.91
N GLN A 52 -20.62 -22.54 -3.07
CA GLN A 52 -19.48 -23.43 -3.26
C GLN A 52 -19.10 -24.06 -1.93
N ASP A 53 -19.69 -25.21 -1.64
CA ASP A 53 -19.42 -25.92 -0.40
C ASP A 53 -19.20 -27.40 -0.70
N LEU A 54 -19.11 -28.18 0.36
CA LEU A 54 -19.01 -29.63 0.23
C LEU A 54 -20.34 -30.19 -0.21
N PHE A 55 -20.30 -31.03 -1.24
CA PHE A 55 -21.53 -31.50 -1.88
C PHE A 55 -21.30 -32.90 -2.43
N LEU A 56 -22.39 -33.61 -2.66
CA LEU A 56 -22.31 -34.93 -3.26
C LEU A 56 -22.38 -34.82 -4.77
N PRO A 57 -21.32 -35.14 -5.49
CA PRO A 57 -21.34 -34.97 -6.95
C PRO A 57 -22.43 -35.80 -7.60
N PHE A 58 -23.05 -35.24 -8.63
CA PHE A 58 -24.07 -35.96 -9.36
C PHE A 58 -23.49 -37.18 -10.06
N PHE A 59 -24.29 -38.23 -10.15
CA PHE A 59 -23.94 -39.45 -10.88
C PHE A 59 -22.65 -40.07 -10.35
N SER A 60 -22.45 -40.04 -9.04
CA SER A 60 -21.29 -40.70 -8.44
C SER A 60 -21.64 -42.14 -8.11
N ASN A 61 -20.61 -42.96 -7.91
CA ASN A 61 -20.81 -44.35 -7.51
C ASN A 61 -20.95 -44.46 -6.00
N VAL A 62 -22.06 -45.05 -5.57
CA VAL A 62 -22.38 -45.19 -4.15
C VAL A 62 -22.48 -46.67 -3.85
N THR A 63 -21.92 -47.09 -2.70
CA THR A 63 -21.91 -48.49 -2.33
C THR A 63 -23.23 -48.91 -1.71
N TRP A 64 -23.62 -50.16 -1.95
CA TRP A 64 -24.86 -50.73 -1.44
C TRP A 64 -24.53 -51.95 -0.61
N PHE A 65 -24.98 -51.97 0.65
CA PHE A 65 -24.75 -53.12 1.51
C PHE A 65 -26.10 -53.57 2.05
N HIS A 66 -26.27 -54.88 2.18
CA HIS A 66 -27.48 -55.45 2.76
C HIS A 66 -27.12 -56.61 3.68
N ASP A 80 -23.55 -57.05 6.10
CA ASP A 80 -22.93 -56.76 7.43
C ASP A 80 -22.79 -55.25 7.62
N ASN A 81 -22.06 -54.82 8.64
CA ASN A 81 -21.84 -53.37 8.89
C ASN A 81 -20.35 -53.08 9.11
N PRO A 82 -19.50 -53.13 8.06
CA PRO A 82 -18.06 -52.92 8.23
C PRO A 82 -17.72 -51.45 8.55
N VAL A 83 -16.70 -51.23 9.39
CA VAL A 83 -16.28 -49.83 9.74
C VAL A 83 -15.84 -49.12 8.44
N LEU A 84 -16.27 -47.86 8.26
CA LEU A 84 -15.89 -47.09 7.05
C LEU A 84 -15.23 -45.78 7.49
N PRO A 85 -14.20 -45.20 6.81
CA PRO A 85 -13.64 -43.92 7.27
C PRO A 85 -14.58 -42.74 7.00
N PHE A 86 -14.28 -41.60 7.64
CA PHE A 86 -15.21 -40.47 7.60
C PHE A 86 -15.03 -39.64 6.34
N ASN A 87 -13.85 -39.04 6.16
CA ASN A 87 -13.52 -38.28 4.95
C ASN A 87 -14.53 -37.16 4.69
N ASP A 88 -14.60 -36.21 5.61
CA ASP A 88 -15.30 -34.94 5.39
C ASP A 88 -16.79 -35.15 5.09
N GLY A 89 -17.45 -35.92 5.93
CA GLY A 89 -18.89 -36.02 5.76
C GLY A 89 -19.26 -37.26 4.98
N VAL A 90 -20.46 -37.76 5.23
CA VAL A 90 -20.98 -38.95 4.56
C VAL A 90 -22.44 -38.71 4.22
N TYR A 91 -22.89 -39.32 3.14
CA TYR A 91 -24.29 -39.30 2.77
C TYR A 91 -24.92 -40.63 3.16
N PHE A 92 -25.89 -40.58 4.07
CA PHE A 92 -26.51 -41.78 4.61
C PHE A 92 -27.97 -41.84 4.16
N ALA A 93 -28.33 -42.93 3.50
CA ALA A 93 -29.71 -43.16 3.10
C ALA A 93 -30.11 -44.59 3.45
N SER A 94 -31.31 -44.74 3.98
CA SER A 94 -31.84 -46.04 4.37
C SER A 94 -33.03 -46.37 3.48
N THR A 95 -33.33 -47.66 3.28
CA THR A 95 -34.45 -47.96 2.35
C THR A 95 -35.72 -48.15 3.20
N GLU A 96 -36.87 -48.43 2.58
CA GLU A 96 -38.06 -48.73 3.42
C GLU A 96 -37.70 -49.94 4.27
N LYS A 97 -37.87 -49.86 5.58
CA LYS A 97 -37.39 -50.97 6.45
C LYS A 97 -38.09 -50.94 7.82
N SER A 98 -37.83 -51.96 8.65
CA SER A 98 -38.42 -52.02 10.00
C SER A 98 -37.76 -50.98 10.92
N ASN A 99 -38.36 -50.70 12.08
CA ASN A 99 -37.84 -49.64 12.99
C ASN A 99 -36.67 -50.17 13.84
N ILE A 100 -36.24 -51.41 13.59
CA ILE A 100 -35.16 -52.02 14.43
C ILE A 100 -33.89 -51.16 14.31
N ILE A 101 -33.56 -50.66 13.12
CA ILE A 101 -32.41 -49.71 12.99
C ILE A 101 -32.60 -48.66 14.08
N ARG A 102 -31.61 -48.45 14.95
CA ARG A 102 -31.87 -47.56 16.11
C ARG A 102 -30.91 -46.36 16.07
N GLY A 103 -29.61 -46.61 15.90
CA GLY A 103 -28.63 -45.50 15.97
C GLY A 103 -27.30 -45.84 15.33
N TRP A 104 -26.40 -44.86 15.23
CA TRP A 104 -25.04 -45.12 14.69
C TRP A 104 -23.98 -44.58 15.65
N ILE A 105 -22.96 -45.39 15.97
CA ILE A 105 -21.88 -44.92 16.85
C ILE A 105 -20.81 -44.37 15.91
N PHE A 106 -20.33 -43.16 16.18
CA PHE A 106 -19.21 -42.67 15.39
C PHE A 106 -17.91 -43.30 15.85
N GLY A 107 -17.51 -43.05 17.10
CA GLY A 107 -16.39 -43.75 17.68
C GLY A 107 -15.08 -43.64 16.92
N THR A 108 -14.45 -42.47 16.92
CA THR A 108 -13.22 -42.17 16.17
C THR A 108 -12.23 -43.33 16.31
N THR A 109 -11.76 -43.66 17.52
CA THR A 109 -10.90 -44.83 17.68
C THR A 109 -11.50 -45.86 18.62
N LEU A 110 -12.70 -45.60 19.15
CA LEU A 110 -13.43 -46.57 19.97
C LEU A 110 -12.59 -46.98 21.19
N ASP A 111 -11.74 -46.07 21.65
CA ASP A 111 -10.82 -46.42 22.76
C ASP A 111 -10.98 -45.46 23.93
N SER A 112 -10.36 -45.76 25.08
CA SER A 112 -10.42 -44.81 26.22
C SER A 112 -9.70 -43.51 25.82
N LYS A 113 -8.82 -43.59 24.83
CA LYS A 113 -8.01 -42.41 24.40
C LYS A 113 -8.90 -41.29 23.83
N THR A 114 -9.91 -41.63 23.01
CA THR A 114 -10.70 -40.57 22.33
C THR A 114 -12.18 -40.65 22.69
N GLN A 115 -12.85 -39.48 22.78
CA GLN A 115 -14.31 -39.44 23.06
C GLN A 115 -15.07 -40.07 21.89
N SER A 116 -16.17 -40.79 22.19
CA SER A 116 -16.95 -41.46 21.13
C SER A 116 -18.41 -40.99 21.17
N LEU A 117 -18.93 -40.48 20.05
CA LEU A 117 -20.33 -40.06 20.01
C LEU A 117 -21.22 -41.26 19.75
N LEU A 118 -22.34 -41.34 20.46
CA LEU A 118 -23.32 -42.39 20.30
C LEU A 118 -24.70 -41.77 20.18
N ILE A 119 -25.51 -42.31 19.29
CA ILE A 119 -26.88 -41.87 19.09
C ILE A 119 -27.76 -43.11 19.07
N VAL A 120 -28.91 -43.05 19.74
CA VAL A 120 -29.80 -44.20 19.84
C VAL A 120 -31.24 -43.69 19.84
N ASN A 121 -32.12 -44.43 19.18
CA ASN A 121 -33.54 -44.12 19.16
C ASN A 121 -34.29 -45.25 19.87
N ASN A 122 -34.86 -44.95 21.03
CA ASN A 122 -35.68 -45.92 21.76
C ASN A 122 -37.16 -45.64 21.62
N ALA A 123 -37.60 -45.08 20.49
CA ALA A 123 -38.98 -44.85 20.09
C ALA A 123 -39.69 -43.81 20.94
N THR A 124 -39.02 -43.18 21.91
CA THR A 124 -39.62 -42.09 22.65
C THR A 124 -38.81 -40.80 22.61
N ASN A 125 -37.48 -40.88 22.64
CA ASN A 125 -36.64 -39.69 22.50
C ASN A 125 -35.20 -40.12 22.30
N VAL A 126 -34.44 -39.28 21.61
CA VAL A 126 -33.07 -39.58 21.18
C VAL A 126 -32.16 -39.38 22.37
N VAL A 127 -31.04 -40.10 22.37
CA VAL A 127 -30.02 -39.98 23.42
C VAL A 127 -28.66 -39.81 22.75
N ILE A 128 -27.93 -38.76 23.16
CA ILE A 128 -26.58 -38.48 22.58
C ILE A 128 -25.58 -38.42 23.72
N LYS A 129 -24.64 -39.38 23.77
CA LYS A 129 -23.61 -39.40 24.84
C LYS A 129 -22.21 -39.34 24.23
N VAL A 130 -21.30 -38.58 24.85
CA VAL A 130 -19.89 -38.49 24.35
C VAL A 130 -18.97 -39.17 25.37
N CYS A 131 -19.50 -40.09 26.16
CA CYS A 131 -18.66 -40.84 27.15
C CYS A 131 -17.66 -41.71 26.38
N GLU A 132 -16.42 -41.79 26.85
CA GLU A 132 -15.40 -42.67 26.21
C GLU A 132 -15.82 -44.13 26.41
N PHE A 133 -15.80 -44.94 25.34
CA PHE A 133 -16.28 -46.34 25.44
C PHE A 133 -15.21 -47.29 24.91
N GLN A 134 -15.21 -48.53 25.39
CA GLN A 134 -14.22 -49.54 24.92
C GLN A 134 -14.70 -50.14 23.60
N PHE A 135 -13.77 -50.64 22.78
CA PHE A 135 -14.13 -51.21 21.45
C PHE A 135 -15.02 -52.44 21.61
N CYS A 136 -16.10 -52.54 20.81
CA CYS A 136 -16.94 -53.76 20.84
C CYS A 136 -17.01 -54.34 19.43
N ASN A 137 -16.73 -55.65 19.28
CA ASN A 137 -16.71 -56.29 17.94
C ASN A 137 -17.93 -55.84 17.12
N ASP A 138 -19.14 -56.21 17.54
CA ASP A 138 -20.37 -55.75 16.84
C ASP A 138 -21.27 -55.04 17.85
N PRO A 139 -21.75 -53.81 17.58
CA PRO A 139 -22.70 -53.16 18.48
C PRO A 139 -24.01 -53.96 18.53
N PHE A 140 -24.55 -54.18 19.74
CA PHE A 140 -25.78 -55.00 19.87
C PHE A 140 -26.84 -54.22 20.67
N LEU A 141 -28.07 -54.17 20.14
CA LEU A 141 -29.18 -53.46 20.83
C LEU A 141 -30.52 -53.97 20.28
N SER A 155 -31.54 -59.11 23.03
CA SER A 155 -30.85 -58.36 24.11
C SER A 155 -30.76 -56.88 23.73
N GLU A 156 -30.69 -55.99 24.73
CA GLU A 156 -30.60 -54.53 24.47
C GLU A 156 -29.55 -53.92 25.39
N PHE A 157 -28.85 -52.87 24.93
CA PHE A 157 -27.82 -52.17 25.74
C PHE A 157 -26.58 -53.06 25.89
N ARG A 158 -26.51 -54.14 25.10
CA ARG A 158 -25.34 -55.07 25.16
C ARG A 158 -24.08 -54.33 24.71
N VAL A 159 -24.18 -53.49 23.68
CA VAL A 159 -23.00 -52.75 23.15
C VAL A 159 -22.28 -52.03 24.30
N TYR A 160 -23.03 -51.36 25.17
CA TYR A 160 -22.40 -50.56 26.25
C TYR A 160 -21.53 -51.48 27.12
N SER A 161 -20.29 -51.07 27.37
CA SER A 161 -19.38 -51.85 28.26
C SER A 161 -19.01 -50.98 29.46
N SER A 162 -18.35 -49.85 29.21
CA SER A 162 -18.02 -48.90 30.31
C SER A 162 -18.42 -47.49 29.90
N ALA A 163 -19.24 -46.80 30.70
CA ALA A 163 -19.57 -45.39 30.40
C ALA A 163 -18.86 -44.52 31.44
N ASN A 164 -17.94 -43.65 31.00
CA ASN A 164 -17.16 -42.88 32.00
C ASN A 164 -16.80 -41.49 31.49
N ASN A 165 -16.68 -40.51 32.39
CA ASN A 165 -16.34 -39.10 32.00
C ASN A 165 -17.15 -38.66 30.78
N CYS A 166 -18.45 -38.37 30.97
CA CYS A 166 -19.28 -37.89 29.84
C CYS A 166 -19.31 -36.36 29.86
N THR A 167 -18.56 -35.73 28.95
CA THR A 167 -18.47 -34.25 28.90
C THR A 167 -19.80 -33.60 28.52
N PHE A 168 -20.53 -34.18 27.56
CA PHE A 168 -21.77 -33.52 27.08
C PHE A 168 -23.01 -34.41 27.27
N GLU A 169 -24.17 -33.80 27.50
CA GLU A 169 -25.42 -34.54 27.70
C GLU A 169 -26.52 -33.91 26.86
N TYR A 170 -27.38 -34.73 26.24
CA TYR A 170 -28.46 -34.17 25.44
C TYR A 170 -29.55 -35.22 25.21
N VAL A 171 -30.81 -34.78 25.18
CA VAL A 171 -31.96 -35.59 24.80
C VAL A 171 -32.92 -34.72 23.97
N SER A 172 -33.53 -35.32 22.95
CA SER A 172 -34.52 -34.63 22.13
C SER A 172 -35.49 -35.64 21.50
N GLN A 173 -36.40 -35.12 20.66
CA GLN A 173 -37.47 -35.93 20.11
C GLN A 173 -36.94 -36.98 19.11
N PRO A 174 -37.64 -38.10 18.94
CA PRO A 174 -37.15 -39.17 18.04
C PRO A 174 -37.20 -38.76 16.58
N PHE A 175 -36.34 -39.42 15.78
CA PHE A 175 -36.25 -39.10 14.35
C PHE A 175 -36.94 -40.14 13.49
N LEU A 176 -38.11 -40.60 13.90
CA LEU A 176 -38.87 -41.59 13.11
C LEU A 176 -39.38 -40.89 11.85
N MET A 177 -40.15 -39.81 11.96
CA MET A 177 -40.81 -39.18 10.81
C MET A 177 -40.45 -37.70 10.69
N ASN A 188 -40.71 -45.43 3.46
CA ASN A 188 -40.33 -44.15 2.82
C ASN A 188 -38.82 -44.13 2.59
N LEU A 189 -38.29 -43.03 2.07
CA LEU A 189 -36.82 -42.90 1.86
C LEU A 189 -36.29 -41.85 2.84
N ARG A 190 -35.26 -42.21 3.62
CA ARG A 190 -34.70 -41.27 4.63
C ARG A 190 -33.28 -40.88 4.20
N GLU A 191 -32.99 -39.58 4.12
CA GLU A 191 -31.65 -39.11 3.67
C GLU A 191 -30.99 -38.31 4.81
N PHE A 192 -29.87 -38.81 5.34
CA PHE A 192 -29.18 -38.12 6.41
C PHE A 192 -27.82 -37.67 5.93
N VAL A 193 -27.37 -36.52 6.42
CA VAL A 193 -26.05 -35.97 6.09
C VAL A 193 -25.38 -35.54 7.39
N PHE A 194 -24.13 -35.95 7.58
CA PHE A 194 -23.37 -35.60 8.77
C PHE A 194 -22.08 -34.93 8.32
N LYS A 195 -21.69 -33.86 9.01
CA LYS A 195 -20.43 -33.19 8.73
C LYS A 195 -19.95 -32.44 9.96
N ASN A 196 -18.63 -32.35 10.10
CA ASN A 196 -17.97 -31.66 11.19
C ASN A 196 -17.07 -30.56 10.63
N ILE A 197 -17.32 -29.32 11.05
CA ILE A 197 -16.46 -28.20 10.75
C ILE A 197 -16.26 -27.39 12.02
N ASP A 198 -15.01 -27.05 12.32
CA ASP A 198 -14.67 -26.12 13.40
C ASP A 198 -15.35 -26.51 14.71
N GLY A 199 -15.29 -27.79 15.04
CA GLY A 199 -15.85 -28.25 16.30
C GLY A 199 -17.35 -28.28 16.37
N TYR A 200 -18.05 -28.12 15.25
CA TYR A 200 -19.50 -28.18 15.25
C TYR A 200 -19.94 -29.39 14.45
N PHE A 201 -20.94 -30.10 14.96
CA PHE A 201 -21.48 -31.28 14.30
C PHE A 201 -22.84 -30.93 13.72
N LYS A 202 -23.00 -31.13 12.41
CA LYS A 202 -24.23 -30.77 11.72
C LYS A 202 -24.90 -32.04 11.22
N ILE A 203 -26.23 -32.09 11.29
CA ILE A 203 -27.00 -33.15 10.67
C ILE A 203 -28.15 -32.54 9.89
N TYR A 204 -28.48 -33.14 8.76
CA TYR A 204 -29.62 -32.74 7.94
C TYR A 204 -30.42 -33.99 7.61
N SER A 205 -31.75 -33.86 7.60
CA SER A 205 -32.62 -35.02 7.45
C SER A 205 -33.82 -34.66 6.60
N LYS A 206 -34.28 -35.62 5.79
CA LYS A 206 -35.48 -35.48 4.99
C LYS A 206 -36.12 -36.84 4.81
N HIS A 207 -37.45 -36.91 4.97
CA HIS A 207 -38.18 -38.19 4.84
C HIS A 207 -39.25 -38.08 3.74
N THR A 208 -38.94 -38.55 2.53
CA THR A 208 -39.90 -38.42 1.39
C THR A 208 -40.32 -39.81 0.90
N PRO A 209 -41.64 -40.11 0.80
CA PRO A 209 -42.11 -41.42 0.35
C PRO A 209 -41.91 -41.68 -1.15
N ILE A 210 -41.52 -42.91 -1.52
CA ILE A 210 -41.42 -43.27 -2.96
C ILE A 210 -42.26 -44.52 -3.20
N ASN A 211 -43.18 -44.48 -4.17
CA ASN A 211 -44.10 -45.63 -4.42
C ASN A 211 -43.32 -46.79 -5.06
N LEU A 212 -43.84 -48.02 -4.92
CA LEU A 212 -43.19 -49.21 -5.55
C LEU A 212 -41.82 -49.47 -4.90
N VAL A 213 -41.02 -50.37 -5.49
CA VAL A 213 -39.65 -50.64 -4.96
C VAL A 213 -38.64 -50.24 -6.03
N ARG A 214 -37.70 -49.35 -5.68
CA ARG A 214 -36.66 -48.89 -6.64
C ARG A 214 -35.40 -48.50 -5.87
N ASP A 215 -34.25 -48.46 -6.55
CA ASP A 215 -32.99 -48.03 -5.89
C ASP A 215 -32.68 -46.59 -6.32
N LEU A 216 -32.50 -45.69 -5.36
CA LEU A 216 -32.23 -44.25 -5.65
C LEU A 216 -33.29 -43.68 -6.62
N PRO A 217 -34.53 -43.29 -6.17
CA PRO A 217 -35.56 -42.80 -7.08
C PRO A 217 -35.13 -41.55 -7.82
N GLN A 218 -35.82 -41.25 -8.91
CA GLN A 218 -35.63 -39.98 -9.58
C GLN A 218 -36.34 -38.88 -8.81
N GLY A 219 -36.05 -37.65 -9.18
CA GLY A 219 -36.66 -36.50 -8.54
C GLY A 219 -35.68 -35.75 -7.67
N PHE A 220 -36.14 -34.62 -7.15
CA PHE A 220 -35.30 -33.72 -6.36
C PHE A 220 -35.88 -33.56 -4.96
N SER A 221 -35.01 -33.65 -3.95
CA SER A 221 -35.39 -33.52 -2.55
C SER A 221 -34.35 -32.68 -1.83
N ALA A 222 -34.82 -31.74 -1.02
CA ALA A 222 -33.96 -30.83 -0.29
C ALA A 222 -33.89 -31.25 1.17
N LEU A 223 -32.72 -31.13 1.77
CA LEU A 223 -32.51 -31.59 3.13
C LEU A 223 -32.42 -30.41 4.09
N GLU A 224 -33.16 -30.50 5.19
CA GLU A 224 -33.23 -29.42 6.16
C GLU A 224 -32.30 -29.69 7.33
N PRO A 225 -31.75 -28.66 7.96
CA PRO A 225 -30.90 -28.89 9.13
C PRO A 225 -31.73 -29.21 10.36
N LEU A 226 -31.20 -30.08 11.21
CA LEU A 226 -31.86 -30.43 12.46
C LEU A 226 -31.26 -29.74 13.68
N VAL A 227 -29.99 -30.00 13.98
CA VAL A 227 -29.37 -29.56 15.21
C VAL A 227 -27.91 -29.24 14.95
N ASP A 228 -27.30 -28.43 15.82
CA ASP A 228 -25.85 -28.13 15.72
C ASP A 228 -25.21 -28.57 17.06
N LEU A 229 -24.38 -29.61 17.04
CA LEU A 229 -23.82 -30.14 18.31
C LEU A 229 -22.37 -29.68 18.49
N PRO A 230 -22.01 -29.02 19.61
CA PRO A 230 -20.66 -28.49 19.80
C PRO A 230 -19.67 -29.52 20.39
N ILE A 231 -19.41 -30.62 19.67
CA ILE A 231 -18.53 -31.71 20.21
C ILE A 231 -17.07 -31.23 20.33
N GLY A 232 -16.56 -30.53 19.32
CA GLY A 232 -15.18 -29.99 19.39
C GLY A 232 -14.09 -30.98 19.05
N ILE A 233 -14.44 -32.18 18.54
CA ILE A 233 -13.40 -33.23 18.27
C ILE A 233 -13.42 -33.61 16.78
N ASN A 234 -12.41 -34.36 16.31
CA ASN A 234 -12.40 -34.83 14.93
C ASN A 234 -12.67 -36.33 14.90
N ILE A 235 -13.45 -36.76 13.91
CA ILE A 235 -14.06 -38.08 13.91
C ILE A 235 -13.57 -38.93 12.75
N THR A 236 -12.29 -38.86 12.41
CA THR A 236 -11.76 -39.72 11.36
C THR A 236 -12.09 -41.17 11.71
N ARG A 237 -12.42 -41.97 10.68
CA ARG A 237 -12.68 -43.38 10.91
C ARG A 237 -13.84 -43.61 11.87
N PHE A 238 -15.06 -43.30 11.41
CA PHE A 238 -16.22 -43.58 12.24
C PHE A 238 -16.61 -45.04 12.12
N GLN A 239 -17.56 -45.46 12.95
CA GLN A 239 -18.15 -46.78 12.84
C GLN A 239 -19.56 -46.66 12.29
N THR A 240 -20.03 -47.73 11.66
CA THR A 240 -21.36 -47.71 11.09
C THR A 240 -22.43 -47.93 12.15
N LEU A 241 -23.64 -48.21 11.68
CA LEU A 241 -24.84 -48.20 12.47
C LEU A 241 -24.99 -49.49 13.27
N LEU A 242 -26.11 -49.57 13.98
CA LEU A 242 -26.50 -50.75 14.72
C LEU A 242 -27.98 -51.02 14.48
N ALA A 243 -28.29 -52.27 14.17
CA ALA A 243 -29.68 -52.64 13.87
C ALA A 243 -30.46 -52.82 15.16
N TYR A 265 -28.10 -50.41 3.40
CA TYR A 265 -27.86 -48.96 3.60
C TYR A 265 -26.90 -48.43 2.53
N TYR A 266 -26.95 -47.13 2.24
CA TYR A 266 -26.07 -46.54 1.21
C TYR A 266 -25.13 -45.52 1.87
N VAL A 267 -23.83 -45.62 1.61
CA VAL A 267 -22.85 -44.64 2.16
C VAL A 267 -22.15 -43.91 1.01
N GLY A 268 -22.13 -42.59 1.03
CA GLY A 268 -21.48 -41.79 -0.02
C GLY A 268 -20.52 -40.79 0.60
N TYR A 269 -19.50 -40.33 -0.15
CA TYR A 269 -18.48 -39.43 0.43
C TYR A 269 -18.62 -38.03 -0.18
N LEU A 270 -18.63 -37.00 0.68
CA LEU A 270 -18.81 -35.61 0.19
C LEU A 270 -17.52 -35.11 -0.47
N GLN A 271 -17.60 -33.99 -1.22
CA GLN A 271 -16.46 -33.48 -1.94
C GLN A 271 -16.70 -32.01 -2.25
N PRO A 272 -15.65 -31.19 -2.37
CA PRO A 272 -15.85 -29.76 -2.68
C PRO A 272 -16.28 -29.52 -4.12
N ARG A 273 -17.43 -28.84 -4.27
CA ARG A 273 -17.99 -28.60 -5.62
C ARG A 273 -18.77 -27.28 -5.63
N THR A 274 -19.00 -26.71 -6.82
CA THR A 274 -19.79 -25.50 -6.99
C THR A 274 -21.14 -25.87 -7.59
N PHE A 275 -22.21 -25.36 -7.00
CA PHE A 275 -23.55 -25.69 -7.43
C PHE A 275 -24.31 -24.41 -7.73
N LEU A 276 -25.26 -24.48 -8.65
CA LEU A 276 -26.18 -23.38 -8.91
C LEU A 276 -27.57 -23.79 -8.42
N LEU A 277 -28.06 -23.12 -7.38
CA LEU A 277 -29.31 -23.50 -6.73
C LEU A 277 -30.42 -22.56 -7.15
N LYS A 278 -31.62 -23.10 -7.30
CA LYS A 278 -32.78 -22.32 -7.70
C LYS A 278 -33.81 -22.29 -6.58
N TYR A 279 -34.23 -21.09 -6.19
CA TYR A 279 -35.23 -20.90 -5.14
C TYR A 279 -36.55 -20.49 -5.77
N ASN A 280 -37.63 -21.12 -5.33
CA ASN A 280 -38.94 -20.78 -5.87
C ASN A 280 -39.48 -19.52 -5.20
N GLU A 281 -40.79 -19.29 -5.39
CA GLU A 281 -41.41 -18.09 -4.83
C GLU A 281 -41.37 -18.11 -3.31
N ASN A 282 -41.67 -19.25 -2.69
CA ASN A 282 -41.78 -19.27 -1.23
C ASN A 282 -40.44 -19.51 -0.55
N GLY A 283 -39.44 -20.02 -1.25
CA GLY A 283 -38.15 -20.26 -0.65
C GLY A 283 -37.67 -21.69 -0.66
N THR A 284 -38.36 -22.59 -1.35
CA THR A 284 -37.96 -23.99 -1.37
C THR A 284 -37.09 -24.29 -2.58
N ILE A 285 -35.95 -24.92 -2.32
CA ILE A 285 -34.99 -25.24 -3.37
C ILE A 285 -35.66 -26.24 -4.31
N THR A 286 -35.96 -25.80 -5.53
CA THR A 286 -36.64 -26.67 -6.47
C THR A 286 -35.66 -27.50 -7.29
N ASP A 287 -34.61 -26.89 -7.82
CA ASP A 287 -33.71 -27.59 -8.71
C ASP A 287 -32.33 -26.96 -8.67
N ALA A 288 -31.34 -27.68 -9.19
CA ALA A 288 -29.96 -27.23 -9.17
C ALA A 288 -29.17 -27.95 -10.26
N VAL A 289 -27.99 -27.41 -10.58
CA VAL A 289 -27.11 -28.05 -11.60
C VAL A 289 -25.70 -28.23 -11.00
N ASP A 290 -24.82 -28.93 -11.72
CA ASP A 290 -23.43 -29.13 -11.24
C ASP A 290 -22.49 -28.37 -12.18
N CYS A 291 -21.61 -27.53 -11.65
CA CYS A 291 -20.78 -26.67 -12.54
C CYS A 291 -19.53 -27.39 -13.08
N ALA A 292 -19.35 -28.69 -12.79
CA ALA A 292 -18.20 -29.36 -13.40
C ALA A 292 -18.60 -30.62 -14.16
N LEU A 293 -19.88 -30.99 -14.15
CA LEU A 293 -20.30 -32.24 -14.76
C LEU A 293 -20.06 -32.25 -16.27
N ASP A 294 -20.76 -31.40 -16.99
CA ASP A 294 -20.82 -31.42 -18.44
C ASP A 294 -20.37 -30.09 -19.02
N PRO A 295 -19.98 -30.05 -20.29
CA PRO A 295 -19.84 -28.76 -20.96
C PRO A 295 -21.10 -27.93 -20.93
N LEU A 296 -22.25 -28.58 -21.15
CA LEU A 296 -23.51 -27.84 -21.11
C LEU A 296 -23.73 -27.26 -19.72
N SER A 297 -23.39 -28.01 -18.68
CA SER A 297 -23.56 -27.51 -17.32
C SER A 297 -22.65 -26.32 -17.07
N GLU A 298 -21.42 -26.36 -17.58
CA GLU A 298 -20.55 -25.21 -17.45
C GLU A 298 -21.13 -23.98 -18.12
N THR A 299 -21.69 -24.16 -19.32
CA THR A 299 -22.30 -23.03 -20.01
C THR A 299 -23.47 -22.46 -19.21
N LYS A 300 -24.31 -23.32 -18.65
CA LYS A 300 -25.42 -22.79 -17.85
C LYS A 300 -24.92 -22.02 -16.64
N CYS A 301 -23.85 -22.52 -16.00
CA CYS A 301 -23.33 -21.83 -14.82
C CYS A 301 -22.83 -20.44 -15.19
N THR A 302 -22.18 -20.30 -16.34
CA THR A 302 -21.51 -19.03 -16.63
C THR A 302 -22.50 -17.98 -17.15
N LEU A 303 -23.63 -18.41 -17.71
CA LEU A 303 -24.65 -17.45 -18.12
C LEU A 303 -25.65 -17.17 -17.01
N LYS A 304 -25.58 -17.90 -15.90
CA LYS A 304 -26.40 -17.70 -14.72
C LYS A 304 -27.86 -18.04 -15.02
N SER A 305 -28.11 -19.05 -15.85
CA SER A 305 -29.46 -19.37 -16.29
C SER A 305 -29.62 -20.85 -16.55
N PHE A 306 -30.87 -21.29 -16.67
CA PHE A 306 -31.14 -22.70 -16.94
C PHE A 306 -31.33 -22.97 -18.42
N THR A 307 -31.69 -21.95 -19.18
CA THR A 307 -31.88 -22.08 -20.62
C THR A 307 -30.93 -21.17 -21.37
N VAL A 308 -30.40 -21.67 -22.49
CA VAL A 308 -29.45 -20.94 -23.31
C VAL A 308 -29.96 -20.91 -24.74
N GLU A 309 -29.63 -19.84 -25.46
CA GLU A 309 -30.00 -19.72 -26.86
C GLU A 309 -28.83 -20.13 -27.75
N LYS A 310 -29.15 -20.43 -29.00
CA LYS A 310 -28.15 -20.87 -29.96
C LYS A 310 -27.02 -19.87 -30.09
N GLY A 311 -25.78 -20.36 -30.11
CA GLY A 311 -24.65 -19.48 -30.30
C GLY A 311 -23.36 -20.14 -29.86
N ILE A 312 -22.33 -19.31 -29.72
CA ILE A 312 -21.03 -19.72 -29.21
C ILE A 312 -20.76 -18.95 -27.94
N TYR A 313 -20.07 -19.57 -26.99
CA TYR A 313 -19.81 -18.98 -25.70
C TYR A 313 -18.41 -19.40 -25.26
N GLN A 314 -17.80 -18.61 -24.38
CA GLN A 314 -16.48 -18.94 -23.84
C GLN A 314 -16.63 -19.34 -22.39
N THR A 315 -16.38 -20.62 -22.11
CA THR A 315 -16.62 -21.13 -20.77
C THR A 315 -15.41 -20.93 -19.87
N SER A 316 -14.22 -21.29 -20.35
CA SER A 316 -13.00 -21.13 -19.59
C SER A 316 -11.83 -21.21 -20.55
N ASN A 317 -10.63 -21.29 -19.98
CA ASN A 317 -9.40 -21.38 -20.75
C ASN A 317 -8.51 -22.48 -20.19
N PHE A 318 -7.81 -23.18 -21.07
CA PHE A 318 -7.00 -24.30 -20.62
C PHE A 318 -5.53 -23.92 -20.60
N ARG A 319 -4.72 -24.83 -20.07
CA ARG A 319 -3.29 -24.60 -19.88
C ARG A 319 -2.60 -25.94 -19.65
N VAL A 320 -1.34 -26.01 -20.05
CA VAL A 320 -0.58 -27.26 -20.07
C VAL A 320 0.47 -27.20 -18.96
N GLN A 321 0.68 -28.32 -18.27
CA GLN A 321 1.55 -28.33 -17.11
C GLN A 321 2.82 -29.11 -17.40
N PRO A 322 4.00 -28.61 -16.99
CA PRO A 322 5.24 -29.33 -17.32
C PRO A 322 5.45 -30.62 -16.55
N THR A 323 5.41 -30.57 -15.22
CA THR A 323 5.57 -31.74 -14.36
C THR A 323 6.89 -32.50 -14.61
N GLU A 324 8.00 -31.77 -14.69
CA GLU A 324 9.32 -32.37 -14.84
C GLU A 324 10.38 -31.29 -14.79
N SER A 325 11.58 -31.62 -14.30
CA SER A 325 12.65 -30.59 -14.14
C SER A 325 14.02 -31.15 -14.51
N ILE A 326 14.77 -30.44 -15.37
CA ILE A 326 16.16 -30.87 -15.73
C ILE A 326 17.13 -29.70 -15.48
N VAL A 327 18.25 -29.97 -14.80
CA VAL A 327 19.28 -28.92 -14.54
C VAL A 327 20.64 -29.37 -15.10
N ARG A 328 21.28 -28.53 -15.92
CA ARG A 328 22.58 -28.91 -16.54
C ARG A 328 23.61 -27.80 -16.31
N PHE A 329 24.27 -27.80 -15.15
CA PHE A 329 25.31 -26.77 -14.85
C PHE A 329 26.61 -27.18 -15.55
N PRO A 330 27.60 -26.28 -15.74
CA PRO A 330 28.81 -26.62 -16.49
C PRO A 330 29.58 -27.78 -15.85
N ASN A 331 30.07 -28.72 -16.67
CA ASN A 331 30.79 -29.91 -16.15
C ASN A 331 32.23 -29.91 -16.67
N ILE A 332 33.21 -30.10 -15.79
CA ILE A 332 34.64 -30.12 -16.21
C ILE A 332 34.98 -31.53 -16.71
N CYS A 336 40.05 -30.75 -6.59
CA CYS A 336 40.67 -30.58 -5.24
C CYS A 336 41.88 -31.53 -5.13
N PRO A 337 43.06 -31.06 -4.68
CA PRO A 337 44.20 -31.94 -4.49
C PRO A 337 44.15 -32.65 -3.12
N PHE A 338 43.07 -33.39 -2.87
CA PHE A 338 42.99 -34.20 -1.61
C PHE A 338 44.08 -35.27 -1.67
N GLY A 339 44.28 -35.87 -2.84
CA GLY A 339 45.25 -36.96 -2.98
C GLY A 339 46.60 -36.65 -2.37
N GLU A 340 47.11 -35.42 -2.51
CA GLU A 340 48.49 -35.13 -2.02
C GLU A 340 48.59 -35.45 -0.52
N VAL A 341 47.55 -35.13 0.25
CA VAL A 341 47.58 -35.36 1.73
C VAL A 341 46.87 -36.68 2.07
N PHE A 342 45.70 -36.93 1.48
CA PHE A 342 44.91 -38.17 1.74
C PHE A 342 45.65 -39.40 1.23
N ASN A 343 46.78 -39.23 0.55
CA ASN A 343 47.47 -40.39 -0.06
C ASN A 343 48.90 -40.06 -0.48
N ALA A 344 49.87 -40.24 0.42
CA ALA A 344 51.30 -40.02 0.07
C ALA A 344 52.15 -40.85 1.05
N THR A 345 53.42 -41.09 0.73
CA THR A 345 54.31 -41.79 1.70
C THR A 345 54.30 -40.96 2.98
N ARG A 346 53.67 -41.47 4.04
CA ARG A 346 53.52 -40.64 5.27
C ARG A 346 54.69 -40.86 6.22
N PHE A 347 55.63 -39.91 6.29
CA PHE A 347 56.75 -40.01 7.26
C PHE A 347 56.52 -38.96 8.34
N ALA A 348 55.34 -38.34 8.32
CA ALA A 348 55.01 -37.30 9.32
C ALA A 348 54.86 -37.94 10.71
N SER A 349 55.15 -37.19 11.77
CA SER A 349 54.95 -37.73 13.14
C SER A 349 54.00 -36.79 13.89
N VAL A 350 53.35 -37.27 14.95
CA VAL A 350 52.36 -36.42 15.67
C VAL A 350 53.10 -35.24 16.30
N TYR A 351 54.33 -35.48 16.79
CA TYR A 351 55.12 -34.40 17.43
C TYR A 351 55.34 -33.23 16.46
N ALA A 352 55.59 -33.50 15.17
CA ALA A 352 55.69 -32.37 14.23
C ALA A 352 54.74 -32.57 13.05
N TRP A 353 53.43 -32.35 13.24
CA TRP A 353 52.41 -32.58 12.17
C TRP A 353 52.57 -31.57 11.02
N ASN A 354 52.16 -31.92 9.79
CA ASN A 354 52.33 -31.03 8.62
C ASN A 354 50.98 -30.49 8.18
N ARG A 355 50.88 -29.20 7.89
CA ARG A 355 49.56 -28.58 7.57
C ARG A 355 49.57 -28.11 6.12
N LYS A 356 48.42 -28.17 5.45
CA LYS A 356 48.35 -27.79 4.03
C LYS A 356 47.20 -26.80 3.85
N ARG A 357 47.43 -25.74 3.06
CA ARG A 357 46.34 -24.78 2.72
C ARG A 357 45.73 -25.23 1.40
N ILE A 358 44.44 -25.58 1.41
CA ILE A 358 43.74 -26.03 0.18
C ILE A 358 42.70 -24.96 -0.17
N SER A 359 42.81 -24.35 -1.35
CA SER A 359 41.88 -23.27 -1.74
C SER A 359 41.84 -23.12 -3.26
N ASN A 360 41.01 -22.20 -3.77
CA ASN A 360 40.92 -21.94 -5.23
C ASN A 360 40.75 -23.25 -6.00
N CYS A 361 40.09 -24.25 -5.40
CA CYS A 361 39.83 -25.53 -6.12
C CYS A 361 38.39 -26.02 -5.86
N VAL A 362 37.74 -26.64 -6.85
CA VAL A 362 36.41 -27.26 -6.59
C VAL A 362 36.65 -28.40 -5.60
N ALA A 363 35.76 -28.62 -4.65
CA ALA A 363 36.07 -29.61 -3.58
C ALA A 363 35.35 -30.94 -3.84
N ASP A 364 36.10 -32.05 -3.93
CA ASP A 364 35.48 -33.37 -4.26
C ASP A 364 35.41 -34.26 -3.02
N TYR A 365 34.59 -33.91 -2.04
CA TYR A 365 34.46 -34.71 -0.78
C TYR A 365 33.83 -36.10 -1.02
N SER A 366 32.82 -36.20 -1.89
CA SER A 366 32.11 -37.50 -2.10
C SER A 366 33.10 -38.65 -2.30
N VAL A 367 34.08 -38.48 -3.18
CA VAL A 367 35.13 -39.51 -3.45
C VAL A 367 35.71 -40.00 -2.12
N LEU A 368 36.00 -39.09 -1.18
CA LEU A 368 36.50 -39.51 0.15
C LEU A 368 35.42 -40.29 0.90
N TYR A 369 34.17 -39.82 0.89
CA TYR A 369 33.10 -40.45 1.68
C TYR A 369 32.77 -41.86 1.16
N ASN A 370 32.80 -42.05 -0.15
CA ASN A 370 32.40 -43.37 -0.71
C ASN A 370 33.64 -44.26 -0.89
N SER A 371 34.82 -43.78 -0.52
CA SER A 371 36.06 -44.55 -0.78
C SER A 371 36.06 -45.87 -0.02
N ALA A 372 35.52 -45.91 1.20
CA ALA A 372 35.53 -47.14 2.02
C ALA A 372 36.94 -47.73 2.07
N SER A 373 37.96 -46.92 1.84
CA SER A 373 39.38 -47.39 1.94
C SER A 373 39.96 -46.89 3.27
N PHE A 374 39.12 -46.33 4.13
CA PHE A 374 39.60 -45.74 5.40
C PHE A 374 38.89 -46.38 6.59
N SER A 375 39.61 -46.56 7.71
CA SER A 375 39.01 -47.15 8.93
C SER A 375 37.95 -46.22 9.54
N THR A 376 38.18 -44.91 9.54
CA THR A 376 37.19 -44.00 10.19
C THR A 376 36.92 -42.76 9.34
N PHE A 377 35.79 -42.10 9.54
CA PHE A 377 35.49 -40.85 8.81
C PHE A 377 34.66 -39.99 9.74
N LYS A 378 35.05 -39.96 11.01
CA LYS A 378 34.21 -39.27 12.01
C LYS A 378 34.06 -37.80 11.63
N CYS A 379 32.82 -37.30 11.61
CA CYS A 379 32.59 -35.88 11.30
C CYS A 379 31.64 -35.33 12.36
N TYR A 380 31.92 -34.14 12.88
CA TYR A 380 31.12 -33.59 14.01
C TYR A 380 30.03 -32.63 13.52
N GLY A 381 30.34 -31.34 13.41
CA GLY A 381 29.31 -30.34 13.06
C GLY A 381 29.09 -30.18 11.56
N VAL A 382 29.38 -31.22 10.77
CA VAL A 382 29.09 -31.14 9.30
C VAL A 382 28.48 -32.45 8.81
N SER A 383 27.31 -32.38 8.15
CA SER A 383 26.68 -33.59 7.56
C SER A 383 27.46 -34.02 6.31
N PRO A 384 27.49 -35.31 5.93
CA PRO A 384 28.16 -35.73 4.69
C PRO A 384 27.50 -35.09 3.46
N THR A 385 26.17 -35.02 3.43
CA THR A 385 25.46 -34.36 2.31
C THR A 385 25.81 -32.86 2.29
N LYS A 386 25.85 -32.24 3.48
CA LYS A 386 26.18 -30.78 3.59
C LYS A 386 27.61 -30.54 3.12
N LEU A 387 28.52 -31.48 3.40
CA LEU A 387 29.95 -31.32 3.05
C LEU A 387 30.11 -30.65 1.68
N ASN A 388 29.40 -31.14 0.66
CA ASN A 388 29.58 -30.56 -0.70
C ASN A 388 28.87 -29.21 -0.79
N ASP A 389 27.67 -29.10 -0.23
CA ASP A 389 26.86 -27.86 -0.33
C ASP A 389 27.57 -26.69 0.37
N LEU A 390 28.17 -26.93 1.54
CA LEU A 390 28.80 -25.83 2.32
C LEU A 390 30.00 -25.28 1.55
N CYS A 391 30.14 -23.95 1.49
CA CYS A 391 31.30 -23.32 0.84
C CYS A 391 32.22 -22.77 1.93
N PHE A 392 33.54 -22.78 1.73
CA PHE A 392 34.49 -22.39 2.81
C PHE A 392 35.62 -21.50 2.28
N THR A 393 35.98 -20.47 3.07
CA THR A 393 37.09 -19.56 2.69
C THR A 393 38.42 -20.34 2.65
N ASN A 394 38.67 -21.19 3.65
CA ASN A 394 39.97 -21.89 3.72
C ASN A 394 39.77 -23.37 4.05
N VAL A 395 40.63 -24.24 3.52
CA VAL A 395 40.57 -25.69 3.88
C VAL A 395 41.97 -26.07 4.38
N TYR A 396 42.09 -26.50 5.64
CA TYR A 396 43.42 -26.78 6.22
C TYR A 396 43.48 -28.27 6.57
N ALA A 397 44.48 -28.99 6.04
CA ALA A 397 44.58 -30.46 6.27
C ALA A 397 45.86 -30.76 7.04
N ASP A 398 45.75 -31.50 8.15
CA ASP A 398 46.94 -31.83 8.99
C ASP A 398 47.23 -33.33 8.87
N SER A 399 48.48 -33.70 8.58
CA SER A 399 48.83 -35.13 8.39
C SER A 399 49.78 -35.60 9.51
N PHE A 400 49.45 -36.71 10.19
CA PHE A 400 50.29 -37.21 11.31
C PHE A 400 50.04 -38.71 11.50
N VAL A 401 50.88 -39.38 12.30
CA VAL A 401 50.77 -40.86 12.47
C VAL A 401 50.76 -41.22 13.97
N ILE A 402 49.66 -41.77 14.49
CA ILE A 402 49.60 -42.22 15.91
C ILE A 402 49.13 -43.68 15.95
N ARG A 403 49.32 -44.38 17.07
CA ARG A 403 48.92 -45.81 17.21
C ARG A 403 47.40 -45.94 17.12
N GLY A 404 46.91 -47.15 16.82
CA GLY A 404 45.45 -47.34 16.69
C GLY A 404 44.72 -46.92 17.94
N ASP A 405 45.30 -47.17 19.11
CA ASP A 405 44.58 -46.87 20.36
C ASP A 405 44.35 -45.37 20.50
N GLU A 406 45.29 -44.52 20.08
CA GLU A 406 45.12 -43.06 20.36
C GLU A 406 44.42 -42.31 19.21
N VAL A 407 43.82 -43.01 18.25
CA VAL A 407 43.01 -42.35 17.19
C VAL A 407 41.84 -41.63 17.87
N ARG A 408 41.29 -42.22 18.92
CA ARG A 408 40.20 -41.60 19.69
C ARG A 408 40.66 -40.27 20.28
N GLN A 409 41.91 -40.16 20.71
CA GLN A 409 42.41 -38.94 21.38
C GLN A 409 42.39 -37.73 20.44
N ILE A 410 42.54 -37.92 19.13
CA ILE A 410 42.42 -36.77 18.18
C ILE A 410 40.93 -36.52 17.99
N ALA A 411 40.29 -35.87 18.97
CA ALA A 411 38.84 -35.58 18.92
C ALA A 411 38.56 -34.50 19.98
N PRO A 412 37.41 -33.80 19.96
CA PRO A 412 37.18 -32.68 20.89
C PRO A 412 37.16 -33.06 22.38
N GLY A 413 37.79 -32.24 23.24
CA GLY A 413 37.72 -32.46 24.70
C GLY A 413 38.18 -33.84 25.16
N GLN A 414 39.29 -34.35 24.62
CA GLN A 414 39.82 -35.66 25.10
C GLN A 414 41.22 -35.47 25.70
N THR A 415 41.42 -35.90 26.95
CA THR A 415 42.77 -35.84 27.57
C THR A 415 43.56 -37.12 27.31
N GLY A 416 44.78 -36.98 26.85
CA GLY A 416 45.65 -38.14 26.60
C GLY A 416 47.06 -37.63 26.37
N LYS A 417 48.04 -38.51 26.28
CA LYS A 417 49.38 -37.99 25.93
C LYS A 417 49.32 -37.39 24.52
N ILE A 418 48.65 -38.06 23.58
CA ILE A 418 48.71 -37.53 22.19
C ILE A 418 47.97 -36.22 22.04
N ALA A 419 46.77 -36.13 22.59
CA ALA A 419 46.00 -34.91 22.40
C ALA A 419 46.64 -33.71 23.09
N ASP A 420 46.95 -33.82 24.38
CA ASP A 420 47.45 -32.64 25.11
C ASP A 420 48.84 -32.23 24.57
N TYR A 421 49.84 -33.09 24.77
CA TYR A 421 51.25 -32.75 24.40
C TYR A 421 51.51 -32.69 22.89
N ASN A 422 50.85 -33.50 22.06
CA ASN A 422 51.22 -33.53 20.62
C ASN A 422 50.24 -32.76 19.71
N TYR A 423 49.03 -33.28 19.50
CA TYR A 423 48.07 -32.62 18.56
C TYR A 423 46.72 -32.43 19.24
N LYS A 424 46.15 -31.21 19.21
CA LYS A 424 44.90 -30.97 19.98
C LYS A 424 43.78 -30.37 19.11
N LEU A 425 42.55 -30.85 19.28
CA LEU A 425 41.38 -30.31 18.53
C LEU A 425 40.31 -29.90 19.56
N PRO A 426 40.06 -28.60 19.82
CA PRO A 426 39.00 -28.22 20.74
C PRO A 426 37.61 -28.61 20.22
N ASP A 427 37.32 -28.30 18.96
CA ASP A 427 36.03 -28.73 18.34
C ASP A 427 36.35 -29.24 16.93
N ASP A 428 37.58 -28.99 16.45
CA ASP A 428 38.01 -29.39 15.08
C ASP A 428 37.38 -28.42 14.06
N PHE A 429 36.74 -27.35 14.54
CA PHE A 429 36.04 -26.39 13.63
C PHE A 429 35.13 -27.19 12.69
N THR A 430 34.23 -28.01 13.23
CA THR A 430 33.30 -28.84 12.41
C THR A 430 34.11 -29.61 11.37
N GLY A 431 35.37 -29.93 11.70
CA GLY A 431 36.25 -30.66 10.78
C GLY A 431 36.01 -32.16 10.83
N CYS A 432 36.60 -32.90 9.88
CA CYS A 432 36.39 -34.36 9.82
C CYS A 432 37.73 -35.09 10.02
N VAL A 433 37.74 -36.13 10.86
CA VAL A 433 38.99 -36.89 11.15
C VAL A 433 38.94 -38.23 10.41
N ILE A 434 39.99 -38.53 9.62
CA ILE A 434 40.01 -39.78 8.81
C ILE A 434 41.27 -40.58 9.15
N ALA A 435 41.14 -41.89 9.39
CA ALA A 435 42.30 -42.72 9.78
C ALA A 435 42.51 -43.84 8.76
N TRP A 436 43.75 -44.03 8.29
CA TRP A 436 44.07 -45.14 7.36
C TRP A 436 45.21 -45.97 7.95
N ASN A 437 45.09 -47.30 7.97
CA ASN A 437 46.13 -48.14 8.62
C ASN A 437 47.47 -47.95 7.90
N SER A 438 48.55 -47.76 8.66
CA SER A 438 49.90 -47.55 8.07
C SER A 438 50.79 -48.78 8.29
N ASN A 439 50.21 -49.91 8.73
CA ASN A 439 51.02 -51.11 9.03
C ASN A 439 51.69 -51.57 7.73
N ASN A 440 50.95 -51.53 6.61
CA ASN A 440 51.54 -51.89 5.29
C ASN A 440 52.67 -50.91 4.94
N LEU A 441 52.48 -49.63 5.24
CA LEU A 441 53.52 -48.60 4.96
C LEU A 441 54.77 -48.90 5.79
N ASP A 442 54.58 -49.41 7.01
CA ASP A 442 55.72 -49.75 7.90
C ASP A 442 56.40 -51.02 7.37
N SER A 443 57.24 -50.88 6.35
CA SER A 443 57.93 -52.04 5.72
C SER A 443 59.05 -52.56 6.61
N LYS A 444 59.48 -53.83 6.41
CA LYS A 444 60.63 -54.44 7.15
C LYS A 444 60.15 -55.11 8.45
N VAL A 445 61.00 -55.98 9.03
CA VAL A 445 60.64 -56.71 10.27
C VAL A 445 60.44 -55.72 11.42
N GLY A 446 61.29 -54.70 11.51
CA GLY A 446 61.20 -53.74 12.63
C GLY A 446 61.70 -52.36 12.24
N GLY A 447 60.79 -51.41 12.00
CA GLY A 447 61.20 -50.02 11.68
C GLY A 447 60.48 -49.01 12.56
N ASN A 448 61.22 -48.17 13.27
CA ASN A 448 60.59 -47.11 14.12
C ASN A 448 60.45 -45.81 13.31
N TYR A 449 61.07 -45.75 12.13
CA TYR A 449 61.03 -44.53 11.26
C TYR A 449 61.41 -43.30 12.09
N ASN A 450 60.72 -42.18 11.86
CA ASN A 450 60.99 -40.94 12.64
C ASN A 450 59.82 -40.70 13.59
N TYR A 451 58.90 -41.66 13.70
CA TYR A 451 57.68 -41.43 14.54
C TYR A 451 58.12 -41.22 15.99
N LEU A 452 57.58 -40.19 16.64
CA LEU A 452 57.96 -39.88 18.05
C LEU A 452 56.76 -39.32 18.80
N TYR A 453 56.75 -39.47 20.12
CA TYR A 453 55.64 -38.94 20.96
C TYR A 453 56.20 -37.96 21.99
N ARG A 454 55.53 -36.82 22.19
CA ARG A 454 56.00 -35.81 23.17
C ARG A 454 55.52 -36.21 24.56
N LEU A 455 56.15 -37.22 25.16
CA LEU A 455 55.77 -37.70 26.50
C LEU A 455 55.99 -36.58 27.52
N PHE A 456 57.10 -35.84 27.41
CA PHE A 456 57.43 -34.83 28.43
C PHE A 456 57.21 -33.41 27.90
N ARG A 457 56.18 -32.72 28.39
CA ARG A 457 55.95 -31.30 28.02
C ARG A 457 55.45 -30.59 29.27
N LYS A 458 55.89 -29.36 29.52
CA LYS A 458 55.52 -28.66 30.78
C LYS A 458 54.01 -28.47 30.90
N SER A 459 53.35 -28.10 29.80
CA SER A 459 51.88 -27.80 29.88
C SER A 459 51.14 -28.41 28.70
N ASN A 460 49.84 -28.12 28.58
CA ASN A 460 49.00 -28.63 27.46
C ASN A 460 49.04 -27.64 26.28
N LEU A 461 49.06 -28.13 25.04
CA LEU A 461 49.25 -27.23 23.87
C LEU A 461 47.99 -26.36 23.63
N LYS A 462 48.07 -25.39 22.70
CA LYS A 462 46.90 -24.54 22.35
C LYS A 462 46.24 -25.11 21.09
N PRO A 463 44.95 -24.87 20.80
CA PRO A 463 44.29 -25.52 19.67
C PRO A 463 45.05 -25.34 18.35
N PHE A 464 45.26 -26.45 17.64
CA PHE A 464 46.05 -26.44 16.38
C PHE A 464 47.46 -25.86 16.60
N GLU A 465 48.15 -26.19 17.70
CA GLU A 465 49.54 -25.71 17.92
C GLU A 465 50.54 -26.87 17.87
N ARG A 466 51.83 -26.57 17.61
CA ARG A 466 52.86 -27.62 17.46
C ARG A 466 53.98 -27.38 18.49
N ASP A 467 54.92 -28.33 18.61
CA ASP A 467 56.06 -28.19 19.56
C ASP A 467 57.25 -29.02 19.04
N ILE A 468 58.38 -28.38 18.76
CA ILE A 468 59.54 -29.12 18.17
C ILE A 468 60.81 -28.79 18.97
N SER A 469 60.69 -28.58 20.28
CA SER A 469 61.86 -28.24 21.13
C SER A 469 62.53 -29.53 21.64
N THR A 470 63.83 -29.71 21.37
CA THR A 470 64.54 -30.89 21.90
C THR A 470 64.98 -30.60 23.34
N GLU A 471 64.68 -29.39 23.84
CA GLU A 471 65.05 -28.98 25.23
C GLU A 471 64.86 -30.16 26.19
N ILE A 472 65.93 -30.52 26.88
CA ILE A 472 65.87 -31.65 27.86
C ILE A 472 64.86 -31.28 28.95
N TYR A 473 64.00 -32.22 29.34
CA TYR A 473 62.94 -31.93 30.33
C TYR A 473 63.55 -31.52 31.68
N GLN A 474 64.67 -32.17 32.08
CA GLN A 474 65.37 -31.86 33.36
C GLN A 474 64.58 -32.44 34.55
N ALA A 475 63.32 -32.04 34.74
CA ALA A 475 62.47 -32.66 35.79
C ALA A 475 63.19 -32.67 37.15
N GLY A 476 63.84 -31.57 37.51
CA GLY A 476 64.61 -31.53 38.77
C GLY A 476 65.13 -30.13 39.07
N SER A 477 65.61 -29.89 40.29
CA SER A 477 66.16 -28.56 40.67
C SER A 477 67.44 -28.32 39.87
N THR A 478 68.28 -29.35 39.72
CA THR A 478 69.55 -29.23 38.97
C THR A 478 69.26 -28.96 37.49
N PRO A 479 69.72 -27.82 36.93
CA PRO A 479 69.44 -27.48 35.53
C PRO A 479 70.20 -28.39 34.53
N CYS A 480 69.46 -29.18 33.76
CA CYS A 480 70.11 -30.03 32.74
C CYS A 480 70.52 -29.16 31.54
N ASN A 481 71.80 -29.21 31.16
CA ASN A 481 72.27 -28.48 29.95
C ASN A 481 72.57 -29.54 28.89
N GLY A 482 73.70 -29.42 28.19
CA GLY A 482 74.11 -30.44 27.20
C GLY A 482 74.37 -31.79 27.88
N VAL A 483 75.01 -31.78 29.05
CA VAL A 483 75.41 -33.06 29.73
C VAL A 483 74.16 -33.87 30.11
N GLU A 484 74.20 -35.19 29.90
CA GLU A 484 73.06 -36.07 30.28
C GLU A 484 73.02 -36.24 31.81
N GLY A 485 71.83 -36.37 32.39
CA GLY A 485 71.69 -36.53 33.84
C GLY A 485 70.68 -37.63 34.18
N PHE A 486 70.76 -38.18 35.40
CA PHE A 486 69.82 -39.25 35.83
C PHE A 486 68.37 -38.77 35.67
N ASN A 487 68.16 -37.46 35.61
CA ASN A 487 66.79 -36.89 35.47
C ASN A 487 66.63 -36.18 34.12
N CYS A 488 67.70 -36.07 33.32
CA CYS A 488 67.60 -35.30 32.05
C CYS A 488 66.57 -35.95 31.11
N TYR A 489 66.64 -37.28 30.92
CA TYR A 489 65.72 -38.02 30.01
C TYR A 489 65.64 -37.39 28.60
N PHE A 490 64.71 -37.88 27.76
CA PHE A 490 64.47 -37.24 26.44
C PHE A 490 62.95 -37.05 26.26
N PRO A 491 62.49 -35.87 25.79
CA PRO A 491 61.06 -35.64 25.55
C PRO A 491 60.43 -36.53 24.47
N LEU A 492 61.18 -36.82 23.39
CA LEU A 492 60.60 -37.60 22.26
C LEU A 492 60.97 -39.08 22.38
N GLN A 493 59.98 -39.97 22.24
CA GLN A 493 60.24 -41.44 22.29
C GLN A 493 59.64 -42.08 21.03
N SER A 494 60.41 -42.93 20.33
CA SER A 494 59.94 -43.55 19.07
C SER A 494 58.91 -44.66 19.34
N TYR A 495 58.19 -45.10 18.29
CA TYR A 495 57.20 -46.19 18.45
C TYR A 495 57.66 -47.38 17.62
N GLY A 496 57.69 -48.57 18.20
CA GLY A 496 58.06 -49.77 17.43
C GLY A 496 56.87 -50.30 16.64
N PHE A 497 57.07 -50.58 15.35
CA PHE A 497 55.94 -51.02 14.50
C PHE A 497 56.32 -52.32 13.78
N GLN A 498 56.35 -53.43 14.53
CA GLN A 498 56.59 -54.76 13.90
C GLN A 498 55.29 -55.19 13.23
N PRO A 499 55.27 -55.75 11.98
CA PRO A 499 53.99 -56.09 11.35
C PRO A 499 53.25 -57.17 12.16
N THR A 500 54.00 -57.97 12.91
CA THR A 500 53.38 -59.07 13.72
C THR A 500 52.55 -58.48 14.86
N ASN A 501 51.37 -59.06 15.14
CA ASN A 501 50.52 -58.60 16.27
C ASN A 501 50.22 -57.10 16.14
N GLY A 502 50.42 -56.35 17.22
CA GLY A 502 50.17 -54.89 17.19
C GLY A 502 48.69 -54.58 17.24
N VAL A 503 48.13 -54.03 16.16
CA VAL A 503 46.69 -53.61 16.10
C VAL A 503 46.53 -52.37 16.99
N GLY A 504 46.77 -52.50 18.29
CA GLY A 504 46.75 -51.30 19.17
C GLY A 504 48.06 -50.55 19.03
N TYR A 505 49.18 -51.25 19.15
CA TYR A 505 50.52 -50.61 18.93
C TYR A 505 50.60 -50.16 17.48
N GLN A 506 49.93 -50.90 16.59
CA GLN A 506 50.01 -50.61 15.13
C GLN A 506 49.26 -49.31 14.80
N PRO A 507 49.76 -48.42 13.89
CA PRO A 507 49.15 -47.10 13.65
C PRO A 507 48.13 -46.91 12.53
N TYR A 508 47.02 -46.24 12.84
CA TYR A 508 46.05 -45.89 11.77
C TYR A 508 46.30 -44.41 11.48
N ARG A 509 47.33 -44.09 10.69
CA ARG A 509 47.72 -42.67 10.46
C ARG A 509 46.49 -41.78 10.26
N VAL A 510 46.39 -40.71 11.04
CA VAL A 510 45.17 -39.84 11.00
C VAL A 510 45.41 -38.56 10.19
N VAL A 511 44.49 -38.22 9.29
CA VAL A 511 44.59 -36.93 8.53
C VAL A 511 43.38 -36.07 8.93
N VAL A 512 43.60 -34.89 9.52
CA VAL A 512 42.45 -34.08 10.01
C VAL A 512 42.10 -32.97 9.01
N LEU A 513 40.82 -32.84 8.64
CA LEU A 513 40.39 -31.73 7.75
C LEU A 513 39.80 -30.62 8.63
N SER A 514 40.02 -29.35 8.27
CA SER A 514 39.46 -28.21 9.03
C SER A 514 39.08 -27.10 8.05
N PHE A 515 37.80 -26.70 8.04
CA PHE A 515 37.32 -25.70 7.05
C PHE A 515 36.85 -24.45 7.80
N GLU A 516 37.48 -23.30 7.53
CA GLU A 516 37.14 -22.05 8.26
C GLU A 516 36.40 -21.10 7.31
N LEU A 517 35.73 -20.09 7.85
CA LEU A 517 34.90 -19.20 6.99
C LEU A 517 35.17 -17.73 7.33
N LEU A 518 36.26 -17.17 6.80
CA LEU A 518 36.63 -15.75 7.04
C LEU A 518 35.84 -14.84 6.10
N HIS A 519 35.96 -13.52 6.28
CA HIS A 519 35.27 -12.53 5.40
C HIS A 519 35.80 -12.66 3.96
N ALA A 520 36.99 -13.27 3.80
CA ALA A 520 37.60 -13.44 2.46
C ALA A 520 36.74 -14.39 1.63
N PRO A 521 36.88 -14.43 0.28
CA PRO A 521 35.96 -15.23 -0.57
C PRO A 521 35.85 -16.71 -0.18
N ALA A 522 34.64 -17.27 -0.29
CA ALA A 522 34.40 -18.70 0.01
C ALA A 522 34.01 -19.43 -1.28
N THR A 523 34.99 -19.89 -2.05
CA THR A 523 34.68 -20.50 -3.38
C THR A 523 35.05 -21.99 -3.39
N VAL A 524 34.71 -22.71 -2.32
CA VAL A 524 35.08 -24.17 -2.22
C VAL A 524 33.78 -25.00 -2.10
N CYS A 525 33.20 -25.40 -3.24
CA CYS A 525 31.94 -26.19 -3.26
C CYS A 525 31.96 -27.06 -4.53
N GLY A 526 31.31 -28.25 -4.50
CA GLY A 526 31.23 -29.15 -5.68
C GLY A 526 29.94 -29.05 -6.51
N LYS A 529 24.55 -33.04 -12.12
CA LYS A 529 24.38 -33.27 -13.58
C LYS A 529 23.18 -34.20 -13.82
N SER A 530 22.31 -33.84 -14.76
CA SER A 530 21.12 -34.69 -15.10
C SER A 530 21.07 -34.97 -16.62
N THR A 531 20.10 -35.77 -17.11
CA THR A 531 20.09 -36.07 -18.55
C THR A 531 19.21 -35.06 -19.27
N ASN A 532 19.45 -34.87 -20.55
CA ASN A 532 18.75 -33.82 -21.29
C ASN A 532 17.66 -34.41 -22.15
N LEU A 533 16.42 -33.97 -21.92
CA LEU A 533 15.29 -34.40 -22.79
C LEU A 533 14.89 -33.22 -23.68
N VAL A 534 14.92 -33.40 -25.00
CA VAL A 534 14.65 -32.25 -25.94
C VAL A 534 13.58 -32.68 -26.96
N LYS A 535 12.76 -31.73 -27.43
CA LYS A 535 11.73 -32.00 -28.48
C LYS A 535 10.54 -32.80 -27.93
N ASN A 536 10.79 -33.77 -27.04
CA ASN A 536 9.69 -34.67 -26.59
C ASN A 536 8.56 -33.94 -25.86
N LYS A 537 8.85 -33.05 -24.90
CA LYS A 537 7.74 -32.42 -24.14
C LYS A 537 8.19 -31.12 -23.45
N CYS A 538 7.24 -30.30 -23.00
CA CYS A 538 7.58 -29.06 -22.25
C CYS A 538 8.09 -29.48 -20.86
N VAL A 539 9.12 -28.78 -20.36
CA VAL A 539 9.74 -29.16 -19.05
C VAL A 539 10.35 -27.91 -18.42
N ASN A 540 10.05 -27.65 -17.13
CA ASN A 540 10.70 -26.49 -16.45
C ASN A 540 12.19 -26.81 -16.29
N PHE A 541 13.07 -25.98 -16.85
CA PHE A 541 14.52 -26.28 -16.81
C PHE A 541 15.30 -25.08 -16.28
N ASN A 542 16.37 -25.33 -15.53
CA ASN A 542 17.23 -24.23 -15.01
C ASN A 542 18.69 -24.63 -15.26
N PHE A 543 19.11 -24.70 -16.52
CA PHE A 543 20.48 -25.18 -16.83
C PHE A 543 21.54 -24.25 -16.22
N ASN A 544 21.39 -22.94 -16.39
CA ASN A 544 22.44 -21.99 -15.92
C ASN A 544 21.77 -20.76 -15.31
N GLY A 545 20.98 -20.95 -14.24
CA GLY A 545 20.28 -19.82 -13.60
C GLY A 545 19.18 -19.26 -14.49
N LEU A 546 19.09 -19.71 -15.75
CA LEU A 546 18.00 -19.26 -16.64
C LEU A 546 16.86 -20.29 -16.59
N THR A 547 15.67 -19.88 -16.11
CA THR A 547 14.54 -20.84 -16.10
C THR A 547 13.60 -20.55 -17.29
N GLY A 548 13.72 -21.33 -18.37
CA GLY A 548 12.86 -21.14 -19.55
C GLY A 548 11.44 -21.61 -19.30
N THR A 549 11.27 -22.71 -18.56
CA THR A 549 9.92 -23.23 -18.21
C THR A 549 9.11 -23.44 -19.50
N GLY A 550 9.74 -23.99 -20.54
CA GLY A 550 9.04 -24.20 -21.83
C GLY A 550 9.57 -25.42 -22.56
N VAL A 551 9.06 -25.66 -23.78
CA VAL A 551 9.50 -26.81 -24.56
C VAL A 551 10.76 -26.46 -25.36
N LEU A 552 11.68 -27.42 -25.42
CA LEU A 552 13.00 -27.23 -26.02
C LEU A 552 13.05 -27.93 -27.36
N THR A 553 13.60 -27.25 -28.36
CA THR A 553 13.70 -27.76 -29.71
C THR A 553 15.06 -27.47 -30.33
N GLU A 554 15.41 -28.28 -31.33
CA GLU A 554 16.64 -28.08 -32.08
C GLU A 554 16.60 -26.78 -32.89
N SER A 555 17.67 -26.00 -32.77
CA SER A 555 17.79 -24.75 -33.49
C SER A 555 18.96 -24.82 -34.46
N ASN A 556 18.99 -23.89 -35.40
CA ASN A 556 20.04 -23.78 -36.39
C ASN A 556 20.58 -22.36 -36.52
N LYS A 557 20.30 -21.49 -35.56
CA LYS A 557 20.71 -20.10 -35.69
C LYS A 557 22.21 -19.96 -35.59
N LYS A 558 22.79 -19.07 -36.40
CA LYS A 558 24.21 -18.79 -36.26
C LYS A 558 24.46 -18.10 -34.93
N PHE A 559 25.59 -18.41 -34.30
CA PHE A 559 25.77 -18.04 -32.91
C PHE A 559 27.27 -17.87 -32.68
N LEU A 560 27.66 -16.76 -32.05
CA LEU A 560 29.09 -16.51 -31.84
C LEU A 560 29.64 -17.36 -30.71
N PRO A 561 30.95 -17.63 -30.71
CA PRO A 561 31.50 -18.51 -29.66
C PRO A 561 31.35 -17.98 -28.25
N PHE A 562 31.79 -16.76 -27.99
CA PHE A 562 31.80 -16.28 -26.61
C PHE A 562 30.39 -16.02 -26.08
N GLN A 563 29.41 -15.98 -26.96
CA GLN A 563 28.04 -15.72 -26.55
C GLN A 563 27.43 -16.93 -25.87
N GLN A 564 26.38 -16.70 -25.07
CA GLN A 564 25.75 -17.77 -24.32
C GLN A 564 24.27 -17.97 -24.64
N PHE A 565 23.49 -16.91 -24.75
CA PHE A 565 22.07 -17.07 -25.04
C PHE A 565 21.57 -15.87 -25.83
N GLY A 566 20.44 -16.05 -26.48
CA GLY A 566 19.92 -15.05 -27.39
C GLY A 566 18.58 -14.49 -26.95
N ARG A 567 18.38 -13.18 -27.15
CA ARG A 567 17.08 -12.54 -26.83
C ARG A 567 16.55 -11.87 -28.09
N ASP A 568 15.63 -12.54 -28.82
CA ASP A 568 15.18 -12.00 -30.13
C ASP A 568 14.46 -10.65 -30.02
N ILE A 569 13.51 -10.51 -29.09
CA ILE A 569 12.72 -9.23 -29.03
C ILE A 569 12.29 -8.92 -27.59
N ALA A 570 12.27 -7.64 -27.20
CA ALA A 570 11.74 -7.22 -25.87
C ALA A 570 12.43 -7.99 -24.73
N ASP A 571 13.73 -8.29 -24.88
CA ASP A 571 14.50 -8.99 -23.83
C ASP A 571 13.80 -10.30 -23.44
N THR A 572 13.21 -11.01 -24.41
CA THR A 572 12.60 -12.33 -24.11
C THR A 572 13.59 -13.39 -24.60
N THR A 573 13.99 -14.33 -23.72
CA THR A 573 15.04 -15.26 -24.13
C THR A 573 14.45 -16.35 -25.00
N ASP A 574 14.92 -16.44 -26.25
CA ASP A 574 14.35 -17.42 -27.17
C ASP A 574 15.26 -18.63 -27.36
N ALA A 575 16.57 -18.44 -27.29
CA ALA A 575 17.51 -19.52 -27.57
C ALA A 575 18.61 -19.50 -26.53
N VAL A 576 19.05 -20.69 -26.15
CA VAL A 576 20.10 -20.86 -25.15
C VAL A 576 21.07 -21.91 -25.65
N ARG A 577 22.27 -21.94 -25.09
CA ARG A 577 23.28 -22.90 -25.51
C ARG A 577 23.77 -23.71 -24.33
N ASP A 578 23.77 -25.04 -24.49
CA ASP A 578 24.17 -25.91 -23.40
C ASP A 578 25.69 -25.97 -23.32
N PRO A 579 26.25 -26.15 -22.12
CA PRO A 579 27.72 -26.25 -22.03
C PRO A 579 28.30 -27.51 -22.64
N GLN A 580 27.50 -28.56 -22.77
CA GLN A 580 28.07 -29.84 -23.22
C GLN A 580 28.33 -29.86 -24.72
N THR A 581 27.71 -28.98 -25.49
CA THR A 581 27.98 -28.86 -26.93
C THR A 581 27.72 -27.44 -27.42
N LEU A 582 28.13 -27.18 -28.67
CA LEU A 582 27.73 -25.98 -29.40
C LEU A 582 26.25 -26.02 -29.76
N GLU A 583 25.60 -27.14 -29.49
CA GLU A 583 24.17 -27.31 -29.67
C GLU A 583 23.39 -26.17 -29.02
N ILE A 584 22.62 -25.45 -29.84
CA ILE A 584 21.76 -24.39 -29.35
C ILE A 584 20.33 -24.92 -29.36
N LEU A 585 19.50 -24.40 -28.47
CA LEU A 585 18.15 -24.90 -28.27
C LEU A 585 17.18 -23.71 -28.31
N ASP A 586 16.08 -23.87 -29.03
CA ASP A 586 15.04 -22.85 -29.00
C ASP A 586 14.10 -23.08 -27.82
N ILE A 587 13.39 -22.04 -27.45
CA ILE A 587 12.41 -22.09 -26.36
C ILE A 587 11.08 -21.59 -26.88
N THR A 588 10.03 -22.37 -26.64
CA THR A 588 8.68 -22.02 -27.03
C THR A 588 7.76 -22.18 -25.83
N PRO A 589 6.91 -21.20 -25.55
CA PRO A 589 6.01 -21.34 -24.39
C PRO A 589 5.05 -22.49 -24.58
N CYS A 590 4.65 -23.09 -23.47
CA CYS A 590 3.66 -24.15 -23.52
C CYS A 590 2.32 -23.59 -23.97
N SER A 591 1.61 -24.36 -24.78
CA SER A 591 0.40 -23.86 -25.43
C SER A 591 -0.70 -23.55 -24.42
N PHE A 592 -1.52 -22.55 -24.75
CA PHE A 592 -2.68 -22.19 -23.95
C PHE A 592 -3.70 -21.54 -24.87
N GLY A 593 -4.94 -21.47 -24.42
CA GLY A 593 -6.03 -20.91 -25.22
C GLY A 593 -7.31 -20.95 -24.43
N GLY A 594 -8.40 -20.57 -25.09
CA GLY A 594 -9.70 -20.57 -24.47
C GLY A 594 -10.62 -21.63 -25.07
N VAL A 595 -11.39 -22.29 -24.22
CA VAL A 595 -12.32 -23.30 -24.72
C VAL A 595 -13.69 -22.68 -24.89
N SER A 596 -14.34 -22.97 -26.02
CA SER A 596 -15.63 -22.42 -26.35
C SER A 596 -16.62 -23.54 -26.66
N VAL A 597 -17.89 -23.26 -26.43
CA VAL A 597 -18.95 -24.25 -26.55
C VAL A 597 -19.92 -23.85 -27.64
N ILE A 598 -20.23 -24.78 -28.53
CA ILE A 598 -21.20 -24.59 -29.60
C ILE A 598 -22.50 -25.22 -29.15
N THR A 599 -23.62 -24.52 -29.33
CA THR A 599 -24.88 -25.16 -28.96
C THR A 599 -26.03 -24.72 -29.85
N PRO A 600 -26.93 -25.65 -30.20
CA PRO A 600 -28.10 -25.29 -31.00
C PRO A 600 -29.29 -24.85 -30.17
N GLY A 601 -29.10 -24.46 -28.93
CA GLY A 601 -30.23 -24.02 -28.15
C GLY A 601 -30.76 -25.12 -27.25
N THR A 602 -31.26 -24.74 -26.07
CA THR A 602 -31.65 -25.73 -25.09
C THR A 602 -32.86 -26.54 -25.56
N ASN A 603 -33.92 -25.86 -25.99
CA ASN A 603 -35.17 -26.57 -26.21
C ASN A 603 -35.10 -27.50 -27.41
N THR A 604 -34.24 -27.20 -28.37
CA THR A 604 -34.16 -28.05 -29.55
C THR A 604 -33.44 -29.37 -29.25
N SER A 605 -32.32 -29.31 -28.54
CA SER A 605 -31.54 -30.50 -28.28
C SER A 605 -30.56 -30.24 -27.14
N ASN A 606 -29.82 -31.28 -26.78
CA ASN A 606 -28.83 -31.19 -25.72
C ASN A 606 -27.44 -31.61 -26.14
N GLN A 607 -27.19 -31.80 -27.42
CA GLN A 607 -25.81 -31.98 -27.87
C GLN A 607 -25.06 -30.67 -27.76
N VAL A 608 -23.73 -30.77 -27.67
CA VAL A 608 -22.87 -29.60 -27.82
C VAL A 608 -21.63 -30.01 -28.59
N ALA A 609 -20.82 -29.01 -28.92
CA ALA A 609 -19.51 -29.21 -29.51
C ALA A 609 -18.53 -28.31 -28.79
N VAL A 610 -17.28 -28.71 -28.75
CA VAL A 610 -16.26 -28.00 -28.00
C VAL A 610 -15.16 -27.58 -28.96
N LEU A 611 -14.74 -26.34 -28.86
CA LEU A 611 -13.68 -25.79 -29.69
C LEU A 611 -12.55 -25.30 -28.80
N TYR A 612 -11.40 -25.95 -28.88
CA TYR A 612 -10.20 -25.49 -28.20
C TYR A 612 -9.48 -24.57 -29.17
N GLN A 613 -9.39 -23.29 -28.84
CA GLN A 613 -9.00 -22.27 -29.81
C GLN A 613 -7.49 -22.24 -29.97
N ASP A 614 -7.03 -22.09 -31.22
CA ASP A 614 -5.68 -21.60 -31.50
C ASP A 614 -4.60 -22.55 -31.01
N VAL A 615 -4.87 -23.86 -31.02
CA VAL A 615 -3.88 -24.83 -30.57
C VAL A 615 -3.91 -26.07 -31.45
N ASN A 616 -2.72 -26.56 -31.79
CA ASN A 616 -2.62 -27.86 -32.43
C ASN A 616 -3.01 -28.95 -31.46
N CYS A 617 -3.87 -29.86 -31.91
CA CYS A 617 -4.55 -30.68 -30.93
C CYS A 617 -4.31 -32.17 -31.07
N THR A 618 -3.05 -32.60 -31.14
CA THR A 618 -2.73 -33.94 -30.67
C THR A 618 -2.53 -33.93 -29.16
N GLU A 619 -2.94 -32.84 -28.50
CA GLU A 619 -2.62 -32.60 -27.10
C GLU A 619 -3.85 -32.35 -26.24
N VAL A 620 -5.06 -32.54 -26.76
CA VAL A 620 -6.25 -32.25 -25.95
C VAL A 620 -6.36 -33.09 -24.69
N PRO A 621 -6.09 -34.40 -24.68
CA PRO A 621 -6.33 -35.15 -23.43
C PRO A 621 -5.45 -34.68 -22.28
N VAL A 622 -4.31 -34.07 -22.62
CA VAL A 622 -3.34 -33.61 -21.57
C VAL A 622 -3.78 -32.24 -21.06
N ALA A 623 -4.64 -31.54 -21.80
CA ALA A 623 -5.07 -30.18 -21.41
C ALA A 623 -5.85 -30.24 -20.08
N ILE A 624 -5.66 -29.24 -19.21
CA ILE A 624 -6.34 -29.22 -17.89
C ILE A 624 -7.01 -27.84 -17.73
N HIS A 625 -8.02 -27.73 -16.85
CA HIS A 625 -8.78 -26.46 -16.64
C HIS A 625 -9.81 -26.29 -17.77
N ALA A 626 -10.27 -27.40 -18.35
CA ALA A 626 -11.32 -27.34 -19.40
C ALA A 626 -12.55 -28.12 -18.93
N ASP A 627 -13.44 -28.49 -19.86
CA ASP A 627 -14.66 -29.27 -19.51
C ASP A 627 -14.46 -30.75 -19.84
N GLN A 628 -14.91 -31.64 -18.95
CA GLN A 628 -14.76 -33.10 -19.17
C GLN A 628 -15.64 -33.53 -20.34
N LEU A 629 -15.14 -34.44 -21.19
CA LEU A 629 -15.90 -34.91 -22.38
C LEU A 629 -16.16 -36.41 -22.25
N SER A 640 -14.62 -38.14 -29.97
CA SER A 640 -15.21 -38.91 -31.06
C SER A 640 -14.58 -38.54 -32.40
N ASN A 641 -15.05 -37.44 -32.98
CA ASN A 641 -14.53 -36.96 -34.25
C ASN A 641 -13.66 -35.74 -33.98
N VAL A 642 -12.43 -35.76 -34.46
CA VAL A 642 -11.52 -34.63 -34.30
C VAL A 642 -11.22 -34.10 -35.69
N PHE A 643 -11.53 -32.84 -35.91
CA PHE A 643 -11.34 -32.17 -37.19
C PHE A 643 -10.53 -30.89 -36.97
N GLN A 644 -9.40 -30.78 -37.64
CA GLN A 644 -8.54 -29.60 -37.49
C GLN A 644 -9.04 -28.50 -38.41
N THR A 645 -8.99 -27.26 -37.94
CA THR A 645 -9.48 -26.12 -38.69
C THR A 645 -8.45 -25.01 -38.70
N ARG A 646 -8.84 -23.89 -39.29
CA ARG A 646 -7.99 -22.70 -39.26
C ARG A 646 -7.92 -22.13 -37.85
N ALA A 647 -9.03 -22.19 -37.12
CA ALA A 647 -9.10 -21.54 -35.81
C ALA A 647 -8.61 -22.45 -34.70
N GLY A 648 -8.99 -23.71 -34.74
CA GLY A 648 -8.63 -24.68 -33.72
C GLY A 648 -8.96 -26.05 -34.24
N CYS A 649 -9.50 -26.89 -33.36
CA CYS A 649 -10.12 -28.13 -33.80
C CYS A 649 -11.35 -28.41 -32.96
N LEU A 650 -12.47 -28.66 -33.63
CA LEU A 650 -13.71 -28.99 -32.95
C LEU A 650 -13.66 -30.42 -32.45
N ILE A 651 -14.63 -30.76 -31.61
CA ILE A 651 -14.83 -32.11 -31.12
C ILE A 651 -16.32 -32.41 -31.17
N GLY A 652 -16.70 -33.37 -32.00
CA GLY A 652 -18.10 -33.72 -32.09
C GLY A 652 -18.84 -33.14 -33.28
N ALA A 653 -18.14 -32.80 -34.35
CA ALA A 653 -18.78 -32.34 -35.58
C ALA A 653 -17.98 -32.83 -36.77
N GLU A 654 -18.68 -33.10 -37.87
CA GLU A 654 -18.06 -33.61 -39.09
C GLU A 654 -18.28 -32.59 -40.21
N HIS A 655 -17.33 -32.49 -41.12
CA HIS A 655 -17.49 -31.49 -42.17
C HIS A 655 -18.18 -32.12 -43.36
N VAL A 656 -18.76 -31.27 -44.21
CA VAL A 656 -19.48 -31.70 -45.40
C VAL A 656 -18.98 -30.84 -46.55
N ASN A 657 -18.84 -31.46 -47.73
CA ASN A 657 -18.33 -30.72 -48.88
C ASN A 657 -19.35 -29.70 -49.37
N ASN A 658 -20.60 -29.86 -48.96
CA ASN A 658 -21.63 -28.88 -49.31
C ASN A 658 -21.30 -27.54 -48.67
N SER A 659 -21.65 -26.46 -49.36
CA SER A 659 -21.63 -25.14 -48.76
C SER A 659 -23.05 -24.65 -48.55
N TYR A 660 -23.31 -24.07 -47.38
CA TYR A 660 -24.66 -23.56 -47.05
C TYR A 660 -24.58 -22.12 -46.55
N GLU A 661 -25.72 -21.47 -46.32
CA GLU A 661 -25.73 -20.10 -45.75
C GLU A 661 -25.25 -20.18 -44.30
N CYS A 662 -24.55 -19.16 -43.80
CA CYS A 662 -23.96 -19.25 -42.43
C CYS A 662 -25.04 -19.15 -41.34
N ASP A 663 -24.92 -19.98 -40.30
CA ASP A 663 -25.82 -19.95 -39.15
C ASP A 663 -25.13 -19.48 -37.87
N ILE A 664 -24.07 -20.16 -37.45
CA ILE A 664 -23.30 -19.79 -36.27
C ILE A 664 -21.86 -19.57 -36.72
N PRO A 665 -21.28 -18.41 -36.48
CA PRO A 665 -19.92 -18.16 -36.97
C PRO A 665 -18.86 -18.74 -36.06
N ILE A 666 -17.91 -19.50 -36.62
CA ILE A 666 -16.84 -20.03 -35.80
C ILE A 666 -15.57 -19.21 -35.98
N GLY A 667 -15.24 -18.85 -37.22
CA GLY A 667 -14.09 -18.02 -37.48
C GLY A 667 -13.31 -18.50 -38.68
N ALA A 668 -12.64 -17.54 -39.32
CA ALA A 668 -11.77 -17.80 -40.45
C ALA A 668 -12.49 -18.49 -41.60
N GLY A 669 -13.80 -18.27 -41.71
CA GLY A 669 -14.52 -18.76 -42.85
C GLY A 669 -15.28 -20.05 -42.65
N ILE A 670 -15.66 -20.39 -41.42
CA ILE A 670 -16.38 -21.63 -41.15
C ILE A 670 -17.59 -21.32 -40.28
N CYS A 671 -18.65 -22.09 -40.47
CA CYS A 671 -19.87 -21.95 -39.70
C CYS A 671 -20.35 -23.34 -39.30
N ALA A 672 -21.28 -23.37 -38.34
CA ALA A 672 -21.81 -24.66 -37.84
C ALA A 672 -23.34 -24.56 -37.75
N SER A 673 -24.03 -25.65 -38.11
CA SER A 673 -25.52 -25.66 -38.01
C SER A 673 -25.99 -27.04 -37.50
N TYR A 674 -27.15 -27.08 -36.83
CA TYR A 674 -27.70 -28.39 -36.40
C TYR A 674 -28.23 -29.12 -37.64
N GLN A 675 -28.09 -30.45 -37.67
CA GLN A 675 -28.55 -31.27 -38.84
C GLN A 675 -27.99 -30.66 -40.13
N GLN A 690 -29.88 -33.38 -36.32
CA GLN A 690 -29.48 -34.65 -35.65
C GLN A 690 -28.02 -34.56 -35.22
N SER A 691 -27.16 -34.01 -36.08
CA SER A 691 -25.70 -33.94 -35.77
C SER A 691 -25.17 -32.53 -36.07
N ILE A 692 -24.10 -32.12 -35.37
CA ILE A 692 -23.48 -30.79 -35.63
C ILE A 692 -22.57 -30.92 -36.86
N ILE A 693 -22.65 -29.97 -37.80
CA ILE A 693 -21.84 -29.99 -39.00
C ILE A 693 -21.04 -28.71 -39.10
N ALA A 694 -19.91 -28.78 -39.81
CA ALA A 694 -19.02 -27.64 -39.98
C ALA A 694 -18.62 -27.53 -41.44
N TYR A 695 -19.07 -26.47 -42.10
CA TYR A 695 -18.87 -26.29 -43.53
C TYR A 695 -18.33 -24.90 -43.79
N THR A 696 -17.79 -24.69 -44.98
CA THR A 696 -17.33 -23.37 -45.38
C THR A 696 -18.52 -22.53 -45.84
N MET A 697 -18.44 -21.21 -45.65
CA MET A 697 -19.57 -20.36 -46.00
C MET A 697 -19.85 -20.40 -47.49
N SER A 698 -21.10 -20.12 -47.84
CA SER A 698 -21.50 -19.85 -49.21
C SER A 698 -22.02 -18.43 -49.28
N LEU A 699 -21.48 -17.64 -50.21
CA LEU A 699 -21.73 -16.20 -50.16
C LEU A 699 -23.15 -15.87 -50.55
N GLY A 700 -23.67 -16.50 -51.58
CA GLY A 700 -25.03 -16.25 -52.02
C GLY A 700 -25.32 -16.92 -53.33
N ALA A 701 -26.57 -16.78 -53.77
CA ALA A 701 -26.97 -17.30 -55.06
C ALA A 701 -26.21 -16.60 -56.17
N GLU A 702 -25.88 -17.33 -57.22
CA GLU A 702 -25.07 -16.79 -58.29
C GLU A 702 -25.89 -16.71 -59.57
N ASN A 703 -25.97 -15.52 -60.16
CA ASN A 703 -26.68 -15.33 -61.42
C ASN A 703 -26.00 -14.24 -62.21
N SER A 704 -26.10 -14.33 -63.53
CA SER A 704 -25.50 -13.37 -64.44
C SER A 704 -26.55 -12.89 -65.40
N VAL A 705 -26.63 -11.57 -65.58
CA VAL A 705 -27.63 -10.99 -66.46
C VAL A 705 -27.16 -11.04 -67.90
N ALA A 706 -28.08 -11.27 -68.82
CA ALA A 706 -27.75 -11.31 -70.23
C ALA A 706 -27.45 -9.91 -70.74
N TYR A 707 -26.19 -9.66 -71.09
CA TYR A 707 -25.76 -8.35 -71.54
C TYR A 707 -25.42 -8.41 -73.02
N SER A 708 -26.01 -7.51 -73.80
CA SER A 708 -25.72 -7.39 -75.21
C SER A 708 -25.95 -5.95 -75.62
N ASN A 709 -25.24 -5.51 -76.65
CA ASN A 709 -25.23 -4.08 -76.96
C ASN A 709 -26.56 -3.62 -77.53
N ASN A 710 -27.54 -4.51 -77.66
CA ASN A 710 -28.84 -4.09 -78.18
C ASN A 710 -29.91 -4.14 -77.10
N SER A 711 -29.86 -5.13 -76.23
CA SER A 711 -31.01 -5.42 -75.38
C SER A 711 -31.20 -4.37 -74.31
N ILE A 712 -32.42 -4.29 -73.78
CA ILE A 712 -32.75 -3.50 -72.60
C ILE A 712 -33.98 -4.12 -71.98
N ALA A 713 -34.16 -3.91 -70.69
CA ALA A 713 -35.27 -4.47 -69.94
C ALA A 713 -36.07 -3.36 -69.29
N ILE A 714 -37.39 -3.46 -69.35
CA ILE A 714 -38.29 -2.43 -68.84
C ILE A 714 -39.29 -3.10 -67.92
N PRO A 715 -39.52 -2.60 -66.72
CA PRO A 715 -40.55 -3.19 -65.86
C PRO A 715 -41.94 -2.91 -66.41
N THR A 716 -42.91 -3.67 -65.92
CA THR A 716 -44.30 -3.48 -66.32
C THR A 716 -45.26 -3.42 -65.14
N ASN A 717 -44.79 -3.67 -63.92
CA ASN A 717 -45.67 -3.66 -62.76
C ASN A 717 -44.83 -3.31 -61.54
N PHE A 718 -45.50 -2.86 -60.48
CA PHE A 718 -44.82 -2.34 -59.32
C PHE A 718 -45.45 -2.89 -58.05
N THR A 719 -44.67 -2.88 -56.98
CA THR A 719 -45.15 -3.24 -55.66
C THR A 719 -44.77 -2.14 -54.69
N ILE A 720 -45.51 -2.05 -53.60
CA ILE A 720 -45.27 -1.03 -52.57
C ILE A 720 -45.00 -1.75 -51.25
N SER A 721 -43.90 -1.41 -50.61
CA SER A 721 -43.45 -2.14 -49.44
C SER A 721 -43.22 -1.19 -48.29
N VAL A 722 -43.19 -1.73 -47.08
CA VAL A 722 -43.00 -0.96 -45.85
C VAL A 722 -41.94 -1.64 -45.01
N THR A 723 -41.03 -0.86 -44.46
CA THR A 723 -39.86 -1.35 -43.75
C THR A 723 -39.83 -0.73 -42.37
N THR A 724 -38.95 -1.20 -41.50
CA THR A 724 -38.84 -0.72 -40.14
C THR A 724 -37.40 -0.36 -39.84
N GLU A 725 -37.19 0.62 -38.96
CA GLU A 725 -35.85 0.97 -38.51
C GLU A 725 -35.93 1.53 -37.10
N ILE A 726 -35.06 1.05 -36.22
CA ILE A 726 -35.15 1.31 -34.79
C ILE A 726 -33.85 1.97 -34.33
N LEU A 727 -33.97 3.06 -33.58
CA LEU A 727 -32.81 3.82 -33.13
C LEU A 727 -33.00 4.24 -31.68
N PRO A 728 -32.01 4.07 -30.82
CA PRO A 728 -32.12 4.59 -29.45
C PRO A 728 -31.73 6.06 -29.40
N VAL A 729 -32.33 6.82 -28.49
CA VAL A 729 -32.03 8.25 -28.37
C VAL A 729 -31.67 8.69 -26.96
N SER A 730 -31.93 7.89 -25.93
CA SER A 730 -31.60 8.35 -24.59
C SER A 730 -31.44 7.18 -23.64
N MET A 731 -30.77 7.44 -22.53
CA MET A 731 -30.45 6.43 -21.54
C MET A 731 -30.79 6.99 -20.16
N THR A 732 -30.95 6.10 -19.18
CA THR A 732 -31.45 6.51 -17.88
C THR A 732 -30.47 7.44 -17.19
N LYS A 733 -31.00 8.47 -16.54
CA LYS A 733 -30.20 9.46 -15.83
C LYS A 733 -29.97 8.96 -14.42
N THR A 734 -28.72 9.03 -13.97
CA THR A 734 -28.38 8.60 -12.62
C THR A 734 -27.41 9.60 -12.01
N SER A 735 -27.35 9.61 -10.68
CA SER A 735 -26.44 10.46 -9.94
C SER A 735 -26.04 9.76 -8.65
N VAL A 736 -24.77 9.91 -8.27
CA VAL A 736 -24.18 9.18 -7.16
C VAL A 736 -23.43 10.15 -6.28
N ASP A 737 -23.61 10.02 -4.97
CA ASP A 737 -22.95 10.89 -4.00
C ASP A 737 -21.64 10.24 -3.57
N CYS A 738 -20.55 11.00 -3.61
CA CYS A 738 -19.24 10.41 -3.39
C CYS A 738 -19.05 9.96 -1.96
N THR A 739 -19.33 10.83 -0.98
CA THR A 739 -19.00 10.50 0.39
C THR A 739 -19.82 9.32 0.89
N MET A 740 -21.13 9.36 0.69
CA MET A 740 -21.98 8.29 1.23
C MET A 740 -21.60 6.94 0.65
N TYR A 741 -21.05 6.92 -0.56
CA TYR A 741 -20.58 5.65 -1.12
C TYR A 741 -19.25 5.26 -0.50
N ILE A 742 -18.30 6.19 -0.44
CA ILE A 742 -16.95 5.83 0.00
C ILE A 742 -16.94 5.48 1.49
N CYS A 743 -17.28 6.44 2.35
CA CYS A 743 -17.25 6.18 3.79
C CYS A 743 -18.64 5.89 4.32
N GLY A 744 -19.53 6.89 4.30
CA GLY A 744 -20.94 6.67 4.71
C GLY A 744 -21.11 6.59 6.22
N ASP A 745 -21.69 7.63 6.83
CA ASP A 745 -21.96 7.66 8.29
C ASP A 745 -20.69 7.33 9.08
N SER A 746 -19.55 7.88 8.65
CA SER A 746 -18.26 7.67 9.36
C SER A 746 -17.50 8.99 9.37
N THR A 747 -17.52 9.71 10.49
CA THR A 747 -16.91 11.04 10.56
C THR A 747 -15.41 10.99 10.24
N GLU A 748 -14.66 10.24 11.03
CA GLU A 748 -13.21 10.15 10.86
C GLU A 748 -12.85 9.77 9.43
N CYS A 749 -13.62 8.86 8.86
CA CYS A 749 -13.38 8.45 7.49
C CYS A 749 -13.54 9.61 6.53
N SER A 750 -14.58 10.43 6.73
CA SER A 750 -14.75 11.60 5.88
C SER A 750 -13.59 12.57 6.05
N ASN A 751 -13.03 12.66 7.25
CA ASN A 751 -11.86 13.50 7.44
C ASN A 751 -10.69 13.02 6.59
N LEU A 752 -10.51 11.70 6.51
CA LEU A 752 -9.50 11.16 5.60
C LEU A 752 -9.82 11.51 4.15
N LEU A 753 -11.09 11.54 3.78
CA LEU A 753 -11.44 11.95 2.42
C LEU A 753 -11.00 13.39 2.14
N LEU A 754 -11.27 14.32 3.06
CA LEU A 754 -10.76 15.68 2.88
C LEU A 754 -9.24 15.66 2.74
N GLN A 755 -8.59 14.68 3.37
CA GLN A 755 -7.14 14.60 3.32
C GLN A 755 -6.65 14.27 1.90
N TYR A 756 -7.39 13.47 1.14
CA TYR A 756 -6.95 13.21 -0.24
C TYR A 756 -7.00 14.46 -1.11
N GLY A 757 -8.15 15.10 -1.22
CA GLY A 757 -8.25 16.28 -2.04
C GLY A 757 -9.65 16.45 -2.57
N SER A 758 -9.72 16.81 -3.86
CA SER A 758 -10.99 17.14 -4.50
C SER A 758 -11.32 16.21 -5.65
N PHE A 759 -11.21 14.89 -5.45
CA PHE A 759 -11.61 13.97 -6.50
C PHE A 759 -13.12 13.92 -6.66
N CYS A 760 -13.86 13.76 -5.57
CA CYS A 760 -15.25 13.36 -5.76
C CYS A 760 -16.10 14.56 -6.15
N THR A 761 -15.59 15.76 -5.97
CA THR A 761 -16.29 16.93 -6.51
C THR A 761 -16.38 16.86 -8.02
N GLN A 762 -15.27 16.56 -8.69
CA GLN A 762 -15.31 16.52 -10.15
C GLN A 762 -16.05 15.29 -10.64
N LEU A 763 -16.07 14.21 -9.84
CA LEU A 763 -16.92 13.09 -10.22
C LEU A 763 -18.39 13.49 -10.25
N ASN A 764 -18.84 14.24 -9.25
CA ASN A 764 -20.22 14.71 -9.27
C ASN A 764 -20.48 15.56 -10.49
N ARG A 765 -19.56 16.46 -10.84
CA ARG A 765 -19.80 17.35 -11.95
C ARG A 765 -19.90 16.59 -13.27
N ALA A 766 -19.10 15.54 -13.43
CA ALA A 766 -19.18 14.75 -14.66
C ALA A 766 -20.56 14.12 -14.82
N LEU A 767 -21.05 13.43 -13.78
CA LEU A 767 -22.34 12.76 -13.92
C LEU A 767 -23.47 13.75 -14.16
N THR A 768 -23.42 14.91 -13.51
CA THR A 768 -24.44 15.91 -13.78
C THR A 768 -24.43 16.33 -15.23
N GLY A 769 -23.24 16.45 -15.82
CA GLY A 769 -23.17 16.84 -17.21
C GLY A 769 -23.92 15.90 -18.13
N ILE A 770 -23.72 14.60 -17.97
CA ILE A 770 -24.35 13.69 -18.94
C ILE A 770 -25.86 13.63 -18.71
N ALA A 771 -26.30 13.86 -17.47
CA ALA A 771 -27.75 13.84 -17.25
C ALA A 771 -28.44 14.96 -18.03
N VAL A 772 -27.94 16.19 -17.92
CA VAL A 772 -28.55 17.27 -18.69
C VAL A 772 -28.48 16.97 -20.17
N GLU A 773 -27.45 16.23 -20.60
CA GLU A 773 -27.36 15.88 -22.01
C GLU A 773 -28.51 15.01 -22.46
N GLN A 774 -28.93 14.05 -21.62
CA GLN A 774 -30.00 13.16 -22.06
C GLN A 774 -31.28 13.92 -22.34
N ASP A 775 -31.60 14.91 -21.51
CA ASP A 775 -32.79 15.71 -21.80
C ASP A 775 -32.61 16.50 -23.09
N LYS A 776 -31.38 16.90 -23.38
CA LYS A 776 -31.13 17.63 -24.62
C LYS A 776 -31.45 16.78 -25.83
N ASN A 777 -31.05 15.50 -25.80
CA ASN A 777 -31.28 14.62 -26.95
C ASN A 777 -32.75 14.49 -27.26
N THR A 778 -33.56 14.14 -26.27
CA THR A 778 -34.96 13.89 -26.56
C THR A 778 -35.63 15.11 -27.14
N GLN A 779 -35.33 16.29 -26.59
CA GLN A 779 -35.94 17.49 -27.14
C GLN A 779 -35.51 17.72 -28.57
N GLU A 780 -34.25 17.43 -28.88
CA GLU A 780 -33.74 17.65 -30.23
C GLU A 780 -34.47 16.81 -31.26
N VAL A 781 -34.77 15.56 -30.94
CA VAL A 781 -35.35 14.67 -31.95
C VAL A 781 -36.83 15.00 -32.16
N PHE A 782 -37.59 15.13 -31.08
CA PHE A 782 -39.05 15.13 -31.23
C PHE A 782 -39.60 16.53 -31.47
N ALA A 783 -39.04 17.54 -30.79
CA ALA A 783 -39.60 18.89 -30.80
C ALA A 783 -39.18 19.63 -32.07
N GLN A 784 -39.66 19.13 -33.20
CA GLN A 784 -39.38 19.73 -34.49
C GLN A 784 -40.51 20.65 -34.97
N VAL A 785 -41.72 20.48 -34.42
CA VAL A 785 -42.89 21.27 -34.89
C VAL A 785 -43.43 22.14 -33.75
N LYS A 786 -43.50 23.46 -33.96
CA LYS A 786 -43.96 24.41 -32.90
C LYS A 786 -45.44 24.24 -32.56
N GLN A 787 -46.31 24.05 -33.56
CA GLN A 787 -47.78 24.00 -33.28
C GLN A 787 -48.31 22.57 -33.24
N ILE A 788 -49.51 22.38 -32.67
CA ILE A 788 -50.11 21.06 -32.66
C ILE A 788 -51.22 20.99 -33.70
N TYR A 789 -51.13 20.00 -34.58
CA TYR A 789 -52.08 19.83 -35.66
C TYR A 789 -53.02 18.69 -35.32
N LYS A 790 -54.26 18.77 -35.78
CA LYS A 790 -55.27 17.76 -35.51
C LYS A 790 -55.85 17.24 -36.81
N THR A 791 -56.01 15.93 -36.89
CA THR A 791 -56.64 15.33 -38.06
C THR A 791 -58.13 15.66 -38.09
N PRO A 792 -58.73 15.80 -39.27
CA PRO A 792 -60.15 16.13 -39.33
C PRO A 792 -61.00 15.03 -38.73
N PRO A 793 -62.14 15.38 -38.13
CA PRO A 793 -62.95 14.35 -37.47
C PRO A 793 -63.52 13.32 -38.42
N ILE A 794 -64.00 13.75 -39.59
CA ILE A 794 -64.41 12.82 -40.63
C ILE A 794 -63.19 12.44 -41.45
N LYS A 795 -63.09 11.16 -41.77
CA LYS A 795 -61.88 10.58 -42.32
C LYS A 795 -62.20 9.84 -43.60
N ASP A 796 -62.02 10.52 -44.73
CA ASP A 796 -62.11 9.89 -46.05
C ASP A 796 -60.87 10.29 -46.84
N PHE A 797 -59.80 9.53 -46.69
CA PHE A 797 -58.56 9.80 -47.43
C PHE A 797 -58.48 8.96 -48.69
N GLY A 798 -59.52 9.07 -49.51
CA GLY A 798 -59.48 8.50 -50.86
C GLY A 798 -59.19 7.02 -50.93
N GLY A 799 -59.48 6.28 -49.87
CA GLY A 799 -59.27 4.85 -49.89
C GLY A 799 -58.08 4.36 -49.09
N PHE A 800 -57.27 5.25 -48.54
CA PHE A 800 -56.17 4.82 -47.69
C PHE A 800 -56.63 4.70 -46.25
N ASN A 801 -56.06 3.76 -45.52
CA ASN A 801 -56.48 3.44 -44.17
C ASN A 801 -55.33 3.66 -43.20
N PHE A 802 -55.43 4.69 -42.38
CA PHE A 802 -54.40 4.97 -41.38
C PHE A 802 -54.83 4.62 -39.96
N SER A 803 -55.76 3.68 -39.79
CA SER A 803 -56.30 3.43 -38.46
C SER A 803 -55.24 2.87 -37.53
N GLN A 804 -54.24 2.18 -38.08
CA GLN A 804 -53.24 1.55 -37.22
C GLN A 804 -52.10 2.50 -36.88
N ILE A 805 -52.12 3.70 -37.47
CA ILE A 805 -51.05 4.67 -37.19
C ILE A 805 -51.56 5.75 -36.26
N LEU A 806 -52.77 6.23 -36.49
CA LEU A 806 -53.29 7.37 -35.77
C LEU A 806 -53.63 6.98 -34.33
N PRO A 807 -53.67 7.95 -33.41
CA PRO A 807 -53.93 7.61 -32.01
C PRO A 807 -55.31 7.02 -31.82
N ASP A 808 -55.42 6.13 -30.85
CA ASP A 808 -56.66 5.43 -30.58
C ASP A 808 -57.37 6.06 -29.39
N PRO A 809 -58.53 6.68 -29.58
CA PRO A 809 -59.13 7.44 -28.46
C PRO A 809 -59.76 6.57 -27.40
N SER A 810 -60.42 5.47 -27.78
CA SER A 810 -61.16 4.64 -26.85
C SER A 810 -60.19 3.77 -26.04
N LYS A 811 -59.32 4.44 -25.30
CA LYS A 811 -58.31 3.79 -24.50
C LYS A 811 -57.62 4.82 -23.62
N PRO A 812 -57.35 4.50 -22.35
CA PRO A 812 -56.53 5.40 -21.53
C PRO A 812 -55.10 5.46 -22.04
N SER A 813 -54.44 6.58 -21.79
CA SER A 813 -53.12 6.86 -22.35
C SER A 813 -53.15 6.67 -23.86
N LYS A 814 -53.97 7.48 -24.53
CA LYS A 814 -54.16 7.33 -26.01
C LYS A 814 -52.85 7.06 -26.74
N ARG A 815 -52.68 5.83 -27.25
CA ARG A 815 -51.48 5.50 -28.07
C ARG A 815 -51.93 4.74 -29.32
N SER A 816 -51.10 4.72 -30.36
CA SER A 816 -51.43 3.95 -31.58
C SER A 816 -51.34 2.45 -31.24
N PRO A 817 -52.04 1.54 -31.94
CA PRO A 817 -51.92 0.11 -31.68
C PRO A 817 -50.48 -0.37 -31.89
N ILE A 818 -49.79 0.13 -32.92
CA ILE A 818 -48.36 -0.23 -33.14
C ILE A 818 -47.54 0.23 -31.92
N GLU A 819 -47.79 1.43 -31.42
CA GLU A 819 -47.07 1.96 -30.24
C GLU A 819 -47.40 1.10 -29.01
N ASP A 820 -48.66 0.69 -28.86
CA ASP A 820 -49.07 -0.14 -27.70
C ASP A 820 -48.26 -1.45 -27.71
N LEU A 821 -48.12 -2.08 -28.88
CA LEU A 821 -47.37 -3.32 -28.97
C LEU A 821 -45.91 -3.10 -28.65
N LEU A 822 -45.33 -2.02 -29.19
CA LEU A 822 -43.95 -1.70 -28.90
C LEU A 822 -43.74 -1.42 -27.42
N PHE A 823 -44.76 -0.86 -26.77
CA PHE A 823 -44.60 -0.49 -25.36
C PHE A 823 -44.65 -1.71 -24.47
N ASN A 824 -45.36 -2.76 -24.90
CA ASN A 824 -45.43 -3.97 -24.09
C ASN A 824 -44.23 -4.86 -24.29
N LYS A 825 -43.68 -4.90 -25.51
CA LYS A 825 -42.61 -5.86 -25.80
C LYS A 825 -41.38 -5.61 -24.94
N VAL A 826 -41.02 -4.36 -24.72
CA VAL A 826 -39.81 -4.06 -23.96
C VAL A 826 -40.13 -4.22 -22.47
N THR A 827 -39.55 -5.24 -21.84
CA THR A 827 -39.75 -5.53 -20.43
C THR A 827 -38.42 -5.33 -19.71
N LEU A 828 -38.43 -4.57 -18.63
CA LEU A 828 -37.22 -4.25 -17.89
C LEU A 828 -37.29 -4.70 -16.45
N GLY A 857 -25.97 4.93 -1.78
CA GLY A 857 -26.11 6.32 -2.14
C GLY A 857 -26.34 6.55 -3.62
N LEU A 858 -27.32 5.88 -4.19
CA LEU A 858 -27.62 5.94 -5.61
C LEU A 858 -29.01 6.52 -5.80
N THR A 859 -29.17 7.32 -6.86
CA THR A 859 -30.46 7.94 -7.15
C THR A 859 -30.72 7.84 -8.63
N VAL A 860 -31.99 7.90 -9.00
CA VAL A 860 -32.42 7.91 -10.39
C VAL A 860 -33.36 9.08 -10.60
N LEU A 861 -32.96 10.03 -11.39
CA LEU A 861 -33.77 11.21 -11.64
C LEU A 861 -34.83 10.89 -12.66
N PRO A 862 -35.93 11.64 -12.72
CA PRO A 862 -36.97 11.32 -13.67
C PRO A 862 -36.77 12.09 -14.98
N PRO A 863 -37.19 11.54 -16.11
CA PRO A 863 -37.06 12.27 -17.37
C PRO A 863 -37.93 13.51 -17.36
N LEU A 864 -37.54 14.49 -18.16
CA LEU A 864 -38.18 15.80 -18.08
C LEU A 864 -39.45 15.85 -18.91
N LEU A 865 -39.59 14.95 -19.89
CA LEU A 865 -40.80 14.84 -20.68
C LEU A 865 -41.46 13.49 -20.45
N THR A 866 -42.71 13.49 -20.00
CA THR A 866 -43.40 12.24 -19.79
C THR A 866 -43.89 11.66 -21.11
N ASP A 867 -44.33 10.41 -21.06
CA ASP A 867 -44.69 9.69 -22.28
C ASP A 867 -45.92 10.29 -22.95
N GLU A 868 -46.78 10.97 -22.19
CA GLU A 868 -47.88 11.67 -22.84
C GLU A 868 -47.36 12.75 -23.77
N MET A 869 -46.33 13.48 -23.32
CA MET A 869 -45.76 14.53 -24.15
C MET A 869 -45.19 13.95 -25.44
N ILE A 870 -44.41 12.88 -25.34
CA ILE A 870 -43.80 12.29 -26.53
C ILE A 870 -44.86 11.82 -27.50
N ALA A 871 -45.87 11.12 -26.99
CA ALA A 871 -46.94 10.65 -27.88
C ALA A 871 -47.66 11.81 -28.53
N GLN A 872 -47.73 12.94 -27.84
CA GLN A 872 -48.39 14.15 -28.41
C GLN A 872 -47.55 14.68 -29.58
N TYR A 873 -46.22 14.67 -29.43
CA TYR A 873 -45.32 15.14 -30.51
C TYR A 873 -45.49 14.25 -31.75
N THR A 874 -45.59 12.93 -31.55
CA THR A 874 -45.72 12.00 -32.70
C THR A 874 -47.07 12.22 -33.39
N SER A 875 -48.14 12.42 -32.61
CA SER A 875 -49.45 12.64 -33.21
C SER A 875 -49.49 13.91 -34.03
N ALA A 876 -48.86 14.98 -33.54
CA ALA A 876 -48.85 16.22 -34.30
C ALA A 876 -48.16 16.05 -35.64
N LEU A 877 -47.01 15.36 -35.65
CA LEU A 877 -46.28 15.18 -36.89
C LEU A 877 -47.06 14.33 -37.89
N LEU A 878 -47.73 13.29 -37.41
CA LEU A 878 -48.54 12.47 -38.32
C LEU A 878 -49.66 13.26 -38.94
N ALA A 879 -50.41 14.02 -38.14
CA ALA A 879 -51.52 14.79 -38.70
C ALA A 879 -51.02 15.81 -39.70
N GLY A 880 -49.88 16.44 -39.41
CA GLY A 880 -49.34 17.42 -40.33
C GLY A 880 -48.99 16.82 -41.68
N THR A 881 -48.32 15.67 -41.68
CA THR A 881 -47.87 15.12 -42.96
C THR A 881 -49.01 14.50 -43.76
N ILE A 882 -50.05 14.02 -43.08
CA ILE A 882 -51.20 13.48 -43.80
C ILE A 882 -51.99 14.59 -44.46
N THR A 883 -52.21 15.69 -43.74
CA THR A 883 -53.12 16.71 -44.24
C THR A 883 -52.43 17.65 -45.21
N SER A 884 -51.17 17.98 -44.97
CA SER A 884 -50.57 19.13 -45.63
C SER A 884 -49.30 18.84 -46.41
N GLY A 885 -48.94 17.59 -46.62
CA GLY A 885 -47.78 17.31 -47.43
C GLY A 885 -46.49 17.69 -46.73
N TRP A 886 -45.52 18.13 -47.54
CA TRP A 886 -44.27 18.58 -46.97
C TRP A 886 -44.23 20.09 -46.74
N THR A 887 -45.33 20.79 -47.04
CA THR A 887 -45.28 22.24 -47.03
C THR A 887 -45.16 22.80 -45.63
N PHE A 888 -45.55 22.02 -44.62
CA PHE A 888 -45.54 22.54 -43.26
C PHE A 888 -44.14 22.52 -42.67
N GLY A 889 -43.18 21.95 -43.39
CA GLY A 889 -41.80 22.00 -42.94
C GLY A 889 -41.13 23.32 -43.23
N ALA A 890 -41.65 24.05 -44.22
CA ALA A 890 -41.00 25.29 -44.63
C ALA A 890 -41.73 26.51 -44.10
N GLY A 891 -43.03 26.60 -44.32
CA GLY A 891 -43.80 27.75 -43.90
C GLY A 891 -45.16 27.37 -43.37
N PRO A 892 -46.16 28.17 -43.69
CA PRO A 892 -47.52 27.86 -43.23
C PRO A 892 -48.04 26.59 -43.88
N ALA A 893 -48.80 25.81 -43.12
CA ALA A 893 -49.37 24.59 -43.68
C ALA A 893 -50.40 24.93 -44.74
N LEU A 894 -50.37 24.19 -45.85
CA LEU A 894 -51.28 24.40 -46.96
C LEU A 894 -51.96 23.09 -47.31
N GLN A 895 -53.29 23.05 -47.19
CA GLN A 895 -54.01 21.80 -47.33
C GLN A 895 -53.95 21.31 -48.77
N ILE A 896 -54.23 20.02 -48.96
CA ILE A 896 -54.21 19.40 -50.28
C ILE A 896 -54.82 18.00 -50.18
N PRO A 897 -55.66 17.59 -51.13
CA PRO A 897 -56.24 16.24 -51.06
C PRO A 897 -55.17 15.19 -51.20
N PHE A 898 -55.34 14.07 -50.49
CA PHE A 898 -54.26 13.10 -50.39
C PHE A 898 -53.84 12.47 -51.71
N PRO A 899 -54.73 11.95 -52.55
CA PRO A 899 -54.26 11.34 -53.80
C PRO A 899 -53.48 12.32 -54.67
N MET A 900 -53.81 13.59 -54.64
CA MET A 900 -53.02 14.56 -55.38
C MET A 900 -51.59 14.62 -54.84
N GLN A 901 -51.45 14.56 -53.51
CA GLN A 901 -50.11 14.54 -52.93
C GLN A 901 -49.34 13.32 -53.39
N MET A 902 -49.98 12.16 -53.41
CA MET A 902 -49.29 10.96 -53.85
C MET A 902 -48.86 11.09 -55.31
N ALA A 903 -49.67 11.77 -56.12
CA ALA A 903 -49.27 12.00 -57.51
C ALA A 903 -48.02 12.84 -57.59
N TYR A 904 -47.91 13.86 -56.72
CA TYR A 904 -46.70 14.68 -56.70
C TYR A 904 -45.48 13.83 -56.41
N ARG A 905 -45.59 12.91 -55.46
CA ARG A 905 -44.43 12.11 -55.10
C ARG A 905 -44.07 11.11 -56.20
N PHE A 906 -45.06 10.56 -56.90
CA PHE A 906 -44.73 9.74 -58.06
C PHE A 906 -43.97 10.55 -59.09
N ASN A 907 -44.40 11.77 -59.35
CA ASN A 907 -43.66 12.63 -60.25
C ASN A 907 -42.26 12.89 -59.72
N GLY A 908 -42.10 12.82 -58.41
CA GLY A 908 -40.78 13.01 -57.83
C GLY A 908 -39.79 11.95 -58.25
N ILE A 909 -40.20 10.67 -58.23
CA ILE A 909 -39.24 9.61 -58.51
C ILE A 909 -39.08 9.27 -59.98
N GLY A 910 -39.70 10.03 -60.87
CA GLY A 910 -39.48 9.83 -62.29
C GLY A 910 -40.59 9.15 -63.04
N VAL A 911 -41.70 8.83 -62.39
CA VAL A 911 -42.84 8.24 -63.07
C VAL A 911 -43.93 9.28 -63.24
N THR A 912 -44.52 9.34 -64.43
CA THR A 912 -45.60 10.29 -64.68
C THR A 912 -46.78 10.00 -63.76
N GLN A 913 -47.74 10.92 -63.74
CA GLN A 913 -48.75 10.89 -62.69
C GLN A 913 -50.00 10.12 -63.12
N ASN A 914 -50.19 9.93 -64.41
CA ASN A 914 -51.38 9.21 -64.85
C ASN A 914 -51.36 7.77 -64.37
N VAL A 915 -50.16 7.21 -64.15
CA VAL A 915 -50.09 5.81 -63.70
C VAL A 915 -50.68 5.69 -62.31
N LEU A 916 -50.61 6.77 -61.52
CA LEU A 916 -51.30 6.73 -60.23
C LEU A 916 -52.80 6.84 -60.41
N TYR A 917 -53.25 7.83 -61.16
CA TYR A 917 -54.69 8.06 -61.18
C TYR A 917 -55.43 6.88 -61.79
N GLU A 918 -54.79 6.16 -62.70
CA GLU A 918 -55.46 5.04 -63.33
C GLU A 918 -55.38 3.78 -62.49
N ASN A 919 -54.60 3.80 -61.42
CA ASN A 919 -54.41 2.62 -60.59
C ASN A 919 -54.62 2.90 -59.11
N GLN A 920 -55.58 3.75 -58.77
CA GLN A 920 -55.73 4.14 -57.38
C GLN A 920 -56.25 2.99 -56.52
N LYS A 921 -57.13 2.18 -57.08
CA LYS A 921 -57.65 1.01 -56.34
C LYS A 921 -56.52 0.07 -55.94
N LEU A 922 -55.70 -0.36 -56.91
CA LEU A 922 -54.67 -1.33 -56.61
C LEU A 922 -53.69 -0.78 -55.58
N ILE A 923 -53.27 0.46 -55.76
CA ILE A 923 -52.28 1.04 -54.85
C ILE A 923 -52.82 1.08 -53.43
N ALA A 924 -54.07 1.49 -53.26
CA ALA A 924 -54.63 1.56 -51.92
C ALA A 924 -54.63 0.19 -51.25
N ASN A 925 -54.99 -0.85 -51.98
CA ASN A 925 -54.98 -2.19 -51.39
C ASN A 925 -53.57 -2.62 -51.01
N GLN A 926 -52.59 -2.34 -51.87
CA GLN A 926 -51.21 -2.66 -51.53
C GLN A 926 -50.81 -2.03 -50.21
N PHE A 927 -51.08 -0.74 -50.05
CA PHE A 927 -50.61 -0.02 -48.88
C PHE A 927 -51.26 -0.55 -47.61
N ASN A 928 -52.57 -0.74 -47.63
CA ASN A 928 -53.25 -1.24 -46.43
C ASN A 928 -52.74 -2.61 -46.02
N SER A 929 -52.57 -3.51 -46.98
CA SER A 929 -52.10 -4.85 -46.66
C SER A 929 -50.72 -4.80 -46.03
N ALA A 930 -49.83 -3.95 -46.54
CA ALA A 930 -48.48 -3.89 -46.01
C ALA A 930 -48.48 -3.45 -44.55
N ILE A 931 -49.30 -2.46 -44.21
CA ILE A 931 -49.34 -1.93 -42.81
C ILE A 931 -49.76 -3.07 -41.86
N GLY A 932 -50.84 -3.77 -42.19
CA GLY A 932 -51.35 -4.84 -41.31
C GLY A 932 -50.34 -5.96 -41.15
N LYS A 933 -49.62 -6.29 -42.23
CA LYS A 933 -48.57 -7.35 -42.16
C LYS A 933 -47.45 -6.93 -41.20
N ILE A 934 -47.10 -5.64 -41.19
CA ILE A 934 -45.98 -5.15 -40.33
C ILE A 934 -46.34 -5.39 -38.85
N GLN A 935 -47.59 -5.12 -38.47
CA GLN A 935 -48.04 -5.33 -37.07
C GLN A 935 -47.73 -6.78 -36.67
N ASP A 936 -48.08 -7.74 -37.54
CA ASP A 936 -47.87 -9.15 -37.20
C ASP A 936 -46.39 -9.50 -37.17
N SER A 937 -45.63 -9.04 -38.16
CA SER A 937 -44.22 -9.38 -38.24
C SER A 937 -43.47 -8.89 -37.02
N LEU A 938 -43.74 -7.65 -36.58
CA LEU A 938 -43.08 -7.13 -35.40
C LEU A 938 -43.43 -7.95 -34.18
N SER A 939 -44.68 -8.40 -34.09
CA SER A 939 -45.12 -9.18 -32.93
C SER A 939 -44.42 -10.53 -32.85
N SER A 940 -44.23 -11.20 -33.99
CA SER A 940 -43.79 -12.59 -33.95
C SER A 940 -42.36 -12.72 -33.43
N THR A 941 -41.40 -12.17 -34.15
CA THR A 941 -40.00 -12.42 -33.85
C THR A 941 -39.62 -11.70 -32.56
N PRO A 942 -39.04 -12.40 -31.59
CA PRO A 942 -38.68 -11.73 -30.33
C PRO A 942 -37.46 -10.83 -30.45
N SER A 943 -36.54 -11.14 -31.37
CA SER A 943 -35.29 -10.38 -31.46
C SER A 943 -35.45 -9.09 -32.26
N ALA A 944 -36.68 -8.65 -32.51
CA ALA A 944 -36.88 -7.42 -33.27
C ALA A 944 -36.35 -6.21 -32.52
N LEU A 945 -36.75 -6.05 -31.26
CA LEU A 945 -36.42 -4.88 -30.46
C LEU A 945 -35.09 -5.15 -29.76
N GLY A 946 -34.06 -5.46 -30.54
CA GLY A 946 -32.82 -5.94 -29.95
C GLY A 946 -31.85 -4.85 -29.56
N LYS A 947 -32.17 -3.60 -29.91
CA LYS A 947 -31.25 -2.52 -29.59
C LYS A 947 -31.71 -1.78 -28.34
N LEU A 948 -32.97 -1.39 -28.32
CA LEU A 948 -33.53 -0.70 -27.17
C LEU A 948 -33.38 -1.53 -25.91
N GLN A 949 -33.34 -2.86 -26.07
CA GLN A 949 -33.16 -3.73 -24.92
C GLN A 949 -31.72 -3.75 -24.44
N ASP A 950 -30.77 -3.70 -25.37
CA ASP A 950 -29.37 -3.79 -24.98
C ASP A 950 -28.94 -2.63 -24.11
N VAL A 951 -29.42 -1.43 -24.43
CA VAL A 951 -29.01 -0.28 -23.63
C VAL A 951 -29.46 -0.44 -22.18
N VAL A 952 -30.66 -0.99 -21.98
CA VAL A 952 -31.16 -1.19 -20.62
C VAL A 952 -30.32 -2.22 -19.88
N ASN A 953 -30.03 -3.35 -20.53
CA ASN A 953 -29.26 -4.39 -19.85
C ASN A 953 -27.88 -3.88 -19.44
N GLN A 954 -27.21 -3.16 -20.33
CA GLN A 954 -25.86 -2.72 -20.01
C GLN A 954 -25.85 -1.77 -18.81
N ASN A 955 -26.81 -0.85 -18.76
CA ASN A 955 -26.82 0.09 -17.62
C ASN A 955 -27.07 -0.64 -16.30
N ALA A 956 -28.10 -1.49 -16.26
CA ALA A 956 -28.43 -2.15 -14.99
C ALA A 956 -27.28 -3.01 -14.50
N GLN A 957 -26.64 -3.73 -15.41
CA GLN A 957 -25.56 -4.62 -15.01
C GLN A 957 -24.36 -3.84 -14.50
N ALA A 958 -24.11 -2.66 -15.07
CA ALA A 958 -23.02 -1.83 -14.55
C ALA A 958 -23.27 -1.42 -13.11
N LEU A 959 -24.50 -1.05 -12.78
CA LEU A 959 -24.79 -0.69 -11.40
C LEU A 959 -24.56 -1.85 -10.45
N ASN A 960 -24.99 -3.06 -10.84
CA ASN A 960 -24.81 -4.19 -9.94
C ASN A 960 -23.34 -4.44 -9.64
N THR A 961 -22.48 -4.34 -10.65
CA THR A 961 -21.06 -4.55 -10.39
C THR A 961 -20.52 -3.50 -9.44
N LEU A 962 -21.05 -2.27 -9.49
CA LEU A 962 -20.61 -1.26 -8.53
C LEU A 962 -20.89 -1.70 -7.09
N VAL A 963 -22.10 -2.21 -6.84
CA VAL A 963 -22.44 -2.59 -5.47
C VAL A 963 -21.63 -3.82 -5.02
N LYS A 964 -21.50 -4.81 -5.90
CA LYS A 964 -20.65 -5.95 -5.57
C LYS A 964 -19.29 -5.49 -5.11
N GLN A 965 -18.69 -4.54 -5.83
CA GLN A 965 -17.40 -4.01 -5.43
C GLN A 965 -17.46 -3.40 -4.05
N LEU A 966 -18.62 -2.88 -3.65
CA LEU A 966 -18.73 -2.34 -2.30
C LEU A 966 -18.48 -3.39 -1.25
N SER A 967 -18.92 -4.63 -1.49
CA SER A 967 -18.84 -5.64 -0.44
C SER A 967 -17.41 -6.15 -0.22
N SER A 968 -16.56 -6.08 -1.24
CA SER A 968 -15.24 -6.71 -1.12
C SER A 968 -14.32 -5.88 -0.23
N ASN A 969 -13.21 -6.52 0.21
CA ASN A 969 -12.47 -6.00 1.35
C ASN A 969 -11.19 -5.26 0.94
N PHE A 970 -10.68 -5.53 -0.26
CA PHE A 970 -9.61 -4.71 -0.86
C PHE A 970 -8.31 -4.81 -0.08
N GLY A 971 -8.26 -5.73 0.89
CA GLY A 971 -7.08 -5.96 1.68
C GLY A 971 -7.17 -5.34 3.07
N ALA A 972 -7.67 -6.15 3.99
CA ALA A 972 -7.99 -5.70 5.34
C ALA A 972 -8.45 -6.89 6.15
N ILE A 973 -8.63 -6.71 7.45
CA ILE A 973 -9.08 -7.83 8.29
C ILE A 973 -10.56 -8.11 8.06
N SER A 974 -11.33 -7.08 7.73
CA SER A 974 -12.77 -7.15 7.60
C SER A 974 -13.17 -6.14 6.54
N SER A 975 -14.40 -6.25 6.05
CA SER A 975 -14.87 -5.34 5.01
C SER A 975 -15.59 -4.13 5.59
N VAL A 976 -16.53 -4.36 6.51
CA VAL A 976 -17.34 -3.28 7.07
C VAL A 976 -16.49 -2.41 7.98
N LEU A 977 -16.72 -1.10 7.92
CA LEU A 977 -15.85 -0.14 8.59
C LEU A 977 -15.86 -0.32 10.11
N ASN A 978 -17.04 -0.53 10.70
CA ASN A 978 -17.17 -0.42 12.15
C ASN A 978 -16.29 -1.41 12.88
N ASP A 979 -16.11 -2.61 12.32
CA ASP A 979 -15.22 -3.57 12.95
C ASP A 979 -13.80 -3.05 13.03
N ILE A 980 -13.26 -2.57 11.91
CA ILE A 980 -11.91 -2.02 11.94
C ILE A 980 -11.84 -0.86 12.92
N LEU A 981 -12.88 -0.04 12.95
CA LEU A 981 -12.85 1.15 13.81
C LEU A 981 -12.83 0.79 15.29
N SER A 982 -13.94 0.27 15.81
CA SER A 982 -14.06 0.05 17.25
C SER A 982 -13.22 -1.14 17.70
N ARG A 983 -13.07 -2.14 16.83
CA ARG A 983 -12.58 -3.43 17.26
C ARG A 983 -11.10 -3.59 16.95
N LEU A 984 -10.41 -2.46 16.77
CA LEU A 984 -8.95 -2.35 16.80
C LEU A 984 -8.59 -0.99 17.39
N ASP A 985 -7.29 -0.80 17.70
CA ASP A 985 -6.86 0.48 18.24
C ASP A 985 -7.00 1.57 17.19
N PRO A 986 -7.23 2.82 17.59
CA PRO A 986 -7.52 3.88 16.64
C PRO A 986 -6.43 4.06 15.59
N PRO A 987 -5.15 4.16 15.97
CA PRO A 987 -4.15 4.54 14.94
C PRO A 987 -4.01 3.54 13.79
N GLU A 988 -3.70 2.27 14.06
CA GLU A 988 -3.56 1.31 12.97
C GLU A 988 -4.92 0.94 12.36
N ALA A 989 -6.02 1.17 13.08
CA ALA A 989 -7.31 1.12 12.42
C ALA A 989 -7.40 2.18 11.34
N GLU A 990 -6.87 3.37 11.63
CA GLU A 990 -6.80 4.42 10.62
C GLU A 990 -5.97 3.97 9.41
N VAL A 991 -4.90 3.21 9.65
CA VAL A 991 -4.11 2.73 8.51
C VAL A 991 -4.92 1.77 7.64
N GLN A 992 -5.59 0.80 8.26
CA GLN A 992 -6.43 -0.11 7.49
C GLN A 992 -7.53 0.64 6.76
N ILE A 993 -8.13 1.63 7.41
CA ILE A 993 -9.14 2.47 6.78
C ILE A 993 -8.56 3.11 5.53
N ASP A 994 -7.34 3.62 5.61
CA ASP A 994 -6.76 4.33 4.48
C ASP A 994 -6.68 3.43 3.26
N ARG A 995 -6.22 2.19 3.42
CA ARG A 995 -6.12 1.34 2.24
C ARG A 995 -7.50 1.02 1.66
N LEU A 996 -8.47 0.76 2.54
CA LEU A 996 -9.80 0.39 2.06
C LEU A 996 -10.43 1.55 1.30
N ILE A 997 -10.15 2.78 1.72
CA ILE A 997 -10.64 3.96 1.00
C ILE A 997 -10.06 4.03 -0.39
N THR A 998 -8.74 3.80 -0.52
CA THR A 998 -8.14 3.88 -1.84
C THR A 998 -8.81 2.90 -2.81
N GLY A 999 -9.08 1.69 -2.34
CA GLY A 999 -9.74 0.73 -3.21
C GLY A 999 -11.11 1.19 -3.68
N ARG A 1000 -11.96 1.64 -2.76
CA ARG A 1000 -13.31 2.02 -3.16
C ARG A 1000 -13.29 3.21 -4.12
N LEU A 1001 -12.33 4.11 -3.95
CA LEU A 1001 -12.22 5.23 -4.88
C LEU A 1001 -11.91 4.76 -6.29
N GLN A 1002 -11.06 3.74 -6.41
CA GLN A 1002 -10.78 3.20 -7.75
C GLN A 1002 -12.03 2.64 -8.40
N SER A 1003 -12.88 1.96 -7.64
CA SER A 1003 -14.09 1.41 -8.25
C SER A 1003 -14.97 2.51 -8.82
N LEU A 1004 -15.13 3.60 -8.07
CA LEU A 1004 -15.93 4.71 -8.57
C LEU A 1004 -15.31 5.31 -9.84
N GLN A 1005 -13.97 5.33 -9.90
CA GLN A 1005 -13.29 5.82 -11.09
C GLN A 1005 -13.73 5.08 -12.34
N THR A 1006 -13.64 3.74 -12.34
CA THR A 1006 -13.94 3.01 -13.57
C THR A 1006 -15.39 3.17 -13.97
N TYR A 1007 -16.30 3.21 -12.99
CA TYR A 1007 -17.70 3.34 -13.36
C TYR A 1007 -17.95 4.64 -14.10
N VAL A 1008 -17.44 5.77 -13.59
CA VAL A 1008 -17.69 7.03 -14.26
C VAL A 1008 -17.12 7.04 -15.66
N THR A 1009 -15.89 6.55 -15.83
CA THR A 1009 -15.28 6.59 -17.16
C THR A 1009 -16.07 5.75 -18.16
N GLN A 1010 -16.52 4.57 -17.77
CA GLN A 1010 -17.32 3.77 -18.68
C GLN A 1010 -18.57 4.52 -19.10
N GLN A 1011 -19.19 5.24 -18.16
CA GLN A 1011 -20.41 5.96 -18.50
C GLN A 1011 -20.13 7.06 -19.51
N LEU A 1012 -18.98 7.73 -19.41
CA LEU A 1012 -18.69 8.78 -20.37
C LEU A 1012 -18.58 8.24 -21.79
N ILE A 1013 -17.93 7.08 -21.96
CA ILE A 1013 -17.84 6.50 -23.30
C ILE A 1013 -19.22 6.15 -23.83
N ARG A 1014 -20.05 5.50 -23.03
CA ARG A 1014 -21.38 5.11 -23.52
C ARG A 1014 -22.22 6.33 -23.85
N ALA A 1015 -22.09 7.40 -23.07
CA ALA A 1015 -22.87 8.59 -23.37
C ALA A 1015 -22.50 9.16 -24.73
N ALA A 1016 -21.21 9.14 -25.09
CA ALA A 1016 -20.82 9.63 -26.40
C ALA A 1016 -21.45 8.80 -27.52
N GLU A 1017 -21.46 7.48 -27.36
CA GLU A 1017 -22.06 6.64 -28.39
C GLU A 1017 -23.54 6.94 -28.57
N ILE A 1018 -24.27 7.12 -27.47
CA ILE A 1018 -25.70 7.39 -27.59
C ILE A 1018 -25.94 8.74 -28.26
N ARG A 1019 -25.12 9.73 -27.94
CA ARG A 1019 -25.33 11.04 -28.57
C ARG A 1019 -25.14 10.97 -30.07
N ALA A 1020 -24.19 10.16 -30.54
CA ALA A 1020 -24.04 9.99 -31.98
C ALA A 1020 -25.30 9.41 -32.59
N SER A 1021 -25.90 8.42 -31.93
CA SER A 1021 -27.13 7.84 -32.45
C SER A 1021 -28.29 8.84 -32.43
N ALA A 1022 -28.35 9.69 -31.42
CA ALA A 1022 -29.44 10.67 -31.37
C ALA A 1022 -29.35 11.67 -32.49
N ASN A 1023 -28.14 12.12 -32.84
CA ASN A 1023 -27.99 13.04 -33.96
C ASN A 1023 -28.42 12.39 -35.27
N LEU A 1024 -28.09 11.13 -35.46
CA LEU A 1024 -28.55 10.45 -36.67
C LEU A 1024 -30.07 10.38 -36.72
N ALA A 1025 -30.72 10.13 -35.59
CA ALA A 1025 -32.18 10.05 -35.60
C ALA A 1025 -32.81 11.40 -35.92
N ALA A 1026 -32.23 12.48 -35.41
CA ALA A 1026 -32.76 13.80 -35.74
C ALA A 1026 -32.67 14.07 -37.23
N THR A 1027 -31.55 13.73 -37.85
CA THR A 1027 -31.41 13.92 -39.30
C THR A 1027 -32.43 13.11 -40.06
N LYS A 1028 -32.63 11.84 -39.69
CA LYS A 1028 -33.62 11.03 -40.40
C LYS A 1028 -35.00 11.65 -40.26
N MET A 1029 -35.35 12.15 -39.08
CA MET A 1029 -36.63 12.81 -38.89
C MET A 1029 -36.83 13.92 -39.90
N SER A 1030 -35.90 14.87 -39.95
CA SER A 1030 -36.16 16.07 -40.73
C SER A 1030 -36.10 15.78 -42.22
N GLU A 1031 -35.19 14.91 -42.66
CA GLU A 1031 -35.02 14.77 -44.10
C GLU A 1031 -35.98 13.76 -44.70
N CYS A 1032 -36.49 12.81 -43.91
CA CYS A 1032 -37.32 11.77 -44.48
C CYS A 1032 -38.80 11.90 -44.10
N VAL A 1033 -39.12 12.42 -42.92
CA VAL A 1033 -40.53 12.66 -42.61
C VAL A 1033 -40.98 13.99 -43.19
N LEU A 1034 -40.18 15.03 -42.99
CA LEU A 1034 -40.61 16.37 -43.38
C LEU A 1034 -40.47 16.60 -44.88
N GLY A 1035 -39.89 15.66 -45.61
CA GLY A 1035 -39.71 15.83 -47.03
C GLY A 1035 -39.40 14.52 -47.71
N GLN A 1036 -39.28 14.57 -49.03
CA GLN A 1036 -38.87 13.40 -49.79
C GLN A 1036 -37.37 13.38 -49.93
N SER A 1037 -36.78 12.20 -49.96
CA SER A 1037 -35.33 12.05 -49.98
C SER A 1037 -34.88 11.53 -51.34
N LYS A 1038 -33.71 11.98 -51.76
CA LYS A 1038 -33.18 11.55 -53.05
C LYS A 1038 -31.94 10.70 -52.89
N ARG A 1039 -31.26 10.82 -51.76
CA ARG A 1039 -30.03 10.07 -51.53
C ARG A 1039 -30.34 8.61 -51.27
N VAL A 1040 -29.71 7.74 -52.06
CA VAL A 1040 -30.15 6.36 -52.17
C VAL A 1040 -29.87 5.60 -50.89
N ASP A 1041 -30.79 4.75 -50.50
CA ASP A 1041 -30.68 3.76 -49.45
C ASP A 1041 -30.53 4.42 -48.09
N PHE A 1042 -30.74 5.72 -47.98
CA PHE A 1042 -30.81 6.36 -46.67
C PHE A 1042 -32.06 5.94 -45.93
N CYS A 1043 -33.19 5.91 -46.61
CA CYS A 1043 -34.50 5.72 -45.99
C CYS A 1043 -35.21 4.53 -46.63
N GLY A 1044 -34.54 3.39 -46.67
CA GLY A 1044 -35.16 2.13 -47.06
C GLY A 1044 -34.83 1.75 -48.49
N LYS A 1045 -34.85 0.45 -48.75
CA LYS A 1045 -34.58 -0.06 -50.08
C LYS A 1045 -35.68 0.34 -51.06
N GLY A 1046 -35.28 0.69 -52.27
CA GLY A 1046 -36.20 1.17 -53.27
C GLY A 1046 -36.13 2.68 -53.41
N TYR A 1047 -37.11 3.22 -54.12
CA TYR A 1047 -37.26 4.66 -54.27
C TYR A 1047 -38.20 5.15 -53.18
N HIS A 1048 -37.85 6.27 -52.56
CA HIS A 1048 -38.55 6.69 -51.35
C HIS A 1048 -39.82 7.46 -51.67
N LEU A 1049 -40.85 7.28 -50.85
CA LEU A 1049 -42.10 8.00 -51.00
C LEU A 1049 -42.50 8.80 -49.78
N MET A 1050 -42.51 8.21 -48.59
CA MET A 1050 -42.83 8.96 -47.39
C MET A 1050 -42.44 8.11 -46.19
N SER A 1051 -42.60 8.67 -44.98
CA SER A 1051 -42.23 7.94 -43.74
C SER A 1051 -43.18 8.31 -42.59
N PHE A 1052 -43.42 7.39 -41.66
CA PHE A 1052 -44.30 7.67 -40.50
C PHE A 1052 -43.53 7.48 -39.19
N PRO A 1053 -43.49 8.48 -38.28
CA PRO A 1053 -42.83 8.33 -36.98
C PRO A 1053 -43.66 7.57 -35.92
N GLN A 1054 -43.01 6.68 -35.16
CA GLN A 1054 -43.71 5.94 -34.07
C GLN A 1054 -42.84 6.04 -32.81
N SER A 1055 -43.46 6.10 -31.63
CA SER A 1055 -42.67 6.28 -30.36
C SER A 1055 -42.30 4.93 -29.75
N ALA A 1056 -41.44 4.93 -28.73
CA ALA A 1056 -40.98 3.70 -28.10
C ALA A 1056 -40.38 4.09 -26.76
N PRO A 1057 -40.09 3.12 -25.88
CA PRO A 1057 -39.62 3.49 -24.54
C PRO A 1057 -38.41 4.39 -24.52
N HIS A 1058 -37.27 3.97 -25.07
CA HIS A 1058 -36.09 4.82 -25.09
C HIS A 1058 -35.61 5.13 -26.49
N GLY A 1059 -36.52 5.25 -27.46
CA GLY A 1059 -36.09 5.39 -28.84
C GLY A 1059 -37.23 5.84 -29.72
N VAL A 1060 -37.06 5.64 -31.02
CA VAL A 1060 -38.05 6.01 -32.03
C VAL A 1060 -38.01 4.96 -33.12
N VAL A 1061 -39.13 4.76 -33.80
CA VAL A 1061 -39.27 3.75 -34.83
C VAL A 1061 -39.86 4.38 -36.07
N PHE A 1062 -39.27 4.10 -37.23
CA PHE A 1062 -39.71 4.67 -38.50
C PHE A 1062 -40.36 3.60 -39.34
N LEU A 1063 -41.25 3.99 -40.24
CA LEU A 1063 -41.85 3.08 -41.21
C LEU A 1063 -41.72 3.68 -42.59
N HIS A 1064 -40.73 3.24 -43.35
CA HIS A 1064 -40.43 3.82 -44.66
C HIS A 1064 -41.31 3.17 -45.72
N VAL A 1065 -41.94 3.99 -46.56
CA VAL A 1065 -42.76 3.49 -47.66
C VAL A 1065 -42.02 3.71 -48.96
N THR A 1066 -41.87 2.65 -49.75
CA THR A 1066 -41.03 2.69 -50.94
C THR A 1066 -41.75 2.09 -52.13
N TYR A 1067 -41.13 2.22 -53.30
CA TYR A 1067 -41.68 1.77 -54.57
C TYR A 1067 -40.67 0.88 -55.27
N VAL A 1068 -41.05 -0.37 -55.54
CA VAL A 1068 -40.14 -1.39 -56.05
C VAL A 1068 -40.71 -1.95 -57.34
N PRO A 1069 -39.99 -1.86 -58.46
CA PRO A 1069 -40.53 -2.37 -59.72
C PRO A 1069 -40.44 -3.89 -59.83
N ALA A 1070 -41.23 -4.46 -60.73
CA ALA A 1070 -41.25 -5.91 -60.91
C ALA A 1070 -41.84 -6.28 -62.26
N GLN A 1071 -41.69 -7.55 -62.62
CA GLN A 1071 -42.23 -8.11 -63.86
C GLN A 1071 -41.68 -7.42 -65.09
N GLU A 1072 -40.38 -7.60 -65.33
CA GLU A 1072 -39.74 -6.94 -66.46
C GLU A 1072 -39.82 -7.78 -67.73
N LYS A 1073 -39.87 -7.09 -68.87
CA LYS A 1073 -39.89 -7.70 -70.18
C LYS A 1073 -38.86 -6.98 -71.05
N ASN A 1074 -38.12 -7.71 -71.85
CA ASN A 1074 -36.93 -7.18 -72.50
C ASN A 1074 -37.15 -7.01 -74.00
N PHE A 1075 -36.54 -5.98 -74.57
CA PHE A 1075 -36.67 -5.64 -75.97
C PHE A 1075 -35.32 -5.30 -76.57
N THR A 1076 -35.36 -4.75 -77.77
CA THR A 1076 -34.14 -4.24 -78.39
C THR A 1076 -34.27 -2.74 -78.64
N THR A 1077 -33.17 -2.01 -78.48
CA THR A 1077 -33.21 -0.57 -78.62
C THR A 1077 -32.09 -0.08 -79.53
N ALA A 1078 -32.14 1.21 -79.81
CA ALA A 1078 -31.19 1.94 -80.62
C ALA A 1078 -31.02 3.35 -80.08
N PRO A 1079 -29.85 3.93 -80.25
CA PRO A 1079 -29.63 5.30 -79.75
C PRO A 1079 -30.45 6.37 -80.44
N ALA A 1080 -30.48 6.41 -81.76
CA ALA A 1080 -31.13 7.50 -82.48
C ALA A 1080 -31.86 6.96 -83.69
N ILE A 1081 -32.78 7.77 -84.21
CA ILE A 1081 -33.59 7.42 -85.39
C ILE A 1081 -33.20 8.34 -86.53
N CYS A 1082 -32.86 7.76 -87.68
CA CYS A 1082 -32.45 8.52 -88.85
C CYS A 1082 -33.61 8.63 -89.81
N HIS A 1083 -34.11 9.85 -90.01
CA HIS A 1083 -35.23 10.11 -90.89
C HIS A 1083 -34.94 11.37 -91.69
N ASP A 1084 -35.11 11.30 -93.00
CA ASP A 1084 -34.96 12.45 -93.88
C ASP A 1084 -33.56 13.05 -93.78
N GLY A 1085 -32.57 12.22 -93.49
CA GLY A 1085 -31.22 12.72 -93.39
C GLY A 1085 -30.92 13.50 -92.13
N LYS A 1086 -31.78 13.44 -91.12
CA LYS A 1086 -31.55 14.11 -89.85
C LYS A 1086 -31.72 13.12 -88.71
N ALA A 1087 -30.91 13.26 -87.67
CA ALA A 1087 -31.03 12.38 -86.51
C ALA A 1087 -32.03 12.94 -85.52
N HIS A 1088 -32.74 12.04 -84.84
CA HIS A 1088 -33.71 12.42 -83.82
C HIS A 1088 -33.35 11.73 -82.51
N PHE A 1089 -33.29 12.50 -81.42
CA PHE A 1089 -33.08 11.97 -80.09
C PHE A 1089 -34.33 12.19 -79.26
N PRO A 1090 -34.63 11.33 -78.29
CA PRO A 1090 -35.83 11.53 -77.47
C PRO A 1090 -35.58 12.55 -76.37
N ARG A 1091 -36.62 13.27 -75.96
CA ARG A 1091 -36.46 14.24 -74.85
C ARG A 1091 -36.37 13.46 -73.54
N GLU A 1092 -37.37 12.63 -73.22
CA GLU A 1092 -37.35 11.79 -72.05
C GLU A 1092 -37.79 10.39 -72.46
N GLY A 1093 -37.09 9.40 -71.97
CA GLY A 1093 -37.40 8.06 -72.38
C GLY A 1093 -36.46 7.54 -73.43
N VAL A 1094 -36.70 6.30 -73.81
CA VAL A 1094 -35.76 5.55 -74.62
C VAL A 1094 -36.51 4.83 -75.73
N PHE A 1095 -35.90 4.78 -76.92
CA PHE A 1095 -36.50 4.08 -78.03
C PHE A 1095 -36.56 2.58 -77.73
N VAL A 1096 -37.57 1.92 -78.27
CA VAL A 1096 -37.79 0.51 -77.98
C VAL A 1096 -38.61 -0.08 -79.12
N SER A 1097 -38.40 -1.37 -79.41
CA SER A 1097 -38.97 -2.01 -80.59
C SER A 1097 -39.38 -3.44 -80.30
N ASN A 1098 -40.64 -3.77 -80.55
CA ASN A 1098 -41.11 -5.15 -80.51
C ASN A 1098 -41.15 -5.66 -81.94
N GLY A 1099 -40.34 -6.67 -82.23
CA GLY A 1099 -40.38 -7.24 -83.57
C GLY A 1099 -40.04 -6.20 -84.62
N THR A 1100 -41.07 -5.71 -85.30
CA THR A 1100 -40.86 -4.79 -86.42
C THR A 1100 -41.07 -3.34 -86.02
N HIS A 1101 -42.08 -3.07 -85.20
CA HIS A 1101 -42.46 -1.68 -84.94
C HIS A 1101 -41.47 -0.99 -84.01
N TRP A 1102 -41.60 0.33 -83.89
CA TRP A 1102 -40.76 1.13 -83.03
C TRP A 1102 -41.64 2.03 -82.17
N PHE A 1103 -41.16 2.38 -80.98
CA PHE A 1103 -41.97 3.13 -80.03
C PHE A 1103 -41.07 3.93 -79.11
N VAL A 1104 -41.71 4.75 -78.28
CA VAL A 1104 -41.03 5.56 -77.27
C VAL A 1104 -41.74 5.33 -75.94
N THR A 1105 -40.98 5.11 -74.87
CA THR A 1105 -41.55 4.90 -73.55
C THR A 1105 -40.62 5.48 -72.51
N GLN A 1106 -41.18 5.82 -71.34
CA GLN A 1106 -40.33 6.32 -70.28
C GLN A 1106 -39.66 5.16 -69.55
N ARG A 1107 -38.62 5.48 -68.78
CA ARG A 1107 -37.68 4.46 -68.38
C ARG A 1107 -38.28 3.47 -67.38
N ASN A 1108 -39.15 3.94 -66.50
CA ASN A 1108 -39.45 3.15 -65.30
C ASN A 1108 -40.78 2.42 -65.41
N PHE A 1109 -41.54 2.66 -66.47
CA PHE A 1109 -42.81 1.99 -66.67
C PHE A 1109 -43.00 1.76 -68.16
N TYR A 1110 -43.67 0.68 -68.52
CA TYR A 1110 -43.86 0.36 -69.92
C TYR A 1110 -45.13 1.04 -70.43
N GLU A 1111 -44.96 1.99 -71.33
CA GLU A 1111 -46.08 2.76 -71.88
C GLU A 1111 -45.70 3.25 -73.27
N PRO A 1112 -45.84 2.39 -74.29
CA PRO A 1112 -45.37 2.76 -75.63
C PRO A 1112 -46.18 3.89 -76.22
N GLN A 1113 -45.53 4.67 -77.08
CA GLN A 1113 -46.10 5.83 -77.72
C GLN A 1113 -45.64 5.90 -79.16
N ILE A 1114 -46.43 6.58 -80.00
CA ILE A 1114 -46.05 6.75 -81.39
C ILE A 1114 -45.00 7.84 -81.51
N ILE A 1115 -43.93 7.55 -82.26
CA ILE A 1115 -42.87 8.53 -82.44
C ILE A 1115 -43.42 9.74 -83.19
N THR A 1116 -43.15 10.92 -82.67
CA THR A 1116 -43.67 12.16 -83.24
C THR A 1116 -42.55 13.19 -83.22
N THR A 1117 -42.65 14.18 -84.11
CA THR A 1117 -41.59 15.18 -84.21
C THR A 1117 -41.61 16.12 -83.02
N ASP A 1118 -42.65 16.04 -82.19
CA ASP A 1118 -42.73 16.96 -81.06
C ASP A 1118 -42.04 16.42 -79.82
N ASN A 1119 -42.08 15.11 -79.60
CA ASN A 1119 -41.49 14.58 -78.38
C ASN A 1119 -40.05 14.13 -78.59
N THR A 1120 -39.48 14.43 -79.76
CA THR A 1120 -38.07 14.15 -80.04
C THR A 1120 -37.43 15.38 -80.66
N PHE A 1121 -36.23 15.73 -80.21
CA PHE A 1121 -35.54 16.87 -80.80
C PHE A 1121 -34.46 16.39 -81.76
N VAL A 1122 -33.97 17.32 -82.58
CA VAL A 1122 -33.07 17.01 -83.68
C VAL A 1122 -31.75 17.74 -83.42
N SER A 1123 -30.64 17.05 -83.65
CA SER A 1123 -29.34 17.64 -83.36
C SER A 1123 -28.52 17.85 -84.63
N GLY A 1124 -28.25 16.78 -85.37
CA GLY A 1124 -27.37 16.89 -86.52
C GLY A 1124 -27.73 15.86 -87.57
N ASN A 1125 -26.84 15.69 -88.53
CA ASN A 1125 -27.09 14.78 -89.64
C ASN A 1125 -26.83 13.34 -89.24
N CYS A 1126 -26.94 12.44 -90.22
CA CYS A 1126 -27.06 11.02 -89.93
C CYS A 1126 -25.71 10.31 -89.84
N ASP A 1127 -24.61 11.03 -90.07
CA ASP A 1127 -23.34 10.36 -90.31
C ASP A 1127 -22.60 10.04 -89.01
N VAL A 1128 -22.62 10.96 -88.06
CA VAL A 1128 -21.63 10.94 -86.97
C VAL A 1128 -21.95 9.88 -85.93
N VAL A 1129 -23.23 9.58 -85.72
CA VAL A 1129 -23.59 8.70 -84.62
C VAL A 1129 -23.28 7.25 -84.99
N ILE A 1130 -23.21 6.38 -83.98
CA ILE A 1130 -22.94 4.97 -84.16
C ILE A 1130 -24.16 4.17 -83.73
N GLY A 1131 -24.54 3.19 -84.53
CA GLY A 1131 -25.64 2.33 -84.17
C GLY A 1131 -27.01 2.90 -84.50
N ILE A 1132 -27.07 4.01 -85.23
CA ILE A 1132 -28.35 4.61 -85.55
C ILE A 1132 -29.08 3.74 -86.57
N VAL A 1133 -30.39 3.64 -86.43
CA VAL A 1133 -31.20 2.76 -87.27
C VAL A 1133 -32.08 3.61 -88.16
N ASN A 1134 -32.60 3.04 -89.24
CA ASN A 1134 -33.41 3.84 -90.21
C ASN A 1134 -34.90 3.65 -89.93
N ASN A 1135 -35.58 4.71 -89.49
CA ASN A 1135 -37.05 4.65 -89.23
C ASN A 1135 -37.69 5.99 -89.65
N THR A 1136 -38.99 6.01 -89.94
CA THR A 1136 -39.68 7.24 -90.40
C THR A 1136 -40.38 7.91 -89.22
N VAL A 1137 -40.24 9.22 -89.07
CA VAL A 1137 -40.85 9.96 -87.92
C VAL A 1137 -42.15 10.64 -88.36
N TYR A 1138 -43.25 10.38 -87.64
CA TYR A 1138 -44.56 11.03 -87.94
C TYR A 1138 -44.38 12.54 -88.09
N ASP A 1139 -44.71 13.07 -89.27
CA ASP A 1139 -44.59 14.52 -89.54
C ASP A 1139 -45.68 15.25 -88.75
N PRO A 1140 -45.53 16.56 -88.44
CA PRO A 1140 -46.51 17.27 -87.60
C PRO A 1140 -47.89 17.42 -88.25
N LEU A 1141 -48.90 17.81 -87.46
CA LEU A 1141 -50.29 17.87 -87.99
C LEU A 1141 -50.46 18.99 -89.02
N GLN A 1142 -49.75 20.11 -88.90
CA GLN A 1142 -49.98 21.26 -89.83
C GLN A 1142 -49.80 20.79 -91.29
N PRO A 1143 -48.66 20.19 -91.75
CA PRO A 1143 -48.55 19.76 -93.15
C PRO A 1143 -49.63 18.73 -93.52
N GLU A 1144 -49.95 17.82 -92.60
CA GLU A 1144 -50.97 16.77 -92.86
C GLU A 1144 -52.33 17.44 -93.08
N LEU A 1145 -52.66 18.46 -92.27
CA LEU A 1145 -53.98 19.12 -92.38
C LEU A 1145 -53.91 20.23 -93.43
N ASP A 1146 -53.86 19.86 -94.72
CA ASP A 1146 -53.83 20.87 -95.81
C ASP A 1146 -55.07 20.67 -96.70
N SER A 1147 -55.80 21.75 -96.98
CA SER A 1147 -57.03 21.64 -97.82
C SER A 1147 -56.65 21.29 -99.26
N PRO B 26 -33.04 42.45 28.68
CA PRO B 26 -31.70 43.05 28.70
C PRO B 26 -31.40 43.89 27.46
N ALA B 27 -32.46 44.30 26.74
CA ALA B 27 -32.34 45.15 25.56
C ALA B 27 -31.49 44.48 24.47
N TYR B 28 -31.96 43.35 23.97
CA TYR B 28 -31.26 42.67 22.89
C TYR B 28 -31.29 43.51 21.62
N THR B 29 -30.30 43.29 20.75
CA THR B 29 -30.21 43.99 19.49
C THR B 29 -29.64 43.05 18.44
N ASN B 30 -29.90 43.35 17.17
CA ASN B 30 -29.40 42.56 16.05
C ASN B 30 -28.19 43.23 15.43
N SER B 31 -27.16 42.44 15.08
CA SER B 31 -25.98 42.99 14.35
C SER B 31 -26.13 42.69 12.86
N PHE B 32 -26.54 43.67 12.05
CA PHE B 32 -26.86 43.42 10.61
C PHE B 32 -25.66 42.97 9.75
N THR B 33 -24.50 43.62 9.85
CA THR B 33 -23.35 43.29 8.96
C THR B 33 -22.05 43.51 9.73
N ARG B 34 -22.07 44.42 10.70
CA ARG B 34 -20.90 44.70 11.59
C ARG B 34 -20.28 43.38 12.07
N GLY B 35 -18.94 43.33 12.17
CA GLY B 35 -18.26 42.12 12.69
C GLY B 35 -17.50 41.37 11.62
N VAL B 36 -16.33 41.89 11.20
CA VAL B 36 -15.52 41.24 10.18
C VAL B 36 -14.11 41.80 10.28
N TYR B 37 -13.11 40.95 10.04
CA TYR B 37 -11.73 41.34 10.26
C TYR B 37 -10.83 40.62 9.29
N TYR B 38 -9.70 41.24 8.97
CA TYR B 38 -8.75 40.66 8.06
C TYR B 38 -8.20 39.37 8.65
N PRO B 39 -8.49 38.16 8.10
CA PRO B 39 -8.01 36.93 8.75
C PRO B 39 -6.49 36.75 8.62
N ASP B 40 -5.88 37.27 7.55
CA ASP B 40 -4.42 37.09 7.33
C ASP B 40 -3.82 38.36 6.72
N LYS B 41 -2.51 38.57 6.89
CA LYS B 41 -1.82 39.76 6.31
C LYS B 41 -1.44 39.45 4.85
N VAL B 42 -2.37 38.88 4.08
CA VAL B 42 -2.10 38.56 2.68
C VAL B 42 -2.75 39.60 1.79
N PHE B 43 -2.09 39.94 0.69
CA PHE B 43 -2.59 40.93 -0.25
C PHE B 43 -3.23 40.24 -1.44
N ARG B 44 -4.51 40.52 -1.66
CA ARG B 44 -5.24 39.99 -2.80
C ARG B 44 -6.03 41.11 -3.45
N SER B 45 -6.04 41.15 -4.78
CA SER B 45 -6.59 42.27 -5.53
C SER B 45 -7.73 41.79 -6.41
N SER B 46 -8.91 42.39 -6.24
CA SER B 46 -10.06 42.20 -7.13
C SER B 46 -10.39 40.72 -7.35
N VAL B 47 -10.45 39.97 -6.26
CA VAL B 47 -10.83 38.57 -6.31
C VAL B 47 -11.85 38.31 -5.22
N LEU B 48 -12.55 37.19 -5.34
CA LEU B 48 -13.48 36.75 -4.32
C LEU B 48 -12.92 35.50 -3.67
N HIS B 49 -12.78 35.52 -2.34
CA HIS B 49 -12.12 34.45 -1.62
C HIS B 49 -13.02 33.97 -0.49
N SER B 50 -12.90 32.70 -0.14
CA SER B 50 -13.69 32.12 0.93
C SER B 50 -12.77 31.61 2.03
N THR B 51 -13.02 32.02 3.27
CA THR B 51 -12.26 31.59 4.43
C THR B 51 -13.23 31.01 5.44
N GLN B 52 -12.71 30.21 6.36
CA GLN B 52 -13.54 29.53 7.34
C GLN B 52 -12.88 29.65 8.72
N ASP B 53 -13.23 30.70 9.45
CA ASP B 53 -12.67 30.92 10.78
C ASP B 53 -13.79 31.31 11.73
N LEU B 54 -13.39 31.71 12.93
CA LEU B 54 -14.34 32.20 13.91
C LEU B 54 -14.83 33.58 13.50
N PHE B 55 -16.15 33.76 13.51
CA PHE B 55 -16.75 34.97 12.96
C PHE B 55 -18.03 35.27 13.72
N LEU B 56 -18.46 36.52 13.63
CA LEU B 56 -19.72 36.93 14.25
C LEU B 56 -20.87 36.73 13.27
N PRO B 57 -21.78 35.81 13.53
CA PRO B 57 -22.86 35.55 12.56
C PRO B 57 -23.70 36.80 12.32
N PHE B 58 -24.12 36.97 11.07
CA PHE B 58 -24.97 38.10 10.73
C PHE B 58 -26.32 37.99 11.43
N PHE B 59 -26.88 39.15 11.77
CA PHE B 59 -28.22 39.23 12.36
C PHE B 59 -28.34 38.41 13.64
N SER B 60 -27.29 38.40 14.45
CA SER B 60 -27.35 37.73 15.75
C SER B 60 -27.87 38.69 16.81
N ASN B 61 -28.31 38.14 17.92
CA ASN B 61 -28.77 38.95 19.04
C ASN B 61 -27.60 39.34 19.93
N VAL B 62 -27.42 40.64 20.13
CA VAL B 62 -26.31 41.18 20.92
C VAL B 62 -26.90 41.94 22.09
N THR B 63 -26.29 41.78 23.27
CA THR B 63 -26.81 42.41 24.48
C THR B 63 -26.35 43.86 24.57
N TRP B 64 -27.21 44.69 25.15
CA TRP B 64 -26.94 46.11 25.32
C TRP B 64 -27.02 46.46 26.80
N PHE B 65 -25.95 47.03 27.35
CA PHE B 65 -25.95 47.44 28.74
C PHE B 65 -25.58 48.91 28.81
N HIS B 66 -26.21 49.63 29.73
CA HIS B 66 -25.88 51.04 29.96
C HIS B 66 -25.86 51.33 31.46
N ASP B 80 -20.06 48.66 38.29
CA ASP B 80 -21.48 48.24 38.18
C ASP B 80 -21.68 47.46 36.87
N ASN B 81 -20.63 46.78 36.40
CA ASN B 81 -20.73 45.98 35.14
C ASN B 81 -20.60 44.49 35.46
N PRO B 82 -21.58 43.64 35.07
CA PRO B 82 -21.55 42.21 35.40
C PRO B 82 -20.44 41.44 34.66
N VAL B 83 -19.81 40.48 35.34
CA VAL B 83 -18.76 39.63 34.68
C VAL B 83 -19.44 38.76 33.61
N LEU B 84 -18.76 38.55 32.49
CA LEU B 84 -19.33 37.73 31.38
C LEU B 84 -18.31 36.65 30.98
N PRO B 85 -18.68 35.38 30.65
CA PRO B 85 -17.65 34.40 30.25
C PRO B 85 -17.06 34.70 28.88
N PHE B 86 -15.92 34.05 28.57
CA PHE B 86 -15.17 34.40 27.37
C PHE B 86 -15.74 33.71 26.13
N ASN B 87 -15.71 32.37 26.10
CA ASN B 87 -16.30 31.59 25.00
C ASN B 87 -15.73 31.99 23.64
N ASP B 88 -14.42 31.77 23.48
CA ASP B 88 -13.77 31.84 22.17
C ASP B 88 -13.92 33.21 21.52
N GLY B 89 -13.59 34.25 22.26
CA GLY B 89 -13.57 35.56 21.63
C GLY B 89 -14.86 36.31 21.91
N VAL B 90 -14.77 37.64 21.90
CA VAL B 90 -15.92 38.50 22.13
C VAL B 90 -15.84 39.66 21.16
N TYR B 91 -16.99 40.18 20.78
CA TYR B 91 -17.08 41.37 19.96
C TYR B 91 -17.43 42.55 20.86
N PHE B 92 -16.53 43.52 20.93
CA PHE B 92 -16.70 44.67 21.83
C PHE B 92 -16.88 45.92 21.01
N ALA B 93 -17.98 46.62 21.23
CA ALA B 93 -18.24 47.91 20.58
C ALA B 93 -18.71 48.91 21.62
N SER B 94 -18.19 50.13 21.53
CA SER B 94 -18.55 51.20 22.44
C SER B 94 -19.28 52.28 21.68
N THR B 95 -20.09 53.07 22.38
CA THR B 95 -20.84 54.13 21.75
C THR B 95 -19.91 55.21 21.23
N GLU B 96 -20.47 56.21 20.54
CA GLU B 96 -19.65 57.36 20.07
C GLU B 96 -19.53 58.37 21.22
N LYS B 97 -19.27 57.90 22.44
CA LYS B 97 -19.23 58.80 23.63
C LYS B 97 -18.62 58.04 24.81
N SER B 98 -18.86 58.50 26.05
CA SER B 98 -18.37 57.82 27.27
C SER B 98 -16.84 57.68 27.27
N ASN B 99 -16.12 58.73 26.89
CA ASN B 99 -14.63 58.72 26.93
C ASN B 99 -14.15 58.32 28.32
N ILE B 100 -15.01 58.42 29.34
CA ILE B 100 -14.64 57.99 30.72
C ILE B 100 -13.95 56.62 30.70
N ILE B 101 -14.36 55.71 29.81
CA ILE B 101 -13.78 54.32 29.81
C ILE B 101 -12.26 54.40 29.67
N ARG B 102 -11.53 53.65 30.51
CA ARG B 102 -10.04 53.69 30.48
C ARG B 102 -9.45 52.34 30.04
N GLY B 103 -10.22 51.25 30.15
CA GLY B 103 -9.65 49.92 29.82
C GLY B 103 -10.46 48.78 30.43
N TRP B 104 -9.92 47.56 30.41
CA TRP B 104 -10.65 46.41 30.93
C TRP B 104 -9.67 45.36 31.43
N ILE B 105 -10.11 44.57 32.39
CA ILE B 105 -9.30 43.52 33.01
C ILE B 105 -9.89 42.21 32.53
N PHE B 106 -9.04 41.30 32.05
CA PHE B 106 -9.57 39.99 31.72
C PHE B 106 -9.74 39.14 32.97
N GLY B 107 -8.65 38.86 33.67
CA GLY B 107 -8.76 38.22 34.97
C GLY B 107 -9.49 36.90 35.00
N THR B 108 -8.91 35.84 34.45
CA THR B 108 -9.53 34.51 34.32
C THR B 108 -10.21 34.14 35.63
N THR B 109 -9.51 34.02 36.75
CA THR B 109 -10.17 33.77 38.02
C THR B 109 -9.92 34.87 39.03
N LEU B 110 -9.18 35.90 38.66
CA LEU B 110 -8.95 37.08 39.50
C LEU B 110 -8.34 36.66 40.85
N ASP B 111 -7.55 35.60 40.82
CA ASP B 111 -6.99 35.02 42.03
C ASP B 111 -5.47 35.16 42.03
N SER B 112 -4.85 34.80 43.16
CA SER B 112 -3.36 34.83 43.21
C SER B 112 -2.80 33.65 42.40
N LYS B 113 -3.49 32.51 42.41
CA LYS B 113 -2.97 31.28 41.74
C LYS B 113 -2.85 31.46 40.22
N THR B 114 -3.84 32.07 39.56
CA THR B 114 -3.82 32.18 38.07
C THR B 114 -3.42 33.60 37.66
N GLN B 115 -2.68 33.76 36.56
CA GLN B 115 -2.21 35.13 36.21
C GLN B 115 -3.37 35.88 35.52
N SER B 116 -3.29 37.21 35.45
CA SER B 116 -4.39 37.98 34.88
C SER B 116 -3.86 39.11 34.02
N LEU B 117 -4.60 39.45 32.96
CA LEU B 117 -4.19 40.53 32.07
C LEU B 117 -4.96 41.79 32.38
N LEU B 118 -4.26 42.93 32.39
CA LEU B 118 -4.85 44.22 32.62
C LEU B 118 -4.39 45.18 31.54
N ILE B 119 -5.30 46.02 31.06
CA ILE B 119 -5.02 47.03 30.06
C ILE B 119 -5.62 48.34 30.55
N VAL B 120 -4.88 49.43 30.42
CA VAL B 120 -5.32 50.73 30.91
C VAL B 120 -4.82 51.80 29.94
N ASN B 121 -5.64 52.82 29.72
CA ASN B 121 -5.28 53.97 28.90
C ASN B 121 -5.25 55.20 29.79
N ASN B 122 -4.06 55.75 30.00
CA ASN B 122 -3.90 56.98 30.76
C ASN B 122 -3.64 58.19 29.86
N ALA B 123 -4.16 58.19 28.64
CA ALA B 123 -4.16 59.28 27.67
C ALA B 123 -2.77 59.58 27.12
N THR B 124 -1.73 58.85 27.52
CA THR B 124 -0.41 59.03 26.94
C THR B 124 0.18 57.76 26.34
N ASN B 125 -0.04 56.60 26.97
CA ASN B 125 0.40 55.33 26.40
C ASN B 125 -0.22 54.18 27.20
N VAL B 126 -0.40 53.06 26.52
CA VAL B 126 -1.12 51.91 27.05
C VAL B 126 -0.18 51.15 28.00
N VAL B 127 -0.75 50.47 28.98
CA VAL B 127 0.02 49.64 29.91
C VAL B 127 -0.61 48.26 29.99
N ILE B 128 0.21 47.22 29.83
CA ILE B 128 -0.30 45.82 29.89
C ILE B 128 0.44 45.10 31.04
N LYS B 129 -0.30 44.66 32.07
CA LYS B 129 0.32 43.99 33.23
C LYS B 129 -0.19 42.55 33.33
N VAL B 130 0.72 41.57 33.42
CA VAL B 130 0.32 40.14 33.54
C VAL B 130 0.45 39.73 35.01
N CYS B 131 0.74 40.68 35.90
CA CYS B 131 0.82 40.37 37.36
C CYS B 131 -0.55 39.88 37.84
N GLU B 132 -0.57 38.84 38.69
CA GLU B 132 -1.85 38.30 39.21
C GLU B 132 -2.45 39.31 40.20
N PHE B 133 -3.74 39.65 40.03
CA PHE B 133 -4.39 40.62 40.94
C PHE B 133 -5.44 39.92 41.80
N GLN B 134 -5.55 40.30 43.07
CA GLN B 134 -6.57 39.71 43.99
C GLN B 134 -7.98 40.08 43.51
N PHE B 135 -8.98 39.32 43.96
CA PHE B 135 -10.38 39.55 43.50
C PHE B 135 -10.84 40.93 43.95
N CYS B 136 -11.52 41.66 43.05
CA CYS B 136 -12.08 43.00 43.41
C CYS B 136 -13.60 42.95 43.30
N ASN B 137 -14.30 43.37 44.35
CA ASN B 137 -15.80 43.30 44.34
C ASN B 137 -16.36 44.27 43.30
N ASP B 138 -15.90 45.52 43.30
CA ASP B 138 -16.43 46.53 42.37
C ASP B 138 -15.38 47.63 42.20
N PRO B 139 -14.33 47.36 41.41
CA PRO B 139 -13.30 48.38 41.20
C PRO B 139 -13.83 49.55 40.40
N PHE B 140 -13.29 50.74 40.69
CA PHE B 140 -13.74 51.96 40.05
C PHE B 140 -12.54 52.82 39.71
N LEU B 141 -12.52 53.31 38.49
CA LEU B 141 -11.43 54.17 38.04
C LEU B 141 -11.98 55.49 37.51
N MET B 153 -10.60 64.05 38.67
CA MET B 153 -12.04 64.10 38.89
C MET B 153 -12.43 62.92 39.79
N GLU B 154 -12.71 61.75 39.22
CA GLU B 154 -12.76 60.55 40.05
C GLU B 154 -11.36 60.07 40.41
N SER B 155 -11.31 59.25 41.47
CA SER B 155 -10.06 58.69 41.96
C SER B 155 -9.52 57.67 40.96
N GLU B 156 -8.22 57.43 41.03
CA GLU B 156 -7.56 56.49 40.14
C GLU B 156 -6.69 55.53 40.95
N PHE B 157 -6.52 54.33 40.39
CA PHE B 157 -5.60 53.26 40.81
C PHE B 157 -6.07 52.48 42.04
N ARG B 158 -7.35 52.49 42.42
CA ARG B 158 -7.74 51.72 43.60
C ARG B 158 -8.05 50.27 43.23
N VAL B 159 -8.15 49.96 41.94
CA VAL B 159 -8.28 48.57 41.56
C VAL B 159 -7.03 47.80 41.97
N TYR B 160 -5.93 48.53 42.20
CA TYR B 160 -4.71 47.84 42.61
C TYR B 160 -4.84 47.30 44.03
N SER B 161 -4.51 46.02 44.18
CA SER B 161 -4.48 45.36 45.47
C SER B 161 -3.08 44.86 45.82
N SER B 162 -2.47 44.10 44.91
CA SER B 162 -1.15 43.52 45.13
C SER B 162 -0.59 42.97 43.81
N ALA B 163 0.60 43.43 43.44
CA ALA B 163 1.16 43.18 42.10
C ALA B 163 2.39 42.30 42.10
N ASN B 164 2.35 41.16 42.76
CA ASN B 164 3.52 40.29 42.81
C ASN B 164 3.69 39.47 41.53
N ASN B 165 4.95 39.17 41.20
CA ASN B 165 5.26 38.30 40.03
C ASN B 165 4.68 38.83 38.72
N CYS B 166 5.39 39.75 38.07
CA CYS B 166 4.94 40.22 36.73
C CYS B 166 5.87 39.58 35.71
N THR B 167 5.34 38.74 34.82
CA THR B 167 6.22 38.00 33.87
C THR B 167 6.42 38.83 32.61
N PHE B 168 5.34 39.27 31.97
CA PHE B 168 5.45 40.03 30.72
C PHE B 168 5.16 41.50 30.96
N GLU B 169 6.00 42.35 30.37
CA GLU B 169 5.93 43.81 30.48
C GLU B 169 5.75 44.42 29.09
N TYR B 170 4.91 45.46 28.96
CA TYR B 170 4.74 46.08 27.65
C TYR B 170 4.12 47.46 27.80
N VAL B 171 4.53 48.40 26.94
CA VAL B 171 3.92 49.72 26.80
C VAL B 171 3.90 50.11 25.32
N SER B 172 2.82 50.73 24.86
CA SER B 172 2.69 51.08 23.41
C SER B 172 1.89 52.38 23.24
N GLN B 173 1.63 52.78 22.00
CA GLN B 173 0.87 54.03 21.71
C GLN B 173 -0.57 53.88 22.23
N PRO B 174 -1.21 54.95 22.77
CA PRO B 174 -2.55 54.84 23.35
C PRO B 174 -3.62 54.48 22.31
N PHE B 175 -4.56 53.61 22.68
CA PHE B 175 -5.66 53.24 21.75
C PHE B 175 -6.51 54.48 21.46
N LEU B 176 -6.75 55.31 22.48
CA LEU B 176 -7.56 56.54 22.30
C LEU B 176 -7.05 57.32 21.08
N ARG B 190 -16.43 52.60 18.06
CA ARG B 190 -15.15 51.84 18.16
C ARG B 190 -15.48 50.35 18.22
N GLU B 191 -14.84 49.54 17.35
CA GLU B 191 -15.14 48.09 17.31
C GLU B 191 -13.87 47.30 17.66
N PHE B 192 -13.91 46.52 18.75
CA PHE B 192 -12.75 45.76 19.18
C PHE B 192 -13.08 44.28 19.14
N VAL B 193 -12.09 43.46 18.82
CA VAL B 193 -12.23 42.01 18.80
C VAL B 193 -11.04 41.40 19.51
N PHE B 194 -11.30 40.49 20.44
CA PHE B 194 -10.25 39.81 21.19
C PHE B 194 -10.41 38.31 21.01
N LYS B 195 -9.31 37.61 20.82
CA LYS B 195 -9.33 36.17 20.71
C LYS B 195 -7.97 35.59 21.09
N ASN B 196 -8.01 34.38 21.66
CA ASN B 196 -6.82 33.65 22.08
C ASN B 196 -6.78 32.31 21.36
N ILE B 197 -5.70 32.07 20.63
CA ILE B 197 -5.42 30.77 20.03
C ILE B 197 -3.96 30.44 20.28
N ASP B 198 -3.70 29.21 20.73
CA ASP B 198 -2.35 28.66 20.85
C ASP B 198 -1.41 29.62 21.59
N GLY B 199 -1.90 30.15 22.71
CA GLY B 199 -1.07 31.01 23.51
C GLY B 199 -0.80 32.39 22.94
N TYR B 200 -1.51 32.79 21.89
CA TYR B 200 -1.33 34.12 21.32
C TYR B 200 -2.62 34.91 21.54
N PHE B 201 -2.46 36.18 21.90
CA PHE B 201 -3.59 37.07 22.13
C PHE B 201 -3.66 38.05 20.97
N LYS B 202 -4.81 38.11 20.30
CA LYS B 202 -4.98 38.96 19.14
C LYS B 202 -6.01 40.02 19.45
N ILE B 203 -5.79 41.24 18.98
CA ILE B 203 -6.79 42.30 19.05
C ILE B 203 -6.90 42.97 17.68
N TYR B 204 -8.11 43.35 17.32
CA TYR B 204 -8.37 44.10 16.09
C TYR B 204 -9.24 45.30 16.44
N SER B 205 -8.99 46.42 15.79
CA SER B 205 -9.64 47.67 16.14
C SER B 205 -9.95 48.48 14.90
N LYS B 206 -11.07 49.19 14.93
CA LYS B 206 -11.46 50.09 13.85
C LYS B 206 -12.30 51.21 14.44
N HIS B 207 -12.05 52.44 14.00
CA HIS B 207 -12.78 53.62 14.49
C HIS B 207 -13.41 54.32 13.30
N THR B 208 -14.73 54.52 13.36
CA THR B 208 -15.46 55.17 12.28
C THR B 208 -16.52 56.10 12.85
N PRO B 209 -16.76 57.32 12.28
CA PRO B 209 -17.75 58.27 12.82
C PRO B 209 -19.18 58.16 12.23
N ILE B 210 -20.14 57.70 13.03
CA ILE B 210 -21.56 57.62 12.57
C ILE B 210 -22.47 58.16 13.69
N ASN B 211 -23.64 58.71 13.34
CA ASN B 211 -24.56 59.31 14.35
C ASN B 211 -26.02 59.03 14.01
N LEU B 212 -26.96 59.62 14.76
CA LEU B 212 -28.41 59.44 14.51
C LEU B 212 -28.78 57.94 14.53
N VAL B 213 -27.97 57.12 15.20
CA VAL B 213 -28.27 55.67 15.31
C VAL B 213 -28.41 55.30 16.80
N ARG B 214 -29.53 54.65 17.15
CA ARG B 214 -29.71 54.18 18.56
C ARG B 214 -29.17 52.76 18.68
N ASP B 215 -28.84 52.13 17.55
CA ASP B 215 -28.35 50.72 17.55
C ASP B 215 -27.07 50.65 16.70
N LEU B 216 -26.77 49.46 16.16
CA LEU B 216 -25.56 49.27 15.33
C LEU B 216 -25.80 49.91 13.96
N PRO B 217 -24.98 50.90 13.55
CA PRO B 217 -25.20 51.60 12.27
C PRO B 217 -25.07 50.70 11.05
N GLN B 218 -25.93 50.91 10.05
CA GLN B 218 -25.85 50.12 8.79
C GLN B 218 -24.58 50.51 8.05
N GLY B 219 -23.94 49.55 7.37
CA GLY B 219 -22.70 49.84 6.63
C GLY B 219 -21.63 48.79 6.90
N PHE B 220 -20.66 48.65 5.99
CA PHE B 220 -19.64 47.63 6.16
C PHE B 220 -18.33 48.27 6.62
N SER B 221 -17.71 47.67 7.62
CA SER B 221 -16.45 48.15 8.18
C SER B 221 -15.53 46.97 8.44
N ALA B 222 -14.26 47.10 8.05
CA ALA B 222 -13.27 46.05 8.19
C ALA B 222 -12.35 46.36 9.36
N LEU B 223 -11.97 45.34 10.11
CA LEU B 223 -11.16 45.53 11.31
C LEU B 223 -9.73 45.09 11.06
N GLU B 224 -8.78 45.94 11.44
CA GLU B 224 -7.37 45.68 11.21
C GLU B 224 -6.73 45.12 12.47
N PRO B 225 -5.70 44.29 12.33
CA PRO B 225 -5.01 43.78 13.53
C PRO B 225 -4.08 44.83 14.12
N LEU B 226 -3.98 44.84 15.44
CA LEU B 226 -3.08 45.76 16.12
C LEU B 226 -1.79 45.10 16.60
N VAL B 227 -1.88 44.11 17.48
CA VAL B 227 -0.71 43.53 18.14
C VAL B 227 -0.96 42.05 18.37
N ASP B 228 0.12 41.29 18.54
CA ASP B 228 0.01 39.84 18.89
C ASP B 228 0.76 39.64 20.20
N LEU B 229 0.06 39.24 21.28
CA LEU B 229 0.73 39.14 22.60
C LEU B 229 0.91 37.67 22.99
N PRO B 230 2.13 37.22 23.35
CA PRO B 230 2.38 35.81 23.69
C PRO B 230 2.10 35.49 25.16
N ILE B 231 0.85 35.65 25.61
CA ILE B 231 0.50 35.42 27.04
C ILE B 231 0.63 33.93 27.41
N GLY B 232 0.17 33.03 26.54
CA GLY B 232 0.32 31.58 26.79
C GLY B 232 -0.61 31.01 27.86
N ILE B 233 -1.69 31.72 28.22
CA ILE B 233 -2.68 31.16 29.20
C ILE B 233 -4.10 31.22 28.62
N ASN B 234 -5.06 30.52 29.26
CA ASN B 234 -6.44 30.52 28.79
C ASN B 234 -7.29 31.38 29.71
N ILE B 235 -8.21 32.12 29.12
CA ILE B 235 -8.88 33.22 29.79
C ILE B 235 -10.38 32.99 29.92
N THR B 236 -10.80 31.76 30.22
CA THR B 236 -12.22 31.51 30.45
C THR B 236 -12.72 32.46 31.53
N ARG B 237 -13.95 32.95 31.36
CA ARG B 237 -14.55 33.81 32.38
C ARG B 237 -13.73 35.08 32.59
N PHE B 238 -13.74 35.97 31.60
CA PHE B 238 -13.06 37.25 31.78
C PHE B 238 -13.96 38.20 32.59
N GLN B 239 -13.38 39.33 32.96
CA GLN B 239 -14.14 40.41 33.58
C GLN B 239 -14.32 41.55 32.59
N THR B 240 -15.37 42.33 32.79
CA THR B 240 -15.61 43.44 31.88
C THR B 240 -14.73 44.63 32.19
N LEU B 241 -15.10 45.77 31.61
CA LEU B 241 -14.28 46.96 31.56
C LEU B 241 -14.34 47.74 32.86
N LEU B 242 -13.66 48.88 32.86
CA LEU B 242 -13.68 49.84 33.96
C LEU B 242 -13.83 51.23 33.37
N ALA B 243 -14.74 52.00 33.94
CA ALA B 243 -15.00 53.36 33.46
C ALA B 243 -13.94 54.31 33.99
N GLY B 261 -22.20 58.12 34.09
CA GLY B 261 -22.45 57.99 32.64
C GLY B 261 -22.84 56.57 32.26
N ALA B 262 -23.73 56.43 31.28
CA ALA B 262 -24.17 55.08 30.83
C ALA B 262 -22.98 54.32 30.23
N ALA B 263 -22.83 53.04 30.56
CA ALA B 263 -21.70 52.23 30.04
C ALA B 263 -21.83 52.12 28.51
N ALA B 264 -23.03 51.86 28.00
CA ALA B 264 -23.26 51.82 26.53
C ALA B 264 -22.28 50.86 25.86
N TYR B 265 -22.07 49.67 26.43
CA TYR B 265 -21.07 48.71 25.87
C TYR B 265 -21.79 47.46 25.34
N TYR B 266 -21.44 47.04 24.12
CA TYR B 266 -22.10 45.86 23.49
C TYR B 266 -21.14 44.66 23.52
N VAL B 267 -21.65 43.47 23.88
CA VAL B 267 -20.84 42.27 23.89
C VAL B 267 -21.48 41.25 22.97
N GLY B 268 -20.72 40.73 22.02
CA GLY B 268 -21.17 39.65 21.18
C GLY B 268 -20.20 38.49 21.26
N TYR B 269 -20.65 37.34 20.78
CA TYR B 269 -19.93 36.08 20.90
C TYR B 269 -19.57 35.54 19.53
N LEU B 270 -18.31 35.13 19.36
CA LEU B 270 -17.89 34.58 18.07
C LEU B 270 -18.29 33.12 17.96
N GLN B 271 -18.22 32.58 16.74
CA GLN B 271 -18.68 31.25 16.42
C GLN B 271 -18.04 30.80 15.12
N PRO B 272 -17.82 29.50 14.93
CA PRO B 272 -17.23 29.04 13.66
C PRO B 272 -18.19 29.12 12.48
N ARG B 273 -17.76 29.75 11.40
CA ARG B 273 -18.59 29.96 10.23
C ARG B 273 -17.71 29.97 8.98
N THR B 274 -18.35 30.00 7.81
CA THR B 274 -17.69 30.17 6.54
C THR B 274 -18.18 31.44 5.89
N PHE B 275 -17.26 32.28 5.42
CA PHE B 275 -17.60 33.57 4.84
C PHE B 275 -17.00 33.66 3.44
N LEU B 276 -17.64 34.42 2.57
CA LEU B 276 -17.09 34.74 1.27
C LEU B 276 -16.72 36.23 1.25
N LEU B 277 -15.44 36.53 1.17
CA LEU B 277 -14.95 37.90 1.29
C LEU B 277 -14.59 38.43 -0.08
N LYS B 278 -14.84 39.73 -0.29
CA LYS B 278 -14.53 40.38 -1.56
C LYS B 278 -13.47 41.44 -1.36
N TYR B 279 -12.41 41.37 -2.16
CA TYR B 279 -11.32 42.32 -2.10
C TYR B 279 -11.40 43.26 -3.30
N ASN B 280 -11.24 44.55 -3.07
CA ASN B 280 -11.29 45.50 -4.17
C ASN B 280 -9.95 45.55 -4.89
N GLU B 281 -9.78 46.59 -5.70
CA GLU B 281 -8.56 46.72 -6.48
C GLU B 281 -7.33 46.91 -5.58
N ASN B 282 -7.45 47.74 -4.55
CA ASN B 282 -6.28 48.05 -3.75
C ASN B 282 -6.05 47.04 -2.63
N GLY B 283 -7.05 46.26 -2.25
CA GLY B 283 -6.90 45.28 -1.20
C GLY B 283 -7.80 45.47 0.00
N THR B 284 -8.77 46.37 -0.05
CA THR B 284 -9.64 46.60 1.09
C THR B 284 -10.92 45.78 0.98
N ILE B 285 -11.24 45.05 2.04
CA ILE B 285 -12.42 44.19 2.07
C ILE B 285 -13.64 45.08 1.95
N THR B 286 -14.32 44.99 0.81
CA THR B 286 -15.49 45.84 0.59
C THR B 286 -16.76 45.20 1.12
N ASP B 287 -16.99 43.92 0.83
CA ASP B 287 -18.25 43.29 1.17
C ASP B 287 -18.05 41.79 1.34
N ALA B 288 -19.04 41.15 1.96
CA ALA B 288 -18.96 39.71 2.23
C ALA B 288 -20.36 39.15 2.45
N VAL B 289 -20.47 37.83 2.40
CA VAL B 289 -21.73 37.13 2.64
C VAL B 289 -21.47 35.94 3.57
N ASP B 290 -22.47 35.59 4.36
CA ASP B 290 -22.40 34.47 5.29
C ASP B 290 -23.16 33.31 4.70
N CYS B 291 -22.46 32.19 4.48
CA CYS B 291 -23.02 31.12 3.67
C CYS B 291 -24.26 30.50 4.31
N ALA B 292 -24.26 30.32 5.62
CA ALA B 292 -25.30 29.49 6.23
C ALA B 292 -26.58 30.28 6.51
N LEU B 293 -26.59 31.58 6.24
CA LEU B 293 -27.74 32.40 6.59
C LEU B 293 -28.99 31.99 5.83
N ASP B 294 -29.00 32.16 4.51
CA ASP B 294 -30.17 32.01 3.67
C ASP B 294 -29.93 30.97 2.60
N PRO B 295 -31.00 30.42 2.00
CA PRO B 295 -30.81 29.66 0.76
C PRO B 295 -30.14 30.45 -0.32
N LEU B 296 -30.51 31.71 -0.49
CA LEU B 296 -29.87 32.54 -1.50
C LEU B 296 -28.39 32.69 -1.21
N SER B 297 -28.03 32.85 0.07
CA SER B 297 -26.63 32.97 0.42
C SER B 297 -25.87 31.69 0.12
N GLU B 298 -26.49 30.54 0.37
CA GLU B 298 -25.84 29.28 0.00
C GLU B 298 -25.59 29.20 -1.49
N THR B 299 -26.58 29.60 -2.30
CA THR B 299 -26.40 29.58 -3.74
C THR B 299 -25.27 30.49 -4.18
N LYS B 300 -25.18 31.69 -3.60
CA LYS B 300 -24.07 32.58 -3.97
C LYS B 300 -22.74 31.97 -3.60
N CYS B 301 -22.65 31.31 -2.45
CA CYS B 301 -21.38 30.72 -2.04
C CYS B 301 -20.96 29.63 -3.01
N THR B 302 -21.90 28.84 -3.50
CA THR B 302 -21.50 27.66 -4.28
C THR B 302 -21.17 28.03 -5.72
N LEU B 303 -21.70 29.15 -6.22
CA LEU B 303 -21.33 29.59 -7.56
C LEU B 303 -20.14 30.53 -7.54
N LYS B 304 -19.67 30.92 -6.36
CA LYS B 304 -18.49 31.75 -6.17
C LYS B 304 -18.71 33.15 -6.70
N SER B 305 -19.92 33.69 -6.58
CA SER B 305 -20.27 34.97 -7.18
C SER B 305 -21.31 35.71 -6.35
N PHE B 306 -21.47 36.99 -6.64
CA PHE B 306 -22.45 37.79 -5.91
C PHE B 306 -23.77 37.87 -6.66
N THR B 307 -23.76 37.66 -7.97
CA THR B 307 -24.96 37.68 -8.78
C THR B 307 -25.18 36.33 -9.44
N VAL B 308 -26.45 35.92 -9.52
CA VAL B 308 -26.83 34.65 -10.11
C VAL B 308 -27.89 34.90 -11.17
N GLU B 309 -27.90 34.06 -12.19
CA GLU B 309 -28.91 34.14 -13.25
C GLU B 309 -30.04 33.15 -12.96
N LYS B 310 -31.17 33.38 -13.62
CA LYS B 310 -32.34 32.54 -13.43
C LYS B 310 -32.03 31.09 -13.74
N GLY B 311 -32.52 30.18 -12.90
CA GLY B 311 -32.32 28.77 -13.14
C GLY B 311 -32.53 27.96 -11.88
N ILE B 312 -32.09 26.70 -11.95
CA ILE B 312 -32.11 25.77 -10.83
C ILE B 312 -30.67 25.39 -10.53
N TYR B 313 -30.38 25.16 -9.25
CA TYR B 313 -29.03 24.85 -8.81
C TYR B 313 -29.12 23.84 -7.69
N GLN B 314 -28.04 23.08 -7.47
CA GLN B 314 -27.99 22.11 -6.39
C GLN B 314 -27.03 22.62 -5.33
N THR B 315 -27.57 22.97 -4.16
CA THR B 315 -26.76 23.59 -3.13
C THR B 315 -26.09 22.54 -2.26
N SER B 316 -26.86 21.57 -1.78
CA SER B 316 -26.33 20.50 -0.95
C SER B 316 -27.32 19.35 -0.95
N ASN B 317 -27.08 18.40 -0.05
CA ASN B 317 -27.92 17.22 0.08
C ASN B 317 -28.24 16.98 1.55
N PHE B 318 -29.45 16.51 1.83
CA PHE B 318 -29.86 16.32 3.21
C PHE B 318 -29.82 14.84 3.58
N ARG B 319 -30.01 14.57 4.87
CA ARG B 319 -30.05 13.17 5.37
C ARG B 319 -31.00 13.13 6.58
N VAL B 320 -31.35 11.94 7.07
CA VAL B 320 -32.20 11.83 8.29
C VAL B 320 -31.42 11.06 9.36
N GLN B 321 -31.40 11.55 10.61
CA GLN B 321 -30.58 10.91 11.68
C GLN B 321 -31.45 10.08 12.64
N PRO B 322 -31.14 8.79 12.87
CA PRO B 322 -31.97 7.93 13.74
C PRO B 322 -32.06 8.33 15.22
N THR B 323 -30.93 8.66 15.85
CA THR B 323 -30.93 9.16 17.27
C THR B 323 -31.70 8.24 18.23
N GLU B 324 -31.53 6.91 18.12
CA GLU B 324 -32.19 5.95 19.03
C GLU B 324 -31.68 4.53 18.77
N SER B 325 -31.69 3.64 19.76
CA SER B 325 -31.20 2.27 19.61
C SER B 325 -32.12 1.28 20.30
N ILE B 326 -32.33 0.11 19.68
CA ILE B 326 -33.02 -1.01 20.32
C ILE B 326 -32.30 -2.30 19.98
N VAL B 327 -32.09 -3.16 20.98
CA VAL B 327 -31.45 -4.46 20.79
C VAL B 327 -32.38 -5.54 21.31
N ARG B 328 -32.49 -6.63 20.56
CA ARG B 328 -33.45 -7.72 20.94
C ARG B 328 -32.75 -9.07 20.86
N PHE B 329 -31.95 -9.41 21.88
CA PHE B 329 -31.26 -10.72 21.92
C PHE B 329 -32.31 -11.81 22.12
N PRO B 330 -32.09 -13.07 21.69
CA PRO B 330 -33.14 -14.10 21.77
C PRO B 330 -33.68 -14.31 23.18
N ASN B 331 -35.02 -14.38 23.31
CA ASN B 331 -35.66 -14.53 24.64
C ASN B 331 -36.60 -15.73 24.60
N ILE B 332 -36.44 -16.67 25.52
CA ILE B 332 -37.28 -17.90 25.57
C ILE B 332 -38.76 -17.48 25.68
N CYS B 336 -29.85 -23.80 35.42
CA CYS B 336 -28.51 -23.59 36.05
C CYS B 336 -28.49 -24.26 37.43
N PRO B 337 -27.74 -25.38 37.61
CA PRO B 337 -27.73 -26.10 38.89
C PRO B 337 -26.75 -25.49 39.90
N PHE B 338 -27.01 -24.28 40.37
CA PHE B 338 -26.15 -23.68 41.44
C PHE B 338 -26.80 -24.01 42.78
N GLY B 339 -28.13 -23.91 42.85
CA GLY B 339 -28.86 -24.24 44.09
C GLY B 339 -28.52 -25.63 44.59
N GLU B 340 -28.29 -26.58 43.69
CA GLU B 340 -28.03 -27.98 44.11
C GLU B 340 -26.79 -28.04 45.01
N VAL B 341 -25.75 -27.26 44.70
CA VAL B 341 -24.49 -27.29 45.50
C VAL B 341 -24.50 -26.15 46.52
N PHE B 342 -24.88 -24.93 46.09
CA PHE B 342 -24.90 -23.73 46.98
C PHE B 342 -25.95 -23.90 48.09
N ASN B 343 -26.75 -24.98 48.04
CA ASN B 343 -27.86 -25.10 49.03
C ASN B 343 -28.42 -26.52 49.05
N ALA B 344 -27.86 -27.40 49.90
CA ALA B 344 -28.40 -28.77 50.06
C ALA B 344 -27.97 -29.28 51.43
N THR B 345 -28.60 -30.35 51.94
CA THR B 345 -28.15 -30.95 53.22
C THR B 345 -26.68 -31.34 53.03
N ARG B 346 -25.76 -30.60 53.63
CA ARG B 346 -24.31 -30.86 53.35
C ARG B 346 -23.74 -31.84 54.37
N PHE B 347 -23.51 -33.10 53.95
CA PHE B 347 -22.87 -34.10 54.84
C PHE B 347 -21.46 -34.36 54.31
N ALA B 348 -21.03 -33.57 53.32
CA ALA B 348 -19.69 -33.74 52.72
C ALA B 348 -18.61 -33.45 53.76
N SER B 349 -17.42 -34.02 53.59
CA SER B 349 -16.31 -33.75 54.54
C SER B 349 -15.06 -33.33 53.75
N VAL B 350 -14.20 -32.51 54.35
CA VAL B 350 -12.96 -32.03 53.66
C VAL B 350 -12.18 -33.24 53.15
N TYR B 351 -12.16 -34.33 53.92
CA TYR B 351 -11.37 -35.52 53.52
C TYR B 351 -11.89 -36.12 52.21
N ALA B 352 -13.22 -36.17 52.01
CA ALA B 352 -13.72 -36.64 50.70
C ALA B 352 -14.66 -35.62 50.07
N TRP B 353 -14.15 -34.53 49.52
CA TRP B 353 -14.98 -33.43 48.94
C TRP B 353 -15.72 -33.91 47.67
N ASN B 354 -16.88 -33.32 47.35
CA ASN B 354 -17.68 -33.76 46.18
C ASN B 354 -17.61 -32.70 45.08
N ARG B 355 -17.41 -33.10 43.82
CA ARG B 355 -17.21 -32.12 42.74
C ARG B 355 -18.37 -32.22 41.76
N LYS B 356 -18.77 -31.10 41.15
CA LYS B 356 -19.92 -31.10 40.22
C LYS B 356 -19.50 -30.43 38.92
N ARG B 357 -19.91 -31.00 37.78
CA ARG B 357 -19.64 -30.36 36.47
C ARG B 357 -20.89 -29.55 36.10
N ILE B 358 -20.74 -28.23 35.98
CA ILE B 358 -21.87 -27.33 35.63
C ILE B 358 -21.60 -26.79 34.23
N SER B 359 -22.49 -27.06 33.27
CA SER B 359 -22.27 -26.59 31.87
C SER B 359 -23.61 -26.53 31.13
N ASN B 360 -23.58 -26.09 29.86
CA ASN B 360 -24.81 -26.02 29.02
C ASN B 360 -25.93 -25.31 29.78
N CYS B 361 -25.59 -24.36 30.64
CA CYS B 361 -26.64 -23.56 31.35
C CYS B 361 -26.28 -22.07 31.40
N VAL B 362 -27.25 -21.17 31.30
CA VAL B 362 -26.96 -19.72 31.49
C VAL B 362 -26.50 -19.55 32.94
N ALA B 363 -25.52 -18.71 33.20
CA ALA B 363 -24.96 -18.65 34.58
C ALA B 363 -25.49 -17.47 35.36
N ASP B 364 -26.13 -17.71 36.51
CA ASP B 364 -26.77 -16.60 37.29
C ASP B 364 -25.94 -16.24 38.53
N TYR B 365 -24.75 -15.69 38.34
CA TYR B 365 -23.85 -15.32 39.47
C TYR B 365 -24.41 -14.20 40.34
N SER B 366 -25.05 -13.17 39.75
CA SER B 366 -25.53 -12.00 40.54
C SER B 366 -26.32 -12.45 41.78
N VAL B 367 -27.26 -13.38 41.62
CA VAL B 367 -28.07 -13.93 42.73
C VAL B 367 -27.16 -14.34 43.89
N LEU B 368 -26.04 -15.02 43.58
CA LEU B 368 -25.07 -15.40 44.64
C LEU B 368 -24.42 -14.15 45.25
N TYR B 369 -24.02 -13.18 44.41
CA TYR B 369 -23.30 -11.99 44.92
C TYR B 369 -24.19 -11.11 45.79
N ASN B 370 -25.47 -10.98 45.45
CA ASN B 370 -26.35 -10.07 46.21
C ASN B 370 -27.08 -10.84 47.31
N SER B 371 -26.83 -12.14 47.44
CA SER B 371 -27.59 -12.96 48.41
C SER B 371 -27.35 -12.48 49.85
N ALA B 372 -26.14 -12.04 50.18
CA ALA B 372 -25.80 -11.62 51.56
C ALA B 372 -26.26 -12.68 52.57
N SER B 373 -26.41 -13.93 52.13
CA SER B 373 -26.77 -15.05 53.04
C SER B 373 -25.51 -15.86 53.36
N PHE B 374 -24.35 -15.35 52.93
CA PHE B 374 -23.09 -16.11 53.11
C PHE B 374 -22.07 -15.27 53.89
N SER B 375 -21.26 -15.93 54.73
CA SER B 375 -20.23 -15.22 55.52
C SER B 375 -19.13 -14.65 54.61
N THR B 376 -18.72 -15.37 53.57
CA THR B 376 -17.61 -14.86 52.73
C THR B 376 -17.89 -15.06 51.24
N PHE B 377 -17.24 -14.29 50.37
CA PHE B 377 -17.42 -14.45 48.91
C PHE B 377 -16.08 -14.08 48.28
N LYS B 378 -15.00 -14.53 48.91
CA LYS B 378 -13.67 -14.09 48.42
C LYS B 378 -13.47 -14.51 46.96
N CYS B 379 -13.07 -13.58 46.12
CA CYS B 379 -12.80 -13.90 44.70
C CYS B 379 -11.45 -13.31 44.34
N TYR B 380 -10.61 -14.07 43.63
CA TYR B 380 -9.23 -13.61 43.35
C TYR B 380 -9.11 -12.96 41.97
N GLY B 381 -8.82 -13.74 40.92
CA GLY B 381 -8.59 -13.16 39.58
C GLY B 381 -9.86 -12.95 38.77
N VAL B 382 -11.00 -12.76 39.43
CA VAL B 382 -12.26 -12.42 38.68
C VAL B 382 -13.03 -11.32 39.39
N SER B 383 -13.27 -10.19 38.71
CA SER B 383 -14.10 -9.10 39.29
C SER B 383 -15.57 -9.54 39.26
N PRO B 384 -16.42 -9.15 40.25
CA PRO B 384 -17.82 -9.57 40.29
C PRO B 384 -18.60 -9.05 39.07
N THR B 385 -18.32 -7.82 38.64
CA THR B 385 -19.02 -7.24 37.47
C THR B 385 -18.72 -8.04 36.20
N LYS B 386 -17.46 -8.48 36.02
CA LYS B 386 -17.08 -9.19 34.78
C LYS B 386 -17.37 -10.70 34.93
N LEU B 387 -17.72 -11.13 36.15
CA LEU B 387 -18.04 -12.56 36.39
C LEU B 387 -19.17 -13.00 35.45
N ASN B 388 -20.22 -12.19 35.31
CA ASN B 388 -21.31 -12.51 34.34
C ASN B 388 -20.77 -12.38 32.92
N ASP B 389 -19.96 -11.35 32.65
CA ASP B 389 -19.46 -11.10 31.27
C ASP B 389 -18.55 -12.24 30.80
N LEU B 390 -17.69 -12.77 31.68
CA LEU B 390 -16.73 -13.83 31.27
C LEU B 390 -17.50 -15.11 30.90
N CYS B 391 -17.11 -15.75 29.78
CA CYS B 391 -17.74 -17.02 29.38
C CYS B 391 -16.74 -18.14 29.67
N PHE B 392 -17.20 -19.34 30.04
CA PHE B 392 -16.28 -20.43 30.45
C PHE B 392 -16.67 -21.79 29.86
N THR B 393 -15.68 -22.56 29.43
CA THR B 393 -15.95 -23.91 28.87
C THR B 393 -16.52 -24.83 29.97
N ASN B 394 -15.96 -24.78 31.18
CA ASN B 394 -16.40 -25.71 32.25
C ASN B 394 -16.58 -24.96 33.57
N VAL B 395 -17.54 -25.37 34.39
CA VAL B 395 -17.70 -24.78 35.75
C VAL B 395 -17.67 -25.95 36.74
N TYR B 396 -16.70 -25.97 37.66
CA TYR B 396 -16.53 -27.10 38.58
C TYR B 396 -16.75 -26.60 40.01
N ALA B 397 -17.69 -27.19 40.74
CA ALA B 397 -18.01 -26.73 42.12
C ALA B 397 -17.68 -27.83 43.13
N ASP B 398 -16.89 -27.51 44.16
CA ASP B 398 -16.50 -28.52 45.18
C ASP B 398 -17.19 -28.19 46.51
N SER B 399 -17.84 -29.18 47.13
CA SER B 399 -18.58 -28.92 48.40
C SER B 399 -17.92 -29.67 49.55
N PHE B 400 -17.61 -28.98 50.66
CA PHE B 400 -16.95 -29.62 51.82
C PHE B 400 -17.23 -28.81 53.10
N VAL B 401 -16.91 -29.37 54.27
CA VAL B 401 -17.25 -28.69 55.56
C VAL B 401 -16.00 -28.64 56.46
N ILE B 402 -15.49 -27.44 56.76
CA ILE B 402 -14.33 -27.29 57.71
C ILE B 402 -14.71 -26.29 58.80
N ARG B 403 -13.97 -26.26 59.92
CA ARG B 403 -14.25 -25.34 61.05
C ARG B 403 -14.04 -23.88 60.62
N GLY B 404 -14.65 -22.93 61.35
CA GLY B 404 -14.53 -21.52 60.98
C GLY B 404 -13.10 -21.09 60.86
N ASP B 405 -12.25 -21.59 61.74
CA ASP B 405 -10.84 -21.12 61.74
C ASP B 405 -10.14 -21.51 60.44
N GLU B 406 -10.43 -22.68 59.87
CA GLU B 406 -9.63 -23.12 58.68
C GLU B 406 -10.26 -22.70 57.35
N VAL B 407 -11.26 -21.81 57.36
CA VAL B 407 -11.83 -21.27 56.09
C VAL B 407 -10.72 -20.52 55.37
N ARG B 408 -9.85 -19.85 56.10
CA ARG B 408 -8.70 -19.13 55.50
C ARG B 408 -7.80 -20.12 54.77
N GLN B 409 -7.63 -21.34 55.27
CA GLN B 409 -6.69 -22.31 54.66
C GLN B 409 -7.13 -22.72 53.25
N ILE B 410 -8.44 -22.69 52.95
CA ILE B 410 -8.87 -22.98 51.55
C ILE B 410 -8.64 -21.69 50.75
N ALA B 411 -7.39 -21.43 50.36
CA ALA B 411 -7.03 -20.21 49.62
C ALA B 411 -5.64 -20.44 49.01
N PRO B 412 -5.17 -19.66 48.03
CA PRO B 412 -3.88 -19.93 47.38
C PRO B 412 -2.64 -19.85 48.29
N GLY B 413 -1.70 -20.80 48.14
CA GLY B 413 -0.44 -20.75 48.90
C GLY B 413 -0.60 -20.66 50.40
N GLN B 414 -1.49 -21.45 51.01
CA GLN B 414 -1.61 -21.45 52.49
C GLN B 414 -1.29 -22.84 53.05
N THR B 415 -0.33 -22.93 53.98
CA THR B 415 -0.03 -24.23 54.63
C THR B 415 -0.88 -24.42 55.89
N GLY B 416 -1.51 -25.58 56.00
CA GLY B 416 -2.32 -25.91 57.17
C GLY B 416 -2.64 -27.38 57.12
N LYS B 417 -3.24 -27.94 58.17
CA LYS B 417 -3.66 -29.34 58.04
C LYS B 417 -4.72 -29.44 56.95
N ILE B 418 -5.68 -28.51 56.90
CA ILE B 418 -6.78 -28.69 55.92
C ILE B 418 -6.30 -28.52 54.49
N ALA B 419 -5.52 -27.49 54.24
CA ALA B 419 -5.11 -27.24 52.85
C ALA B 419 -4.19 -28.34 52.34
N ASP B 420 -3.11 -28.66 53.05
CA ASP B 420 -2.15 -29.64 52.50
C ASP B 420 -2.79 -31.02 52.41
N TYR B 421 -3.11 -31.63 53.56
CA TYR B 421 -3.63 -33.02 53.60
C TYR B 421 -5.04 -33.21 53.03
N ASN B 422 -5.94 -32.23 53.16
CA ASN B 422 -7.35 -32.47 52.74
C ASN B 422 -7.69 -31.82 51.39
N TYR B 423 -7.83 -30.49 51.33
CA TYR B 423 -8.26 -29.82 50.07
C TYR B 423 -7.28 -28.69 49.72
N LYS B 424 -6.77 -28.64 48.49
CA LYS B 424 -5.73 -27.64 48.16
C LYS B 424 -6.08 -26.80 46.92
N LEU B 425 -5.83 -25.49 46.98
CA LEU B 425 -6.07 -24.57 45.82
C LEU B 425 -4.78 -23.82 45.53
N PRO B 426 -4.02 -24.12 44.46
CA PRO B 426 -2.82 -23.34 44.15
C PRO B 426 -3.15 -21.88 43.78
N ASP B 427 -4.13 -21.67 42.90
CA ASP B 427 -4.58 -20.30 42.56
C ASP B 427 -6.12 -20.30 42.54
N ASP B 428 -6.72 -21.50 42.56
CA ASP B 428 -8.20 -21.65 42.50
C ASP B 428 -8.67 -21.39 41.06
N PHE B 429 -7.74 -21.26 40.12
CA PHE B 429 -8.09 -20.92 38.72
C PHE B 429 -9.05 -19.72 38.71
N THR B 430 -8.63 -18.60 39.32
CA THR B 430 -9.48 -17.38 39.38
C THR B 430 -10.87 -17.76 39.90
N GLY B 431 -10.95 -18.80 40.73
CA GLY B 431 -12.23 -19.27 41.29
C GLY B 431 -12.66 -18.47 42.50
N CYS B 432 -13.91 -18.66 42.94
CA CYS B 432 -14.43 -17.89 44.10
C CYS B 432 -14.77 -18.84 45.26
N VAL B 433 -14.37 -18.49 46.48
CA VAL B 433 -14.63 -19.36 47.67
C VAL B 433 -15.76 -18.76 48.49
N ILE B 434 -16.80 -19.55 48.79
CA ILE B 434 -17.99 -19.02 49.53
C ILE B 434 -18.21 -19.89 50.78
N ALA B 435 -18.41 -19.27 51.95
CA ALA B 435 -18.59 -20.03 53.20
C ALA B 435 -19.96 -19.73 53.81
N TRP B 436 -20.71 -20.76 54.20
CA TRP B 436 -22.02 -20.56 54.89
C TRP B 436 -22.00 -21.32 56.21
N ASN B 437 -22.42 -20.69 57.31
CA ASN B 437 -22.33 -21.35 58.64
C ASN B 437 -23.20 -22.61 58.65
N SER B 438 -22.67 -23.72 59.16
CA SER B 438 -23.42 -25.01 59.20
C SER B 438 -23.82 -25.35 60.63
N ASN B 439 -23.69 -24.41 61.57
CA ASN B 439 -24.01 -24.70 62.99
C ASN B 439 -25.50 -25.05 63.09
N ASN B 440 -26.35 -24.33 62.36
CA ASN B 440 -27.81 -24.64 62.33
C ASN B 440 -28.02 -26.04 61.75
N LEU B 441 -27.25 -26.40 60.71
CA LEU B 441 -27.39 -27.73 60.07
C LEU B 441 -26.86 -28.82 61.03
N ASP B 442 -26.06 -28.42 62.01
CA ASP B 442 -25.54 -29.40 63.01
C ASP B 442 -26.56 -29.54 64.14
N SER B 443 -27.56 -30.39 63.95
CA SER B 443 -28.63 -30.59 64.98
C SER B 443 -28.14 -31.48 66.12
N LYS B 444 -28.85 -31.48 67.26
CA LYS B 444 -28.53 -32.36 68.43
C LYS B 444 -27.48 -31.74 69.36
N VAL B 445 -27.59 -32.01 70.66
CA VAL B 445 -26.62 -31.48 71.66
C VAL B 445 -25.20 -31.73 71.17
N GLY B 446 -24.93 -32.92 70.61
CA GLY B 446 -23.57 -33.25 70.17
C GLY B 446 -23.54 -34.24 69.01
N GLY B 447 -23.47 -33.74 67.77
CA GLY B 447 -23.36 -34.65 66.61
C GLY B 447 -22.06 -34.43 65.86
N ASN B 448 -21.24 -35.47 65.71
CA ASN B 448 -19.98 -35.36 64.93
C ASN B 448 -20.25 -35.68 63.45
N TYR B 449 -21.44 -36.23 63.16
CA TYR B 449 -21.82 -36.59 61.76
C TYR B 449 -20.77 -37.53 61.16
N ASN B 450 -20.31 -37.22 59.95
CA ASN B 450 -19.26 -38.05 59.28
C ASN B 450 -18.07 -37.15 58.97
N TYR B 451 -18.09 -35.91 59.47
CA TYR B 451 -17.00 -34.94 59.21
C TYR B 451 -15.69 -35.51 59.76
N LEU B 452 -14.62 -35.46 58.97
CA LEU B 452 -13.31 -36.02 59.39
C LEU B 452 -12.17 -35.18 58.81
N TYR B 453 -11.01 -35.19 59.47
CA TYR B 453 -9.83 -34.42 58.97
C TYR B 453 -8.66 -35.38 58.75
N ARG B 454 -7.96 -35.23 57.63
CA ARG B 454 -6.80 -36.12 57.31
C ARG B 454 -5.57 -35.60 58.06
N LEU B 455 -5.50 -35.83 59.37
CA LEU B 455 -4.36 -35.36 60.19
C LEU B 455 -3.09 -36.06 59.72
N PHE B 456 -3.17 -37.36 59.42
CA PHE B 456 -1.94 -38.13 59.07
C PHE B 456 -1.89 -38.46 57.58
N ARG B 457 -0.99 -37.80 56.85
CA ARG B 457 -0.80 -38.14 55.41
C ARG B 457 0.71 -38.03 55.14
N LYS B 458 1.27 -38.92 54.33
CA LYS B 458 2.74 -38.94 54.12
C LYS B 458 3.22 -37.63 53.50
N SER B 459 2.49 -37.10 52.50
CA SER B 459 2.98 -35.89 51.80
C SER B 459 1.85 -34.88 51.59
N ASN B 460 2.10 -33.80 50.85
CA ASN B 460 1.08 -32.77 50.55
C ASN B 460 0.33 -33.12 49.25
N LEU B 461 -0.98 -32.88 49.18
CA LEU B 461 -1.77 -33.33 48.01
C LEU B 461 -1.42 -32.51 46.75
N LYS B 462 -1.96 -32.90 45.58
CA LYS B 462 -1.74 -32.13 44.31
C LYS B 462 -2.95 -31.23 44.07
N PRO B 463 -2.89 -30.14 43.27
CA PRO B 463 -4.10 -29.33 42.98
C PRO B 463 -5.36 -30.17 42.72
N PHE B 464 -6.43 -29.93 43.47
CA PHE B 464 -7.72 -30.63 43.25
C PHE B 464 -7.54 -32.16 43.28
N GLU B 465 -6.76 -32.68 44.24
CA GLU B 465 -6.60 -34.15 44.37
C GLU B 465 -7.23 -34.61 45.69
N ARG B 466 -7.93 -35.75 45.68
CA ARG B 466 -8.63 -36.25 46.89
C ARG B 466 -7.84 -37.41 47.50
N ASP B 467 -8.14 -37.79 48.75
CA ASP B 467 -7.46 -38.95 49.41
C ASP B 467 -8.48 -39.68 50.31
N ILE B 468 -8.75 -40.95 50.03
CA ILE B 468 -9.77 -41.69 50.81
C ILE B 468 -9.20 -43.04 51.28
N SER B 469 -7.90 -43.09 51.59
CA SER B 469 -7.25 -44.34 52.04
C SER B 469 -7.37 -44.48 53.56
N THR B 470 -7.95 -45.59 54.04
CA THR B 470 -8.03 -45.81 55.51
C THR B 470 -6.70 -46.42 55.98
N GLU B 471 -5.76 -46.64 55.06
CA GLU B 471 -4.43 -47.22 55.40
C GLU B 471 -3.92 -46.65 56.71
N ILE B 472 -3.64 -47.53 57.67
CA ILE B 472 -3.12 -47.09 58.99
C ILE B 472 -1.79 -46.38 58.78
N TYR B 473 -1.58 -45.24 59.44
CA TYR B 473 -0.34 -44.43 59.23
C TYR B 473 0.89 -45.24 59.64
N GLN B 474 0.81 -46.03 60.71
CA GLN B 474 1.94 -46.87 61.20
C GLN B 474 2.99 -45.99 61.90
N ALA B 475 3.56 -45.00 61.22
CA ALA B 475 4.48 -44.04 61.88
C ALA B 475 5.58 -44.77 62.68
N GLY B 476 6.15 -45.84 62.11
CA GLY B 476 7.17 -46.63 62.83
C GLY B 476 7.81 -47.68 61.93
N SER B 477 8.91 -48.27 62.39
CA SER B 477 9.60 -49.32 61.60
C SER B 477 8.69 -50.56 61.50
N THR B 478 8.02 -50.90 62.60
CA THR B 478 7.11 -52.08 62.64
C THR B 478 5.92 -51.84 61.71
N PRO B 479 5.70 -52.67 60.67
CA PRO B 479 4.59 -52.46 59.73
C PRO B 479 3.23 -52.74 60.36
N CYS B 480 2.38 -51.71 60.47
CA CYS B 480 1.01 -51.90 61.00
C CYS B 480 0.14 -52.55 59.92
N ASN B 481 -0.49 -53.69 60.25
CA ASN B 481 -1.43 -54.32 59.30
C ASN B 481 -2.84 -54.13 59.88
N GLY B 482 -3.67 -55.18 59.88
CA GLY B 482 -5.01 -55.07 60.49
C GLY B 482 -4.93 -54.84 61.99
N VAL B 483 -3.98 -55.50 62.67
CA VAL B 483 -3.88 -55.39 64.16
C VAL B 483 -3.56 -53.96 64.58
N GLU B 484 -4.22 -53.46 65.63
CA GLU B 484 -3.94 -52.10 66.16
C GLU B 484 -2.59 -52.09 66.90
N GLY B 485 -1.87 -50.97 66.85
CA GLY B 485 -0.56 -50.85 67.52
C GLY B 485 -0.42 -49.53 68.24
N PHE B 486 0.49 -49.45 69.22
CA PHE B 486 0.70 -48.20 70.00
C PHE B 486 1.02 -47.05 69.03
N ASN B 487 1.48 -47.37 67.82
CA ASN B 487 1.82 -46.32 66.82
C ASN B 487 0.87 -46.37 65.62
N CYS B 488 -0.05 -47.35 65.56
CA CYS B 488 -0.91 -47.49 64.37
C CYS B 488 -1.78 -46.24 64.20
N TYR B 489 -2.44 -45.77 65.27
CA TYR B 489 -3.35 -44.58 65.23
C TYR B 489 -4.38 -44.67 64.11
N PHE B 490 -5.13 -43.58 63.87
CA PHE B 490 -6.06 -43.52 62.71
C PHE B 490 -5.85 -42.19 61.96
N PRO B 491 -5.77 -42.20 60.61
CA PRO B 491 -5.61 -40.96 59.83
C PRO B 491 -6.78 -39.98 59.96
N LEU B 492 -8.03 -40.48 60.01
CA LEU B 492 -9.22 -39.59 60.03
C LEU B 492 -9.69 -39.34 61.46
N GLN B 493 -9.92 -38.07 61.84
CA GLN B 493 -10.45 -37.74 63.19
C GLN B 493 -11.70 -36.86 63.04
N SER B 494 -12.79 -37.19 63.74
CA SER B 494 -14.06 -36.44 63.59
C SER B 494 -13.99 -35.08 64.30
N TYR B 495 -14.94 -34.19 64.02
CA TYR B 495 -14.97 -32.86 64.67
C TYR B 495 -16.25 -32.77 65.50
N GLY B 496 -16.13 -32.36 66.76
CA GLY B 496 -17.33 -32.18 67.59
C GLY B 496 -17.99 -30.84 67.34
N PHE B 497 -19.31 -30.83 67.12
CA PHE B 497 -20.01 -29.57 66.78
C PHE B 497 -21.18 -29.37 67.72
N GLN B 498 -20.89 -29.00 68.98
CA GLN B 498 -21.99 -28.67 69.93
C GLN B 498 -22.49 -27.26 69.59
N PRO B 499 -23.80 -26.98 69.62
CA PRO B 499 -24.32 -25.68 69.22
C PRO B 499 -23.79 -24.55 70.11
N THR B 500 -23.68 -24.79 71.41
CA THR B 500 -23.20 -23.75 72.37
C THR B 500 -21.75 -23.37 72.07
N ASN B 501 -21.41 -22.08 72.19
CA ASN B 501 -20.03 -21.60 71.99
C ASN B 501 -19.51 -21.97 70.59
N GLY B 502 -18.31 -22.54 70.52
CA GLY B 502 -17.72 -22.91 69.22
C GLY B 502 -17.23 -21.68 68.45
N VAL B 503 -17.90 -21.32 67.35
CA VAL B 503 -17.50 -20.16 66.49
C VAL B 503 -16.23 -20.56 65.74
N GLY B 504 -15.14 -20.80 66.45
CA GLY B 504 -13.92 -21.30 65.77
C GLY B 504 -14.05 -22.79 65.52
N TYR B 505 -14.42 -23.56 66.55
CA TYR B 505 -14.68 -25.02 66.37
C TYR B 505 -15.87 -25.20 65.42
N GLN B 506 -16.80 -24.23 65.48
CA GLN B 506 -18.05 -24.32 64.67
C GLN B 506 -17.75 -24.14 63.17
N PRO B 507 -18.31 -24.95 62.24
CA PRO B 507 -17.91 -24.90 60.84
C PRO B 507 -18.71 -24.06 59.83
N TYR B 508 -18.01 -23.26 59.03
CA TYR B 508 -18.72 -22.55 57.94
C TYR B 508 -18.46 -23.40 56.70
N ARG B 509 -19.50 -24.05 56.17
CA ARG B 509 -19.28 -24.98 55.03
C ARG B 509 -18.71 -24.18 53.86
N VAL B 510 -17.63 -24.67 53.24
CA VAL B 510 -16.97 -23.89 52.16
C VAL B 510 -17.30 -24.53 50.82
N VAL B 511 -17.94 -23.77 49.91
CA VAL B 511 -18.19 -24.32 48.54
C VAL B 511 -17.28 -23.58 47.56
N VAL B 512 -16.37 -24.28 46.87
CA VAL B 512 -15.41 -23.57 45.98
C VAL B 512 -15.86 -23.63 44.52
N LEU B 513 -15.89 -22.49 43.83
CA LEU B 513 -16.23 -22.47 42.38
C LEU B 513 -14.92 -22.42 41.59
N SER B 514 -14.84 -23.15 40.47
CA SER B 514 -13.60 -23.18 39.65
C SER B 514 -13.99 -22.95 38.19
N PHE B 515 -13.26 -22.07 37.50
CA PHE B 515 -13.65 -21.73 36.10
C PHE B 515 -12.54 -22.19 35.15
N GLU B 516 -12.91 -22.93 34.09
CA GLU B 516 -11.89 -23.49 33.16
C GLU B 516 -12.21 -23.08 31.72
N LEU B 517 -11.18 -22.80 30.93
CA LEU B 517 -11.38 -22.42 29.50
C LEU B 517 -10.67 -23.42 28.59
N LEU B 518 -11.31 -24.57 28.31
CA LEU B 518 -10.72 -25.59 27.40
C LEU B 518 -10.98 -25.22 25.94
N HIS B 519 -10.42 -25.97 25.00
CA HIS B 519 -10.57 -25.70 23.54
C HIS B 519 -12.06 -25.79 23.16
N ALA B 520 -12.83 -26.65 23.83
CA ALA B 520 -14.26 -26.85 23.49
C ALA B 520 -15.00 -25.51 23.66
N PRO B 521 -16.02 -25.19 22.84
CA PRO B 521 -16.67 -23.88 22.88
C PRO B 521 -17.26 -23.51 24.25
N ALA B 522 -17.07 -22.26 24.68
CA ALA B 522 -17.57 -21.80 26.00
C ALA B 522 -18.94 -21.12 25.82
N THR B 523 -19.96 -21.59 26.54
CA THR B 523 -21.31 -20.98 26.42
C THR B 523 -21.91 -20.73 27.82
N VAL B 524 -21.13 -20.19 28.75
CA VAL B 524 -21.62 -19.97 30.15
C VAL B 524 -21.52 -18.47 30.46
N CYS B 525 -22.60 -17.70 30.15
CA CYS B 525 -22.65 -16.21 30.33
C CYS B 525 -24.08 -15.68 30.57
N GLY B 526 -24.49 -14.54 29.96
CA GLY B 526 -25.82 -13.92 30.20
C GLY B 526 -26.34 -12.98 29.10
N LYS B 529 -32.15 -6.99 26.88
CA LYS B 529 -33.42 -6.72 26.12
C LYS B 529 -33.73 -5.21 25.93
N SER B 530 -34.89 -4.84 25.33
CA SER B 530 -35.32 -3.48 25.07
C SER B 530 -36.63 -3.56 24.32
N THR B 531 -37.54 -2.65 24.64
CA THR B 531 -38.87 -2.71 24.03
C THR B 531 -38.73 -2.45 22.54
N ASN B 532 -39.70 -2.91 21.76
CA ASN B 532 -39.58 -2.84 20.31
C ASN B 532 -40.46 -1.72 19.77
N LEU B 533 -39.84 -0.74 19.11
CA LEU B 533 -40.61 0.37 18.49
C LEU B 533 -40.51 0.22 16.97
N VAL B 534 -41.62 -0.07 16.29
CA VAL B 534 -41.57 -0.33 14.82
C VAL B 534 -42.30 0.77 14.05
N LYS B 535 -41.62 1.44 13.11
CA LYS B 535 -42.24 2.46 12.21
C LYS B 535 -42.43 3.81 12.93
N ASN B 536 -42.04 3.91 14.20
CA ASN B 536 -42.11 5.22 14.89
C ASN B 536 -41.15 6.19 14.22
N LYS B 537 -39.91 5.74 13.94
CA LYS B 537 -38.89 6.60 13.28
C LYS B 537 -37.72 5.70 12.86
N CYS B 538 -36.80 6.22 12.04
CA CYS B 538 -35.57 5.44 11.72
C CYS B 538 -34.82 5.20 13.02
N VAL B 539 -34.38 3.97 13.27
CA VAL B 539 -33.74 3.66 14.54
C VAL B 539 -32.68 2.61 14.32
N ASN B 540 -31.44 2.93 14.71
CA ASN B 540 -30.35 1.98 14.53
C ASN B 540 -30.50 0.88 15.56
N PHE B 541 -30.08 -0.33 15.22
CA PHE B 541 -30.48 -1.49 16.01
C PHE B 541 -29.56 -2.68 15.80
N ASN B 542 -29.66 -3.62 16.73
CA ASN B 542 -28.98 -4.90 16.68
C ASN B 542 -29.89 -5.98 17.22
N PHE B 543 -30.58 -6.70 16.34
CA PHE B 543 -31.34 -7.85 16.83
C PHE B 543 -30.42 -8.91 17.43
N ASN B 544 -29.67 -9.63 16.61
CA ASN B 544 -28.91 -10.72 17.20
C ASN B 544 -27.43 -10.58 16.86
N GLY B 545 -27.15 -10.23 15.60
CA GLY B 545 -25.76 -9.97 15.17
C GLY B 545 -25.79 -9.16 13.89
N LEU B 546 -26.54 -8.05 13.85
CA LEU B 546 -26.70 -7.28 12.59
C LEU B 546 -26.38 -5.78 12.80
N THR B 547 -25.85 -5.12 11.76
CA THR B 547 -25.53 -3.67 11.82
C THR B 547 -26.81 -2.83 11.99
N GLY B 548 -27.90 -3.22 11.31
CA GLY B 548 -29.17 -2.48 11.41
C GLY B 548 -29.15 -1.10 10.79
N THR B 549 -29.45 -0.05 11.56
CA THR B 549 -29.51 1.35 11.05
C THR B 549 -30.62 1.55 9.98
N GLY B 550 -31.79 0.92 10.16
CA GLY B 550 -32.91 1.11 9.22
C GLY B 550 -34.25 1.26 9.92
N VAL B 551 -35.23 1.91 9.27
CA VAL B 551 -36.61 2.03 9.86
C VAL B 551 -37.28 0.64 9.74
N LEU B 552 -38.21 0.31 10.64
CA LEU B 552 -38.78 -1.07 10.59
C LEU B 552 -40.26 -1.00 10.24
N THR B 553 -40.78 -1.97 9.47
CA THR B 553 -42.18 -2.03 9.08
C THR B 553 -42.71 -3.45 9.10
N GLU B 554 -44.03 -3.56 9.23
CA GLU B 554 -44.69 -4.85 9.17
C GLU B 554 -44.60 -5.48 7.79
N SER B 555 -44.21 -6.75 7.76
CA SER B 555 -44.09 -7.49 6.51
C SER B 555 -45.08 -8.64 6.49
N ASN B 556 -45.30 -9.18 5.31
CA ASN B 556 -46.19 -10.32 5.12
C ASN B 556 -45.57 -11.41 4.26
N LYS B 557 -44.25 -11.40 4.08
CA LYS B 557 -43.62 -12.36 3.19
C LYS B 557 -43.68 -13.76 3.80
N LYS B 558 -43.91 -14.76 2.95
CA LYS B 558 -43.84 -16.13 3.43
C LYS B 558 -42.41 -16.46 3.82
N PHE B 559 -42.24 -17.26 4.86
CA PHE B 559 -40.93 -17.40 5.47
C PHE B 559 -40.86 -18.76 6.12
N LEU B 560 -39.78 -19.50 5.87
CA LEU B 560 -39.68 -20.85 6.40
C LEU B 560 -39.34 -20.83 7.89
N PRO B 561 -39.67 -21.89 8.63
CA PRO B 561 -39.42 -21.88 10.08
C PRO B 561 -37.96 -21.77 10.45
N PHE B 562 -37.10 -22.64 9.93
CA PHE B 562 -35.71 -22.67 10.39
C PHE B 562 -34.94 -21.45 9.92
N GLN B 563 -35.49 -20.70 8.98
CA GLN B 563 -34.80 -19.52 8.46
C GLN B 563 -34.86 -18.36 9.45
N GLN B 564 -33.94 -17.42 9.30
CA GLN B 564 -33.85 -16.30 10.22
C GLN B 564 -34.01 -14.94 9.56
N PHE B 565 -33.37 -14.69 8.42
CA PHE B 565 -33.49 -13.40 7.77
C PHE B 565 -33.37 -13.56 6.27
N GLY B 566 -33.82 -12.55 5.52
CA GLY B 566 -33.81 -12.67 4.04
C GLY B 566 -33.11 -11.53 3.35
N ARG B 567 -32.32 -11.83 2.31
CA ARG B 567 -31.66 -10.77 1.51
C ARG B 567 -32.34 -10.70 0.13
N ASP B 568 -32.93 -9.56 -0.21
CA ASP B 568 -33.63 -9.41 -1.52
C ASP B 568 -32.62 -9.55 -2.67
N ILE B 569 -31.80 -8.52 -2.93
CA ILE B 569 -30.84 -8.54 -4.06
C ILE B 569 -29.49 -7.97 -3.59
N ALA B 570 -28.39 -8.36 -4.25
CA ALA B 570 -27.05 -7.81 -3.93
C ALA B 570 -26.69 -8.06 -2.45
N ASP B 571 -27.10 -9.21 -1.90
CA ASP B 571 -26.76 -9.58 -0.49
C ASP B 571 -27.12 -8.45 0.48
N THR B 572 -28.14 -7.64 0.17
CA THR B 572 -28.58 -6.62 1.11
C THR B 572 -29.75 -7.19 1.89
N THR B 573 -29.69 -7.12 3.21
CA THR B 573 -30.70 -7.72 4.07
C THR B 573 -31.94 -6.86 4.09
N ASP B 574 -33.08 -7.41 3.63
CA ASP B 574 -34.30 -6.62 3.56
C ASP B 574 -35.27 -6.96 4.68
N ALA B 575 -35.29 -8.20 5.13
CA ALA B 575 -36.27 -8.61 6.13
C ALA B 575 -35.59 -9.47 7.17
N VAL B 576 -36.02 -9.31 8.42
CA VAL B 576 -35.47 -10.05 9.55
C VAL B 576 -36.63 -10.53 10.40
N ARG B 577 -36.36 -11.53 11.24
CA ARG B 577 -37.39 -12.08 12.10
C ARG B 577 -36.97 -12.01 13.56
N ASP B 578 -37.87 -11.48 14.40
CA ASP B 578 -37.54 -11.32 15.81
C ASP B 578 -37.73 -12.65 16.53
N PRO B 579 -36.95 -12.90 17.59
CA PRO B 579 -37.14 -14.17 18.32
C PRO B 579 -38.45 -14.24 19.09
N GLN B 580 -39.05 -13.10 19.42
CA GLN B 580 -40.21 -13.13 20.30
C GLN B 580 -41.48 -13.57 19.57
N THR B 581 -41.51 -13.48 18.23
CA THR B 581 -42.64 -13.97 17.44
C THR B 581 -42.18 -14.41 16.05
N LEU B 582 -43.10 -15.07 15.33
CA LEU B 582 -42.94 -15.31 13.90
C LEU B 582 -43.04 -14.01 13.09
N GLU B 583 -43.36 -12.92 13.77
CA GLU B 583 -43.40 -11.59 13.19
C GLU B 583 -42.11 -11.28 12.43
N ILE B 584 -42.25 -11.02 11.13
CA ILE B 584 -41.13 -10.61 10.30
C ILE B 584 -41.22 -9.12 10.07
N LEU B 585 -40.09 -8.47 9.88
CA LEU B 585 -40.01 -7.03 9.76
C LEU B 585 -39.24 -6.66 8.51
N ASP B 586 -39.74 -5.70 7.75
CA ASP B 586 -38.97 -5.21 6.61
C ASP B 586 -38.03 -4.10 7.05
N ILE B 587 -37.02 -3.84 6.24
CA ILE B 587 -36.04 -2.80 6.49
C ILE B 587 -35.97 -1.89 5.28
N THR B 588 -36.07 -0.58 5.52
CA THR B 588 -36.00 0.42 4.49
C THR B 588 -34.99 1.48 4.90
N PRO B 589 -34.07 1.87 4.03
CA PRO B 589 -33.08 2.88 4.42
C PRO B 589 -33.76 4.21 4.71
N CYS B 590 -33.15 4.98 5.60
CA CYS B 590 -33.65 6.30 5.90
C CYS B 590 -33.50 7.21 4.69
N SER B 591 -34.49 8.06 4.47
CA SER B 591 -34.55 8.84 3.23
C SER B 591 -33.41 9.83 3.14
N PHE B 592 -32.97 10.10 1.92
CA PHE B 592 -31.95 11.10 1.62
C PHE B 592 -32.17 11.62 0.21
N GLY B 593 -31.58 12.76 -0.10
CA GLY B 593 -31.75 13.38 -1.40
C GLY B 593 -30.96 14.67 -1.47
N GLY B 594 -31.12 15.38 -2.57
CA GLY B 594 -30.42 16.64 -2.76
C GLY B 594 -31.37 17.82 -2.74
N VAL B 595 -30.96 18.92 -2.11
CA VAL B 595 -31.81 20.10 -2.07
C VAL B 595 -31.38 21.05 -3.19
N SER B 596 -32.37 21.59 -3.90
CA SER B 596 -32.13 22.48 -5.03
C SER B 596 -32.88 23.78 -4.82
N VAL B 597 -32.36 24.84 -5.43
CA VAL B 597 -32.86 26.19 -5.23
C VAL B 597 -33.37 26.74 -6.56
N ILE B 598 -34.58 27.28 -6.55
CA ILE B 598 -35.19 27.94 -7.70
C ILE B 598 -34.99 29.42 -7.54
N THR B 599 -34.59 30.11 -8.61
CA THR B 599 -34.47 31.54 -8.47
C THR B 599 -34.76 32.28 -9.78
N PRO B 600 -35.45 33.42 -9.71
CA PRO B 600 -35.71 34.22 -10.90
C PRO B 600 -34.62 35.21 -11.23
N GLY B 601 -33.43 35.04 -10.72
CA GLY B 601 -32.38 35.98 -11.04
C GLY B 601 -32.21 37.05 -9.98
N THR B 602 -30.97 37.48 -9.79
CA THR B 602 -30.68 38.40 -8.69
C THR B 602 -31.35 39.75 -8.89
N ASN B 603 -31.16 40.36 -10.06
CA ASN B 603 -31.55 41.75 -10.22
C ASN B 603 -33.07 41.92 -10.22
N THR B 604 -33.79 40.88 -10.63
CA THR B 604 -35.25 41.00 -10.68
C THR B 604 -35.86 40.96 -9.28
N SER B 605 -35.42 40.03 -8.43
CA SER B 605 -36.02 39.87 -7.12
C SER B 605 -35.10 39.04 -6.24
N ASN B 606 -35.50 38.86 -4.99
CA ASN B 606 -34.74 38.08 -4.03
C ASN B 606 -35.52 36.95 -3.40
N GLN B 607 -36.70 36.63 -3.90
CA GLN B 607 -37.36 35.43 -3.44
C GLN B 607 -36.64 34.21 -3.98
N VAL B 608 -36.81 33.07 -3.31
CA VAL B 608 -36.39 31.79 -3.85
C VAL B 608 -37.43 30.74 -3.50
N ALA B 609 -37.23 29.55 -4.04
CA ALA B 609 -38.01 28.37 -3.70
C ALA B 609 -37.06 27.22 -3.51
N VAL B 610 -37.44 26.27 -2.68
CA VAL B 610 -36.58 25.15 -2.31
C VAL B 610 -37.27 23.86 -2.70
N LEU B 611 -36.53 22.97 -3.35
CA LEU B 611 -37.06 21.68 -3.75
C LEU B 611 -36.22 20.59 -3.12
N TYR B 612 -36.82 19.82 -2.23
CA TYR B 612 -36.17 18.64 -1.66
C TYR B 612 -36.54 17.47 -2.56
N GLN B 613 -35.55 16.90 -3.23
CA GLN B 613 -35.81 15.99 -4.34
C GLN B 613 -36.15 14.60 -3.82
N ASP B 614 -37.12 13.96 -4.46
CA ASP B 614 -37.27 12.50 -4.40
C ASP B 614 -37.57 12.00 -2.99
N VAL B 615 -38.38 12.75 -2.24
CA VAL B 615 -38.64 12.34 -0.82
C VAL B 615 -40.07 12.70 -0.40
N ASN B 616 -40.77 11.78 0.29
CA ASN B 616 -42.11 12.13 0.84
C ASN B 616 -41.79 13.24 1.84
N CYS B 617 -42.54 14.35 1.87
CA CYS B 617 -42.06 15.43 2.77
C CYS B 617 -42.90 15.65 4.03
N THR B 618 -43.02 14.64 4.88
CA THR B 618 -43.67 14.87 6.20
C THR B 618 -42.52 14.99 7.21
N GLU B 619 -41.28 14.81 6.74
CA GLU B 619 -40.10 14.86 7.64
C GLU B 619 -39.22 16.08 7.31
N VAL B 620 -39.68 16.96 6.42
CA VAL B 620 -38.88 18.16 6.01
C VAL B 620 -38.32 18.91 7.24
N PRO B 621 -39.04 19.20 8.36
CA PRO B 621 -38.43 19.91 9.50
C PRO B 621 -37.37 19.08 10.19
N VAL B 622 -37.38 17.77 9.95
CA VAL B 622 -36.32 16.87 10.53
C VAL B 622 -35.22 16.64 9.48
N ALA B 623 -34.81 17.69 8.75
CA ALA B 623 -33.69 17.54 7.79
C ALA B 623 -32.45 18.23 8.36
N ILE B 624 -31.38 17.48 8.63
CA ILE B 624 -30.15 18.04 9.26
C ILE B 624 -29.41 19.02 8.35
N HIS B 625 -29.28 18.72 7.05
CA HIS B 625 -28.43 19.55 6.16
C HIS B 625 -29.23 20.62 5.40
N ALA B 626 -30.53 20.75 5.65
CA ALA B 626 -31.37 21.71 4.89
C ALA B 626 -30.89 23.15 5.09
N ASP B 627 -30.99 24.00 4.05
CA ASP B 627 -30.64 25.44 4.18
C ASP B 627 -31.37 26.00 5.41
N GLN B 628 -30.66 26.73 6.27
CA GLN B 628 -31.27 27.27 7.51
C GLN B 628 -32.24 28.38 7.13
N LEU B 629 -33.40 28.45 7.81
CA LEU B 629 -34.34 29.57 7.54
C LEU B 629 -34.59 29.68 6.03
N SER B 640 -44.21 27.70 4.36
CA SER B 640 -45.45 28.40 4.03
C SER B 640 -46.41 27.49 3.26
N ASN B 641 -46.18 27.37 1.96
CA ASN B 641 -47.00 26.53 1.10
C ASN B 641 -46.20 25.27 0.77
N VAL B 642 -46.79 24.11 1.02
CA VAL B 642 -46.14 22.84 0.71
C VAL B 642 -47.00 22.14 -0.34
N PHE B 643 -46.41 21.86 -1.48
CA PHE B 643 -47.08 21.23 -2.60
C PHE B 643 -46.30 20.01 -3.04
N GLN B 644 -46.94 18.85 -3.04
CA GLN B 644 -46.26 17.61 -3.41
C GLN B 644 -46.31 17.46 -4.93
N THR B 645 -45.22 16.96 -5.50
CA THR B 645 -45.11 16.81 -6.95
C THR B 645 -44.63 15.42 -7.29
N ARG B 646 -44.35 15.22 -8.58
CA ARG B 646 -43.82 13.90 -9.03
C ARG B 646 -42.33 13.83 -8.69
N ALA B 647 -41.65 14.97 -8.61
CA ALA B 647 -40.21 14.94 -8.35
C ALA B 647 -39.91 15.03 -6.86
N GLY B 648 -40.61 15.91 -6.16
CA GLY B 648 -40.39 16.13 -4.74
C GLY B 648 -41.55 16.94 -4.22
N CYS B 649 -41.24 17.89 -3.35
CA CYS B 649 -42.22 18.91 -2.99
C CYS B 649 -41.52 20.25 -2.82
N LEU B 650 -42.04 21.26 -3.50
CA LEU B 650 -41.50 22.61 -3.39
C LEU B 650 -41.93 23.24 -2.09
N ILE B 651 -41.30 24.36 -1.77
CA ILE B 651 -41.65 25.17 -0.62
C ILE B 651 -41.64 26.63 -1.07
N GLY B 652 -42.80 27.26 -1.03
CA GLY B 652 -42.88 28.65 -1.42
C GLY B 652 -43.39 28.90 -2.82
N ALA B 653 -44.17 27.99 -3.39
CA ALA B 653 -44.80 28.20 -4.68
C ALA B 653 -46.16 27.52 -4.69
N GLU B 654 -47.10 28.11 -5.42
CA GLU B 654 -48.47 27.60 -5.52
C GLU B 654 -48.75 27.22 -6.96
N HIS B 655 -49.57 26.20 -7.16
CA HIS B 655 -49.82 25.77 -8.53
C HIS B 655 -51.05 26.49 -9.07
N VAL B 656 -51.15 26.54 -10.39
CA VAL B 656 -52.26 27.19 -11.07
C VAL B 656 -52.77 26.24 -12.14
N ASN B 657 -54.09 26.21 -12.32
CA ASN B 657 -54.66 25.28 -13.28
C ASN B 657 -54.33 25.69 -14.70
N ASN B 658 -53.91 26.94 -14.89
CA ASN B 658 -53.48 27.40 -16.19
C ASN B 658 -52.24 26.63 -16.64
N SER B 659 -52.14 26.39 -17.95
CA SER B 659 -50.90 25.89 -18.52
C SER B 659 -50.24 26.99 -19.34
N TYR B 660 -48.92 27.16 -19.16
CA TYR B 660 -48.17 28.21 -19.89
C TYR B 660 -46.95 27.59 -20.56
N GLU B 661 -46.23 28.37 -21.37
CA GLU B 661 -44.97 27.88 -21.99
C GLU B 661 -43.93 27.70 -20.87
N CYS B 662 -43.10 26.65 -20.96
CA CYS B 662 -42.12 26.37 -19.88
C CYS B 662 -41.05 27.47 -19.81
N ASP B 663 -40.60 27.79 -18.59
CA ASP B 663 -39.51 28.79 -18.42
C ASP B 663 -38.34 28.10 -17.73
N ILE B 664 -38.56 27.55 -16.53
CA ILE B 664 -37.52 26.87 -15.80
C ILE B 664 -37.95 25.42 -15.60
N PRO B 665 -37.18 24.44 -16.04
CA PRO B 665 -37.62 23.05 -15.92
C PRO B 665 -37.39 22.48 -14.55
N ILE B 666 -38.41 21.87 -13.95
CA ILE B 666 -38.22 21.24 -12.64
C ILE B 666 -38.07 19.74 -12.79
N GLY B 667 -38.91 19.12 -13.62
CA GLY B 667 -38.82 17.70 -13.88
C GLY B 667 -40.17 17.03 -13.90
N ALA B 668 -40.23 15.95 -14.67
CA ALA B 668 -41.42 15.11 -14.77
C ALA B 668 -42.63 15.90 -15.24
N GLY B 669 -42.41 16.95 -16.00
CA GLY B 669 -43.51 17.66 -16.63
C GLY B 669 -43.97 18.91 -15.92
N ILE B 670 -43.13 19.56 -15.13
CA ILE B 670 -43.51 20.76 -14.40
C ILE B 670 -42.45 21.84 -14.63
N CYS B 671 -42.89 23.09 -14.65
CA CYS B 671 -42.01 24.23 -14.82
C CYS B 671 -42.42 25.30 -13.80
N ALA B 672 -41.55 26.28 -13.63
CA ALA B 672 -41.78 27.36 -12.68
C ALA B 672 -41.29 28.67 -13.26
N SER B 673 -41.90 29.78 -12.85
CA SER B 673 -41.51 31.07 -13.38
C SER B 673 -42.06 32.18 -12.50
N TYR B 674 -41.59 33.40 -12.77
CA TYR B 674 -41.99 34.55 -11.99
C TYR B 674 -43.23 35.21 -12.59
N GLN B 675 -44.26 35.37 -11.76
CA GLN B 675 -45.51 36.01 -12.17
C GLN B 675 -45.26 37.34 -12.86
N GLN B 690 -44.37 38.56 -9.06
CA GLN B 690 -44.51 38.80 -7.60
C GLN B 690 -44.42 37.47 -6.86
N SER B 691 -44.83 36.37 -7.50
CA SER B 691 -44.82 35.04 -6.85
C SER B 691 -44.29 33.97 -7.82
N ILE B 692 -43.76 32.87 -7.29
CA ILE B 692 -43.30 31.75 -8.16
C ILE B 692 -44.49 30.82 -8.38
N ILE B 693 -44.77 30.45 -9.64
CA ILE B 693 -45.95 29.59 -9.95
C ILE B 693 -45.46 28.26 -10.55
N ALA B 694 -46.01 27.13 -10.09
CA ALA B 694 -45.63 25.83 -10.61
C ALA B 694 -46.80 25.22 -11.37
N TYR B 695 -46.65 25.08 -12.68
CA TYR B 695 -47.73 24.63 -13.55
C TYR B 695 -47.22 23.52 -14.45
N THR B 696 -48.16 22.79 -15.05
CA THR B 696 -47.78 21.77 -16.02
C THR B 696 -47.50 22.42 -17.37
N MET B 697 -46.55 21.86 -18.12
CA MET B 697 -46.10 22.49 -19.39
C MET B 697 -47.17 22.45 -20.48
N SER B 698 -47.10 23.39 -21.43
CA SER B 698 -48.03 23.37 -22.59
C SER B 698 -47.20 23.11 -23.85
N LEU B 699 -47.56 22.10 -24.65
CA LEU B 699 -46.73 21.72 -25.82
C LEU B 699 -46.67 22.86 -26.84
N GLY B 700 -47.78 23.53 -27.12
CA GLY B 700 -47.78 24.67 -28.04
C GLY B 700 -49.18 25.10 -28.43
N ALA B 701 -49.31 26.02 -29.39
CA ALA B 701 -50.63 26.47 -29.88
C ALA B 701 -51.28 25.33 -30.66
N GLU B 702 -52.62 25.24 -30.65
CA GLU B 702 -53.29 24.14 -31.31
C GLU B 702 -54.15 24.68 -32.44
N ASN B 703 -53.93 24.16 -33.65
CA ASN B 703 -54.73 24.54 -34.80
C ASN B 703 -54.84 23.36 -35.74
N SER B 704 -55.94 23.31 -36.47
CA SER B 704 -56.22 22.24 -37.42
C SER B 704 -56.57 22.84 -38.76
N VAL B 705 -55.94 22.34 -39.82
CA VAL B 705 -56.18 22.88 -41.16
C VAL B 705 -57.43 22.26 -41.76
N ALA B 706 -58.18 23.07 -42.50
CA ALA B 706 -59.38 22.58 -43.15
C ALA B 706 -59.04 21.66 -44.30
N TYR B 707 -59.35 20.38 -44.15
CA TYR B 707 -59.03 19.37 -45.15
C TYR B 707 -60.31 18.89 -45.81
N SER B 708 -60.33 18.92 -47.14
CA SER B 708 -61.44 18.43 -47.91
C SER B 708 -60.92 17.97 -49.26
N ASN B 709 -61.60 17.00 -49.87
CA ASN B 709 -61.03 16.35 -51.04
C ASN B 709 -61.03 17.27 -52.25
N ASN B 710 -61.50 18.51 -52.11
CA ASN B 710 -61.48 19.42 -53.24
C ASN B 710 -60.50 20.55 -53.04
N SER B 711 -60.36 21.05 -51.82
CA SER B 711 -59.68 22.31 -51.61
C SER B 711 -58.19 22.19 -51.82
N ILE B 712 -57.54 23.33 -52.08
CA ILE B 712 -56.10 23.45 -52.10
C ILE B 712 -55.77 24.91 -51.81
N ALA B 713 -54.57 25.14 -51.30
CA ALA B 713 -54.14 26.49 -50.94
C ALA B 713 -52.86 26.82 -51.68
N ILE B 714 -52.77 28.04 -52.20
CA ILE B 714 -51.64 28.48 -53.00
C ILE B 714 -51.14 29.80 -52.42
N PRO B 715 -49.84 29.95 -52.19
CA PRO B 715 -49.34 31.24 -51.71
C PRO B 715 -49.41 32.29 -52.80
N THR B 716 -49.33 33.55 -52.39
CA THR B 716 -49.33 34.66 -53.34
C THR B 716 -48.20 35.66 -53.11
N ASN B 717 -47.44 35.51 -52.03
CA ASN B 717 -46.36 36.44 -51.74
C ASN B 717 -45.30 35.72 -50.92
N PHE B 718 -44.10 36.28 -50.91
CA PHE B 718 -42.96 35.61 -50.33
C PHE B 718 -42.16 36.58 -49.47
N THR B 719 -41.41 36.02 -48.52
CA THR B 719 -40.47 36.79 -47.73
C THR B 719 -39.12 36.12 -47.77
N ILE B 720 -38.07 36.90 -47.53
CA ILE B 720 -36.70 36.40 -47.55
C ILE B 720 -36.09 36.64 -46.18
N SER B 721 -35.54 35.60 -45.58
CA SER B 721 -35.08 35.66 -44.20
C SER B 721 -33.63 35.22 -44.11
N VAL B 722 -32.98 35.58 -43.02
CA VAL B 722 -31.58 35.27 -42.79
C VAL B 722 -31.44 34.72 -41.38
N THR B 723 -30.68 33.64 -41.24
CA THR B 723 -30.56 32.90 -39.99
C THR B 723 -29.09 32.81 -39.63
N THR B 724 -28.80 32.33 -38.42
CA THR B 724 -27.43 32.23 -37.92
C THR B 724 -27.20 30.82 -37.41
N GLU B 725 -25.96 30.34 -37.49
CA GLU B 725 -25.58 29.05 -36.93
C GLU B 725 -24.12 29.08 -36.54
N ILE B 726 -23.81 28.64 -35.33
CA ILE B 726 -22.49 28.79 -34.72
C ILE B 726 -21.93 27.42 -34.39
N LEU B 727 -20.69 27.17 -34.77
CA LEU B 727 -20.05 25.87 -34.56
C LEU B 727 -18.61 26.07 -34.11
N PRO B 728 -18.16 25.37 -33.07
CA PRO B 728 -16.75 25.44 -32.70
C PRO B 728 -15.93 24.47 -33.53
N VAL B 729 -14.67 24.81 -33.79
CA VAL B 729 -13.80 23.96 -34.60
C VAL B 729 -12.46 23.66 -33.95
N SER B 730 -12.05 24.35 -32.90
CA SER B 730 -10.74 24.05 -32.32
C SER B 730 -10.68 24.53 -30.89
N MET B 731 -9.73 23.98 -30.14
CA MET B 731 -9.55 24.26 -28.73
C MET B 731 -8.07 24.51 -28.48
N THR B 732 -7.78 25.17 -27.35
CA THR B 732 -6.41 25.62 -27.10
C THR B 732 -5.46 24.44 -26.95
N LYS B 733 -4.28 24.58 -27.52
CA LYS B 733 -3.25 23.55 -27.47
C LYS B 733 -2.43 23.74 -26.21
N THR B 734 -2.22 22.66 -25.48
CA THR B 734 -1.42 22.72 -24.26
C THR B 734 -0.50 21.51 -24.20
N SER B 735 0.57 21.64 -23.41
CA SER B 735 1.53 20.57 -23.21
C SER B 735 2.11 20.68 -21.81
N VAL B 736 2.30 19.54 -21.17
CA VAL B 736 2.70 19.47 -19.77
C VAL B 736 3.87 18.51 -19.64
N ASP B 737 4.87 18.90 -18.86
CA ASP B 737 6.06 18.08 -18.63
C ASP B 737 5.84 17.24 -17.37
N CYS B 738 6.08 15.93 -17.48
CA CYS B 738 5.73 15.03 -16.40
C CYS B 738 6.59 15.26 -15.17
N THR B 739 7.91 15.27 -15.34
CA THR B 739 8.80 15.31 -14.18
C THR B 739 8.64 16.60 -13.40
N MET B 740 8.69 17.75 -14.09
CA MET B 740 8.63 19.02 -13.40
C MET B 740 7.34 19.18 -12.63
N TYR B 741 6.27 18.52 -13.07
CA TYR B 741 5.03 18.55 -12.31
C TYR B 741 5.11 17.62 -11.11
N ILE B 742 5.54 16.38 -11.33
CA ILE B 742 5.51 15.39 -10.27
C ILE B 742 6.50 15.73 -9.16
N CYS B 743 7.80 15.76 -9.47
CA CYS B 743 8.80 16.04 -8.46
C CYS B 743 9.27 17.47 -8.53
N GLY B 744 9.86 17.87 -9.65
CA GLY B 744 10.21 19.30 -9.85
C GLY B 744 11.50 19.72 -9.17
N ASP B 745 12.61 19.79 -9.94
CA ASP B 745 13.92 20.26 -9.40
C ASP B 745 14.32 19.43 -8.18
N SER B 746 13.94 18.15 -8.15
CA SER B 746 14.36 17.25 -7.05
C SER B 746 15.03 16.02 -7.66
N THR B 747 16.25 15.70 -7.24
CA THR B 747 16.98 14.58 -7.89
C THR B 747 16.45 13.25 -7.35
N GLU B 748 16.59 12.99 -6.05
CA GLU B 748 16.20 11.71 -5.49
C GLU B 748 14.77 11.35 -5.89
N CYS B 749 13.89 12.35 -5.92
CA CYS B 749 12.52 12.12 -6.30
C CYS B 749 12.44 11.63 -7.74
N SER B 750 13.22 12.25 -8.62
CA SER B 750 13.23 11.80 -10.00
C SER B 750 13.75 10.37 -10.11
N ASN B 751 14.69 10.00 -9.25
CA ASN B 751 15.17 8.62 -9.24
C ASN B 751 14.03 7.66 -8.91
N LEU B 752 13.18 8.03 -7.95
CA LEU B 752 11.99 7.24 -7.66
C LEU B 752 11.07 7.17 -8.88
N LEU B 753 10.97 8.25 -9.65
CA LEU B 753 10.16 8.19 -10.86
C LEU B 753 10.70 7.16 -11.85
N LEU B 754 12.01 7.14 -12.09
CA LEU B 754 12.57 6.08 -12.92
C LEU B 754 12.22 4.71 -12.36
N GLN B 755 12.08 4.63 -11.04
CA GLN B 755 11.78 3.35 -10.41
C GLN B 755 10.39 2.85 -10.77
N TYR B 756 9.41 3.76 -10.98
CA TYR B 756 8.09 3.28 -11.40
C TYR B 756 8.11 2.67 -12.79
N GLY B 757 8.55 3.42 -13.78
CA GLY B 757 8.59 2.90 -15.14
C GLY B 757 8.45 4.01 -16.14
N SER B 758 7.64 3.75 -17.17
CA SER B 758 7.49 4.66 -18.30
C SER B 758 6.08 5.19 -18.45
N PHE B 759 5.47 5.66 -17.37
CA PHE B 759 4.15 6.26 -17.49
C PHE B 759 4.21 7.62 -18.18
N CYS B 760 5.10 8.51 -17.74
CA CYS B 760 4.93 9.88 -18.16
C CYS B 760 5.43 10.10 -19.58
N THR B 761 6.19 9.15 -20.12
CA THR B 761 6.52 9.22 -21.53
C THR B 761 5.28 9.12 -22.39
N GLN B 762 4.41 8.15 -22.09
CA GLN B 762 3.22 8.01 -22.92
C GLN B 762 2.21 9.12 -22.65
N LEU B 763 2.24 9.70 -21.45
CA LEU B 763 1.42 10.88 -21.23
C LEU B 763 1.84 12.03 -22.14
N ASN B 764 3.14 12.25 -22.28
CA ASN B 764 3.60 13.30 -23.21
C ASN B 764 3.14 13.00 -24.62
N ARG B 765 3.24 11.75 -25.06
CA ARG B 765 2.88 11.44 -26.43
C ARG B 765 1.40 11.67 -26.69
N ALA B 766 0.55 11.36 -25.72
CA ALA B 766 -0.88 11.60 -25.89
C ALA B 766 -1.17 13.08 -26.12
N LEU B 767 -0.66 13.94 -25.25
CA LEU B 767 -0.97 15.36 -25.40
C LEU B 767 -0.43 15.92 -26.71
N THR B 768 0.75 15.49 -27.12
CA THR B 768 1.26 15.96 -28.40
C THR B 768 0.33 15.56 -29.54
N GLY B 769 -0.25 14.36 -29.46
CA GLY B 769 -1.16 13.93 -30.51
C GLY B 769 -2.33 14.88 -30.68
N ILE B 770 -2.98 15.28 -29.59
CA ILE B 770 -4.19 16.09 -29.78
C ILE B 770 -3.81 17.49 -30.23
N ALA B 771 -2.62 17.98 -29.88
CA ALA B 771 -2.23 19.31 -30.35
C ALA B 771 -2.13 19.35 -31.86
N VAL B 772 -1.41 18.40 -32.46
CA VAL B 772 -1.32 18.38 -33.91
C VAL B 772 -2.71 18.24 -34.53
N GLU B 773 -3.62 17.57 -33.82
CA GLU B 773 -4.97 17.44 -34.35
C GLU B 773 -5.66 18.78 -34.48
N GLN B 774 -5.48 19.67 -33.50
CA GLN B 774 -6.18 20.94 -33.57
C GLN B 774 -5.79 21.73 -34.81
N ASP B 775 -4.50 21.72 -35.15
CA ASP B 775 -4.11 22.40 -36.39
C ASP B 775 -4.72 21.74 -37.60
N LYS B 776 -4.90 20.42 -37.54
CA LYS B 776 -5.51 19.71 -38.65
C LYS B 776 -6.93 20.20 -38.88
N ASN B 777 -7.71 20.38 -37.81
CA ASN B 777 -9.10 20.79 -37.95
C ASN B 777 -9.22 22.13 -38.66
N THR B 778 -8.50 23.14 -38.18
CA THR B 778 -8.68 24.47 -38.75
C THR B 778 -8.35 24.46 -40.23
N GLN B 779 -7.26 23.79 -40.62
CA GLN B 779 -6.92 23.73 -42.03
C GLN B 779 -8.01 23.06 -42.83
N GLU B 780 -8.62 22.02 -42.27
CA GLU B 780 -9.65 21.27 -42.99
C GLU B 780 -10.86 22.14 -43.31
N VAL B 781 -11.27 22.98 -42.36
CA VAL B 781 -12.50 23.74 -42.56
C VAL B 781 -12.28 24.89 -43.53
N PHE B 782 -11.22 25.68 -43.32
CA PHE B 782 -11.14 26.95 -44.03
C PHE B 782 -10.44 26.83 -45.37
N ALA B 783 -9.40 25.99 -45.45
CA ALA B 783 -8.56 25.93 -46.64
C ALA B 783 -9.21 25.06 -47.71
N GLN B 784 -10.34 25.55 -48.21
CA GLN B 784 -11.07 24.87 -49.28
C GLN B 784 -10.77 25.42 -50.66
N VAL B 785 -10.21 26.62 -50.75
CA VAL B 785 -10.09 27.34 -52.01
C VAL B 785 -8.64 27.25 -52.47
N LYS B 786 -8.43 27.38 -53.78
CA LYS B 786 -7.10 27.17 -54.34
C LYS B 786 -6.35 28.49 -54.49
N GLN B 787 -7.04 29.52 -54.97
CA GLN B 787 -6.42 30.82 -55.16
C GLN B 787 -7.18 31.88 -54.37
N ILE B 788 -6.62 33.09 -54.33
CA ILE B 788 -7.28 34.18 -53.65
C ILE B 788 -8.00 35.05 -54.66
N TYR B 789 -9.29 35.27 -54.44
CA TYR B 789 -10.12 36.05 -55.33
C TYR B 789 -10.36 37.42 -54.72
N LYS B 790 -10.50 38.43 -55.56
CA LYS B 790 -10.71 39.79 -55.13
C LYS B 790 -11.98 40.35 -55.76
N THR B 791 -12.77 41.04 -54.96
CA THR B 791 -13.97 41.69 -55.47
C THR B 791 -13.58 42.88 -56.33
N PRO B 792 -14.36 43.20 -57.36
CA PRO B 792 -14.03 44.33 -58.23
C PRO B 792 -14.05 45.64 -57.47
N PRO B 793 -13.19 46.59 -57.85
CA PRO B 793 -13.14 47.85 -57.08
C PRO B 793 -14.42 48.65 -57.14
N ILE B 794 -15.04 48.75 -58.31
CA ILE B 794 -16.35 49.37 -58.44
C ILE B 794 -17.40 48.31 -58.12
N LYS B 795 -18.41 48.72 -57.37
CA LYS B 795 -19.37 47.81 -56.77
C LYS B 795 -20.77 48.22 -57.13
N ASP B 796 -21.32 47.63 -58.18
CA ASP B 796 -22.73 47.78 -58.53
C ASP B 796 -23.33 46.39 -58.75
N PHE B 797 -23.79 45.77 -57.68
CA PHE B 797 -24.41 44.45 -57.77
C PHE B 797 -25.92 44.57 -57.88
N GLY B 798 -26.37 45.33 -58.86
CA GLY B 798 -27.78 45.36 -59.22
C GLY B 798 -28.73 45.70 -58.10
N GLY B 799 -28.26 46.43 -57.09
CA GLY B 799 -29.13 46.83 -56.00
C GLY B 799 -28.94 46.09 -54.71
N PHE B 800 -28.10 45.06 -54.67
CA PHE B 800 -27.83 44.37 -53.42
C PHE B 800 -26.66 45.03 -52.70
N ASN B 801 -26.70 45.02 -51.38
CA ASN B 801 -25.73 45.72 -50.55
C ASN B 801 -24.99 44.73 -49.68
N PHE B 802 -23.72 44.49 -49.96
CA PHE B 802 -22.91 43.60 -49.16
C PHE B 802 -21.90 44.33 -48.28
N SER B 803 -22.17 45.58 -47.91
CA SER B 803 -21.17 46.36 -47.19
C SER B 803 -20.89 45.77 -45.82
N GLN B 804 -21.86 45.08 -45.23
CA GLN B 804 -21.69 44.57 -43.88
C GLN B 804 -21.03 43.20 -43.88
N ILE B 805 -20.82 42.62 -45.05
CA ILE B 805 -20.20 41.31 -45.13
C ILE B 805 -18.74 41.43 -45.57
N LEU B 806 -18.48 42.28 -46.55
CA LEU B 806 -17.17 42.37 -47.15
C LEU B 806 -16.18 43.03 -46.19
N PRO B 807 -14.88 42.79 -46.35
CA PRO B 807 -13.91 43.36 -45.43
C PRO B 807 -13.90 44.87 -45.48
N ASP B 808 -13.60 45.47 -44.34
CA ASP B 808 -13.61 46.92 -44.22
C ASP B 808 -12.19 47.45 -44.26
N PRO B 809 -11.81 48.21 -45.29
CA PRO B 809 -10.39 48.58 -45.45
C PRO B 809 -9.94 49.66 -44.48
N SER B 810 -10.78 50.65 -44.22
CA SER B 810 -10.40 51.80 -43.39
C SER B 810 -10.40 51.41 -41.92
N LYS B 811 -9.52 50.45 -41.60
CA LYS B 811 -9.40 49.92 -40.26
C LYS B 811 -8.21 48.99 -40.18
N PRO B 812 -7.42 49.06 -39.12
CA PRO B 812 -6.35 48.07 -38.93
C PRO B 812 -6.93 46.70 -38.67
N SER B 813 -6.18 45.66 -39.05
CA SER B 813 -6.67 44.28 -39.00
C SER B 813 -7.99 44.18 -39.75
N LYS B 814 -7.95 44.49 -41.05
CA LYS B 814 -9.20 44.53 -41.87
C LYS B 814 -10.14 43.36 -41.56
N ARG B 815 -11.28 43.63 -40.93
CA ARG B 815 -12.27 42.55 -40.65
C ARG B 815 -13.67 43.02 -41.07
N SER B 816 -14.61 42.07 -41.22
CA SER B 816 -16.01 42.42 -41.55
C SER B 816 -16.63 43.12 -40.34
N PRO B 817 -17.61 44.04 -40.49
CA PRO B 817 -18.26 44.65 -39.33
C PRO B 817 -18.91 43.59 -38.44
N ILE B 818 -19.57 42.58 -39.05
CA ILE B 818 -20.16 41.47 -38.24
C ILE B 818 -19.03 40.75 -37.52
N GLU B 819 -17.90 40.50 -38.20
CA GLU B 819 -16.75 39.80 -37.60
C GLU B 819 -16.19 40.63 -36.45
N ASP B 820 -16.12 41.96 -36.60
CA ASP B 820 -15.57 42.84 -35.54
C ASP B 820 -16.45 42.73 -34.29
N LEU B 821 -17.76 42.69 -34.46
CA LEU B 821 -18.69 42.53 -33.30
C LEU B 821 -18.42 41.18 -32.64
N LEU B 822 -18.41 40.10 -33.43
CA LEU B 822 -18.19 38.76 -32.90
C LEU B 822 -16.87 38.67 -32.16
N PHE B 823 -15.87 39.43 -32.62
CA PHE B 823 -14.55 39.32 -32.01
C PHE B 823 -14.52 40.01 -30.65
N ASN B 824 -15.37 41.02 -30.46
CA ASN B 824 -15.40 41.71 -29.17
C ASN B 824 -16.26 40.98 -28.16
N LYS B 825 -17.33 40.34 -28.60
CA LYS B 825 -18.27 39.75 -27.65
C LYS B 825 -17.62 38.67 -26.81
N VAL B 826 -16.77 37.84 -27.41
CA VAL B 826 -16.16 36.73 -26.68
C VAL B 826 -15.00 37.29 -25.85
N THR B 827 -15.17 37.29 -24.53
CA THR B 827 -14.17 37.78 -23.59
C THR B 827 -13.67 36.61 -22.76
N LEU B 828 -12.36 36.45 -22.68
CA LEU B 828 -11.76 35.32 -21.98
C LEU B 828 -10.85 35.78 -20.84
N GLY B 857 4.86 23.60 -14.42
CA GLY B 857 5.39 23.10 -15.68
C GLY B 857 4.36 22.99 -16.79
N LEU B 858 3.66 24.08 -17.05
CA LEU B 858 2.59 24.12 -18.04
C LEU B 858 2.97 25.10 -19.14
N THR B 859 2.60 24.76 -20.38
CA THR B 859 2.91 25.61 -21.51
C THR B 859 1.70 25.69 -22.41
N VAL B 860 1.62 26.76 -23.20
CA VAL B 860 0.56 26.94 -24.19
C VAL B 860 1.21 27.26 -25.52
N LEU B 861 1.06 26.38 -26.47
CA LEU B 861 1.65 26.58 -27.78
C LEU B 861 0.79 27.53 -28.60
N PRO B 862 1.34 28.20 -29.62
CA PRO B 862 0.53 29.13 -30.38
C PRO B 862 -0.10 28.44 -31.58
N PRO B 863 -1.27 28.90 -32.02
CA PRO B 863 -1.89 28.30 -33.20
C PRO B 863 -1.04 28.55 -34.43
N LEU B 864 -1.17 27.67 -35.43
CA LEU B 864 -0.28 27.71 -36.56
C LEU B 864 -0.74 28.72 -37.61
N LEU B 865 -2.01 29.09 -37.60
CA LEU B 865 -2.54 30.11 -38.49
C LEU B 865 -3.03 31.30 -37.67
N THR B 866 -2.49 32.48 -37.95
CA THR B 866 -2.93 33.66 -37.23
C THR B 866 -4.26 34.16 -37.79
N ASP B 867 -4.87 35.09 -37.07
CA ASP B 867 -6.22 35.54 -37.42
C ASP B 867 -6.24 36.29 -38.74
N GLU B 868 -5.11 36.88 -39.14
CA GLU B 868 -5.07 37.49 -40.47
C GLU B 868 -5.27 36.44 -41.54
N MET B 869 -4.64 35.27 -41.36
CA MET B 869 -4.79 34.20 -42.34
C MET B 869 -6.24 33.76 -42.45
N ILE B 870 -6.89 33.53 -41.30
CA ILE B 870 -8.27 33.05 -41.31
C ILE B 870 -9.18 34.08 -41.98
N ALA B 871 -9.02 35.35 -41.63
CA ALA B 871 -9.86 36.38 -42.25
C ALA B 871 -9.61 36.44 -43.75
N GLN B 872 -8.39 36.14 -44.18
CA GLN B 872 -8.10 36.26 -45.60
C GLN B 872 -8.72 35.12 -46.40
N TYR B 873 -8.76 33.91 -45.84
CA TYR B 873 -9.59 32.86 -46.45
C TYR B 873 -11.05 33.27 -46.57
N THR B 874 -11.67 33.71 -45.49
CA THR B 874 -13.11 33.98 -45.59
C THR B 874 -13.38 35.08 -46.59
N SER B 875 -12.48 36.05 -46.72
CA SER B 875 -12.64 37.06 -47.77
C SER B 875 -12.57 36.43 -49.16
N ALA B 876 -11.65 35.49 -49.36
CA ALA B 876 -11.56 34.86 -50.67
C ALA B 876 -12.84 34.12 -51.02
N LEU B 877 -13.41 33.39 -50.06
CA LEU B 877 -14.62 32.63 -50.33
C LEU B 877 -15.79 33.55 -50.65
N LEU B 878 -15.91 34.66 -49.92
CA LEU B 878 -17.00 35.60 -50.20
C LEU B 878 -16.88 36.19 -51.60
N ALA B 879 -15.68 36.65 -51.98
CA ALA B 879 -15.54 37.24 -53.30
C ALA B 879 -15.82 36.23 -54.39
N GLY B 880 -15.40 34.98 -54.18
CA GLY B 880 -15.66 33.96 -55.18
C GLY B 880 -17.14 33.71 -55.39
N THR B 881 -17.91 33.59 -54.31
CA THR B 881 -19.32 33.24 -54.46
C THR B 881 -20.14 34.42 -54.96
N ILE B 882 -19.72 35.65 -54.67
CA ILE B 882 -20.45 36.81 -55.19
C ILE B 882 -20.22 36.95 -56.68
N THR B 883 -18.99 36.80 -57.12
CA THR B 883 -18.67 37.10 -58.51
C THR B 883 -19.01 35.96 -59.45
N SER B 884 -18.80 34.72 -59.01
CA SER B 884 -18.77 33.61 -59.95
C SER B 884 -19.76 32.48 -59.66
N GLY B 885 -20.70 32.67 -58.75
CA GLY B 885 -21.68 31.63 -58.52
C GLY B 885 -21.09 30.40 -57.86
N TRP B 886 -21.63 29.24 -58.22
CA TRP B 886 -21.09 28.00 -57.69
C TRP B 886 -20.05 27.38 -58.60
N THR B 887 -19.72 28.01 -59.72
CA THR B 887 -18.89 27.36 -60.72
C THR B 887 -17.45 27.22 -60.25
N PHE B 888 -17.03 28.03 -59.29
CA PHE B 888 -15.63 27.98 -58.87
C PHE B 888 -15.37 26.82 -57.93
N GLY B 889 -16.43 26.11 -57.55
CA GLY B 889 -16.23 24.91 -56.74
C GLY B 889 -15.81 23.71 -57.55
N ALA B 890 -16.11 23.74 -58.85
CA ALA B 890 -15.83 22.58 -59.69
C ALA B 890 -14.59 22.79 -60.55
N GLY B 891 -14.54 23.88 -61.28
CA GLY B 891 -13.42 24.14 -62.16
C GLY B 891 -13.01 25.59 -62.16
N PRO B 892 -12.67 26.12 -63.32
CA PRO B 892 -12.27 27.52 -63.41
C PRO B 892 -13.45 28.43 -63.12
N ALA B 893 -13.18 29.55 -62.45
CA ALA B 893 -14.24 30.50 -62.16
C ALA B 893 -14.76 31.13 -63.44
N LEU B 894 -16.08 31.26 -63.55
CA LEU B 894 -16.73 31.84 -64.71
C LEU B 894 -17.65 32.95 -64.28
N GLN B 895 -17.39 34.18 -64.74
CA GLN B 895 -18.12 35.33 -64.24
C GLN B 895 -19.56 35.28 -64.69
N ILE B 896 -20.41 36.06 -64.02
CA ILE B 896 -21.84 36.11 -64.33
C ILE B 896 -22.48 37.26 -63.56
N PRO B 897 -23.35 38.06 -64.16
CA PRO B 897 -23.98 39.15 -63.42
C PRO B 897 -24.86 38.62 -62.30
N PHE B 898 -24.90 39.34 -61.18
CA PHE B 898 -25.53 38.79 -59.99
C PHE B 898 -27.01 38.51 -60.14
N PRO B 899 -27.86 39.41 -60.63
CA PRO B 899 -29.29 39.06 -60.72
C PRO B 899 -29.55 37.84 -61.57
N MET B 900 -28.74 37.60 -62.60
CA MET B 900 -28.90 36.37 -63.37
C MET B 900 -28.63 35.15 -62.50
N GLN B 901 -27.62 35.23 -61.64
CA GLN B 901 -27.36 34.12 -60.73
C GLN B 901 -28.54 33.87 -59.81
N MET B 902 -29.13 34.94 -59.27
CA MET B 902 -30.28 34.76 -58.40
C MET B 902 -31.44 34.13 -59.15
N ALA B 903 -31.59 34.45 -60.43
CA ALA B 903 -32.63 33.82 -61.22
C ALA B 903 -32.38 32.32 -61.33
N TYR B 904 -31.12 31.92 -61.51
CA TYR B 904 -30.82 30.49 -61.56
C TYR B 904 -31.25 29.79 -60.29
N ARG B 905 -30.99 30.40 -59.14
CA ARG B 905 -31.33 29.76 -57.88
C ARG B 905 -32.84 29.70 -57.67
N PHE B 906 -33.58 30.73 -58.10
CA PHE B 906 -35.03 30.61 -58.06
C PHE B 906 -35.50 29.44 -58.89
N ASN B 907 -34.95 29.29 -60.09
CA ASN B 907 -35.30 28.13 -60.89
C ASN B 907 -34.93 26.85 -60.18
N GLY B 908 -33.92 26.91 -59.31
CA GLY B 908 -33.54 25.73 -58.55
C GLY B 908 -34.64 25.23 -57.64
N ILE B 909 -35.28 26.14 -56.90
CA ILE B 909 -36.26 25.68 -55.92
C ILE B 909 -37.66 25.49 -56.45
N GLY B 910 -37.86 25.60 -57.76
CA GLY B 910 -39.14 25.28 -58.35
C GLY B 910 -39.99 26.46 -58.77
N VAL B 911 -39.48 27.68 -58.64
CA VAL B 911 -40.21 28.85 -59.09
C VAL B 911 -39.58 29.37 -60.38
N THR B 912 -40.43 29.72 -61.35
CA THR B 912 -39.92 30.24 -62.61
C THR B 912 -39.17 31.54 -62.37
N GLN B 913 -38.49 32.03 -63.41
CA GLN B 913 -37.52 33.10 -63.21
C GLN B 913 -38.12 34.48 -63.43
N ASN B 914 -39.25 34.56 -64.12
CA ASN B 914 -39.84 35.86 -64.37
C ASN B 914 -40.28 36.52 -63.06
N VAL B 915 -40.61 35.71 -62.05
CA VAL B 915 -41.04 36.30 -60.79
C VAL B 915 -39.91 37.07 -60.14
N LEU B 916 -38.67 36.66 -60.42
CA LEU B 916 -37.55 37.47 -59.93
C LEU B 916 -37.42 38.74 -60.74
N TYR B 917 -37.39 38.63 -62.07
CA TYR B 917 -37.06 39.82 -62.84
C TYR B 917 -38.12 40.89 -62.68
N GLU B 918 -39.36 40.49 -62.42
CA GLU B 918 -40.42 41.48 -62.27
C GLU B 918 -40.47 42.06 -60.87
N ASN B 919 -39.71 41.50 -59.94
CA ASN B 919 -39.75 41.94 -58.55
C ASN B 919 -38.37 42.22 -57.99
N GLN B 920 -37.46 42.72 -58.83
CA GLN B 920 -36.04 42.91 -58.38
C GLN B 920 -35.94 43.92 -57.23
N LYS B 921 -36.57 45.09 -57.36
CA LYS B 921 -36.41 46.14 -56.33
C LYS B 921 -36.95 45.67 -54.97
N LEU B 922 -38.09 44.99 -54.96
CA LEU B 922 -38.68 44.48 -53.69
C LEU B 922 -37.69 43.51 -53.04
N ILE B 923 -37.25 42.49 -53.79
CA ILE B 923 -36.33 41.50 -53.26
C ILE B 923 -35.09 42.15 -52.69
N ALA B 924 -34.53 43.13 -53.41
CA ALA B 924 -33.33 43.79 -52.92
C ALA B 924 -33.57 44.45 -51.57
N ASN B 925 -34.72 45.11 -51.41
CA ASN B 925 -35.00 45.75 -50.14
C ASN B 925 -35.14 44.73 -49.02
N GLN B 926 -35.83 43.61 -49.29
CA GLN B 926 -35.94 42.55 -48.30
C GLN B 926 -34.56 42.11 -47.82
N PHE B 927 -33.66 41.82 -48.74
CA PHE B 927 -32.37 41.26 -48.38
C PHE B 927 -31.55 42.24 -47.55
N ASN B 928 -31.44 43.49 -48.03
CA ASN B 928 -30.59 44.49 -47.33
C ASN B 928 -31.09 44.67 -45.89
N SER B 929 -32.41 44.78 -45.71
CA SER B 929 -32.97 45.03 -44.36
C SER B 929 -32.66 43.85 -43.43
N ALA B 930 -32.75 42.62 -43.93
CA ALA B 930 -32.52 41.43 -43.09
C ALA B 930 -31.08 41.43 -42.58
N ILE B 931 -30.12 41.77 -43.44
CA ILE B 931 -28.68 41.77 -43.04
C ILE B 931 -28.47 42.82 -41.94
N GLY B 932 -29.09 44.00 -42.09
CA GLY B 932 -28.97 45.05 -41.05
C GLY B 932 -29.55 44.60 -39.73
N LYS B 933 -30.72 43.95 -39.76
CA LYS B 933 -31.40 43.48 -38.53
C LYS B 933 -30.55 42.42 -37.82
N ILE B 934 -29.94 41.50 -38.58
CA ILE B 934 -29.20 40.38 -37.94
C ILE B 934 -28.00 40.93 -37.15
N GLN B 935 -27.47 42.09 -37.55
CA GLN B 935 -26.36 42.71 -36.78
C GLN B 935 -26.87 43.12 -35.41
N ASP B 936 -28.01 43.82 -35.36
CA ASP B 936 -28.59 44.27 -34.10
C ASP B 936 -28.98 43.10 -33.21
N SER B 937 -29.62 42.09 -33.79
CA SER B 937 -30.08 40.95 -33.01
C SER B 937 -28.92 40.24 -32.33
N LEU B 938 -27.83 40.03 -33.06
CA LEU B 938 -26.68 39.37 -32.48
C LEU B 938 -26.11 40.21 -31.33
N SER B 939 -26.12 41.54 -31.50
CA SER B 939 -25.56 42.41 -30.47
C SER B 939 -26.37 42.36 -29.18
N SER B 940 -27.70 42.33 -29.28
CA SER B 940 -28.54 42.52 -28.10
C SER B 940 -28.40 41.37 -27.11
N THR B 941 -28.80 40.17 -27.51
CA THR B 941 -28.91 39.06 -26.58
C THR B 941 -27.51 38.59 -26.18
N PRO B 942 -27.21 38.50 -24.88
CA PRO B 942 -25.85 38.07 -24.49
C PRO B 942 -25.62 36.59 -24.67
N SER B 943 -26.67 35.76 -24.60
CA SER B 943 -26.49 34.32 -24.66
C SER B 943 -26.37 33.80 -26.09
N ALA B 944 -26.13 34.68 -27.06
CA ALA B 944 -26.03 34.23 -28.44
C ALA B 944 -24.80 33.35 -28.65
N LEU B 945 -23.64 33.82 -28.20
CA LEU B 945 -22.37 33.14 -28.42
C LEU B 945 -22.15 32.15 -27.28
N GLY B 946 -23.11 31.26 -27.06
CA GLY B 946 -23.08 30.44 -25.89
C GLY B 946 -22.28 29.16 -26.02
N LYS B 947 -21.81 28.86 -27.22
CA LYS B 947 -21.06 27.63 -27.41
C LYS B 947 -19.57 27.90 -27.41
N LEU B 948 -19.14 28.88 -28.20
CA LEU B 948 -17.74 29.25 -28.26
C LEU B 948 -17.23 29.64 -26.88
N GLN B 949 -18.11 30.13 -26.02
CA GLN B 949 -17.71 30.50 -24.67
C GLN B 949 -17.55 29.28 -23.78
N ASP B 950 -18.40 28.28 -23.96
CA ASP B 950 -18.35 27.11 -23.08
C ASP B 950 -17.04 26.36 -23.22
N VAL B 951 -16.54 26.25 -24.45
CA VAL B 951 -15.30 25.50 -24.62
C VAL B 951 -14.16 26.17 -23.86
N VAL B 952 -14.13 27.51 -23.86
CA VAL B 952 -13.08 28.23 -23.14
C VAL B 952 -13.19 28.01 -21.64
N ASN B 953 -14.41 28.13 -21.11
CA ASN B 953 -14.57 27.98 -19.67
C ASN B 953 -14.15 26.60 -19.21
N GLN B 954 -14.55 25.56 -19.94
CA GLN B 954 -14.23 24.20 -19.50
C GLN B 954 -12.73 23.97 -19.47
N ASN B 955 -12.01 24.44 -20.50
CA ASN B 955 -10.57 24.22 -20.50
C ASN B 955 -9.88 24.94 -19.35
N ALA B 956 -10.19 26.22 -19.15
CA ALA B 956 -9.49 26.97 -18.10
C ALA B 956 -9.76 26.37 -16.73
N GLN B 957 -11.00 25.97 -16.47
CA GLN B 957 -11.34 25.43 -15.16
C GLN B 957 -10.66 24.10 -14.91
N ALA B 958 -10.48 23.29 -15.96
CA ALA B 958 -9.75 22.04 -15.80
C ALA B 958 -8.31 22.29 -15.36
N LEU B 959 -7.66 23.29 -15.95
CA LEU B 959 -6.28 23.58 -15.53
C LEU B 959 -6.22 24.00 -14.07
N ASN B 960 -7.17 24.84 -13.62
CA ASN B 960 -7.12 25.28 -12.23
C ASN B 960 -7.23 24.10 -11.28
N THR B 961 -8.11 23.16 -11.56
CA THR B 961 -8.23 22.00 -10.68
C THR B 961 -6.93 21.20 -10.64
N LEU B 962 -6.20 21.16 -11.75
CA LEU B 962 -4.91 20.47 -11.73
C LEU B 962 -3.97 21.11 -10.71
N VAL B 963 -3.87 22.43 -10.71
CA VAL B 963 -2.94 23.10 -9.80
C VAL B 963 -3.39 22.96 -8.34
N LYS B 964 -4.70 23.14 -8.08
CA LYS B 964 -5.20 22.90 -6.74
C LYS B 964 -4.78 21.54 -6.23
N GLN B 965 -4.90 20.51 -7.07
CA GLN B 965 -4.46 19.19 -6.66
C GLN B 965 -2.99 19.18 -6.31
N LEU B 966 -2.20 20.05 -6.94
CA LEU B 966 -0.78 20.11 -6.61
C LEU B 966 -0.57 20.47 -5.14
N SER B 967 -1.42 21.36 -4.60
CA SER B 967 -1.15 21.85 -3.25
C SER B 967 -1.47 20.82 -2.18
N SER B 968 -2.39 19.89 -2.45
CA SER B 968 -2.84 18.99 -1.39
C SER B 968 -1.78 17.93 -1.06
N ASN B 969 -1.96 17.28 0.09
CA ASN B 969 -0.85 16.54 0.71
C ASN B 969 -0.94 15.03 0.47
N PHE B 970 -2.13 14.52 0.19
CA PHE B 970 -2.30 13.13 -0.28
C PHE B 970 -1.93 12.11 0.79
N GLY B 971 -1.68 12.59 1.99
CA GLY B 971 -1.33 11.74 3.12
C GLY B 971 0.15 11.75 3.45
N ALA B 972 0.50 12.68 4.33
CA ALA B 972 1.89 12.96 4.67
C ALA B 972 1.93 13.99 5.77
N ILE B 973 3.11 14.24 6.32
CA ILE B 973 3.21 15.24 7.39
C ILE B 973 3.08 16.65 6.84
N SER B 974 3.52 16.85 5.61
CA SER B 974 3.58 18.16 4.98
C SER B 974 3.37 17.94 3.49
N SER B 975 3.07 19.03 2.77
CA SER B 975 2.83 18.92 1.34
C SER B 975 4.11 19.13 0.53
N VAL B 976 4.84 20.20 0.81
CA VAL B 976 6.04 20.56 0.04
C VAL B 976 7.14 19.55 0.31
N LEU B 977 7.88 19.20 -0.74
CA LEU B 977 8.85 18.11 -0.67
C LEU B 977 9.96 18.40 0.33
N ASN B 978 10.49 19.62 0.33
CA ASN B 978 11.75 19.90 1.02
C ASN B 978 11.64 19.64 2.51
N ASP B 979 10.47 19.89 3.10
CA ASP B 979 10.29 19.59 4.51
C ASP B 979 10.46 18.10 4.78
N ILE B 980 9.75 17.26 4.03
CA ILE B 980 9.89 15.83 4.23
C ILE B 980 11.34 15.41 4.02
N LEU B 981 11.99 16.00 3.01
CA LEU B 981 13.36 15.59 2.69
C LEU B 981 14.33 15.93 3.80
N SER B 982 14.62 17.21 4.00
CA SER B 982 15.67 17.61 4.94
C SER B 982 15.23 17.43 6.37
N ARG B 983 13.94 17.60 6.64
CA ARG B 983 13.47 17.77 8.00
C ARG B 983 12.91 16.46 8.55
N LEU B 984 13.32 15.33 7.95
CA LEU B 984 13.19 13.99 8.49
C LEU B 984 14.39 13.16 8.03
N ASP B 985 14.56 11.97 8.62
CA ASP B 985 15.67 11.12 8.22
C ASP B 985 15.46 10.63 6.78
N PRO B 986 16.54 10.37 6.05
CA PRO B 986 16.43 10.06 4.62
C PRO B 986 15.53 8.87 4.36
N PRO B 987 15.71 7.72 5.04
CA PRO B 987 14.94 6.52 4.60
C PRO B 987 13.42 6.66 4.69
N GLU B 988 12.87 6.95 5.88
CA GLU B 988 11.42 7.09 5.99
C GLU B 988 10.91 8.36 5.32
N ALA B 989 11.79 9.36 5.12
CA ALA B 989 11.41 10.45 4.23
C ALA B 989 11.16 9.93 2.82
N GLU B 990 12.00 8.99 2.37
CA GLU B 990 11.77 8.34 1.10
C GLU B 990 10.43 7.64 1.06
N VAL B 991 10.03 7.03 2.17
CA VAL B 991 8.72 6.36 2.19
C VAL B 991 7.59 7.36 2.02
N GLN B 992 7.62 8.47 2.78
CA GLN B 992 6.60 9.50 2.63
C GLN B 992 6.60 10.07 1.21
N ILE B 993 7.79 10.28 0.65
CA ILE B 993 7.89 10.74 -0.73
C ILE B 993 7.18 9.78 -1.67
N ASP B 994 7.36 8.48 -1.45
CA ASP B 994 6.77 7.50 -2.36
C ASP B 994 5.25 7.65 -2.41
N ARG B 995 4.61 7.78 -1.24
CA ARG B 995 3.16 7.88 -1.28
C ARG B 995 2.72 9.18 -1.97
N LEU B 996 3.37 10.28 -1.64
CA LEU B 996 2.96 11.60 -2.21
C LEU B 996 3.02 11.53 -3.74
N ILE B 997 4.08 10.95 -4.29
CA ILE B 997 4.26 10.87 -5.78
C ILE B 997 3.13 10.03 -6.38
N THR B 998 2.77 8.92 -5.73
CA THR B 998 1.67 8.05 -6.22
C THR B 998 0.42 8.91 -6.40
N GLY B 999 0.10 9.75 -5.41
CA GLY B 999 -1.07 10.63 -5.51
C GLY B 999 -0.99 11.60 -6.67
N ARG B 1000 0.15 12.29 -6.83
CA ARG B 1000 0.23 13.28 -7.89
C ARG B 1000 0.14 12.64 -9.26
N LEU B 1001 0.66 11.42 -9.40
CA LEU B 1001 0.54 10.72 -10.67
C LEU B 1001 -0.92 10.45 -11.01
N GLN B 1002 -1.73 10.11 -10.02
CA GLN B 1002 -3.15 9.90 -10.28
C GLN B 1002 -3.82 11.16 -10.80
N SER B 1003 -3.48 12.32 -10.23
CA SER B 1003 -4.10 13.54 -10.71
C SER B 1003 -3.79 13.79 -12.18
N LEU B 1004 -2.55 13.58 -12.59
CA LEU B 1004 -2.21 13.76 -13.99
C LEU B 1004 -2.97 12.77 -14.86
N GLN B 1005 -3.20 11.56 -14.36
CA GLN B 1005 -3.99 10.58 -15.09
C GLN B 1005 -5.35 11.12 -15.48
N THR B 1006 -6.13 11.59 -14.50
CA THR B 1006 -7.49 12.00 -14.82
C THR B 1006 -7.51 13.18 -15.78
N TYR B 1007 -6.57 14.12 -15.62
CA TYR B 1007 -6.59 15.27 -16.52
C TYR B 1007 -6.40 14.84 -17.96
N VAL B 1008 -5.43 13.97 -18.24
CA VAL B 1008 -5.20 13.57 -19.62
C VAL B 1008 -6.41 12.87 -20.19
N THR B 1009 -7.01 11.95 -19.43
CA THR B 1009 -8.14 11.21 -19.97
C THR B 1009 -9.32 12.12 -20.29
N GLN B 1010 -9.61 13.08 -19.42
CA GLN B 1010 -10.69 14.01 -19.71
C GLN B 1010 -10.41 14.76 -21.01
N GLN B 1011 -9.16 15.15 -21.23
CA GLN B 1011 -8.84 15.88 -22.45
C GLN B 1011 -9.06 15.03 -23.69
N LEU B 1012 -8.77 13.72 -23.61
CA LEU B 1012 -8.98 12.89 -24.79
C LEU B 1012 -10.45 12.82 -25.17
N ILE B 1013 -11.34 12.71 -24.18
CA ILE B 1013 -12.77 12.68 -24.51
C ILE B 1013 -13.20 13.99 -25.15
N ARG B 1014 -12.81 15.13 -24.57
CA ARG B 1014 -13.23 16.40 -25.14
C ARG B 1014 -12.68 16.60 -26.54
N ALA B 1015 -11.46 16.15 -26.80
CA ALA B 1015 -10.90 16.29 -28.13
C ALA B 1015 -11.73 15.54 -29.16
N ALA B 1016 -12.21 14.35 -28.81
CA ALA B 1016 -13.05 13.60 -29.75
C ALA B 1016 -14.32 14.36 -30.06
N GLU B 1017 -14.95 14.95 -29.05
CA GLU B 1017 -16.18 15.71 -29.29
C GLU B 1017 -15.94 16.88 -30.24
N ILE B 1018 -14.84 17.62 -30.04
CA ILE B 1018 -14.57 18.77 -30.90
C ILE B 1018 -14.30 18.31 -32.33
N ARG B 1019 -13.60 17.20 -32.51
CA ARG B 1019 -13.32 16.75 -33.87
C ARG B 1019 -14.60 16.40 -34.60
N ALA B 1020 -15.58 15.83 -33.90
CA ALA B 1020 -16.87 15.57 -34.55
C ALA B 1020 -17.51 16.86 -35.03
N SER B 1021 -17.46 17.91 -34.21
CA SER B 1021 -18.03 19.19 -34.62
C SER B 1021 -17.27 19.80 -35.79
N ALA B 1022 -15.96 19.63 -35.84
CA ALA B 1022 -15.20 20.21 -36.93
C ALA B 1022 -15.54 19.55 -38.25
N ASN B 1023 -15.74 18.23 -38.26
CA ASN B 1023 -16.14 17.55 -39.48
C ASN B 1023 -17.50 18.02 -39.97
N LEU B 1024 -18.44 18.24 -39.04
CA LEU B 1024 -19.72 18.77 -39.46
C LEU B 1024 -19.59 20.16 -40.09
N ALA B 1025 -18.73 21.00 -39.53
CA ALA B 1025 -18.57 22.34 -40.09
C ALA B 1025 -17.97 22.28 -41.48
N ALA B 1026 -17.01 21.39 -41.71
CA ALA B 1026 -16.44 21.26 -43.04
C ALA B 1026 -17.51 20.86 -44.06
N THR B 1027 -18.36 19.91 -43.70
CA THR B 1027 -19.44 19.51 -44.61
C THR B 1027 -20.38 20.65 -44.91
N LYS B 1028 -20.77 21.42 -43.89
CA LYS B 1028 -21.65 22.55 -44.15
C LYS B 1028 -21.00 23.55 -45.08
N MET B 1029 -19.70 23.80 -44.89
CA MET B 1029 -18.99 24.71 -45.78
C MET B 1029 -19.14 24.28 -47.22
N SER B 1030 -18.76 23.04 -47.54
CA SER B 1030 -18.68 22.66 -48.94
C SER B 1030 -20.05 22.51 -49.57
N GLU B 1031 -21.03 22.01 -48.83
CA GLU B 1031 -22.31 21.72 -49.48
C GLU B 1031 -23.22 22.93 -49.52
N CYS B 1032 -23.05 23.89 -48.62
CA CYS B 1032 -23.99 24.99 -48.56
C CYS B 1032 -23.40 26.32 -49.05
N VAL B 1033 -22.11 26.54 -48.87
CA VAL B 1033 -21.50 27.75 -49.45
C VAL B 1033 -21.16 27.51 -50.91
N LEU B 1034 -20.51 26.39 -51.20
CA LEU B 1034 -19.99 26.15 -52.55
C LEU B 1034 -21.09 25.73 -53.50
N GLY B 1035 -22.29 25.50 -53.02
CA GLY B 1035 -23.37 25.07 -53.88
C GLY B 1035 -24.72 25.25 -53.22
N GLN B 1036 -25.77 24.95 -53.96
CA GLN B 1036 -27.11 24.96 -53.41
C GLN B 1036 -27.45 23.60 -52.84
N SER B 1037 -28.25 23.58 -51.78
CA SER B 1037 -28.55 22.33 -51.08
C SER B 1037 -30.01 21.95 -51.32
N LYS B 1038 -30.27 20.66 -51.38
CA LYS B 1038 -31.64 20.20 -51.61
C LYS B 1038 -32.17 19.46 -50.39
N ARG B 1039 -31.29 18.96 -49.54
CA ARG B 1039 -31.72 18.20 -48.37
C ARG B 1039 -32.30 19.13 -47.33
N VAL B 1040 -33.51 18.83 -46.90
CA VAL B 1040 -34.35 19.78 -46.18
C VAL B 1040 -33.78 20.03 -44.79
N ASP B 1041 -33.82 21.28 -44.36
CA ASP B 1041 -33.57 21.73 -43.01
C ASP B 1041 -32.11 21.51 -42.62
N PHE B 1042 -31.24 21.16 -43.56
CA PHE B 1042 -29.81 21.13 -43.29
C PHE B 1042 -29.26 22.54 -43.09
N CYS B 1043 -29.68 23.47 -43.94
CA CYS B 1043 -29.09 24.81 -43.99
C CYS B 1043 -30.19 25.87 -43.82
N GLY B 1044 -30.97 25.73 -42.76
CA GLY B 1044 -31.91 26.76 -42.37
C GLY B 1044 -33.34 26.43 -42.78
N LYS B 1045 -34.29 26.97 -42.03
CA LYS B 1045 -35.69 26.75 -42.33
C LYS B 1045 -36.09 27.43 -43.63
N GLY B 1046 -36.92 26.76 -44.40
CA GLY B 1046 -37.31 27.24 -45.70
C GLY B 1046 -36.58 26.53 -46.81
N TYR B 1047 -36.69 27.08 -48.01
CA TYR B 1047 -35.97 26.58 -49.16
C TYR B 1047 -34.67 27.37 -49.29
N HIS B 1048 -33.58 26.67 -49.57
CA HIS B 1048 -32.27 27.28 -49.45
C HIS B 1048 -31.90 28.05 -50.72
N LEU B 1049 -31.20 29.17 -50.54
CA LEU B 1049 -30.73 29.97 -51.66
C LEU B 1049 -29.21 30.16 -51.70
N MET B 1050 -28.59 30.58 -50.61
CA MET B 1050 -27.14 30.72 -50.57
C MET B 1050 -26.72 30.89 -49.12
N SER B 1051 -25.41 30.96 -48.88
CA SER B 1051 -24.88 31.10 -47.50
C SER B 1051 -23.60 31.93 -47.49
N PHE B 1052 -23.32 32.64 -46.39
CA PHE B 1052 -22.09 33.47 -46.27
C PHE B 1052 -21.27 33.02 -45.06
N PRO B 1053 -19.96 32.74 -45.21
CA PRO B 1053 -19.11 32.36 -44.07
C PRO B 1053 -18.47 33.54 -43.31
N GLN B 1054 -18.59 33.54 -41.98
CA GLN B 1054 -17.98 34.62 -41.14
C GLN B 1054 -17.08 33.95 -40.09
N SER B 1055 -15.89 34.52 -39.85
CA SER B 1055 -14.93 33.89 -38.89
C SER B 1055 -15.28 34.24 -37.44
N ALA B 1056 -14.79 33.45 -36.48
CA ALA B 1056 -15.05 33.68 -35.04
C ALA B 1056 -13.76 33.33 -34.28
N PRO B 1057 -13.60 33.64 -32.98
CA PRO B 1057 -12.33 33.38 -32.29
C PRO B 1057 -11.90 31.91 -32.26
N HIS B 1058 -12.84 30.99 -32.01
CA HIS B 1058 -12.53 29.53 -32.00
C HIS B 1058 -13.61 28.78 -32.77
N GLY B 1059 -14.13 29.37 -33.85
CA GLY B 1059 -15.22 28.74 -34.56
C GLY B 1059 -15.50 29.45 -35.86
N VAL B 1060 -16.69 29.20 -36.40
CA VAL B 1060 -17.15 29.79 -37.66
C VAL B 1060 -18.64 30.05 -37.53
N VAL B 1061 -19.14 31.05 -38.25
CA VAL B 1061 -20.54 31.46 -38.19
C VAL B 1061 -21.08 31.55 -39.60
N PHE B 1062 -22.26 30.98 -39.82
CA PHE B 1062 -22.89 30.95 -41.14
C PHE B 1062 -24.09 31.88 -41.14
N LEU B 1063 -24.46 32.38 -42.30
CA LEU B 1063 -25.68 33.17 -42.47
C LEU B 1063 -26.47 32.61 -43.64
N HIS B 1064 -27.48 31.80 -43.34
CA HIS B 1064 -28.25 31.11 -44.37
C HIS B 1064 -29.34 32.02 -44.90
N VAL B 1065 -29.46 32.13 -46.21
CA VAL B 1065 -30.51 32.92 -46.86
C VAL B 1065 -31.55 31.98 -47.44
N THR B 1066 -32.81 32.18 -47.09
CA THR B 1066 -33.87 31.25 -47.45
C THR B 1066 -35.07 31.98 -48.01
N TYR B 1067 -36.03 31.21 -48.51
CA TYR B 1067 -37.23 31.73 -49.17
C TYR B 1067 -38.46 31.10 -48.52
N VAL B 1068 -39.33 31.92 -47.97
CA VAL B 1068 -40.46 31.47 -47.15
C VAL B 1068 -41.73 32.04 -47.74
N PRO B 1069 -42.70 31.20 -48.14
CA PRO B 1069 -43.92 31.73 -48.74
C PRO B 1069 -44.89 32.27 -47.70
N ALA B 1070 -45.84 33.09 -48.15
CA ALA B 1070 -46.80 33.70 -47.24
C ALA B 1070 -48.02 34.20 -48.00
N GLN B 1071 -49.06 34.55 -47.25
CA GLN B 1071 -50.30 35.10 -47.79
C GLN B 1071 -50.98 34.14 -48.77
N GLU B 1072 -51.47 33.02 -48.23
CA GLU B 1072 -52.10 32.01 -49.07
C GLU B 1072 -53.59 32.26 -49.24
N LYS B 1073 -54.10 31.86 -50.40
CA LYS B 1073 -55.51 31.94 -50.75
C LYS B 1073 -55.94 30.61 -51.32
N ASN B 1074 -57.12 30.14 -50.95
CA ASN B 1074 -57.51 28.76 -51.20
C ASN B 1074 -58.59 28.68 -52.27
N PHE B 1075 -58.54 27.62 -53.07
CA PHE B 1075 -59.47 27.40 -54.17
C PHE B 1075 -59.94 25.96 -54.19
N THR B 1076 -60.60 25.59 -55.29
CA THR B 1076 -60.97 24.21 -55.49
C THR B 1076 -60.30 23.66 -56.74
N THR B 1077 -59.91 22.39 -56.68
CA THR B 1077 -59.19 21.80 -57.80
C THR B 1077 -59.80 20.46 -58.20
N ALA B 1078 -59.29 19.93 -59.30
CA ALA B 1078 -59.67 18.65 -59.87
C ALA B 1078 -58.44 17.98 -60.48
N PRO B 1079 -58.41 16.66 -60.49
CA PRO B 1079 -57.26 15.96 -61.07
C PRO B 1079 -57.08 16.14 -62.57
N ALA B 1080 -58.12 15.97 -63.37
CA ALA B 1080 -57.98 16.00 -64.82
C ALA B 1080 -59.16 16.72 -65.45
N ILE B 1081 -58.99 17.13 -66.70
CA ILE B 1081 -60.02 17.82 -67.46
C ILE B 1081 -60.46 16.93 -68.61
N CYS B 1082 -61.77 16.72 -68.72
CA CYS B 1082 -62.34 15.86 -69.75
C CYS B 1082 -62.89 16.73 -70.87
N HIS B 1083 -62.27 16.64 -72.04
CA HIS B 1083 -62.68 17.40 -73.21
C HIS B 1083 -62.63 16.51 -74.44
N ASP B 1084 -63.71 16.51 -75.21
CA ASP B 1084 -63.77 15.77 -76.46
C ASP B 1084 -63.55 14.27 -76.24
N GLY B 1085 -63.94 13.78 -75.07
CA GLY B 1085 -63.77 12.38 -74.81
C GLY B 1085 -62.36 11.94 -74.49
N LYS B 1086 -61.44 12.87 -74.24
CA LYS B 1086 -60.06 12.57 -73.88
C LYS B 1086 -59.70 13.30 -72.61
N ALA B 1087 -58.89 12.66 -71.76
CA ALA B 1087 -58.45 13.29 -70.54
C ALA B 1087 -57.18 14.10 -70.77
N HIS B 1088 -57.04 15.20 -70.05
CA HIS B 1088 -55.86 16.05 -70.13
C HIS B 1088 -55.24 16.19 -68.74
N PHE B 1089 -53.94 15.97 -68.64
CA PHE B 1089 -53.21 16.19 -67.41
C PHE B 1089 -52.23 17.33 -67.60
N PRO B 1090 -51.90 18.10 -66.57
CA PRO B 1090 -50.95 19.21 -66.74
C PRO B 1090 -49.52 18.70 -66.72
N ARG B 1091 -48.62 19.39 -67.43
CA ARG B 1091 -47.18 18.99 -67.40
C ARG B 1091 -46.59 19.42 -66.06
N GLU B 1092 -46.67 20.71 -65.72
CA GLU B 1092 -46.21 21.20 -64.43
C GLU B 1092 -47.28 22.13 -63.88
N GLY B 1093 -47.56 21.99 -62.61
CA GLY B 1093 -48.60 22.78 -62.04
C GLY B 1093 -49.89 22.01 -61.87
N VAL B 1094 -50.87 22.69 -61.32
CA VAL B 1094 -52.09 22.06 -60.87
C VAL B 1094 -53.29 22.87 -61.33
N PHE B 1095 -54.36 22.18 -61.72
CA PHE B 1095 -55.58 22.87 -62.11
C PHE B 1095 -56.18 23.59 -60.91
N VAL B 1096 -56.84 24.71 -61.17
CA VAL B 1096 -57.40 25.53 -60.12
C VAL B 1096 -58.54 26.36 -60.70
N SER B 1097 -59.54 26.68 -59.87
CA SER B 1097 -60.77 27.29 -60.35
C SER B 1097 -61.31 28.30 -59.34
N ASN B 1098 -61.51 29.54 -59.78
CA ASN B 1098 -62.20 30.55 -58.99
C ASN B 1098 -63.64 30.60 -59.47
N GLY B 1099 -64.57 30.26 -58.58
CA GLY B 1099 -65.96 30.35 -58.97
C GLY B 1099 -66.27 29.46 -60.17
N THR B 1100 -66.38 30.08 -61.34
CA THR B 1100 -66.79 29.36 -62.53
C THR B 1100 -65.61 28.99 -63.41
N HIS B 1101 -64.63 29.89 -63.55
CA HIS B 1101 -63.58 29.68 -64.54
C HIS B 1101 -62.58 28.64 -64.07
N TRP B 1102 -61.72 28.21 -64.99
CA TRP B 1102 -60.68 27.23 -64.69
C TRP B 1102 -59.34 27.76 -65.21
N PHE B 1103 -58.26 27.35 -64.57
CA PHE B 1103 -56.94 27.88 -64.89
C PHE B 1103 -55.86 26.88 -64.54
N VAL B 1104 -54.63 27.21 -64.91
CA VAL B 1104 -53.45 26.41 -64.61
C VAL B 1104 -52.41 27.32 -63.99
N THR B 1105 -51.79 26.88 -62.90
CA THR B 1105 -50.77 27.67 -62.23
C THR B 1105 -49.71 26.74 -61.64
N GLN B 1106 -48.50 27.25 -61.44
CA GLN B 1106 -47.49 26.42 -60.83
C GLN B 1106 -47.65 26.42 -59.33
N ARG B 1107 -47.00 25.46 -58.67
CA ARG B 1107 -47.41 25.09 -57.31
C ARG B 1107 -47.08 26.19 -56.30
N ASN B 1108 -45.97 26.90 -56.50
CA ASN B 1108 -45.41 27.67 -55.38
C ASN B 1108 -45.73 29.14 -55.48
N PHE B 1109 -46.33 29.58 -56.57
CA PHE B 1109 -46.70 30.97 -56.75
C PHE B 1109 -48.01 31.03 -57.53
N TYR B 1110 -48.81 32.04 -57.26
CA TYR B 1110 -50.11 32.15 -57.92
C TYR B 1110 -49.93 32.93 -59.21
N GLU B 1111 -50.14 32.26 -60.34
CA GLU B 1111 -49.97 32.85 -61.67
C GLU B 1111 -50.88 32.12 -62.65
N PRO B 1112 -52.16 32.47 -62.68
CA PRO B 1112 -53.10 31.71 -63.51
C PRO B 1112 -52.82 31.88 -65.00
N GLN B 1113 -53.16 30.84 -65.76
CA GLN B 1113 -52.91 30.78 -67.19
C GLN B 1113 -54.11 30.14 -67.87
N ILE B 1114 -54.28 30.43 -69.16
CA ILE B 1114 -55.37 29.83 -69.92
C ILE B 1114 -54.99 28.41 -70.32
N ILE B 1115 -55.91 27.48 -70.10
CA ILE B 1115 -55.65 26.09 -70.45
C ILE B 1115 -55.48 25.97 -71.96
N THR B 1116 -54.42 25.29 -72.38
CA THR B 1116 -54.09 25.16 -73.79
C THR B 1116 -53.66 23.73 -74.04
N THR B 1117 -53.80 23.28 -75.28
CA THR B 1117 -53.45 21.90 -75.59
C THR B 1117 -51.94 21.68 -75.58
N ASP B 1118 -51.18 22.76 -75.47
CA ASP B 1118 -49.72 22.60 -75.52
C ASP B 1118 -49.14 22.38 -74.13
N ASN B 1119 -49.70 23.01 -73.10
CA ASN B 1119 -49.11 22.86 -71.77
C ASN B 1119 -49.75 21.73 -70.99
N THR B 1120 -50.59 20.93 -71.63
CA THR B 1120 -51.19 19.76 -71.00
C THR B 1120 -51.07 18.58 -71.96
N PHE B 1121 -50.70 17.42 -71.44
CA PHE B 1121 -50.61 16.23 -72.28
C PHE B 1121 -51.81 15.33 -72.05
N VAL B 1122 -52.02 14.39 -72.97
CA VAL B 1122 -53.22 13.56 -73.00
C VAL B 1122 -52.78 12.11 -72.81
N SER B 1123 -53.52 11.37 -71.99
CA SER B 1123 -53.14 9.99 -71.71
C SER B 1123 -54.15 8.99 -72.24
N GLY B 1124 -55.40 9.10 -71.81
CA GLY B 1124 -56.40 8.11 -72.17
C GLY B 1124 -57.79 8.72 -72.19
N ASN B 1125 -58.78 7.86 -72.26
CA ASN B 1125 -60.17 8.31 -72.37
C ASN B 1125 -60.71 8.75 -71.01
N CYS B 1126 -62.00 9.09 -70.99
CA CYS B 1126 -62.57 9.83 -69.87
C CYS B 1126 -63.09 8.93 -68.77
N ASP B 1127 -63.02 7.62 -68.94
CA ASP B 1127 -63.78 6.73 -68.07
C ASP B 1127 -63.03 6.38 -66.79
N VAL B 1128 -61.73 6.14 -66.89
CA VAL B 1128 -61.01 5.41 -65.85
C VAL B 1128 -60.73 6.28 -64.63
N VAL B 1129 -60.55 7.59 -64.84
CA VAL B 1129 -60.12 8.44 -63.73
C VAL B 1129 -61.29 8.73 -62.80
N ILE B 1130 -60.98 9.16 -61.59
CA ILE B 1130 -61.98 9.49 -60.58
C ILE B 1130 -61.90 10.98 -60.28
N GLY B 1131 -63.06 11.62 -60.20
CA GLY B 1131 -63.10 13.03 -59.87
C GLY B 1131 -62.84 13.96 -61.02
N ILE B 1132 -62.78 13.45 -62.26
CA ILE B 1132 -62.52 14.30 -63.40
C ILE B 1132 -63.74 15.17 -63.68
N VAL B 1133 -63.48 16.43 -64.04
CA VAL B 1133 -64.59 17.38 -64.37
C VAL B 1133 -64.52 17.68 -65.87
N ASN B 1134 -65.54 18.33 -66.43
CA ASN B 1134 -65.57 18.59 -67.90
C ASN B 1134 -65.33 20.06 -68.16
N ASN B 1135 -64.30 20.40 -68.95
CA ASN B 1135 -64.02 21.82 -69.32
C ASN B 1135 -63.50 21.85 -70.75
N THR B 1136 -63.74 22.94 -71.48
CA THR B 1136 -63.19 23.07 -72.86
C THR B 1136 -61.67 23.25 -72.80
N VAL B 1137 -60.93 22.60 -73.69
CA VAL B 1137 -59.44 22.80 -73.74
C VAL B 1137 -59.15 23.68 -74.94
N TYR B 1138 -58.67 24.91 -74.72
CA TYR B 1138 -58.46 25.86 -75.84
C TYR B 1138 -57.41 25.31 -76.81
N ASP B 1139 -57.70 25.39 -78.10
CA ASP B 1139 -56.75 24.92 -79.15
C ASP B 1139 -55.65 25.98 -79.34
N PRO B 1140 -54.50 25.67 -79.96
CA PRO B 1140 -53.40 26.63 -80.12
C PRO B 1140 -53.78 27.74 -81.11
N LEU B 1141 -53.03 28.84 -81.12
CA LEU B 1141 -53.39 29.99 -81.98
C LEU B 1141 -53.30 29.62 -83.48
N GLN B 1142 -52.38 28.73 -83.87
CA GLN B 1142 -52.18 28.47 -85.33
C GLN B 1142 -53.45 27.98 -86.03
N PRO B 1143 -54.25 27.01 -85.51
CA PRO B 1143 -55.51 26.64 -86.16
C PRO B 1143 -56.50 27.81 -86.21
N GLU B 1144 -56.57 28.60 -85.13
CA GLU B 1144 -57.47 29.79 -85.10
C GLU B 1144 -57.05 30.78 -86.18
N LEU B 1145 -55.73 30.97 -86.36
CA LEU B 1145 -55.22 31.89 -87.42
C LEU B 1145 -55.61 31.34 -88.79
N ASP B 1146 -55.52 30.01 -88.97
CA ASP B 1146 -55.84 29.39 -90.29
C ASP B 1146 -57.33 29.62 -90.60
N SER B 1147 -57.64 29.92 -91.87
CA SER B 1147 -59.05 30.17 -92.27
C SER B 1147 -59.28 29.68 -93.70
N PRO C 26 51.84 17.87 -26.16
CA PRO C 26 51.99 16.42 -26.00
C PRO C 26 51.43 15.63 -27.18
N ALA C 27 51.25 16.29 -28.32
CA ALA C 27 50.75 15.67 -29.55
C ALA C 27 49.38 15.05 -29.34
N TYR C 28 48.39 15.89 -29.04
CA TYR C 28 47.03 15.40 -28.90
C TYR C 28 46.49 14.90 -30.22
N THR C 29 45.51 14.00 -30.16
CA THR C 29 44.87 13.45 -31.34
C THR C 29 43.40 13.20 -31.04
N ASN C 30 42.60 13.14 -32.09
CA ASN C 30 41.16 12.87 -31.97
C ASN C 30 40.86 11.42 -32.28
N SER C 31 40.09 10.78 -31.42
CA SER C 31 39.66 9.41 -31.62
C SER C 31 38.33 9.45 -32.35
N PHE C 32 38.34 9.05 -33.62
CA PHE C 32 37.13 9.18 -34.43
C PHE C 32 36.04 8.22 -33.99
N THR C 33 36.26 6.92 -34.17
CA THR C 33 35.23 5.95 -33.82
C THR C 33 35.79 4.76 -33.06
N ARG C 34 36.96 4.89 -32.43
CA ARG C 34 37.54 3.78 -31.71
C ARG C 34 36.93 3.67 -30.31
N GLY C 35 37.08 2.48 -29.72
CA GLY C 35 36.75 2.31 -28.32
C GLY C 35 35.35 1.82 -28.04
N VAL C 36 34.86 0.84 -28.78
CA VAL C 36 33.55 0.26 -28.57
C VAL C 36 33.73 -1.24 -28.32
N TYR C 37 32.91 -1.79 -27.43
CA TYR C 37 33.09 -3.16 -27.01
C TYR C 37 31.76 -3.79 -26.67
N TYR C 38 31.69 -5.11 -26.81
CA TYR C 38 30.47 -5.83 -26.53
C TYR C 38 30.13 -5.70 -25.06
N PRO C 39 29.08 -4.95 -24.71
CA PRO C 39 28.84 -4.69 -23.28
C PRO C 39 28.50 -5.92 -22.49
N ASP C 40 28.00 -6.96 -23.17
CA ASP C 40 27.60 -8.22 -22.49
C ASP C 40 27.51 -9.34 -23.54
N LYS C 41 27.55 -10.61 -23.11
CA LYS C 41 27.43 -11.75 -24.05
C LYS C 41 25.95 -12.06 -24.30
N VAL C 42 25.25 -11.18 -25.02
CA VAL C 42 23.82 -11.42 -25.37
C VAL C 42 23.70 -11.42 -26.89
N PHE C 43 23.10 -12.47 -27.46
CA PHE C 43 23.00 -12.57 -28.90
C PHE C 43 21.73 -11.86 -29.38
N ARG C 44 21.91 -10.87 -30.26
CA ARG C 44 20.80 -10.14 -30.84
C ARG C 44 21.04 -10.00 -32.33
N SER C 45 19.99 -10.19 -33.12
CA SER C 45 20.11 -10.26 -34.58
C SER C 45 19.29 -9.16 -35.23
N SER C 46 19.96 -8.34 -36.05
CA SER C 46 19.30 -7.37 -36.91
C SER C 46 18.34 -6.46 -36.14
N VAL C 47 18.79 -5.94 -35.01
CA VAL C 47 18.01 -5.00 -34.21
C VAL C 47 18.90 -3.84 -33.84
N LEU C 48 18.28 -2.75 -33.42
CA LEU C 48 18.99 -1.59 -32.92
C LEU C 48 18.71 -1.47 -31.44
N HIS C 49 19.76 -1.42 -30.63
CA HIS C 49 19.64 -1.46 -29.19
C HIS C 49 20.41 -0.29 -28.58
N SER C 50 19.96 0.19 -27.43
CA SER C 50 20.61 1.29 -26.73
C SER C 50 21.05 0.82 -25.36
N THR C 51 22.32 1.04 -25.05
CA THR C 51 22.90 0.70 -23.76
C THR C 51 23.54 1.95 -23.18
N GLN C 52 23.73 1.96 -21.87
CA GLN C 52 24.28 3.12 -21.17
C GLN C 52 25.35 2.66 -20.19
N ASP C 53 26.60 2.62 -20.65
CA ASP C 53 27.71 2.20 -19.80
C ASP C 53 28.86 3.17 -20.00
N LEU C 54 30.00 2.80 -19.42
CA LEU C 54 31.22 3.57 -19.60
C LEU C 54 31.75 3.36 -21.02
N PHE C 55 32.06 4.47 -21.69
CA PHE C 55 32.39 4.41 -23.10
C PHE C 55 33.39 5.53 -23.41
N LEU C 56 34.09 5.37 -24.53
CA LEU C 56 35.02 6.40 -24.98
C LEU C 56 34.28 7.37 -25.89
N PRO C 57 34.10 8.62 -25.48
CA PRO C 57 33.34 9.56 -26.32
C PRO C 57 33.99 9.75 -27.69
N PHE C 58 33.15 9.88 -28.70
CA PHE C 58 33.64 10.12 -30.04
C PHE C 58 34.35 11.45 -30.14
N PHE C 59 35.37 11.52 -30.99
CA PHE C 59 36.11 12.75 -31.27
C PHE C 59 36.69 13.38 -30.01
N SER C 60 37.17 12.56 -29.09
CA SER C 60 37.84 13.07 -27.90
C SER C 60 39.33 13.26 -28.18
N ASN C 61 39.98 14.06 -27.34
CA ASN C 61 41.42 14.26 -27.46
C ASN C 61 42.18 13.17 -26.72
N VAL C 62 43.06 12.47 -27.44
CA VAL C 62 43.83 11.37 -26.90
C VAL C 62 45.31 11.72 -27.00
N THR C 63 46.06 11.41 -25.96
CA THR C 63 47.47 11.76 -25.93
C THR C 63 48.31 10.74 -26.69
N TRP C 64 49.38 11.22 -27.31
CA TRP C 64 50.29 10.39 -28.08
C TRP C 64 51.69 10.52 -27.51
N PHE C 65 52.30 9.39 -27.15
CA PHE C 65 53.66 9.40 -26.62
C PHE C 65 54.50 8.45 -27.46
N HIS C 66 55.75 8.82 -27.70
CA HIS C 66 56.68 7.96 -28.41
C HIS C 66 58.05 8.02 -27.75
N ASN C 81 55.67 5.18 -20.09
CA ASN C 81 56.72 5.51 -19.09
C ASN C 81 56.15 6.38 -17.97
N PRO C 82 55.53 7.56 -18.22
CA PRO C 82 54.92 8.35 -17.14
C PRO C 82 53.74 7.61 -16.49
N VAL C 83 53.65 7.64 -15.16
CA VAL C 83 52.51 6.99 -14.44
C VAL C 83 51.24 7.79 -14.70
N LEU C 84 50.09 7.12 -14.83
CA LEU C 84 48.81 7.81 -15.13
C LEU C 84 47.71 7.33 -14.17
N PRO C 85 46.78 8.18 -13.70
CA PRO C 85 45.66 7.73 -12.87
C PRO C 85 44.71 6.82 -13.66
N PHE C 86 44.13 5.81 -13.00
CA PHE C 86 43.24 4.84 -13.70
C PHE C 86 41.97 5.57 -14.17
N ASN C 87 41.35 6.34 -13.28
CA ASN C 87 40.12 7.06 -13.61
C ASN C 87 39.15 6.21 -14.43
N ASP C 88 38.70 5.11 -13.82
CA ASP C 88 37.59 4.32 -14.35
C ASP C 88 37.87 3.78 -15.75
N GLY C 89 39.01 3.13 -15.92
CA GLY C 89 39.25 2.48 -17.18
C GLY C 89 40.09 3.35 -18.09
N VAL C 90 40.83 2.69 -18.99
CA VAL C 90 41.69 3.38 -19.93
C VAL C 90 41.55 2.68 -21.28
N TYR C 91 41.71 3.44 -22.35
CA TYR C 91 41.75 2.89 -23.69
C TYR C 91 43.19 2.83 -24.15
N PHE C 92 43.68 1.62 -24.40
CA PHE C 92 45.08 1.40 -24.76
C PHE C 92 45.16 0.91 -26.19
N ALA C 93 45.91 1.62 -27.02
CA ALA C 93 46.16 1.22 -28.40
C ALA C 93 47.64 1.35 -28.70
N SER C 94 48.19 0.36 -29.39
CA SER C 94 49.60 0.34 -29.76
C SER C 94 49.71 0.43 -31.28
N THR C 95 50.87 0.89 -31.76
CA THR C 95 51.09 1.06 -33.22
C THR C 95 51.41 -0.28 -33.88
N GLU C 96 51.27 -0.36 -35.21
CA GLU C 96 51.66 -1.58 -35.95
C GLU C 96 53.17 -1.81 -35.81
N LYS C 97 53.98 -0.74 -35.90
CA LYS C 97 55.46 -0.89 -35.87
C LYS C 97 55.97 -0.85 -34.43
N SER C 98 55.86 -1.96 -33.70
CA SER C 98 56.41 -2.02 -32.32
C SER C 98 57.61 -2.98 -32.30
N ASN C 99 58.82 -2.44 -32.12
CA ASN C 99 60.04 -3.29 -32.12
C ASN C 99 60.03 -4.24 -30.92
N ILE C 100 60.13 -3.70 -29.70
CA ILE C 100 60.20 -4.56 -28.48
C ILE C 100 59.07 -4.20 -27.52
N ILE C 101 58.33 -5.20 -27.03
CA ILE C 101 57.25 -4.94 -26.04
C ILE C 101 57.08 -6.20 -25.15
N ARG C 102 57.15 -6.04 -23.84
CA ARG C 102 56.98 -7.19 -22.90
C ARG C 102 55.57 -7.25 -22.29
N GLY C 103 55.00 -6.12 -21.86
CA GLY C 103 53.70 -6.16 -21.16
C GLY C 103 53.45 -4.91 -20.34
N TRP C 104 52.58 -5.00 -19.31
CA TRP C 104 52.24 -3.81 -18.49
C TRP C 104 52.02 -4.17 -17.02
N ILE C 105 52.35 -3.24 -16.09
CA ILE C 105 52.09 -3.45 -14.64
C ILE C 105 51.04 -2.43 -14.18
N PHE C 106 50.10 -2.85 -13.32
CA PHE C 106 49.07 -1.93 -12.76
C PHE C 106 49.22 -1.91 -11.24
N GLY C 107 50.01 -0.98 -10.71
CA GLY C 107 50.25 -0.98 -9.25
C GLY C 107 49.53 0.19 -8.61
N THR C 108 48.67 -0.09 -7.62
CA THR C 108 47.91 0.98 -6.93
C THR C 108 48.90 2.01 -6.40
N THR C 109 49.92 1.56 -5.66
CA THR C 109 50.91 2.49 -5.06
C THR C 109 52.31 1.92 -5.29
N LEU C 110 52.40 0.71 -5.85
CA LEU C 110 53.72 0.06 -6.11
C LEU C 110 54.50 -0.06 -4.79
N ASP C 111 53.81 -0.37 -3.69
CA ASP C 111 54.49 -0.44 -2.35
C ASP C 111 54.22 -1.81 -1.72
N SER C 112 54.94 -2.12 -0.63
CA SER C 112 54.73 -3.38 0.08
C SER C 112 53.33 -3.43 0.67
N LYS C 113 52.78 -2.26 1.02
CA LYS C 113 51.46 -2.22 1.65
C LYS C 113 50.38 -2.74 0.72
N THR C 114 50.43 -2.37 -0.56
CA THR C 114 49.33 -2.67 -1.46
C THR C 114 49.71 -3.76 -2.46
N GLN C 115 48.78 -4.67 -2.71
CA GLN C 115 48.99 -5.69 -3.74
C GLN C 115 48.94 -5.05 -5.13
N SER C 116 49.75 -5.56 -6.04
CA SER C 116 49.91 -4.99 -7.37
C SER C 116 49.79 -6.07 -8.44
N LEU C 117 49.23 -5.69 -9.59
CA LEU C 117 49.06 -6.63 -10.69
C LEU C 117 50.16 -6.45 -11.72
N LEU C 118 50.70 -7.56 -12.21
CA LEU C 118 51.73 -7.56 -13.24
C LEU C 118 51.32 -8.53 -14.34
N ILE C 119 51.56 -8.13 -15.58
CA ILE C 119 51.29 -8.96 -16.74
C ILE C 119 52.52 -8.91 -17.63
N VAL C 120 52.93 -10.06 -18.16
CA VAL C 120 54.12 -10.15 -18.98
C VAL C 120 53.89 -11.19 -20.07
N ASN C 121 54.41 -10.92 -21.26
CA ASN C 121 54.35 -11.83 -22.39
C ASN C 121 55.77 -12.28 -22.73
N ASN C 122 56.07 -13.55 -22.48
CA ASN C 122 57.36 -14.12 -22.84
C ASN C 122 57.29 -14.99 -24.10
N ALA C 123 56.37 -14.68 -25.01
CA ALA C 123 56.22 -15.28 -26.34
C ALA C 123 55.74 -16.73 -26.28
N THR C 124 55.48 -17.28 -25.10
CA THR C 124 54.91 -18.62 -25.01
C THR C 124 53.62 -18.68 -24.21
N ASN C 125 53.49 -17.91 -23.13
CA ASN C 125 52.25 -17.84 -22.38
C ASN C 125 52.33 -16.68 -21.39
N VAL C 126 51.17 -16.14 -21.06
CA VAL C 126 51.05 -14.92 -20.25
C VAL C 126 51.24 -15.32 -18.79
N VAL C 127 51.71 -14.38 -17.98
CA VAL C 127 51.88 -14.60 -16.54
C VAL C 127 51.25 -13.42 -15.80
N ILE C 128 50.45 -13.73 -14.78
CA ILE C 128 49.71 -12.73 -14.02
C ILE C 128 49.96 -12.98 -12.54
N LYS C 129 50.19 -11.91 -11.77
CA LYS C 129 50.52 -12.07 -10.33
C LYS C 129 49.96 -10.90 -9.51
N VAL C 130 49.40 -11.17 -8.34
CA VAL C 130 48.89 -10.09 -7.44
C VAL C 130 49.91 -9.85 -6.32
N CYS C 131 51.08 -10.51 -6.41
CA CYS C 131 52.12 -10.36 -5.36
C CYS C 131 52.60 -8.91 -5.31
N GLU C 132 52.84 -8.38 -4.10
CA GLU C 132 53.25 -6.95 -3.97
C GLU C 132 54.71 -6.78 -4.39
N PHE C 133 55.03 -5.64 -5.01
CA PHE C 133 56.42 -5.34 -5.46
C PHE C 133 56.80 -3.93 -5.05
N GLN C 134 58.08 -3.72 -4.70
CA GLN C 134 58.57 -2.36 -4.31
C GLN C 134 58.69 -1.48 -5.55
N PHE C 135 58.64 -0.16 -5.38
CA PHE C 135 58.75 0.79 -6.51
C PHE C 135 59.99 0.46 -7.36
N CYS C 136 59.80 0.27 -8.67
CA CYS C 136 60.93 -0.06 -9.58
C CYS C 136 61.14 1.10 -10.57
N ASN C 137 62.38 1.61 -10.67
CA ASN C 137 62.67 2.79 -11.53
C ASN C 137 62.54 2.46 -13.02
N ASP C 138 63.54 1.80 -13.60
CA ASP C 138 63.53 1.58 -15.08
C ASP C 138 62.50 0.53 -15.48
N PRO C 139 61.61 0.80 -16.46
CA PRO C 139 60.66 -0.18 -16.98
C PRO C 139 61.12 -0.72 -18.34
N PHE C 140 62.37 -0.45 -18.73
CA PHE C 140 62.85 -0.85 -20.08
C PHE C 140 62.78 -2.37 -20.25
N LEU C 141 63.18 -3.13 -19.22
CA LEU C 141 63.11 -4.62 -19.29
C LEU C 141 63.71 -5.10 -20.60
N SER C 155 67.21 -6.41 -21.10
CA SER C 155 67.45 -6.87 -19.71
C SER C 155 66.40 -7.91 -19.33
N GLU C 156 66.73 -8.79 -18.38
CA GLU C 156 65.76 -9.82 -17.91
C GLU C 156 65.47 -9.61 -16.42
N PHE C 157 64.18 -9.61 -16.04
CA PHE C 157 63.79 -9.46 -14.62
C PHE C 157 64.31 -8.13 -14.05
N ARG C 158 64.35 -7.07 -14.86
CA ARG C 158 64.77 -5.74 -14.34
C ARG C 158 63.72 -5.30 -13.32
N VAL C 159 62.44 -5.52 -13.63
CA VAL C 159 61.32 -5.15 -12.70
C VAL C 159 61.43 -5.99 -11.42
N TYR C 160 61.85 -7.25 -11.52
CA TYR C 160 61.84 -8.15 -10.34
C TYR C 160 62.64 -7.55 -9.18
N SER C 161 62.06 -7.61 -7.96
CA SER C 161 62.72 -7.05 -6.76
C SER C 161 62.44 -7.98 -5.56
N SER C 162 61.20 -7.99 -5.07
CA SER C 162 60.84 -8.90 -3.98
C SER C 162 59.38 -9.32 -4.12
N ALA C 163 59.15 -10.64 -4.16
CA ALA C 163 57.86 -11.21 -4.52
C ALA C 163 57.15 -11.94 -3.39
N ASN C 164 57.04 -11.33 -2.21
CA ASN C 164 56.41 -11.99 -1.08
C ASN C 164 54.89 -11.96 -1.18
N ASN C 165 54.26 -13.07 -0.76
CA ASN C 165 52.84 -13.12 -0.44
C ASN C 165 51.94 -12.80 -1.64
N THR C 167 48.53 -13.88 -3.65
CA THR C 167 47.24 -14.54 -3.43
C THR C 167 46.72 -15.25 -4.67
N PHE C 168 46.81 -14.63 -5.84
CA PHE C 168 46.23 -15.22 -7.05
C PHE C 168 47.30 -15.57 -8.07
N GLU C 169 47.18 -16.75 -8.65
CA GLU C 169 48.11 -17.30 -9.64
C GLU C 169 47.36 -17.60 -10.94
N TYR C 170 47.98 -17.30 -12.09
CA TYR C 170 47.31 -17.59 -13.36
C TYR C 170 48.32 -17.61 -14.49
N VAL C 171 48.09 -18.48 -15.47
CA VAL C 171 48.83 -18.54 -16.74
C VAL C 171 47.85 -18.87 -17.87
N SER C 172 48.05 -18.25 -19.03
CA SER C 172 47.24 -18.53 -20.21
C SER C 172 48.02 -18.21 -21.49
N GLN C 173 47.35 -18.35 -22.63
CA GLN C 173 48.01 -18.23 -23.92
C GLN C 173 48.45 -16.79 -24.20
N PRO C 174 49.48 -16.59 -25.01
CA PRO C 174 49.99 -15.23 -25.28
C PRO C 174 49.02 -14.39 -26.11
N PHE C 175 49.07 -13.07 -25.93
CA PHE C 175 48.13 -12.16 -26.64
C PHE C 175 48.92 -11.20 -27.54
N LEU C 176 50.13 -11.59 -27.92
CA LEU C 176 50.96 -10.73 -28.82
C LEU C 176 50.24 -10.57 -30.16
N MET C 177 49.64 -11.65 -30.67
CA MET C 177 48.91 -11.60 -31.96
C MET C 177 47.52 -12.22 -31.77
N ARG C 190 45.42 -3.67 -32.38
CA ARG C 190 45.96 -3.80 -30.99
C ARG C 190 45.21 -2.82 -30.08
N GLU C 191 43.90 -3.02 -29.89
CA GLU C 191 43.09 -2.13 -29.02
C GLU C 191 42.75 -2.88 -27.73
N PHE C 192 43.01 -2.27 -26.57
CA PHE C 192 42.78 -2.96 -25.27
C PHE C 192 41.97 -2.04 -24.34
N VAL C 193 40.95 -2.60 -23.68
CA VAL C 193 40.12 -1.80 -22.72
C VAL C 193 40.16 -2.48 -21.36
N PHE C 194 40.76 -1.82 -20.36
CA PHE C 194 40.81 -2.37 -19.01
C PHE C 194 39.84 -1.61 -18.13
N LYS C 195 39.10 -2.33 -17.29
CA LYS C 195 38.13 -1.70 -16.36
C LYS C 195 37.86 -2.65 -15.19
N ASN C 196 37.86 -2.13 -13.96
CA ASN C 196 37.54 -2.97 -12.79
C ASN C 196 36.15 -2.57 -12.26
N ILE C 197 35.19 -3.51 -12.29
CA ILE C 197 33.83 -3.23 -11.74
C ILE C 197 33.56 -4.24 -10.62
N ASP C 198 33.20 -3.75 -9.42
CA ASP C 198 32.96 -4.64 -8.26
C ASP C 198 34.22 -5.49 -8.02
N GLY C 199 35.41 -4.89 -8.16
CA GLY C 199 36.68 -5.62 -7.97
C GLY C 199 36.82 -6.79 -8.94
N TYR C 200 36.32 -6.65 -10.17
CA TYR C 200 36.50 -7.71 -11.18
C TYR C 200 37.22 -7.12 -12.41
N PHE C 201 38.34 -7.71 -12.80
CA PHE C 201 39.11 -7.22 -13.98
C PHE C 201 38.34 -7.59 -15.26
N LYS C 202 38.29 -6.67 -16.23
CA LYS C 202 37.61 -6.95 -17.52
C LYS C 202 38.48 -6.39 -18.66
N ILE C 203 39.16 -7.27 -19.40
CA ILE C 203 39.97 -6.81 -20.53
C ILE C 203 39.27 -7.19 -21.82
N TYR C 204 39.39 -6.32 -22.82
CA TYR C 204 38.86 -6.57 -24.15
C TYR C 204 39.96 -6.26 -25.15
N SER C 205 40.04 -7.05 -26.21
CA SER C 205 41.14 -6.96 -27.16
C SER C 205 40.64 -7.20 -28.58
N LYS C 206 41.24 -6.48 -29.53
CA LYS C 206 40.95 -6.67 -30.95
C LYS C 206 42.20 -6.32 -31.75
N HIS C 207 42.54 -7.18 -32.72
CA HIS C 207 43.78 -6.97 -33.52
C HIS C 207 43.43 -6.94 -35.02
N THR C 208 43.37 -5.75 -35.62
CA THR C 208 43.09 -5.63 -37.07
C THR C 208 44.25 -4.90 -37.77
N PRO C 209 44.80 -5.42 -38.89
CA PRO C 209 45.85 -4.71 -39.62
C PRO C 209 45.31 -3.44 -40.32
N ILE C 210 46.01 -2.32 -40.16
CA ILE C 210 45.58 -1.02 -40.77
C ILE C 210 46.83 -0.31 -41.31
N ASN C 211 46.67 0.61 -42.25
CA ASN C 211 47.82 1.36 -42.83
C ASN C 211 47.74 2.83 -42.38
N LEU C 212 48.87 3.55 -42.36
CA LEU C 212 48.89 4.97 -41.89
C LEU C 212 48.28 5.03 -40.48
N VAL C 213 48.95 4.42 -39.50
CA VAL C 213 48.38 4.34 -38.13
C VAL C 213 48.90 5.49 -37.25
N ARG C 214 49.93 6.21 -37.72
CA ARG C 214 50.39 7.42 -36.97
C ARG C 214 49.16 8.27 -36.69
N ASP C 215 48.50 8.77 -37.74
CA ASP C 215 47.21 9.48 -37.54
C ASP C 215 46.20 8.41 -37.18
N LEU C 216 45.26 8.69 -36.27
CA LEU C 216 44.34 7.60 -35.83
C LEU C 216 43.52 7.10 -37.04
N PRO C 217 43.32 5.77 -37.19
CA PRO C 217 42.60 5.22 -38.35
C PRO C 217 41.09 5.44 -38.32
N GLN C 218 40.42 5.30 -39.47
CA GLN C 218 38.94 5.42 -39.53
C GLN C 218 38.33 4.02 -39.49
N GLY C 219 37.04 3.89 -39.83
CA GLY C 219 36.37 2.61 -39.82
C GLY C 219 35.92 2.22 -38.42
N PHE C 220 35.19 1.11 -38.35
CA PHE C 220 34.60 0.66 -37.09
C PHE C 220 35.12 -0.72 -36.72
N SER C 221 35.50 -0.89 -35.46
CA SER C 221 36.03 -2.15 -34.95
C SER C 221 35.43 -2.43 -33.58
N ALA C 222 34.99 -3.66 -33.37
CA ALA C 222 34.35 -4.08 -32.14
C ALA C 222 35.33 -4.88 -31.30
N LEU C 223 35.30 -4.68 -29.98
CA LEU C 223 36.25 -5.33 -29.10
C LEU C 223 35.58 -6.46 -28.32
N GLU C 224 36.23 -7.62 -28.30
CA GLU C 224 35.68 -8.79 -27.65
C GLU C 224 36.27 -8.96 -26.27
N PRO C 225 35.53 -9.54 -25.32
CA PRO C 225 36.09 -9.78 -23.99
C PRO C 225 37.02 -10.98 -24.00
N LEU C 226 38.09 -10.90 -23.19
CA LEU C 226 39.03 -12.01 -23.07
C LEU C 226 38.84 -12.82 -21.79
N VAL C 227 39.00 -12.19 -20.63
CA VAL C 227 39.01 -12.90 -19.35
C VAL C 227 38.40 -12.01 -18.28
N ASP C 228 37.92 -12.64 -17.21
CA ASP C 228 37.38 -11.94 -16.06
C ASP C 228 38.08 -12.47 -14.81
N LEU C 229 38.54 -11.57 -13.94
CA LEU C 229 39.40 -11.97 -12.86
C LEU C 229 38.90 -11.43 -11.52
N PRO C 230 38.75 -12.28 -10.50
CA PRO C 230 38.35 -11.84 -9.15
C PRO C 230 39.54 -11.36 -8.32
N ILE C 231 39.90 -10.08 -8.50
CA ILE C 231 41.04 -9.50 -7.75
C ILE C 231 40.50 -8.89 -6.45
N GLY C 232 39.46 -8.06 -6.54
CA GLY C 232 38.82 -7.50 -5.32
C GLY C 232 39.53 -6.28 -4.77
N ILE C 233 40.54 -5.77 -5.47
CA ILE C 233 41.24 -4.52 -5.02
C ILE C 233 41.13 -3.44 -6.10
N ASN C 234 40.80 -2.21 -5.70
CA ASN C 234 40.76 -1.07 -6.66
C ASN C 234 42.19 -0.71 -7.05
N ILE C 235 42.41 -0.26 -8.30
CA ILE C 235 43.80 0.02 -8.78
C ILE C 235 43.90 1.47 -9.27
N THR C 236 43.94 2.43 -8.34
CA THR C 236 44.10 3.85 -8.73
C THR C 236 45.56 4.12 -9.11
N ARG C 237 45.82 5.14 -9.94
CA ARG C 237 47.21 5.53 -10.30
C ARG C 237 48.00 4.33 -10.83
N PHE C 238 47.43 3.59 -11.79
CA PHE C 238 48.13 2.43 -12.39
C PHE C 238 49.49 2.87 -12.97
N GLN C 239 50.50 2.00 -12.90
CA GLN C 239 51.82 2.30 -13.52
C GLN C 239 51.73 2.05 -15.03
N THR C 240 52.64 2.65 -15.81
CA THR C 240 52.60 2.52 -17.29
C THR C 240 53.16 1.17 -17.76
N LEU C 241 52.98 0.88 -19.05
CA LEU C 241 53.47 -0.40 -19.65
C LEU C 241 55.00 -0.48 -19.60
N LEU C 242 55.53 -1.71 -19.49
CA LEU C 242 57.00 -1.91 -19.48
C LEU C 242 57.41 -2.64 -20.76
N ALA C 243 58.39 -2.09 -21.50
CA ALA C 243 58.82 -2.71 -22.78
C ALA C 243 59.40 -4.10 -22.51
N ALA C 264 55.19 4.24 -29.99
CA ALA C 264 53.98 5.04 -30.29
C ALA C 264 52.75 4.37 -29.65
N TYR C 265 52.36 4.84 -28.47
CA TYR C 265 51.19 4.24 -27.77
C TYR C 265 50.19 5.35 -27.41
N TYR C 266 48.90 5.05 -27.45
CA TYR C 266 47.85 6.07 -27.15
C TYR C 266 47.06 5.64 -25.91
N VAL C 267 46.92 6.53 -24.94
CA VAL C 267 46.12 6.22 -23.71
C VAL C 267 44.91 7.16 -23.65
N GLY C 268 43.71 6.61 -23.53
CA GLY C 268 42.49 7.44 -23.44
C GLY C 268 41.80 7.28 -22.09
N TYR C 269 40.65 7.93 -21.91
CA TYR C 269 39.93 7.83 -20.64
C TYR C 269 38.46 7.57 -20.91
N LEU C 270 37.89 6.60 -20.19
CA LEU C 270 36.48 6.29 -20.36
C LEU C 270 35.62 7.25 -19.57
N GLN C 271 34.32 7.25 -19.88
CA GLN C 271 33.37 8.20 -19.32
C GLN C 271 31.96 7.63 -19.48
N PRO C 272 31.02 7.97 -18.59
CA PRO C 272 29.65 7.48 -18.75
C PRO C 272 28.89 8.14 -19.89
N ARG C 273 28.32 7.34 -20.77
CA ARG C 273 27.62 7.83 -21.95
C ARG C 273 26.49 6.88 -22.30
N THR C 274 25.67 7.29 -23.26
CA THR C 274 24.62 6.44 -23.84
C THR C 274 24.91 6.26 -25.32
N PHE C 275 24.85 5.02 -25.78
CA PHE C 275 25.18 4.69 -27.16
C PHE C 275 24.01 3.92 -27.77
N LEU C 276 23.85 4.06 -29.08
CA LEU C 276 22.90 3.24 -29.83
C LEU C 276 23.68 2.28 -30.71
N LEU C 277 23.59 0.99 -30.43
CA LEU C 277 24.39 -0.02 -31.11
C LEU C 277 23.53 -0.76 -32.13
N LYS C 278 24.14 -1.11 -33.26
CA LYS C 278 23.45 -1.82 -34.31
C LYS C 278 24.05 -3.21 -34.50
N TYR C 279 23.20 -4.23 -34.46
CA TYR C 279 23.63 -5.62 -34.63
C TYR C 279 23.20 -6.10 -36.01
N ASN C 280 24.11 -6.76 -36.72
CA ASN C 280 23.77 -7.27 -38.04
C ASN C 280 23.01 -8.59 -37.93
N GLU C 281 22.92 -9.30 -39.04
CA GLU C 281 22.18 -10.55 -39.07
C GLU C 281 22.82 -11.60 -38.17
N ASN C 282 24.15 -11.72 -38.21
CA ASN C 282 24.80 -12.78 -37.46
C ASN C 282 25.09 -12.41 -36.02
N GLY C 283 25.10 -11.13 -35.68
CA GLY C 283 25.37 -10.71 -34.32
C GLY C 283 26.58 -9.82 -34.13
N THR C 284 27.20 -9.34 -35.21
CA THR C 284 28.38 -8.51 -35.08
C THR C 284 28.01 -7.04 -35.12
N ILE C 285 28.51 -6.29 -34.13
CA ILE C 285 28.22 -4.87 -34.00
C ILE C 285 28.82 -4.17 -35.21
N THR C 286 27.95 -3.68 -36.09
CA THR C 286 28.45 -3.03 -37.31
C THR C 286 28.70 -1.55 -37.09
N ASP C 287 27.77 -0.83 -36.46
CA ASP C 287 27.88 0.61 -36.34
C ASP C 287 27.12 1.09 -35.12
N ALA C 288 27.40 2.34 -34.73
CA ALA C 288 26.80 2.92 -33.54
C ALA C 288 26.87 4.44 -33.61
N VAL C 289 26.08 5.09 -32.75
CA VAL C 289 26.08 6.55 -32.66
C VAL C 289 26.10 6.95 -31.19
N ASP C 290 26.69 8.10 -30.91
CA ASP C 290 26.80 8.64 -29.55
C ASP C 290 25.77 9.74 -29.40
N CYS C 291 24.85 9.56 -28.45
CA CYS C 291 23.67 10.42 -28.40
C CYS C 291 24.03 11.88 -28.13
N ALA C 292 24.97 12.13 -27.23
CA ALA C 292 25.15 13.50 -26.75
C ALA C 292 26.02 14.34 -27.67
N LEU C 293 26.54 13.75 -28.75
CA LEU C 293 27.47 14.48 -29.61
C LEU C 293 26.81 15.68 -30.29
N ASP C 294 25.86 15.42 -31.16
CA ASP C 294 25.27 16.43 -32.04
C ASP C 294 23.77 16.52 -31.82
N PRO C 295 23.14 17.62 -32.24
CA PRO C 295 21.69 17.62 -32.33
C PRO C 295 21.15 16.54 -33.24
N LEU C 296 21.81 16.30 -34.37
CA LEU C 296 21.36 15.24 -35.26
C LEU C 296 21.45 13.89 -34.58
N SER C 297 22.52 13.67 -33.80
CA SER C 297 22.66 12.41 -33.09
C SER C 297 21.56 12.24 -32.05
N GLU C 298 21.20 13.33 -31.36
CA GLU C 298 20.09 13.23 -30.41
C GLU C 298 18.80 12.85 -31.12
N THR C 299 18.53 13.46 -32.27
CA THR C 299 17.33 13.11 -33.02
C THR C 299 17.33 11.65 -33.43
N LYS C 300 18.46 11.12 -33.90
CA LYS C 300 18.51 9.71 -34.27
C LYS C 300 18.25 8.82 -33.06
N CYS C 301 18.80 9.19 -31.91
CA CYS C 301 18.59 8.37 -30.72
C CYS C 301 17.11 8.32 -30.33
N THR C 302 16.41 9.44 -30.45
CA THR C 302 15.05 9.49 -29.92
C THR C 302 14.04 8.83 -30.87
N LEU C 303 14.36 8.76 -32.16
CA LEU C 303 13.49 8.06 -33.09
C LEU C 303 13.85 6.59 -33.23
N LYS C 304 14.95 6.17 -32.63
CA LYS C 304 15.40 4.78 -32.59
C LYS C 304 15.80 4.31 -33.98
N SER C 305 16.40 5.17 -34.80
CA SER C 305 16.70 4.85 -36.18
C SER C 305 17.95 5.58 -36.65
N PHE C 306 18.47 5.14 -37.79
CA PHE C 306 19.66 5.77 -38.35
C PHE C 306 19.31 6.82 -39.39
N THR C 307 18.13 6.72 -39.99
CA THR C 307 17.68 7.67 -40.99
C THR C 307 16.40 8.36 -40.52
N VAL C 308 16.30 9.66 -40.80
CA VAL C 308 15.15 10.46 -40.42
C VAL C 308 14.61 11.16 -41.65
N GLU C 309 13.30 11.40 -41.66
CA GLU C 309 12.66 12.13 -42.74
C GLU C 309 12.49 13.59 -42.36
N LYS C 310 12.26 14.42 -43.37
CA LYS C 310 12.11 15.85 -43.18
C LYS C 310 10.99 16.16 -42.21
N GLY C 311 11.23 17.09 -41.29
CA GLY C 311 10.19 17.49 -40.36
C GLY C 311 10.78 18.19 -39.15
N ILE C 312 9.94 18.32 -38.13
CA ILE C 312 10.32 18.89 -36.84
C ILE C 312 10.12 17.81 -35.79
N TYR C 313 10.97 17.80 -34.78
CA TYR C 313 10.94 16.79 -33.73
C TYR C 313 11.29 17.46 -32.42
N GLN C 314 10.86 16.85 -31.31
CA GLN C 314 11.17 17.37 -29.98
C GLN C 314 12.17 16.44 -29.33
N THR C 315 13.39 16.93 -29.13
CA THR C 315 14.46 16.08 -28.62
C THR C 315 14.46 16.04 -27.10
N SER C 316 14.40 17.21 -26.47
CA SER C 316 14.39 17.30 -25.02
C SER C 316 13.89 18.69 -24.63
N ASN C 317 14.02 18.99 -23.35
CA ASN C 317 13.58 20.27 -22.81
C ASN C 317 14.68 20.85 -21.92
N PHE C 318 14.82 22.17 -21.94
CA PHE C 318 15.89 22.80 -21.19
C PHE C 318 15.34 23.45 -19.93
N ARG C 319 16.24 23.94 -19.09
CA ARG C 319 15.90 24.52 -17.80
C ARG C 319 17.09 25.32 -17.29
N VAL C 320 16.80 26.36 -16.51
CA VAL C 320 17.80 27.33 -16.07
C VAL C 320 18.04 27.13 -14.58
N GLN C 321 19.30 27.24 -14.15
CA GLN C 321 19.67 26.91 -12.79
C GLN C 321 20.05 28.18 -12.03
N PRO C 322 19.60 28.35 -10.78
CA PRO C 322 19.91 29.59 -10.06
C PRO C 322 21.37 29.72 -9.63
N THR C 323 21.88 28.74 -8.89
CA THR C 323 23.27 28.73 -8.41
C THR C 323 23.64 29.97 -7.60
N GLU C 324 22.79 30.36 -6.65
CA GLU C 324 23.07 31.48 -5.75
C GLU C 324 21.95 31.57 -4.73
N SER C 325 22.27 32.08 -3.54
CA SER C 325 21.29 32.21 -2.47
C SER C 325 21.43 33.56 -1.77
N ILE C 326 20.29 34.15 -1.39
CA ILE C 326 20.28 35.34 -0.53
C ILE C 326 19.15 35.20 0.48
N VAL C 327 19.43 35.52 1.75
CA VAL C 327 18.44 35.47 2.82
C VAL C 327 18.39 36.83 3.48
N ARG C 328 17.18 37.30 3.82
CA ARG C 328 16.99 38.58 4.49
C ARG C 328 15.96 38.46 5.60
N PHE C 329 16.42 38.08 6.81
CA PHE C 329 15.50 38.02 7.97
C PHE C 329 15.35 39.45 8.51
N PRO C 330 14.29 39.79 9.27
CA PRO C 330 14.07 41.17 9.71
C PRO C 330 15.22 41.70 10.57
N CYS C 336 19.91 42.33 24.88
CA CYS C 336 20.03 41.47 26.09
C CYS C 336 20.85 42.20 27.15
N PRO C 337 20.39 42.31 28.42
CA PRO C 337 21.18 42.93 29.48
C PRO C 337 22.16 41.92 30.09
N PHE C 338 23.12 41.43 29.30
CA PHE C 338 24.15 40.52 29.84
C PHE C 338 25.01 41.28 30.85
N GLY C 339 25.33 42.54 30.56
CA GLY C 339 26.20 43.34 31.44
C GLY C 339 25.58 43.55 32.82
N GLU C 340 24.27 43.77 32.88
CA GLU C 340 23.57 44.00 34.18
C GLU C 340 24.05 42.98 35.22
N VAL C 341 24.50 41.80 34.78
CA VAL C 341 24.94 40.73 35.73
C VAL C 341 26.39 40.34 35.43
N PHE C 342 26.74 40.14 34.15
CA PHE C 342 28.11 39.73 33.75
C PHE C 342 29.12 40.84 34.07
N ASN C 343 28.66 42.01 34.53
CA ASN C 343 29.61 43.15 34.73
C ASN C 343 28.97 44.25 35.59
N ALA C 344 29.12 44.17 36.91
CA ALA C 344 28.62 45.24 37.82
C ALA C 344 29.42 45.17 39.11
N THR C 345 29.39 46.23 39.93
CA THR C 345 30.07 46.12 41.26
C THR C 345 29.39 44.96 41.97
N ARG C 346 30.16 43.98 42.44
CA ARG C 346 29.54 42.75 43.01
C ARG C 346 29.69 42.70 44.54
N PHE C 347 28.64 43.10 45.27
CA PHE C 347 28.65 42.99 46.75
C PHE C 347 27.86 41.74 47.13
N ALA C 348 27.43 40.96 46.13
CA ALA C 348 26.65 39.73 46.38
C ALA C 348 27.51 38.70 47.10
N SER C 349 26.92 37.91 48.00
CA SER C 349 27.68 36.84 48.70
C SER C 349 27.02 35.49 48.38
N VAL C 350 27.76 34.39 48.51
CA VAL C 350 27.20 33.05 48.14
C VAL C 350 26.02 32.75 49.08
N TYR C 351 26.11 33.16 50.35
CA TYR C 351 25.02 32.90 51.32
C TYR C 351 23.71 33.53 50.84
N ALA C 352 23.74 34.73 50.25
CA ALA C 352 22.48 35.28 49.70
C ALA C 352 22.66 35.67 48.22
N TRP C 353 22.69 34.69 47.30
CA TRP C 353 22.93 34.95 45.86
C TRP C 353 21.75 35.71 45.23
N ASN C 354 21.99 36.50 44.16
CA ASN C 354 20.92 37.31 43.54
C ASN C 354 20.56 36.73 42.18
N ARG C 355 19.27 36.61 41.86
CA ARG C 355 18.84 35.94 40.61
C ARG C 355 18.17 36.96 39.70
N LYS C 356 18.32 36.80 38.39
CA LYS C 356 17.75 37.77 37.43
C LYS C 356 16.95 37.02 36.38
N ARG C 357 15.77 37.53 36.03
CA ARG C 357 14.97 36.93 34.93
C ARG C 357 15.31 37.69 33.64
N ILE C 358 15.87 36.98 32.66
CA ILE C 358 16.25 37.62 31.37
C ILE C 358 15.32 37.03 30.29
N SER C 359 14.54 37.88 29.62
CA SER C 359 13.58 37.38 28.60
C SER C 359 13.22 38.51 27.62
N ASN C 360 12.40 38.20 26.62
CA ASN C 360 11.94 39.22 25.63
C ASN C 360 13.14 40.00 25.08
N CYS C 361 14.31 39.36 24.98
CA CYS C 361 15.49 40.03 24.37
C CYS C 361 16.24 39.08 23.43
N VAL C 362 16.82 39.59 22.34
CA VAL C 362 17.68 38.72 21.48
C VAL C 362 18.90 38.36 22.33
N ALA C 363 19.38 37.12 22.23
CA ALA C 363 20.52 36.69 23.10
C ALA C 363 21.75 36.37 22.26
N ASP C 364 22.74 37.26 22.23
CA ASP C 364 24.01 36.95 21.52
C ASP C 364 25.03 36.48 22.55
N TYR C 365 25.34 35.18 22.56
CA TYR C 365 26.29 34.62 23.54
C TYR C 365 27.71 34.65 22.98
N SER C 366 27.85 34.98 21.69
CA SER C 366 29.18 35.02 21.04
C SER C 366 30.07 36.01 21.79
N VAL C 367 29.50 37.14 22.23
CA VAL C 367 30.29 38.19 22.93
C VAL C 367 30.87 37.62 24.22
N LEU C 368 30.07 36.88 24.99
CA LEU C 368 30.59 36.23 26.23
C LEU C 368 31.64 35.17 25.89
N TYR C 369 31.38 34.34 24.87
CA TYR C 369 32.31 33.23 24.55
C TYR C 369 33.64 33.73 24.02
N ASN C 370 33.65 34.80 23.24
CA ASN C 370 34.92 35.29 22.64
C ASN C 370 35.56 36.35 23.54
N SER C 371 34.94 36.67 24.67
CA SER C 371 35.45 37.78 25.52
C SER C 371 36.85 37.48 26.04
N ALA C 372 37.14 36.23 26.37
CA ALA C 372 38.46 35.86 26.94
C ALA C 372 38.82 36.79 28.11
N SER C 373 37.82 37.42 28.73
CA SER C 373 38.05 38.28 29.92
C SER C 373 37.67 37.50 31.18
N PHE C 374 37.38 36.20 31.03
CA PHE C 374 36.92 35.38 32.17
C PHE C 374 37.83 34.18 32.38
N SER C 375 38.05 33.79 33.64
CA SER C 375 38.91 32.61 33.94
C SER C 375 38.26 31.31 33.45
N THR C 376 36.94 31.15 33.58
CA THR C 376 36.32 29.86 33.16
C THR C 376 35.02 30.10 32.39
N PHE C 377 34.60 29.13 31.58
CA PHE C 377 33.32 29.24 30.84
C PHE C 377 32.76 27.83 30.73
N LYS C 378 32.85 27.07 31.83
CA LYS C 378 32.46 25.65 31.76
C LYS C 378 31.00 25.54 31.34
N CYS C 379 30.72 24.71 30.35
CA CYS C 379 29.32 24.50 29.91
C CYS C 379 29.10 23.00 29.79
N TYR C 380 27.96 22.50 30.29
CA TYR C 380 27.73 21.04 30.34
C TYR C 380 26.91 20.56 29.14
N GLY C 381 25.58 20.54 29.26
CA GLY C 381 24.72 19.98 28.19
C GLY C 381 24.38 20.98 27.09
N VAL C 382 25.20 22.02 26.90
CA VAL C 382 24.97 22.98 25.79
C VAL C 382 26.19 22.95 24.86
N SER C 383 25.97 23.03 23.54
CA SER C 383 27.11 23.12 22.58
C SER C 383 27.38 24.60 22.30
N PRO C 384 28.64 25.05 22.13
CA PRO C 384 28.92 26.48 21.94
C PRO C 384 28.24 27.00 20.67
N THR C 385 28.31 26.25 19.57
CA THR C 385 27.60 26.66 18.32
C THR C 385 26.09 26.63 18.57
N LYS C 386 25.58 25.62 19.27
CA LYS C 386 24.12 25.47 19.47
C LYS C 386 23.61 26.49 20.50
N LEU C 387 24.50 27.14 21.25
CA LEU C 387 24.00 28.05 22.33
C LEU C 387 23.18 29.17 21.69
N ASN C 388 23.68 29.78 20.62
CA ASN C 388 22.89 30.82 19.90
C ASN C 388 21.67 30.17 19.23
N ASP C 389 21.86 28.99 18.63
CA ASP C 389 20.76 28.31 17.89
C ASP C 389 19.60 27.95 18.83
N LEU C 390 19.91 27.45 20.03
CA LEU C 390 18.85 27.00 20.96
C LEU C 390 18.00 28.19 21.41
N CYS C 391 16.67 28.03 21.41
CA CYS C 391 15.76 29.09 21.90
C CYS C 391 15.24 28.68 23.28
N PHE C 392 15.00 29.62 24.19
CA PHE C 392 14.61 29.27 25.57
C PHE C 392 13.48 30.15 26.11
N THR C 393 12.53 29.54 26.82
CA THR C 393 11.41 30.31 27.42
C THR C 393 11.93 31.29 28.47
N ASN C 394 12.87 30.86 29.32
CA ASN C 394 13.35 31.73 30.42
C ASN C 394 14.87 31.67 30.53
N VAL C 395 15.51 32.79 30.91
CA VAL C 395 16.98 32.78 31.16
C VAL C 395 17.19 33.32 32.57
N TYR C 396 17.76 32.52 33.47
CA TYR C 396 17.91 32.91 34.88
C TYR C 396 19.41 33.02 35.21
N ALA C 397 19.87 34.18 35.68
CA ALA C 397 21.31 34.37 35.97
C ALA C 397 21.52 34.61 37.47
N ASP C 398 22.40 33.85 38.11
CA ASP C 398 22.65 33.98 39.56
C ASP C 398 24.04 34.57 39.78
N SER C 399 24.16 35.63 40.60
CA SER C 399 25.47 36.29 40.82
C SER C 399 25.93 36.10 42.27
N PHE C 400 27.16 35.61 42.48
CA PHE C 400 27.67 35.36 43.86
C PHE C 400 29.20 35.39 43.84
N VAL C 401 29.84 35.41 45.02
CA VAL C 401 31.33 35.53 45.10
C VAL C 401 31.89 34.46 46.03
N ILE C 402 32.68 33.51 45.51
CA ILE C 402 33.35 32.48 46.37
C ILE C 402 34.86 32.48 46.08
N ARG C 403 35.67 31.89 46.96
CA ARG C 403 37.14 31.86 46.79
C ARG C 403 37.53 31.02 45.56
N GLY C 404 38.73 31.23 45.02
CA GLY C 404 39.15 30.50 43.81
C GLY C 404 39.03 29.01 43.99
N ASP C 405 39.36 28.52 45.17
CA ASP C 405 39.37 27.05 45.37
C ASP C 405 37.96 26.48 45.22
N GLU C 406 36.91 27.18 45.65
CA GLU C 406 35.56 26.55 45.64
C GLU C 406 34.78 26.85 44.35
N VAL C 407 35.42 27.39 43.31
CA VAL C 407 34.76 27.57 42.00
C VAL C 407 34.34 26.20 41.47
N ARG C 408 35.17 25.19 41.72
CA ARG C 408 34.85 23.81 41.30
C ARG C 408 33.57 23.35 41.98
N GLN C 409 33.31 23.74 43.22
CA GLN C 409 32.13 23.25 43.98
C GLN C 409 30.81 23.70 43.33
N ILE C 410 30.84 24.81 42.59
CA ILE C 410 29.61 25.24 41.84
C ILE C 410 29.54 24.40 40.55
N ALA C 411 29.25 23.11 40.70
CA ALA C 411 29.16 22.19 39.53
C ALA C 411 28.23 21.03 39.90
N PRO C 412 27.68 20.27 38.93
CA PRO C 412 26.85 19.09 39.24
C PRO C 412 27.62 18.00 40.00
N GLY C 413 26.96 17.35 40.97
CA GLY C 413 27.61 16.25 41.72
C GLY C 413 28.86 16.70 42.46
N GLN C 414 28.85 17.89 43.05
CA GLN C 414 30.02 18.38 43.84
C GLN C 414 29.64 18.47 45.32
N THR C 415 30.50 17.97 46.21
CA THR C 415 30.25 18.03 47.67
C THR C 415 31.26 18.99 48.32
N GLY C 416 30.78 19.90 49.17
CA GLY C 416 31.67 20.87 49.84
C GLY C 416 30.85 21.91 50.57
N LYS C 417 31.49 22.74 51.40
CA LYS C 417 30.71 23.70 52.21
C LYS C 417 29.93 24.61 51.27
N ILE C 418 30.56 25.09 50.18
CA ILE C 418 29.83 26.09 49.36
C ILE C 418 28.65 25.47 48.63
N ALA C 419 28.85 24.31 48.03
CA ALA C 419 27.75 23.73 47.25
C ALA C 419 26.59 23.32 48.13
N ASP C 420 26.84 22.53 49.18
CA ASP C 420 25.69 22.03 49.98
C ASP C 420 25.00 23.17 50.71
N TYR C 421 25.69 23.80 51.67
CA TYR C 421 25.07 24.86 52.51
C TYR C 421 24.75 26.17 51.79
N ASN C 422 25.53 26.58 50.79
CA ASN C 422 25.28 27.93 50.19
C ASN C 422 24.56 27.87 48.83
N TYR C 423 25.24 27.42 47.77
CA TYR C 423 24.62 27.44 46.41
C TYR C 423 24.76 26.06 45.76
N LYS C 424 23.67 25.49 45.25
CA LYS C 424 23.75 24.09 44.73
C LYS C 424 23.22 23.97 43.29
N LEU C 425 23.91 23.20 42.44
CA LEU C 425 23.48 22.96 41.04
C LEU C 425 23.40 21.45 40.82
N PRO C 426 22.20 20.82 40.73
CA PRO C 426 22.12 19.38 40.46
C PRO C 426 22.64 19.04 39.06
N ASP C 427 22.21 19.78 38.03
CA ASP C 427 22.73 19.58 36.65
C ASP C 427 22.99 20.97 36.06
N ASP C 428 22.48 22.02 36.72
CA ASP C 428 22.60 23.42 36.22
C ASP C 428 21.62 23.61 35.05
N PHE C 429 20.74 22.63 34.80
CA PHE C 429 19.82 22.71 33.64
C PHE C 429 20.60 23.06 32.38
N THR C 430 21.65 22.28 32.06
CA THR C 430 22.48 22.54 30.85
C THR C 430 22.96 23.99 30.88
N GLY C 431 23.11 24.56 32.08
CA GLY C 431 23.55 25.96 32.24
C GLY C 431 25.05 26.10 32.14
N CYS C 432 25.54 27.35 32.04
CA CYS C 432 27.00 27.59 31.91
C CYS C 432 27.52 28.39 33.11
N VAL C 433 28.65 27.97 33.69
CA VAL C 433 29.22 28.66 34.88
C VAL C 433 30.42 29.50 34.43
N ILE C 434 30.43 30.80 34.78
CA ILE C 434 31.53 31.71 34.34
C ILE C 434 32.14 32.36 35.59
N ALA C 435 33.48 32.38 35.69
CA ALA C 435 34.16 32.96 36.87
C ALA C 435 35.07 34.11 36.46
N TRP C 436 34.97 35.26 37.13
CA TRP C 436 35.87 36.41 36.85
C TRP C 436 36.57 36.81 38.15
N ASN C 437 37.89 37.01 38.13
CA ASN C 437 38.63 37.31 39.38
C ASN C 437 38.13 38.63 39.98
N SER C 438 37.87 38.65 41.29
CA SER C 438 37.36 39.87 41.98
C SER C 438 38.44 40.49 42.86
N ASN C 439 39.69 40.05 42.72
CA ASN C 439 40.78 40.56 43.59
C ASN C 439 40.93 42.07 43.33
N ASN C 440 40.85 42.48 42.06
CA ASN C 440 40.91 43.93 41.72
C ASN C 440 39.72 44.66 42.35
N LEU C 441 38.54 44.04 42.33
CA LEU C 441 37.32 44.66 42.93
C LEU C 441 37.54 44.83 44.44
N ASP C 442 38.23 43.88 45.07
CA ASP C 442 38.44 43.94 46.54
C ASP C 442 39.60 44.89 46.82
N SER C 443 39.34 46.20 46.81
CA SER C 443 40.39 47.23 47.02
C SER C 443 40.73 47.37 48.51
N LYS C 444 41.85 48.05 48.83
CA LYS C 444 42.28 48.32 50.23
C LYS C 444 43.18 47.19 50.75
N VAL C 445 43.93 47.45 51.83
CA VAL C 445 44.88 46.43 52.37
C VAL C 445 44.08 45.20 52.83
N GLY C 446 42.95 45.42 53.50
CA GLY C 446 42.17 44.29 54.03
C GLY C 446 40.68 44.59 54.13
N GLY C 447 39.90 44.23 53.11
CA GLY C 447 38.44 44.41 53.18
C GLY C 447 37.71 43.08 53.09
N ASN C 448 36.88 42.76 54.10
CA ASN C 448 36.08 41.51 54.07
C ASN C 448 34.73 41.79 53.39
N TYR C 449 34.39 43.07 53.20
CA TYR C 449 33.10 43.46 52.55
C TYR C 449 31.94 42.85 53.33
N ASN C 450 31.00 42.20 52.63
CA ASN C 450 29.84 41.56 53.28
C ASN C 450 29.84 40.07 52.91
N TYR C 451 30.92 39.61 52.27
CA TYR C 451 31.04 38.20 51.83
C TYR C 451 30.97 37.29 53.06
N LEU C 452 30.15 36.24 53.00
CA LEU C 452 29.98 35.32 54.15
C LEU C 452 29.74 33.90 53.66
N TYR C 453 30.08 32.89 54.47
CA TYR C 453 29.88 31.48 54.09
C TYR C 453 28.98 30.80 55.13
N ARG C 454 28.01 30.00 54.68
CA ARG C 454 27.08 29.31 55.62
C ARG C 454 27.76 28.04 56.12
N LEU C 455 28.72 28.17 57.02
CA LEU C 455 29.46 27.00 57.58
C LEU C 455 28.47 26.10 58.34
N PHE C 456 27.56 26.70 59.10
CA PHE C 456 26.65 25.88 59.95
C PHE C 456 25.23 25.86 59.40
N ARG C 457 24.81 24.71 58.85
CA ARG C 457 23.40 24.56 58.39
C ARG C 457 22.97 23.14 58.74
N LYS C 458 21.73 22.94 59.18
CA LYS C 458 21.30 21.60 59.66
C LYS C 458 21.38 20.56 58.53
N SER C 459 20.97 20.93 57.31
CA SER C 459 20.94 19.93 56.21
C SER C 459 21.49 20.52 54.90
N ASN C 460 21.39 19.78 53.80
CA ASN C 460 21.86 20.26 52.47
C ASN C 460 20.73 20.98 51.74
N LEU C 461 21.01 22.06 51.01
CA LEU C 461 19.94 22.87 50.38
C LEU C 461 19.26 22.12 49.22
N LYS C 462 18.17 22.68 48.67
CA LYS C 462 17.49 22.06 47.49
C LYS C 462 17.98 22.76 46.22
N PRO C 463 17.90 22.16 45.02
CA PRO C 463 18.48 22.78 43.83
C PRO C 463 18.00 24.21 43.61
N PHE C 464 18.94 25.13 43.38
CA PHE C 464 18.62 26.58 43.22
C PHE C 464 17.85 27.11 44.44
N GLU C 465 18.22 26.75 45.67
CA GLU C 465 17.55 27.31 46.88
C GLU C 465 18.50 28.20 47.68
N ARG C 466 17.96 29.10 48.51
CA ARG C 466 18.79 30.05 49.28
C ARG C 466 18.52 29.88 50.78
N ASP C 467 19.30 30.56 51.64
CA ASP C 467 19.12 30.48 53.11
C ASP C 467 19.66 31.77 53.75
N ILE C 468 18.81 32.52 54.44
CA ILE C 468 19.23 33.83 55.02
C ILE C 468 18.82 33.91 56.50
N SER C 469 18.83 32.77 57.20
CA SER C 469 18.44 32.74 58.64
C SER C 469 19.65 33.02 59.53
N THR C 470 19.56 34.05 60.38
CA THR C 470 20.68 34.32 61.32
C THR C 470 20.53 33.41 62.54
N GLU C 471 19.48 32.59 62.57
CA GLU C 471 19.23 31.65 63.70
C GLU C 471 20.53 31.05 64.20
N ILE C 472 20.82 31.23 65.48
CA ILE C 472 22.07 30.69 66.09
C ILE C 472 22.03 29.16 65.96
N TYR C 473 23.15 28.55 65.56
CA TYR C 473 23.18 27.08 65.32
C TYR C 473 22.88 26.33 66.62
N GLN C 474 23.38 26.81 67.76
CA GLN C 474 23.15 26.18 69.10
C GLN C 474 24.01 24.92 69.24
N ALA C 475 23.87 23.93 68.36
CA ALA C 475 24.77 22.75 68.36
C ALA C 475 24.86 22.13 69.77
N GLY C 476 23.72 22.00 70.47
CA GLY C 476 23.74 21.47 71.84
C GLY C 476 22.34 21.26 72.37
N SER C 477 22.20 20.55 73.50
CA SER C 477 20.87 20.30 74.11
C SER C 477 20.30 21.63 74.61
N THR C 478 21.15 22.47 75.21
CA THR C 478 20.72 23.78 75.75
C THR C 478 20.27 24.69 74.59
N PRO C 479 19.01 25.15 74.56
CA PRO C 479 18.52 25.99 73.46
C PRO C 479 19.13 27.40 73.48
N CYS C 480 19.91 27.74 72.45
CA CYS C 480 20.49 29.11 72.36
C CYS C 480 19.40 30.07 71.91
N ASN C 481 19.18 31.14 72.68
CA ASN C 481 18.21 32.20 72.27
C ASN C 481 19.05 33.44 71.89
N GLY C 482 18.64 34.63 72.34
CA GLY C 482 19.43 35.84 72.09
C GLY C 482 20.79 35.79 72.78
N VAL C 483 20.85 35.25 74.00
CA VAL C 483 22.12 35.24 74.78
C VAL C 483 23.17 34.38 74.07
N GLU C 484 24.43 34.85 74.03
CA GLU C 484 25.54 34.06 73.41
C GLU C 484 25.92 32.91 74.33
N GLY C 485 26.34 31.77 73.76
CA GLY C 485 26.74 30.59 74.55
C GLY C 485 28.01 29.98 74.02
N PHE C 486 28.71 29.19 74.85
CA PHE C 486 29.98 28.54 74.43
C PHE C 486 29.73 27.69 73.17
N ASN C 487 28.48 27.32 72.92
CA ASN C 487 28.13 26.49 71.74
C ASN C 487 27.27 27.28 70.75
N CYS C 488 26.87 28.51 71.08
CA CYS C 488 25.95 29.27 70.19
C CYS C 488 26.62 29.52 68.83
N TYR C 489 27.87 30.00 68.81
CA TYR C 489 28.62 30.31 67.56
C TYR C 489 27.82 31.22 66.61
N PHE C 490 28.32 31.41 65.38
CA PHE C 490 27.55 32.14 64.34
C PHE C 490 27.59 31.34 63.03
N PRO C 491 26.45 31.17 62.32
CA PRO C 491 26.41 30.45 61.04
C PRO C 491 27.24 31.11 59.93
N LEU C 492 27.24 32.44 59.85
CA LEU C 492 27.94 33.15 58.73
C LEU C 492 29.34 33.59 59.15
N GLN C 493 30.35 33.30 58.33
CA GLN C 493 31.75 33.75 58.62
C GLN C 493 32.29 34.50 57.40
N SER C 494 32.88 35.68 57.61
CA SER C 494 33.39 36.51 56.49
C SER C 494 34.67 35.91 55.89
N TYR C 495 35.07 36.39 54.70
CA TYR C 495 36.33 35.91 54.07
C TYR C 495 37.28 37.11 53.96
N GLY C 496 38.53 36.92 54.40
CA GLY C 496 39.53 37.99 54.25
C GLY C 496 40.12 38.01 52.86
N PHE C 497 40.18 39.19 52.23
CA PHE C 497 40.67 39.26 50.84
C PHE C 497 41.77 40.32 50.74
N GLN C 498 42.96 40.01 51.27
CA GLN C 498 44.12 40.92 51.13
C GLN C 498 44.66 40.76 49.71
N PRO C 499 45.06 41.85 49.01
CA PRO C 499 45.50 41.75 47.61
C PRO C 499 46.74 40.85 47.47
N THR C 500 47.68 40.96 48.42
CA THR C 500 48.94 40.17 48.35
C THR C 500 48.65 38.67 48.47
N ASN C 501 49.37 37.84 47.70
CA ASN C 501 49.22 36.36 47.78
C ASN C 501 47.77 35.95 47.49
N GLY C 502 47.20 35.08 48.34
CA GLY C 502 45.82 34.60 48.13
C GLY C 502 45.75 33.59 46.99
N VAL C 503 45.14 33.96 45.86
CA VAL C 503 44.96 33.07 44.68
C VAL C 503 43.91 32.01 45.05
N GLY C 504 44.18 31.17 46.05
CA GLY C 504 43.15 30.22 46.53
C GLY C 504 42.18 30.96 47.43
N TYR C 505 42.69 31.69 48.42
CA TYR C 505 41.82 32.51 49.30
C TYR C 505 41.15 33.60 48.46
N GLN C 506 41.86 34.04 47.41
CA GLN C 506 41.35 35.14 46.56
C GLN C 506 40.15 34.68 45.71
N PRO C 507 39.04 35.45 45.60
CA PRO C 507 37.83 34.96 44.93
C PRO C 507 37.57 35.28 43.46
N TYR C 508 37.15 34.27 42.71
CA TYR C 508 36.74 34.55 41.30
C TYR C 508 35.21 34.58 41.34
N ARG C 509 34.62 35.75 41.08
CA ARG C 509 33.14 35.85 41.22
C ARG C 509 32.51 34.88 40.22
N VAL C 510 31.57 34.06 40.68
CA VAL C 510 30.98 33.03 39.78
C VAL C 510 29.57 33.47 39.39
N VAL C 511 29.33 33.67 38.09
CA VAL C 511 27.95 34.03 37.66
C VAL C 511 27.37 32.82 36.91
N VAL C 512 26.27 32.24 37.40
CA VAL C 512 25.74 30.99 36.76
C VAL C 512 24.57 31.32 35.82
N LEU C 513 24.60 30.82 34.59
CA LEU C 513 23.47 31.01 33.66
C LEU C 513 22.60 29.74 33.69
N SER C 514 21.28 29.87 33.59
CA SER C 514 20.37 28.69 33.57
C SER C 514 19.21 28.98 32.62
N PHE C 515 19.03 28.14 31.59
CA PHE C 515 17.99 28.40 30.57
C PHE C 515 16.96 27.27 30.60
N GLU C 516 15.69 27.61 30.89
CA GLU C 516 14.63 26.57 31.02
C GLU C 516 13.70 26.65 29.81
N LEU C 517 12.91 25.60 29.56
CA LEU C 517 12.02 25.59 28.36
C LEU C 517 10.59 25.25 28.77
N LEU C 518 9.80 26.26 29.17
CA LEU C 518 8.38 26.05 29.56
C LEU C 518 7.49 26.05 28.31
N HIS C 519 6.18 25.84 28.49
CA HIS C 519 5.21 25.81 27.36
C HIS C 519 5.18 27.16 26.64
N ALA C 520 5.40 28.26 27.36
CA ALA C 520 5.30 29.61 26.76
C ALA C 520 6.30 29.76 25.62
N PRO C 521 5.98 30.50 24.54
CA PRO C 521 6.86 30.59 23.35
C PRO C 521 8.27 31.14 23.66
N ALA C 522 9.29 30.59 23.00
CA ALA C 522 10.68 31.01 23.29
C ALA C 522 11.16 32.01 22.21
N THR C 523 11.52 33.22 22.63
CA THR C 523 12.01 34.25 21.69
C THR C 523 13.51 34.49 21.91
N VAL C 524 14.17 33.64 22.71
CA VAL C 524 15.60 33.88 23.06
C VAL C 524 16.54 33.17 22.07
N CYS C 525 16.91 33.85 20.96
CA CYS C 525 17.83 33.28 19.91
C CYS C 525 18.60 34.36 19.15
N GLY C 526 18.82 34.21 17.82
CA GLY C 526 19.64 35.17 17.03
C GLY C 526 19.35 35.20 15.52
N LYS C 529 21.90 37.72 7.54
CA LYS C 529 21.36 38.54 6.42
C LYS C 529 22.45 38.75 5.37
N SER C 530 22.07 38.88 4.10
CA SER C 530 23.06 39.05 3.00
C SER C 530 22.67 40.27 2.16
N THR C 531 23.51 40.67 1.20
CA THR C 531 23.18 41.79 0.33
C THR C 531 22.11 41.37 -0.66
N ASN C 532 21.34 42.32 -1.16
CA ASN C 532 20.20 41.97 -2.05
C ASN C 532 20.50 42.39 -3.49
N LEU C 533 20.39 41.45 -4.42
CA LEU C 533 20.57 41.79 -5.86
C LEU C 533 19.22 41.62 -6.55
N VAL C 534 18.74 42.65 -7.26
CA VAL C 534 17.39 42.59 -7.89
C VAL C 534 17.52 42.49 -9.41
N LYS C 535 17.12 41.36 -10.00
CA LYS C 535 17.10 41.18 -11.49
C LYS C 535 18.50 40.90 -12.03
N ASN C 536 19.50 40.76 -11.15
CA ASN C 536 20.86 40.39 -11.64
C ASN C 536 20.81 39.01 -12.29
N LYS C 537 20.15 38.04 -11.64
CA LYS C 537 20.02 36.67 -12.19
C LYS C 537 18.91 35.93 -11.43
N CYS C 538 18.43 34.81 -11.96
CA CYS C 538 17.46 33.99 -11.19
C CYS C 538 18.19 33.49 -9.93
N VAL C 539 17.57 33.60 -8.76
CA VAL C 539 18.31 33.24 -7.50
C VAL C 539 17.34 32.58 -6.52
N ASN C 540 17.76 31.49 -5.86
CA ASN C 540 16.91 30.90 -4.84
C ASN C 540 17.13 31.65 -3.53
N PHE C 541 16.10 31.74 -2.70
CA PHE C 541 16.13 32.70 -1.61
C PHE C 541 15.14 32.36 -0.51
N ASN C 542 15.37 32.98 0.64
CA ASN C 542 14.50 32.91 1.81
C ASN C 542 14.45 34.27 2.48
N PHE C 543 13.44 35.08 2.19
CA PHE C 543 13.29 36.30 2.96
C PHE C 543 13.04 36.02 4.43
N ASN C 544 11.85 35.54 4.78
CA ASN C 544 11.58 35.41 6.20
C ASN C 544 11.16 33.98 6.54
N GLY C 545 10.20 33.46 5.79
CA GLY C 545 9.80 32.07 5.94
C GLY C 545 9.50 31.42 4.61
N LEU C 546 9.57 32.22 3.53
CA LEU C 546 9.16 31.69 2.19
C LEU C 546 10.38 31.38 1.31
N THR C 547 10.24 30.46 0.37
CA THR C 547 11.35 30.09 -0.55
C THR C 547 10.84 30.16 -2.00
N GLY C 548 10.69 31.36 -2.56
CA GLY C 548 10.13 31.52 -3.92
C GLY C 548 11.00 30.89 -4.99
N THR C 549 12.33 31.01 -4.88
CA THR C 549 13.28 30.45 -5.87
C THR C 549 12.97 30.99 -7.28
N GLY C 550 12.65 32.28 -7.40
CA GLY C 550 12.32 32.89 -8.70
C GLY C 550 13.01 34.23 -8.89
N VAL C 551 13.18 34.68 -10.13
CA VAL C 551 13.88 35.97 -10.42
C VAL C 551 13.11 37.12 -9.73
N LEU C 552 13.83 38.14 -9.26
CA LEU C 552 13.21 39.23 -8.53
C LEU C 552 13.27 40.50 -9.35
N THR C 553 12.16 41.24 -9.38
CA THR C 553 12.03 42.46 -10.15
C THR C 553 11.32 43.54 -9.36
N GLU C 554 11.55 44.79 -9.77
CA GLU C 554 10.88 45.93 -9.18
C GLU C 554 9.39 45.93 -9.50
N SER C 555 8.58 46.12 -8.46
CA SER C 555 7.13 46.16 -8.61
C SER C 555 6.61 47.54 -8.23
N ASN C 556 5.38 47.82 -8.64
CA ASN C 556 4.71 49.07 -8.33
C ASN C 556 3.30 48.86 -7.80
N LYS C 557 2.96 47.66 -7.34
CA LYS C 557 1.60 47.38 -6.91
C LYS C 557 1.30 48.11 -5.61
N LYS C 558 0.09 48.63 -5.49
CA LYS C 558 -0.34 49.22 -4.24
C LYS C 558 -0.43 48.14 -3.18
N PHE C 559 -0.07 48.48 -1.95
CA PHE C 559 0.16 47.45 -0.95
C PHE C 559 -0.12 48.05 0.42
N LEU C 560 -0.92 47.36 1.24
CA LEU C 560 -1.27 47.92 2.54
C LEU C 560 -0.10 47.81 3.52
N PRO C 561 -0.07 48.67 4.55
CA PRO C 561 1.07 48.63 5.49
C PRO C 561 1.21 47.32 6.24
N PHE C 562 0.16 46.86 6.91
CA PHE C 562 0.31 45.71 7.77
C PHE C 562 0.51 44.42 6.98
N GLN C 563 0.26 44.46 5.67
CA GLN C 563 0.40 43.27 4.85
C GLN C 563 1.87 42.96 4.60
N GLN C 564 2.15 41.71 4.22
CA GLN C 564 3.52 41.27 4.01
C GLN C 564 3.78 40.75 2.61
N PHE C 565 2.91 39.92 2.05
CA PHE C 565 3.15 39.38 0.72
C PHE C 565 1.83 39.15 0.01
N GLY C 566 1.89 39.03 -1.30
CA GLY C 566 0.68 38.94 -2.11
C GLY C 566 0.57 37.65 -2.87
N ARG C 567 -0.65 37.12 -2.98
CA ARG C 567 -0.91 35.88 -3.77
C ARG C 567 -1.94 36.21 -4.84
N ASP C 568 -1.51 36.49 -6.07
CA ASP C 568 -2.47 36.94 -7.12
C ASP C 568 -3.53 35.88 -7.47
N ILE C 569 -3.12 34.62 -7.70
CA ILE C 569 -4.12 33.59 -8.15
C ILE C 569 -3.70 32.20 -7.68
N ALA C 570 -4.68 31.34 -7.34
CA ALA C 570 -4.39 29.93 -6.99
C ALA C 570 -3.37 29.83 -5.84
N ASP C 571 -3.39 30.78 -4.91
CA ASP C 571 -2.48 30.75 -3.73
C ASP C 571 -1.02 30.63 -4.21
N THR C 572 -0.67 31.31 -5.31
CA THR C 572 0.74 31.32 -5.78
C THR C 572 1.34 32.68 -5.39
N THR C 573 2.47 32.68 -4.69
CA THR C 573 2.98 33.97 -4.21
C THR C 573 3.67 34.71 -5.33
N ASP C 574 3.17 35.90 -5.68
CA ASP C 574 3.74 36.63 -6.80
C ASP C 574 4.60 37.80 -6.33
N ALA C 575 4.27 38.41 -5.21
CA ALA C 575 4.99 39.61 -4.76
C ALA C 575 5.23 39.50 -3.26
N VAL C 576 6.39 39.99 -2.84
CA VAL C 576 6.80 39.96 -1.44
C VAL C 576 7.38 41.32 -1.09
N ARG C 577 7.43 41.64 0.20
CA ARG C 577 7.97 42.95 0.65
C ARG C 577 9.25 42.70 1.46
N ASP C 578 10.35 43.36 1.10
CA ASP C 578 11.62 43.22 1.89
C ASP C 578 11.37 43.82 3.29
N PRO C 579 11.90 43.23 4.37
CA PRO C 579 11.63 43.72 5.72
C PRO C 579 12.13 45.15 5.96
N GLN C 580 13.30 45.50 5.43
CA GLN C 580 13.90 46.84 5.71
C GLN C 580 13.07 48.00 5.16
N THR C 581 12.53 47.90 3.93
CA THR C 581 11.83 49.08 3.35
C THR C 581 10.44 48.72 2.80
N LEU C 582 9.77 49.70 2.19
CA LEU C 582 8.45 49.48 1.60
C LEU C 582 8.55 48.90 0.18
N GLU C 583 9.77 48.82 -0.32
CA GLU C 583 10.06 48.20 -1.61
C GLU C 583 9.43 46.82 -1.72
N ILE C 584 8.56 46.64 -2.71
CA ILE C 584 7.95 45.36 -2.99
C ILE C 584 8.64 44.78 -4.22
N LEU C 585 8.67 43.45 -4.31
CA LEU C 585 9.40 42.76 -5.35
C LEU C 585 8.47 41.73 -5.99
N ASP C 586 8.48 41.67 -7.32
CA ASP C 586 7.73 40.63 -8.00
C ASP C 586 8.58 39.37 -8.12
N ILE C 587 7.91 38.25 -8.35
CA ILE C 587 8.56 36.96 -8.52
C ILE C 587 8.10 36.34 -9.82
N THR C 588 9.05 35.92 -10.64
CA THR C 588 8.78 35.27 -11.90
C THR C 588 9.57 33.97 -11.98
N PRO C 589 8.94 32.86 -12.37
CA PRO C 589 9.68 31.61 -12.44
C PRO C 589 10.77 31.68 -13.49
N CYS C 590 11.84 30.92 -13.25
CA CYS C 590 12.92 30.85 -14.22
C CYS C 590 12.43 30.16 -15.49
N SER C 591 12.89 30.65 -16.63
CA SER C 591 12.35 30.21 -17.91
C SER C 591 12.67 28.74 -18.17
N PHE C 592 11.76 28.08 -18.89
CA PHE C 592 11.95 26.70 -19.33
C PHE C 592 11.13 26.49 -20.60
N GLY C 593 11.45 25.43 -21.33
CA GLY C 593 10.77 25.14 -22.59
C GLY C 593 11.35 23.87 -23.18
N GLY C 594 10.88 23.55 -24.39
CA GLY C 594 11.34 22.36 -25.08
C GLY C 594 12.18 22.72 -26.30
N VAL C 595 13.25 21.97 -26.53
CA VAL C 595 14.09 22.22 -27.70
C VAL C 595 13.66 21.29 -28.83
N SER C 596 13.55 21.84 -30.03
CA SER C 596 13.11 21.11 -31.20
C SER C 596 14.13 21.23 -32.31
N VAL C 597 14.17 20.23 -33.19
CA VAL C 597 15.18 20.12 -34.23
C VAL C 597 14.50 20.18 -35.59
N ILE C 598 15.00 21.03 -36.47
CA ILE C 598 14.54 21.13 -37.85
C ILE C 598 15.49 20.33 -38.72
N THR C 599 14.95 19.54 -39.64
CA THR C 599 15.87 18.84 -40.52
C THR C 599 15.29 18.62 -41.90
N PRO C 600 16.10 18.76 -42.96
CA PRO C 600 15.63 18.49 -44.31
C PRO C 600 15.76 17.04 -44.75
N GLY C 601 15.90 16.12 -43.83
CA GLY C 601 16.01 14.72 -44.23
C GLY C 601 17.45 14.27 -44.30
N THR C 602 17.68 12.99 -43.96
CA THR C 602 19.04 12.50 -43.85
C THR C 602 19.75 12.49 -45.19
N ASN C 603 19.12 11.90 -46.22
CA ASN C 603 19.84 11.63 -47.45
C ASN C 603 20.17 12.91 -48.20
N THR C 604 19.36 13.95 -48.02
CA THR C 604 19.62 15.20 -48.74
C THR C 604 20.82 15.94 -48.17
N SER C 605 20.88 16.07 -46.84
CA SER C 605 21.95 16.84 -46.22
C SER C 605 22.05 16.49 -44.74
N ASN C 606 23.01 17.10 -44.08
CA ASN C 606 23.22 16.87 -42.66
C ASN C 606 23.21 18.14 -41.82
N GLN C 607 22.81 19.26 -42.39
CA GLN C 607 22.59 20.44 -41.56
C GLN C 607 21.35 20.24 -40.72
N VAL C 608 21.26 20.98 -39.60
CA VAL C 608 20.02 21.07 -38.84
C VAL C 608 19.88 22.49 -38.34
N ALA C 609 18.72 22.76 -37.74
CA ALA C 609 18.45 24.00 -37.05
C ALA C 609 17.80 23.66 -35.72
N VAL C 610 17.99 24.53 -34.74
CA VAL C 610 17.51 24.29 -33.39
C VAL C 610 16.57 25.41 -33.00
N LEU C 611 15.42 25.04 -32.44
CA LEU C 611 14.43 26.00 -31.99
C LEU C 611 14.20 25.80 -30.50
N TYR C 612 14.57 26.79 -29.70
CA TYR C 612 14.25 26.80 -28.28
C TYR C 612 12.92 27.51 -28.14
N GLN C 613 11.90 26.79 -27.70
CA GLN C 613 10.52 27.25 -27.81
C GLN C 613 10.20 28.22 -26.68
N ASP C 614 9.46 29.28 -27.01
CA ASP C 614 8.71 30.05 -26.02
C ASP C 614 9.60 30.72 -24.98
N VAL C 615 10.80 31.12 -25.38
CA VAL C 615 11.71 31.79 -24.46
C VAL C 615 12.46 32.92 -25.15
N ASN C 616 12.58 34.04 -24.45
CA ASN C 616 13.45 35.12 -24.91
C ASN C 616 14.89 34.67 -24.81
N CYS C 617 15.65 34.88 -25.88
CA CYS C 617 16.91 34.15 -25.97
C CYS C 617 18.15 35.03 -26.06
N THR C 618 18.30 35.98 -25.14
CA THR C 618 19.66 36.40 -24.79
C THR C 618 20.25 35.44 -23.76
N GLU C 619 19.62 34.29 -23.56
CA GLU C 619 19.94 33.38 -22.47
C GLU C 619 20.25 31.97 -22.93
N VAL C 620 20.40 31.73 -24.23
CA VAL C 620 20.66 30.36 -24.69
C VAL C 620 21.95 29.76 -24.17
N PRO C 621 23.09 30.47 -24.11
CA PRO C 621 24.31 29.77 -23.70
C PRO C 621 24.25 29.27 -22.26
N VAL C 622 23.42 29.90 -21.43
CA VAL C 622 23.31 29.50 -20.03
C VAL C 622 22.43 28.27 -19.89
N ALA C 623 21.66 27.95 -20.93
CA ALA C 623 20.65 26.90 -20.81
C ALA C 623 21.29 25.53 -20.67
N ILE C 624 20.74 24.71 -19.76
CA ILE C 624 21.29 23.34 -19.55
C ILE C 624 20.31 22.31 -20.12
N HIS C 625 20.74 21.05 -20.32
CA HIS C 625 19.87 20.00 -20.93
C HIS C 625 19.43 20.44 -22.33
N ALA C 626 20.31 21.13 -23.07
CA ALA C 626 20.00 21.58 -24.44
C ALA C 626 21.26 21.52 -25.31
N ASP C 627 21.08 21.39 -26.63
CA ASP C 627 22.25 21.39 -27.56
C ASP C 627 21.84 21.99 -28.90
N SER C 640 25.51 30.92 -34.55
CA SER C 640 25.83 31.68 -35.76
C SER C 640 24.85 32.82 -35.96
N ASN C 641 23.68 32.50 -36.53
CA ASN C 641 22.64 33.47 -36.78
C ASN C 641 21.52 33.26 -35.76
N VAL C 642 21.16 34.31 -35.04
CA VAL C 642 20.09 34.24 -34.06
C VAL C 642 18.98 35.16 -34.54
N PHE C 643 17.80 34.60 -34.75
CA PHE C 643 16.64 35.31 -35.25
C PHE C 643 15.47 35.07 -34.30
N GLN C 644 14.91 36.15 -33.76
CA GLN C 644 13.80 36.03 -32.83
C GLN C 644 12.49 35.93 -33.61
N THR C 645 11.57 35.09 -33.14
CA THR C 645 10.32 34.86 -33.82
C THR C 645 9.16 34.98 -32.84
N ARG C 646 7.96 34.65 -33.32
CA ARG C 646 6.77 34.68 -32.43
C ARG C 646 6.79 33.43 -31.55
N ALA C 647 7.39 32.33 -32.02
CA ALA C 647 7.36 31.10 -31.24
C ALA C 647 8.57 30.99 -30.32
N GLY C 648 9.74 31.33 -30.84
CA GLY C 648 10.98 31.23 -30.07
C GLY C 648 12.05 31.99 -30.83
N CYS C 649 13.24 31.43 -30.86
CA CYS C 649 14.26 31.91 -31.78
C CYS C 649 15.05 30.74 -32.33
N LEU C 650 15.16 30.68 -33.66
CA LEU C 650 15.94 29.63 -34.30
C LEU C 650 17.42 29.92 -34.18
N ILE C 651 18.21 28.92 -34.52
CA ILE C 651 19.67 29.04 -34.57
C ILE C 651 20.14 28.35 -35.84
N GLY C 652 20.70 29.12 -36.75
CA GLY C 652 21.19 28.54 -37.98
C GLY C 652 20.29 28.71 -39.18
N ALA C 653 19.43 29.72 -39.19
CA ALA C 653 18.60 30.02 -40.35
C ALA C 653 18.41 31.52 -40.47
N GLU C 654 18.30 32.02 -41.69
CA GLU C 654 18.15 33.44 -41.97
C GLU C 654 16.81 33.66 -42.65
N HIS C 655 16.17 34.80 -42.39
CA HIS C 655 14.88 35.03 -42.99
C HIS C 655 15.04 35.74 -44.32
N VAL C 656 14.02 35.64 -45.16
CA VAL C 656 14.01 36.25 -46.48
C VAL C 656 12.68 36.98 -46.64
N ASN C 657 12.72 38.15 -47.27
CA ASN C 657 11.50 38.93 -47.41
C ASN C 657 10.54 38.26 -48.39
N ASN C 658 11.04 37.33 -49.18
CA ASN C 658 10.18 36.57 -50.09
C ASN C 658 9.19 35.73 -49.29
N SER C 659 7.99 35.56 -49.82
CA SER C 659 7.05 34.59 -49.28
C SER C 659 6.92 33.43 -50.25
N TYR C 660 6.96 32.21 -49.70
CA TYR C 660 6.84 30.98 -50.55
C TYR C 660 5.76 30.06 -49.98
N GLU C 661 5.45 28.98 -50.69
CA GLU C 661 4.48 27.99 -50.17
C GLU C 661 5.11 27.28 -48.96
N CYS C 662 4.32 26.99 -47.93
CA CYS C 662 4.88 26.37 -46.69
C CYS C 662 5.40 24.96 -46.97
N ASP C 663 6.50 24.58 -46.31
CA ASP C 663 7.04 23.19 -46.45
C ASP C 663 7.02 22.53 -45.07
N ILE C 664 7.72 23.13 -44.09
CA ILE C 664 7.76 22.58 -42.75
C ILE C 664 7.16 23.62 -41.81
N PRO C 665 6.13 23.30 -41.06
CA PRO C 665 5.50 24.30 -40.20
C PRO C 665 6.24 24.52 -38.90
N ILE C 666 6.54 25.77 -38.56
CA ILE C 666 7.20 26.04 -37.29
C ILE C 666 6.19 26.54 -36.26
N GLY C 667 5.30 27.44 -36.66
CA GLY C 667 4.27 27.93 -35.77
C GLY C 667 4.08 29.43 -35.89
N ALA C 668 2.85 29.84 -35.59
CA ALA C 668 2.47 31.24 -35.57
C ALA C 668 2.72 31.92 -36.91
N GLY C 669 2.68 31.18 -37.99
CA GLY C 669 2.75 31.77 -39.31
C GLY C 669 4.10 31.76 -39.97
N ILE C 670 4.98 30.82 -39.61
CA ILE C 670 6.31 30.75 -40.20
C ILE C 670 6.58 29.31 -40.63
N CYS C 671 7.35 29.17 -41.72
CA CYS C 671 7.73 27.87 -42.24
C CYS C 671 9.21 27.91 -42.57
N ALA C 672 9.79 26.73 -42.78
CA ALA C 672 11.21 26.61 -43.09
C ALA C 672 11.41 25.52 -44.14
N SER C 673 12.46 25.66 -44.94
CA SER C 673 12.72 24.68 -45.98
C SER C 673 14.15 24.81 -46.49
N TYR C 674 14.55 23.84 -47.30
CA TYR C 674 15.91 23.80 -47.83
C TYR C 674 15.99 24.54 -49.15
N GLN C 675 16.91 25.51 -49.22
CA GLN C 675 17.13 26.30 -50.43
C GLN C 675 17.30 25.42 -51.66
N SER C 691 21.03 25.84 -47.67
CA SER C 691 20.86 26.58 -46.42
C SER C 691 19.44 26.36 -45.90
N ILE C 692 19.21 26.78 -44.66
CA ILE C 692 17.90 26.74 -44.05
C ILE C 692 17.36 28.16 -43.95
N ILE C 693 16.14 28.36 -44.44
CA ILE C 693 15.53 29.69 -44.48
C ILE C 693 14.21 29.67 -43.72
N ALA C 694 13.81 30.83 -43.23
CA ALA C 694 12.58 30.98 -42.46
C ALA C 694 11.81 32.18 -42.96
N TYR C 695 10.65 31.94 -43.56
CA TYR C 695 9.86 32.98 -44.20
C TYR C 695 8.42 32.88 -43.72
N THR C 696 7.66 33.94 -43.94
CA THR C 696 6.24 33.91 -43.63
C THR C 696 5.48 33.20 -44.75
N MET C 697 4.37 32.55 -44.40
CA MET C 697 3.62 31.80 -45.40
C MET C 697 3.07 32.69 -46.49
N SER C 698 2.87 32.11 -47.66
CA SER C 698 2.11 32.72 -48.74
C SER C 698 0.89 31.87 -49.00
N LEU C 699 -0.29 32.49 -49.01
CA LEU C 699 -1.52 31.72 -48.98
C LEU C 699 -1.76 31.04 -50.32
N GLY C 700 -1.54 31.74 -51.41
CA GLY C 700 -1.75 31.16 -52.72
C GLY C 700 -1.65 32.20 -53.81
N ALA C 701 -1.78 31.73 -55.04
CA ALA C 701 -1.79 32.63 -56.18
C ALA C 701 -3.00 33.55 -56.10
N GLU C 702 -2.84 34.79 -56.53
CA GLU C 702 -3.89 35.77 -56.43
C GLU C 702 -4.38 36.17 -57.83
N ASN C 703 -5.68 36.03 -58.07
CA ASN C 703 -6.27 36.43 -59.33
C ASN C 703 -7.68 36.90 -59.09
N SER C 704 -8.13 37.81 -59.94
CA SER C 704 -9.46 38.38 -59.85
C SER C 704 -10.15 38.26 -61.20
N VAL C 705 -11.38 37.78 -61.19
CA VAL C 705 -12.12 37.58 -62.44
C VAL C 705 -12.76 38.88 -62.87
N ALA C 706 -12.79 39.10 -64.19
CA ALA C 706 -13.40 40.31 -64.73
C ALA C 706 -14.91 40.23 -64.60
N TYR C 707 -15.47 41.09 -63.76
CA TYR C 707 -16.90 41.10 -63.48
C TYR C 707 -17.52 42.36 -64.07
N SER C 708 -18.56 42.18 -64.86
CA SER C 708 -19.30 43.30 -65.43
C SER C 708 -20.73 42.83 -65.67
N ASN C 709 -21.67 43.77 -65.62
CA ASN C 709 -23.07 43.39 -65.60
C ASN C 709 -23.53 42.83 -66.95
N ASN C 710 -22.63 42.75 -67.93
CA ASN C 710 -23.02 42.19 -69.22
C ASN C 710 -22.38 40.84 -69.47
N SER C 711 -21.12 40.68 -69.06
CA SER C 711 -20.33 39.56 -69.55
C SER C 711 -20.80 38.24 -68.94
N ILE C 712 -20.46 37.15 -69.62
CA ILE C 712 -20.63 35.79 -69.10
C ILE C 712 -19.62 34.92 -69.82
N ALA C 713 -19.24 33.81 -69.18
CA ALA C 713 -18.26 32.90 -69.74
C ALA C 713 -18.86 31.51 -69.85
N ILE C 714 -18.60 30.85 -70.97
CA ILE C 714 -19.16 29.54 -71.27
C ILE C 714 -18.02 28.61 -71.63
N PRO C 715 -17.95 27.41 -71.07
CA PRO C 715 -16.89 26.48 -71.48
C PRO C 715 -17.17 25.95 -72.87
N THR C 716 -16.13 25.38 -73.49
CA THR C 716 -16.25 24.78 -74.82
C THR C 716 -15.68 23.39 -74.90
N ASN C 717 -15.00 22.90 -73.86
CA ASN C 717 -14.40 21.59 -73.89
C ASN C 717 -14.32 21.05 -72.47
N PHE C 718 -14.18 19.74 -72.35
CA PHE C 718 -14.26 19.08 -71.06
C PHE C 718 -13.14 18.07 -70.90
N THR C 719 -12.81 17.76 -69.65
CA THR C 719 -11.87 16.71 -69.34
C THR C 719 -12.50 15.78 -68.33
N ILE C 720 -12.02 14.54 -68.29
CA ILE C 720 -12.52 13.53 -67.37
C ILE C 720 -11.38 13.06 -66.50
N SER C 721 -11.58 13.09 -65.19
CA SER C 721 -10.50 12.84 -64.24
C SER C 721 -10.90 11.75 -63.27
N VAL C 722 -9.91 11.15 -62.63
CA VAL C 722 -10.12 10.07 -61.67
C VAL C 722 -9.32 10.38 -60.41
N THR C 723 -9.94 10.17 -59.27
CA THR C 723 -9.37 10.55 -57.97
C THR C 723 -9.35 9.32 -57.07
N THR C 724 -8.69 9.42 -55.93
CA THR C 724 -8.57 8.32 -54.99
C THR C 724 -8.99 8.78 -53.61
N GLU C 725 -9.52 7.87 -52.81
CA GLU C 725 -9.86 8.16 -51.42
C GLU C 725 -9.75 6.89 -50.60
N ILE C 726 -9.08 6.97 -49.46
CA ILE C 726 -8.71 5.80 -48.67
C ILE C 726 -9.30 5.94 -47.27
N LEU C 727 -9.95 4.88 -46.79
CA LEU C 727 -10.62 4.90 -45.50
C LEU C 727 -10.36 3.59 -44.76
N PRO C 728 -9.99 3.62 -43.49
CA PRO C 728 -9.87 2.38 -42.73
C PRO C 728 -11.22 1.95 -42.17
N VAL C 729 -11.42 0.63 -42.03
CA VAL C 729 -12.69 0.12 -41.54
C VAL C 729 -12.56 -0.86 -40.39
N SER C 730 -11.37 -1.38 -40.10
CA SER C 730 -11.27 -2.34 -39.01
C SER C 730 -9.85 -2.42 -38.49
N MET C 731 -9.72 -2.92 -37.27
CA MET C 731 -8.44 -3.03 -36.58
C MET C 731 -8.31 -4.41 -35.98
N THR C 732 -7.08 -4.81 -35.68
CA THR C 732 -6.83 -6.19 -35.28
C THR C 732 -7.52 -6.51 -33.96
N LYS C 733 -8.09 -7.71 -33.88
CA LYS C 733 -8.80 -8.17 -32.70
C LYS C 733 -7.79 -8.82 -31.76
N THR C 734 -7.86 -8.46 -30.49
CA THR C 734 -6.96 -9.02 -29.50
C THR C 734 -7.74 -9.33 -28.23
N SER C 735 -7.20 -10.23 -27.42
CA SER C 735 -7.80 -10.60 -26.14
C SER C 735 -6.69 -10.97 -25.17
N VAL C 736 -6.85 -10.58 -23.91
CA VAL C 736 -5.82 -10.71 -22.89
C VAL C 736 -6.44 -11.32 -21.65
N ASP C 737 -5.74 -12.29 -21.05
CA ASP C 737 -6.21 -12.96 -19.85
C ASP C 737 -5.64 -12.25 -18.63
N CYS C 738 -6.50 -11.90 -17.69
CA CYS C 738 -6.05 -11.07 -16.54
C CYS C 738 -5.10 -11.82 -15.61
N THR C 739 -5.49 -12.99 -15.11
CA THR C 739 -4.67 -13.68 -14.07
C THR C 739 -3.27 -14.00 -14.62
N MET C 740 -3.17 -14.46 -15.86
CA MET C 740 -1.84 -14.87 -16.39
C MET C 740 -0.90 -13.65 -16.43
N TYR C 741 -1.41 -12.50 -16.90
CA TYR C 741 -0.56 -11.29 -17.02
C TYR C 741 -0.13 -10.80 -15.63
N ILE C 742 -1.06 -10.73 -14.68
CA ILE C 742 -0.73 -10.17 -13.34
C ILE C 742 0.26 -11.09 -12.60
N CYS C 743 0.05 -12.40 -12.67
CA CYS C 743 0.92 -13.33 -11.89
C CYS C 743 1.57 -14.37 -12.83
N GLY C 744 0.80 -15.38 -13.23
CA GLY C 744 1.33 -16.46 -14.07
C GLY C 744 1.73 -17.66 -13.24
N ASP C 745 0.89 -18.70 -13.18
CA ASP C 745 1.19 -19.96 -12.44
C ASP C 745 1.60 -19.67 -10.99
N SER C 746 0.95 -18.72 -10.31
CA SER C 746 1.24 -18.50 -8.87
C SER C 746 -0.07 -18.61 -8.07
N THR C 747 -0.14 -19.61 -7.18
CA THR C 747 -1.38 -19.82 -6.36
C THR C 747 -1.60 -18.65 -5.41
N GLU C 748 -0.54 -18.18 -4.73
CA GLU C 748 -0.70 -17.10 -3.73
C GLU C 748 -1.14 -15.81 -4.41
N CYS C 749 -0.55 -15.49 -5.56
CA CYS C 749 -0.92 -14.25 -6.29
C CYS C 749 -2.37 -14.32 -6.75
N SER C 750 -2.81 -15.49 -7.22
CA SER C 750 -4.21 -15.66 -7.69
C SER C 750 -5.18 -15.45 -6.52
N ASN C 751 -4.82 -15.95 -5.33
CA ASN C 751 -5.68 -15.77 -4.13
C ASN C 751 -5.78 -14.27 -3.80
N LEU C 752 -4.66 -13.55 -3.92
CA LEU C 752 -4.67 -12.09 -3.67
C LEU C 752 -5.57 -11.40 -4.71
N LEU C 753 -5.54 -11.86 -5.97
CA LEU C 753 -6.40 -11.27 -7.04
C LEU C 753 -7.88 -11.45 -6.67
N LEU C 754 -8.25 -12.61 -6.12
CA LEU C 754 -9.65 -12.83 -5.68
C LEU C 754 -9.98 -11.80 -4.60
N GLN C 755 -9.05 -11.54 -3.68
CA GLN C 755 -9.25 -10.51 -2.63
C GLN C 755 -9.40 -9.13 -3.29
N TYR C 756 -8.62 -8.87 -4.35
CA TYR C 756 -8.65 -7.54 -5.02
C TYR C 756 -10.04 -7.23 -5.58
N GLY C 757 -10.72 -8.22 -6.17
CA GLY C 757 -12.10 -7.96 -6.62
C GLY C 757 -12.41 -8.58 -7.98
N SER C 758 -13.47 -8.08 -8.65
CA SER C 758 -13.89 -8.64 -9.96
C SER C 758 -13.32 -7.81 -11.12
N PHE C 759 -12.42 -6.86 -10.83
CA PHE C 759 -11.85 -5.99 -11.87
C PHE C 759 -11.46 -6.80 -13.13
N CYS C 760 -10.73 -7.89 -12.97
CA CYS C 760 -10.21 -8.66 -14.15
C CYS C 760 -11.37 -9.19 -15.01
N THR C 761 -12.52 -9.46 -14.40
CA THR C 761 -13.68 -9.97 -15.12
C THR C 761 -14.24 -8.93 -16.07
N GLN C 762 -14.42 -7.70 -15.60
CA GLN C 762 -14.99 -6.68 -16.47
C GLN C 762 -13.99 -6.24 -17.51
N LEU C 763 -12.69 -6.35 -17.21
CA LEU C 763 -11.71 -6.09 -18.26
C LEU C 763 -11.86 -7.08 -19.41
N ASN C 764 -12.04 -8.36 -19.11
CA ASN C 764 -12.26 -9.33 -20.17
C ASN C 764 -13.49 -8.99 -20.98
N ARG C 765 -14.57 -8.60 -20.31
CA ARG C 765 -15.81 -8.33 -21.03
C ARG C 765 -15.67 -7.14 -21.97
N ALA C 766 -14.91 -6.11 -21.55
CA ALA C 766 -14.71 -4.97 -22.42
C ALA C 766 -14.00 -5.38 -23.71
N LEU C 767 -12.88 -6.09 -23.60
CA LEU C 767 -12.14 -6.43 -24.81
C LEU C 767 -12.96 -7.33 -25.72
N THR C 768 -13.73 -8.26 -25.17
CA THR C 768 -14.58 -9.08 -26.01
C THR C 768 -15.57 -8.23 -26.79
N GLY C 769 -16.11 -7.19 -26.14
CA GLY C 769 -17.05 -6.33 -26.83
C GLY C 769 -16.48 -5.72 -28.09
N ILE C 770 -15.27 -5.16 -28.01
CA ILE C 770 -14.77 -4.46 -29.19
C ILE C 770 -14.40 -5.45 -30.29
N ALA C 771 -14.02 -6.67 -29.91
CA ALA C 771 -13.70 -7.65 -30.95
C ALA C 771 -14.90 -7.97 -31.81
N VAL C 772 -16.04 -8.28 -31.19
CA VAL C 772 -17.24 -8.55 -31.98
C VAL C 772 -17.59 -7.33 -32.81
N GLU C 773 -17.27 -6.13 -32.33
CA GLU C 773 -17.58 -4.94 -33.10
C GLU C 773 -16.79 -4.92 -34.41
N GLN C 774 -15.53 -5.33 -34.39
CA GLN C 774 -14.75 -5.25 -35.62
C GLN C 774 -15.36 -6.11 -36.73
N ASP C 775 -15.83 -7.30 -36.36
CA ASP C 775 -16.50 -8.11 -37.39
C ASP C 775 -17.77 -7.44 -37.88
N LYS C 776 -18.45 -6.72 -37.00
CA LYS C 776 -19.66 -6.01 -37.41
C LYS C 776 -19.35 -4.98 -38.48
N ASN C 777 -18.26 -4.23 -38.31
CA ASN C 777 -17.92 -3.18 -39.28
C ASN C 777 -17.71 -3.73 -40.67
N THR C 778 -16.85 -4.74 -40.79
CA THR C 778 -16.54 -5.23 -42.13
C THR C 778 -17.78 -5.72 -42.83
N GLN C 779 -18.64 -6.45 -42.12
CA GLN C 779 -19.86 -6.92 -42.77
C GLN C 779 -20.73 -5.77 -43.21
N GLU C 780 -20.78 -4.70 -42.42
CA GLU C 780 -21.64 -3.56 -42.74
C GLU C 780 -21.20 -2.89 -44.04
N VAL C 781 -19.90 -2.75 -44.26
CA VAL C 781 -19.44 -2.01 -45.42
C VAL C 781 -19.60 -2.83 -46.69
N PHE C 782 -19.14 -4.09 -46.67
CA PHE C 782 -18.99 -4.80 -47.94
C PHE C 782 -20.25 -5.56 -48.33
N ALA C 783 -20.96 -6.14 -47.37
CA ALA C 783 -22.09 -7.03 -47.64
C ALA C 783 -23.34 -6.21 -47.93
N GLN C 784 -23.29 -5.47 -49.04
CA GLN C 784 -24.43 -4.67 -49.48
C GLN C 784 -25.28 -5.36 -50.53
N VAL C 785 -24.75 -6.38 -51.19
CA VAL C 785 -25.36 -6.97 -52.37
C VAL C 785 -26.02 -8.29 -51.96
N LYS C 786 -27.07 -8.69 -52.67
CA LYS C 786 -27.81 -9.92 -52.30
C LYS C 786 -27.19 -11.13 -53.00
N GLN C 787 -26.97 -11.03 -54.32
CA GLN C 787 -26.48 -12.17 -55.08
C GLN C 787 -25.12 -11.83 -55.68
N ILE C 788 -24.49 -12.84 -56.27
CA ILE C 788 -23.21 -12.63 -56.91
C ILE C 788 -23.42 -12.50 -58.42
N TYR C 789 -22.92 -11.41 -58.97
CA TYR C 789 -23.07 -11.12 -60.39
C TYR C 789 -21.76 -11.42 -61.10
N LYS C 790 -21.85 -11.83 -62.36
CA LYS C 790 -20.67 -12.17 -63.15
C LYS C 790 -20.67 -11.35 -64.44
N THR C 791 -19.51 -10.84 -64.80
CA THR C 791 -19.37 -10.11 -66.04
C THR C 791 -19.44 -11.09 -67.21
N PRO C 792 -19.96 -10.66 -68.37
CA PRO C 792 -20.08 -11.56 -69.51
C PRO C 792 -18.71 -12.00 -69.99
N PRO C 793 -18.61 -13.22 -70.52
CA PRO C 793 -17.28 -13.72 -70.93
C PRO C 793 -16.67 -12.92 -72.07
N ILE C 794 -17.47 -12.56 -73.07
CA ILE C 794 -17.02 -11.67 -74.14
C ILE C 794 -17.21 -10.24 -73.67
N LYS C 795 -16.20 -9.41 -73.95
CA LYS C 795 -16.10 -8.09 -73.35
C LYS C 795 -15.93 -7.06 -74.45
N ASP C 796 -17.04 -6.45 -74.86
CA ASP C 796 -17.02 -5.30 -75.77
C ASP C 796 -17.90 -4.21 -75.19
N PHE C 797 -17.32 -3.38 -74.33
CA PHE C 797 -18.05 -2.28 -73.72
C PHE C 797 -17.84 -0.99 -74.50
N GLY C 798 -18.12 -1.05 -75.79
CA GLY C 798 -18.19 0.15 -76.60
C GLY C 798 -16.94 1.00 -76.60
N GLY C 799 -15.78 0.41 -76.33
CA GLY C 799 -14.55 1.17 -76.35
C GLY C 799 -13.95 1.49 -75.00
N PHE C 800 -14.64 1.18 -73.91
CA PHE C 800 -14.08 1.40 -72.59
C PHE C 800 -13.30 0.17 -72.15
N ASN C 801 -12.22 0.39 -71.40
CA ASN C 801 -11.31 -0.68 -71.01
C ASN C 801 -11.27 -0.79 -69.49
N PHE C 802 -11.83 -1.87 -68.95
CA PHE C 802 -11.82 -2.10 -67.52
C PHE C 802 -10.85 -3.19 -67.10
N SER C 803 -9.80 -3.44 -67.88
CA SER C 803 -8.93 -4.57 -67.58
C SER C 803 -8.20 -4.38 -66.26
N GLN C 804 -7.97 -3.14 -65.85
CA GLN C 804 -7.20 -2.90 -64.65
C GLN C 804 -8.08 -2.90 -63.40
N ILE C 805 -9.39 -3.00 -63.59
CA ILE C 805 -10.30 -2.99 -62.45
C ILE C 805 -10.81 -4.41 -62.18
N LEU C 806 -11.14 -5.14 -63.23
CA LEU C 806 -11.79 -6.43 -63.08
C LEU C 806 -10.79 -7.47 -62.57
N PRO C 807 -11.26 -8.55 -61.95
CA PRO C 807 -10.33 -9.54 -61.40
C PRO C 807 -9.51 -10.20 -62.49
N ASP C 808 -8.29 -10.57 -62.13
CA ASP C 808 -7.36 -11.16 -63.08
C ASP C 808 -7.31 -12.68 -62.87
N PRO C 809 -7.77 -13.47 -63.84
CA PRO C 809 -7.90 -14.92 -63.59
C PRO C 809 -6.57 -15.65 -63.60
N SER C 810 -5.66 -15.29 -64.50
CA SER C 810 -4.40 -16.03 -64.66
C SER C 810 -3.44 -15.65 -63.54
N LYS C 811 -3.85 -15.98 -62.32
CA LYS C 811 -3.10 -15.69 -61.13
C LYS C 811 -3.75 -16.35 -59.93
N PRO C 812 -2.97 -16.94 -59.03
CA PRO C 812 -3.56 -17.44 -57.77
C PRO C 812 -4.04 -16.29 -56.91
N SER C 813 -5.05 -16.57 -56.09
CA SER C 813 -5.72 -15.54 -55.30
C SER C 813 -6.19 -14.42 -56.21
N LYS C 814 -7.07 -14.75 -57.16
CA LYS C 814 -7.52 -13.77 -58.18
C LYS C 814 -7.78 -12.39 -57.59
N ARG C 815 -6.91 -11.41 -57.88
CA ARG C 815 -7.12 -10.02 -57.42
C ARG C 815 -6.88 -9.09 -58.62
N SER C 816 -7.43 -7.86 -58.58
CA SER C 816 -7.18 -6.89 -59.66
C SER C 816 -5.73 -6.41 -59.58
N PRO C 817 -5.10 -5.91 -60.66
CA PRO C 817 -3.74 -5.39 -60.59
C PRO C 817 -3.65 -4.21 -59.60
N ILE C 818 -4.66 -3.34 -59.57
CA ILE C 818 -4.68 -2.23 -58.58
C ILE C 818 -4.71 -2.82 -57.17
N GLU C 819 -5.52 -3.86 -56.95
CA GLU C 819 -5.63 -4.49 -55.61
C GLU C 819 -4.30 -5.15 -55.24
N ASP C 820 -3.65 -5.81 -56.22
CA ASP C 820 -2.35 -6.43 -55.96
C ASP C 820 -1.34 -5.42 -55.49
N LEU C 821 -1.22 -4.30 -56.19
CA LEU C 821 -0.26 -3.28 -55.81
C LEU C 821 -0.55 -2.76 -54.41
N LEU C 822 -1.83 -2.52 -54.12
CA LEU C 822 -2.20 -2.07 -52.78
C LEU C 822 -1.86 -3.11 -51.74
N PHE C 823 -1.94 -4.39 -52.09
CA PHE C 823 -1.71 -5.44 -51.12
C PHE C 823 -0.23 -5.57 -50.81
N ASN C 824 0.63 -5.23 -51.77
CA ASN C 824 2.07 -5.33 -51.52
C ASN C 824 2.60 -4.12 -50.79
N LYS C 825 2.05 -2.93 -51.05
CA LYS C 825 2.62 -1.71 -50.47
C LYS C 825 2.57 -1.72 -48.96
N VAL C 826 1.48 -2.21 -48.37
CA VAL C 826 1.35 -2.18 -46.91
C VAL C 826 2.17 -3.33 -46.34
N THR C 827 3.26 -3.01 -45.65
CA THR C 827 4.13 -4.00 -45.04
C THR C 827 4.06 -3.82 -43.52
N LEU C 828 3.83 -4.92 -42.81
CA LEU C 828 3.67 -4.88 -41.37
C LEU C 828 4.70 -5.73 -40.65
N GLY C 857 0.51 -13.71 -21.80
CA GLY C 857 -0.86 -14.13 -21.94
C GLY C 857 -1.67 -13.31 -22.95
N LEU C 858 -1.14 -13.19 -24.16
CA LEU C 858 -1.75 -12.39 -25.20
C LEU C 858 -2.14 -13.29 -26.35
N THR C 859 -3.27 -12.98 -26.99
CA THR C 859 -3.75 -13.77 -28.11
C THR C 859 -4.25 -12.84 -29.19
N VAL C 860 -4.26 -13.32 -30.43
CA VAL C 860 -4.80 -12.60 -31.57
C VAL C 860 -5.78 -13.49 -32.29
N LEU C 861 -7.02 -13.11 -32.29
CA LEU C 861 -8.06 -13.90 -32.94
C LEU C 861 -8.05 -13.64 -34.43
N PRO C 862 -8.57 -14.55 -35.25
CA PRO C 862 -8.53 -14.34 -36.69
C PRO C 862 -9.80 -13.64 -37.16
N PRO C 863 -9.71 -12.85 -38.22
CA PRO C 863 -10.91 -12.20 -38.75
C PRO C 863 -11.89 -13.23 -39.28
N LEU C 864 -13.17 -12.86 -39.29
CA LEU C 864 -14.21 -13.83 -39.59
C LEU C 864 -14.40 -14.00 -41.10
N LEU C 865 -13.99 -13.01 -41.88
CA LEU C 865 -14.04 -13.10 -43.34
C LEU C 865 -12.62 -13.06 -43.91
N THR C 866 -12.26 -14.08 -44.66
CA THR C 866 -10.94 -14.10 -45.27
C THR C 866 -10.90 -13.21 -46.49
N ASP C 867 -9.69 -12.95 -46.98
CA ASP C 867 -9.51 -12.00 -48.08
C ASP C 867 -10.14 -12.48 -49.38
N GLU C 868 -10.30 -13.79 -49.55
CA GLU C 868 -11.03 -14.26 -50.71
C GLU C 868 -12.47 -13.78 -50.67
N MET C 869 -13.09 -13.81 -49.50
CA MET C 869 -14.46 -13.35 -49.37
C MET C 869 -14.57 -11.88 -49.73
N ILE C 870 -13.69 -11.04 -49.18
CA ILE C 870 -13.76 -9.61 -49.45
C ILE C 870 -13.58 -9.33 -50.92
N ALA C 871 -12.59 -9.96 -51.55
CA ALA C 871 -12.37 -9.75 -52.97
C ALA C 871 -13.58 -10.19 -53.78
N GLN C 872 -14.29 -11.21 -53.31
CA GLN C 872 -15.41 -11.72 -54.08
C GLN C 872 -16.62 -10.78 -54.01
N TYR C 873 -16.85 -10.15 -52.85
CA TYR C 873 -17.81 -9.04 -52.82
C TYR C 873 -17.45 -7.92 -53.79
N THR C 874 -16.23 -7.42 -53.74
CA THR C 874 -15.95 -6.26 -54.60
C THR C 874 -16.07 -6.62 -56.07
N SER C 875 -15.76 -7.87 -56.42
CA SER C 875 -16.01 -8.28 -57.80
C SER C 875 -17.49 -8.27 -58.14
N ALA C 876 -18.34 -8.71 -57.21
CA ALA C 876 -19.77 -8.70 -57.47
C ALA C 876 -20.28 -7.29 -57.70
N LEU C 877 -19.83 -6.34 -56.89
CA LEU C 877 -20.31 -4.97 -57.02
C LEU C 877 -19.86 -4.36 -58.35
N LEU C 878 -18.62 -4.63 -58.75
CA LEU C 878 -18.14 -4.09 -60.04
C LEU C 878 -18.95 -4.64 -61.20
N ALA C 879 -19.18 -5.95 -61.23
CA ALA C 879 -19.92 -6.52 -62.35
C ALA C 879 -21.33 -5.97 -62.38
N GLY C 880 -21.95 -5.79 -61.22
CA GLY C 880 -23.29 -5.25 -61.18
C GLY C 880 -23.38 -3.85 -61.76
N THR C 881 -22.45 -2.97 -61.37
CA THR C 881 -22.56 -1.58 -61.81
C THR C 881 -22.17 -1.42 -63.27
N ILE C 882 -21.29 -2.27 -63.79
CA ILE C 882 -20.93 -2.20 -65.20
C ILE C 882 -22.09 -2.66 -66.07
N THR C 883 -22.74 -3.76 -65.68
CA THR C 883 -23.72 -4.35 -66.57
C THR C 883 -25.08 -3.69 -66.45
N SER C 884 -25.47 -3.28 -65.24
CA SER C 884 -26.86 -2.96 -64.98
C SER C 884 -27.12 -1.56 -64.45
N GLY C 885 -26.15 -0.68 -64.46
CA GLY C 885 -26.40 0.68 -64.01
C GLY C 885 -26.66 0.76 -62.52
N TRP C 886 -27.53 1.70 -62.15
CA TRP C 886 -27.90 1.81 -60.74
C TRP C 886 -29.14 1.02 -60.39
N THR C 887 -29.73 0.31 -61.34
CA THR C 887 -31.04 -0.28 -61.11
C THR C 887 -30.96 -1.44 -60.14
N PHE C 888 -29.79 -2.03 -59.97
CA PHE C 888 -29.68 -3.20 -59.11
C PHE C 888 -29.63 -2.82 -57.65
N GLY C 889 -29.57 -1.52 -57.37
CA GLY C 889 -29.63 -1.07 -55.98
C GLY C 889 -31.03 -1.05 -55.44
N ALA C 890 -32.02 -0.96 -56.32
CA ALA C 890 -33.41 -0.83 -55.88
C ALA C 890 -34.17 -2.14 -56.00
N GLY C 891 -34.14 -2.76 -57.17
CA GLY C 891 -34.88 -3.99 -57.38
C GLY C 891 -34.11 -4.97 -58.22
N PRO C 892 -34.80 -5.66 -59.12
CA PRO C 892 -34.13 -6.62 -59.99
C PRO C 892 -33.19 -5.93 -60.95
N ALA C 893 -32.06 -6.56 -61.24
CA ALA C 893 -31.11 -5.97 -62.18
C ALA C 893 -31.71 -5.95 -63.58
N LEU C 894 -31.51 -4.85 -64.29
CA LEU C 894 -32.03 -4.68 -65.64
C LEU C 894 -30.90 -4.26 -66.56
N GLN C 895 -30.60 -5.08 -67.56
CA GLN C 895 -29.44 -4.86 -68.39
C GLN C 895 -29.61 -3.61 -69.24
N ILE C 896 -28.49 -3.09 -69.75
CA ILE C 896 -28.50 -1.88 -70.57
C ILE C 896 -27.12 -1.70 -71.20
N PRO C 897 -27.02 -1.33 -72.47
CA PRO C 897 -25.70 -1.14 -73.07
C PRO C 897 -24.97 0.02 -72.42
N PHE C 898 -23.65 -0.10 -72.31
CA PHE C 898 -22.90 0.86 -71.50
C PHE C 898 -22.96 2.28 -72.01
N PRO C 899 -22.70 2.59 -73.29
CA PRO C 899 -22.75 4.00 -73.69
C PRO C 899 -24.11 4.64 -73.45
N MET C 900 -25.19 3.88 -73.52
CA MET C 900 -26.49 4.45 -73.17
C MET C 900 -26.53 4.84 -71.71
N GLN C 901 -25.95 4.02 -70.83
CA GLN C 901 -25.89 4.39 -69.43
C GLN C 901 -25.11 5.67 -69.22
N MET C 902 -23.97 5.82 -69.91
CA MET C 902 -23.20 7.03 -69.76
C MET C 902 -23.98 8.24 -70.25
N ALA C 903 -24.81 8.06 -71.28
CA ALA C 903 -25.65 9.16 -71.71
C ALA C 903 -26.64 9.57 -70.64
N TYR C 904 -27.20 8.60 -69.92
CA TYR C 904 -28.10 8.92 -68.82
C TYR C 904 -27.41 9.77 -67.78
N ARG C 905 -26.17 9.43 -67.44
CA ARG C 905 -25.47 10.19 -66.40
C ARG C 905 -25.10 11.60 -66.88
N PHE C 906 -24.75 11.75 -68.16
CA PHE C 906 -24.55 13.11 -68.67
C PHE C 906 -25.83 13.92 -68.52
N ASN C 907 -26.96 13.33 -68.86
CA ASN C 907 -28.22 14.03 -68.68
C ASN C 907 -28.44 14.34 -67.21
N GLY C 908 -27.85 13.54 -66.33
CA GLY C 908 -27.98 13.80 -64.91
C GLY C 908 -27.36 15.12 -64.49
N ILE C 909 -26.15 15.41 -64.99
CA ILE C 909 -25.46 16.60 -64.50
C ILE C 909 -25.80 17.87 -65.27
N GLY C 910 -26.76 17.83 -66.18
CA GLY C 910 -27.21 19.04 -66.83
C GLY C 910 -26.75 19.21 -68.26
N VAL C 911 -26.01 18.26 -68.82
CA VAL C 911 -25.61 18.35 -70.21
C VAL C 911 -26.45 17.39 -71.06
N THR C 912 -26.90 17.88 -72.21
CA THR C 912 -27.70 17.03 -73.09
C THR C 912 -26.87 15.83 -73.55
N GLN C 913 -27.54 14.88 -74.19
CA GLN C 913 -26.91 13.58 -74.42
C GLN C 913 -26.22 13.49 -75.77
N ASN C 914 -26.56 14.38 -76.70
CA ASN C 914 -25.92 14.31 -78.01
C ASN C 914 -24.43 14.60 -77.90
N VAL C 915 -24.02 15.37 -76.88
CA VAL C 915 -22.59 15.69 -76.76
C VAL C 915 -21.81 14.42 -76.45
N LEU C 916 -22.45 13.45 -75.79
CA LEU C 916 -21.77 12.17 -75.60
C LEU C 916 -21.72 11.40 -76.91
N TYR C 917 -22.85 11.24 -77.58
CA TYR C 917 -22.86 10.33 -78.72
C TYR C 917 -21.95 10.84 -79.82
N GLU C 918 -21.78 12.16 -79.92
CA GLU C 918 -20.93 12.70 -80.97
C GLU C 918 -19.46 12.69 -80.59
N ASN C 919 -19.15 12.37 -79.35
CA ASN C 919 -17.77 12.40 -78.88
C ASN C 919 -17.37 11.12 -78.16
N GLN C 920 -17.90 9.98 -78.60
CA GLN C 920 -17.64 8.70 -77.89
C GLN C 920 -16.16 8.34 -77.95
N LYS C 921 -15.52 8.47 -79.11
CA LYS C 921 -14.11 8.03 -79.26
C LYS C 921 -13.19 8.84 -78.34
N LEU C 922 -13.41 10.15 -78.25
CA LEU C 922 -12.55 11.03 -77.39
C LEU C 922 -12.74 10.63 -75.93
N ILE C 923 -13.99 10.58 -75.46
CA ILE C 923 -14.28 10.25 -74.08
C ILE C 923 -13.63 8.93 -73.68
N ALA C 924 -13.74 7.92 -74.54
CA ALA C 924 -13.16 6.63 -74.22
C ALA C 924 -11.66 6.74 -74.00
N ASN C 925 -10.97 7.50 -74.86
CA ASN C 925 -9.52 7.65 -74.69
C ASN C 925 -9.19 8.38 -73.39
N GLN C 926 -9.95 9.42 -73.06
CA GLN C 926 -9.74 10.11 -71.78
C GLN C 926 -9.80 9.13 -70.62
N PHE C 927 -10.86 8.33 -70.57
CA PHE C 927 -11.08 7.46 -69.43
C PHE C 927 -9.97 6.42 -69.28
N ASN C 928 -9.60 5.78 -70.39
CA ASN C 928 -8.56 4.75 -70.32
C ASN C 928 -7.25 5.34 -69.84
N SER C 929 -6.86 6.49 -70.38
CA SER C 929 -5.60 7.11 -69.99
C SER C 929 -5.58 7.43 -68.50
N ALA C 930 -6.71 7.92 -67.99
CA ALA C 930 -6.78 8.32 -66.56
C ALA C 930 -6.50 7.12 -65.65
N ILE C 931 -7.11 5.97 -65.92
CA ILE C 931 -6.93 4.76 -65.05
C ILE C 931 -5.45 4.33 -65.06
N GLY C 932 -4.81 4.35 -66.23
CA GLY C 932 -3.41 3.95 -66.34
C GLY C 932 -2.50 4.87 -65.52
N LYS C 933 -2.78 6.18 -65.57
CA LYS C 933 -1.97 7.15 -64.79
C LYS C 933 -2.13 6.88 -63.30
N ILE C 934 -3.35 6.54 -62.86
CA ILE C 934 -3.61 6.33 -61.40
C ILE C 934 -2.77 5.16 -60.88
N GLN C 935 -2.62 4.10 -61.69
CA GLN C 935 -1.79 2.94 -61.27
C GLN C 935 -0.37 3.42 -60.97
N ASP C 936 0.21 4.22 -61.88
CA ASP C 936 1.58 4.70 -61.71
C ASP C 936 1.68 5.68 -60.55
N SER C 937 0.74 6.61 -60.45
CA SER C 937 0.79 7.61 -59.39
C SER C 937 0.75 6.97 -58.02
N LEU C 938 -0.13 5.99 -57.83
CA LEU C 938 -0.21 5.31 -56.54
C LEU C 938 1.10 4.60 -56.23
N SER C 939 1.73 4.02 -57.26
CA SER C 939 2.98 3.28 -57.05
C SER C 939 4.11 4.20 -56.61
N SER C 940 4.20 5.39 -57.20
CA SER C 940 5.41 6.21 -57.01
C SER C 940 5.52 6.72 -55.58
N THR C 941 4.57 7.54 -55.14
CA THR C 941 4.71 8.23 -53.87
C THR C 941 4.56 7.24 -52.72
N PRO C 942 5.50 7.17 -51.78
CA PRO C 942 5.37 6.21 -50.68
C PRO C 942 4.33 6.61 -49.64
N SER C 943 4.08 7.91 -49.47
CA SER C 943 3.18 8.36 -48.42
C SER C 943 1.71 8.28 -48.84
N ALA C 944 1.40 7.56 -49.91
CA ALA C 944 0.00 7.48 -50.35
C ALA C 944 -0.84 6.72 -49.33
N LEU C 945 -0.40 5.54 -48.91
CA LEU C 945 -1.15 4.68 -48.02
C LEU C 945 -0.82 5.05 -46.59
N GLY C 946 -1.03 6.32 -46.24
CA GLY C 946 -0.54 6.81 -44.97
C GLY C 946 -1.50 6.62 -43.82
N LYS C 947 -2.72 6.17 -44.10
CA LYS C 947 -3.69 6.00 -43.04
C LYS C 947 -3.76 4.55 -42.60
N LEU C 948 -3.91 3.64 -43.56
CA LEU C 948 -3.96 2.23 -43.25
C LEU C 948 -2.70 1.78 -42.52
N GLN C 949 -1.59 2.49 -42.74
CA GLN C 949 -0.35 2.14 -42.05
C GLN C 949 -0.36 2.64 -40.62
N ASP C 950 -0.94 3.81 -40.37
CA ASP C 950 -0.90 4.39 -39.03
C ASP C 950 -1.65 3.52 -38.04
N VAL C 951 -2.78 2.95 -38.45
CA VAL C 951 -3.54 2.14 -37.51
C VAL C 951 -2.71 0.94 -37.06
N VAL C 952 -1.96 0.34 -37.98
CA VAL C 952 -1.12 -0.82 -37.63
C VAL C 952 -0.02 -0.42 -36.66
N ASN C 953 0.67 0.69 -36.95
CA ASN C 953 1.77 1.09 -36.08
C ASN C 953 1.28 1.37 -34.67
N GLN C 954 0.16 2.07 -34.53
CA GLN C 954 -0.31 2.43 -33.20
C GLN C 954 -0.65 1.18 -32.39
N ASN C 955 -1.31 0.21 -33.00
CA ASN C 955 -1.67 -0.99 -32.24
C ASN C 955 -0.43 -1.76 -31.78
N ALA C 956 0.51 -2.01 -32.70
CA ALA C 956 1.68 -2.81 -32.33
C ALA C 956 2.48 -2.12 -31.22
N GLN C 957 2.64 -0.81 -31.33
CA GLN C 957 3.45 -0.11 -30.35
C GLN C 957 2.78 -0.11 -28.97
N ALA C 958 1.45 -0.07 -28.94
CA ALA C 958 0.75 -0.16 -27.65
C ALA C 958 1.03 -1.49 -26.98
N LEU C 959 1.03 -2.58 -27.74
CA LEU C 959 1.33 -3.88 -27.13
C LEU C 959 2.73 -3.92 -26.55
N ASN C 960 3.70 -3.38 -27.28
CA ASN C 960 5.08 -3.41 -26.76
C ASN C 960 5.19 -2.69 -25.44
N THR C 961 4.56 -1.53 -25.32
CA THR C 961 4.63 -0.81 -24.04
C THR C 961 4.00 -1.63 -22.92
N LEU C 962 2.97 -2.42 -23.21
CA LEU C 962 2.41 -3.26 -22.18
C LEU C 962 3.44 -4.25 -21.64
N VAL C 963 4.18 -4.90 -22.52
CA VAL C 963 5.16 -5.89 -22.07
C VAL C 963 6.32 -5.23 -21.32
N LYS C 964 6.83 -4.11 -21.85
CA LYS C 964 7.86 -3.38 -21.13
C LYS C 964 7.42 -3.12 -19.70
N GLN C 965 6.18 -2.67 -19.51
CA GLN C 965 5.67 -2.44 -18.17
C GLN C 965 5.72 -3.71 -17.33
N LEU C 966 5.60 -4.87 -17.98
CA LEU C 966 5.69 -6.12 -17.22
C LEU C 966 7.05 -6.27 -16.55
N SER C 967 8.12 -5.81 -17.21
CA SER C 967 9.46 -6.08 -16.67
C SER C 967 9.77 -5.21 -15.46
N SER C 968 9.17 -4.04 -15.36
CA SER C 968 9.58 -3.10 -14.31
C SER C 968 9.07 -3.54 -12.93
N ASN C 969 9.66 -2.96 -11.89
CA ASN C 969 9.55 -3.55 -10.55
C ASN C 969 8.53 -2.85 -9.66
N PHE C 970 8.18 -1.60 -9.97
CA PHE C 970 7.04 -0.92 -9.34
C PHE C 970 7.26 -0.68 -7.85
N GLY C 971 8.47 -0.95 -7.39
CA GLY C 971 8.84 -0.74 -6.00
C GLY C 971 8.88 -2.03 -5.20
N ALA C 972 10.07 -2.61 -5.18
CA ALA C 972 10.28 -3.93 -4.60
C ALA C 972 11.76 -4.26 -4.67
N ILE C 973 12.18 -5.35 -4.04
CA ILE C 973 13.59 -5.72 -4.07
C ILE C 973 13.96 -6.28 -5.44
N SER C 974 13.02 -6.92 -6.10
CA SER C 974 13.25 -7.62 -7.36
C SER C 974 11.96 -7.54 -8.15
N SER C 975 12.04 -7.84 -9.45
CA SER C 975 10.87 -7.77 -10.30
C SER C 975 10.14 -9.11 -10.38
N VAL C 976 10.87 -10.20 -10.65
CA VAL C 976 10.27 -11.51 -10.84
C VAL C 976 9.74 -12.03 -9.51
N LEU C 977 8.58 -12.68 -9.56
CA LEU C 977 7.87 -13.07 -8.34
C LEU C 977 8.66 -14.06 -7.50
N ASN C 978 9.28 -15.06 -8.14
CA ASN C 978 9.81 -16.20 -7.41
C ASN C 978 10.87 -15.80 -6.40
N ASP C 979 11.67 -14.78 -6.73
CA ASP C 979 12.67 -14.30 -5.79
C ASP C 979 12.01 -13.78 -4.53
N ILE C 980 11.04 -12.88 -4.66
CA ILE C 980 10.35 -12.37 -3.49
C ILE C 980 9.72 -13.51 -2.71
N LEU C 981 9.14 -14.48 -3.43
CA LEU C 981 8.44 -15.57 -2.75
C LEU C 981 9.39 -16.44 -1.93
N SER C 982 10.24 -17.22 -2.60
CA SER C 982 11.05 -18.21 -1.90
C SER C 982 12.17 -17.54 -1.12
N ARG C 983 12.69 -16.42 -1.64
CA ARG C 983 13.95 -15.89 -1.16
C ARG C 983 13.73 -14.77 -0.16
N LEU C 984 12.55 -14.73 0.44
CA LEU C 984 12.24 -13.96 1.65
C LEU C 984 11.21 -14.74 2.46
N ASP C 985 10.98 -14.31 3.71
CA ASP C 985 10.00 -14.99 4.54
C ASP C 985 8.59 -14.78 3.97
N PRO C 986 7.69 -15.74 4.18
CA PRO C 986 6.38 -15.69 3.53
C PRO C 986 5.61 -14.42 3.83
N PRO C 987 5.48 -13.99 5.10
CA PRO C 987 4.57 -12.85 5.37
C PRO C 987 4.96 -11.54 4.68
N GLU C 988 6.15 -11.01 4.94
CA GLU C 988 6.54 -9.76 4.29
C GLU C 988 6.82 -9.94 2.80
N ALA C 989 7.09 -11.18 2.36
CA ALA C 989 7.05 -11.43 0.92
C ALA C 989 5.66 -11.17 0.37
N GLU C 990 4.63 -11.58 1.12
CA GLU C 990 3.26 -11.27 0.74
C GLU C 990 3.04 -9.77 0.65
N VAL C 991 3.64 -8.99 1.54
CA VAL C 991 3.47 -7.54 1.47
C VAL C 991 4.09 -6.98 0.19
N GLN C 992 5.32 -7.38 -0.12
CA GLN C 992 5.95 -6.93 -1.37
C GLN C 992 5.13 -7.36 -2.58
N ILE C 993 4.61 -8.60 -2.55
CA ILE C 993 3.74 -9.07 -3.62
C ILE C 993 2.56 -8.15 -3.79
N ASP C 994 1.95 -7.72 -2.68
CA ASP C 994 0.77 -6.89 -2.77
C ASP C 994 1.04 -5.62 -3.53
N ARG C 995 2.15 -4.94 -3.24
CA ARG C 995 2.40 -3.68 -3.95
C ARG C 995 2.65 -3.94 -5.42
N LEU C 996 3.40 -4.99 -5.74
CA LEU C 996 3.72 -5.26 -7.14
C LEU C 996 2.46 -5.58 -7.94
N ILE C 997 1.50 -6.24 -7.31
CA ILE C 997 0.22 -6.51 -7.95
C ILE C 997 -0.52 -5.23 -8.27
N THR C 998 -0.56 -4.29 -7.33
CA THR C 998 -1.28 -3.05 -7.58
C THR C 998 -0.71 -2.35 -8.81
N GLY C 999 0.61 -2.31 -8.92
CA GLY C 999 1.20 -1.66 -10.08
C GLY C 999 0.80 -2.30 -11.39
N ARG C 1000 0.91 -3.62 -11.49
CA ARG C 1000 0.61 -4.27 -12.76
C ARG C 1000 -0.85 -4.10 -13.14
N LEU C 1001 -1.74 -4.05 -12.15
CA LEU C 1001 -3.15 -3.82 -12.45
C LEU C 1001 -3.36 -2.45 -13.06
N GLN C 1002 -2.63 -1.44 -12.59
CA GLN C 1002 -2.74 -0.12 -13.20
C GLN C 1002 -2.34 -0.13 -14.67
N SER C 1003 -1.27 -0.86 -15.00
CA SER C 1003 -0.86 -0.89 -16.39
C SER C 1003 -1.95 -1.47 -17.28
N LEU C 1004 -2.59 -2.54 -16.84
CA LEU C 1004 -3.67 -3.12 -17.63
C LEU C 1004 -4.82 -2.13 -17.77
N GLN C 1005 -5.08 -1.34 -16.73
CA GLN C 1005 -6.11 -0.31 -16.79
C GLN C 1005 -5.90 0.63 -17.97
N THR C 1006 -4.73 1.25 -18.07
CA THR C 1006 -4.55 2.26 -19.11
C THR C 1006 -4.64 1.63 -20.49
N TYR C 1007 -4.12 0.42 -20.66
CA TYR C 1007 -4.18 -0.18 -22.00
C TYR C 1007 -5.62 -0.36 -22.45
N VAL C 1008 -6.48 -0.89 -21.59
CA VAL C 1008 -7.87 -1.12 -22.02
C VAL C 1008 -8.54 0.20 -22.36
N THR C 1009 -8.36 1.23 -21.53
CA THR C 1009 -9.04 2.48 -21.80
C THR C 1009 -8.60 3.10 -23.11
N GLN C 1010 -7.31 3.08 -23.41
CA GLN C 1010 -6.84 3.60 -24.69
C GLN C 1010 -7.51 2.85 -25.84
N GLN C 1011 -7.66 1.53 -25.70
CA GLN C 1011 -8.27 0.78 -26.79
C GLN C 1011 -9.72 1.17 -27.00
N LEU C 1012 -10.45 1.48 -25.92
CA LEU C 1012 -11.84 1.87 -26.11
C LEU C 1012 -11.96 3.16 -26.90
N ILE C 1013 -11.10 4.14 -26.63
CA ILE C 1013 -11.15 5.38 -27.40
C ILE C 1013 -10.86 5.11 -28.87
N ARG C 1014 -9.80 4.36 -29.16
CA ARG C 1014 -9.47 4.11 -30.56
C ARG C 1014 -10.57 3.35 -31.27
N ALA C 1015 -11.23 2.42 -30.58
CA ALA C 1015 -12.30 1.68 -31.22
C ALA C 1015 -13.43 2.60 -31.64
N ALA C 1016 -13.76 3.59 -30.81
CA ALA C 1016 -14.81 4.53 -31.18
C ALA C 1016 -14.43 5.31 -32.43
N GLU C 1017 -13.18 5.75 -32.52
CA GLU C 1017 -12.77 6.49 -33.71
C GLU C 1017 -12.89 5.65 -34.97
N ILE C 1018 -12.48 4.38 -34.91
CA ILE C 1018 -12.55 3.53 -36.09
C ILE C 1018 -14.00 3.29 -36.50
N ARG C 1019 -14.89 3.12 -35.52
CA ARG C 1019 -16.30 2.88 -35.87
C ARG C 1019 -16.89 4.07 -36.59
N ALA C 1020 -16.50 5.29 -36.20
CA ALA C 1020 -16.97 6.46 -36.93
C ALA C 1020 -16.52 6.41 -38.38
N SER C 1021 -15.27 6.03 -38.62
CA SER C 1021 -14.79 5.95 -39.99
C SER C 1021 -15.50 4.85 -40.78
N ALA C 1022 -15.83 3.74 -40.14
CA ALA C 1022 -16.51 2.67 -40.85
C ALA C 1022 -17.89 3.08 -41.29
N ASN C 1023 -18.61 3.83 -40.45
CA ASN C 1023 -19.94 4.31 -40.85
C ASN C 1023 -19.85 5.26 -42.04
N LEU C 1024 -18.84 6.12 -42.05
CA LEU C 1024 -18.67 7.00 -43.21
C LEU C 1024 -18.41 6.20 -44.47
N ALA C 1025 -17.61 5.13 -44.38
CA ALA C 1025 -17.32 4.35 -45.58
C ALA C 1025 -18.56 3.64 -46.09
N ALA C 1026 -19.40 3.14 -45.19
CA ALA C 1026 -20.64 2.51 -45.63
C ALA C 1026 -21.53 3.49 -46.39
N THR C 1027 -21.64 4.71 -45.87
CA THR C 1027 -22.44 5.73 -46.56
C THR C 1027 -21.89 6.04 -47.94
N LYS C 1028 -20.57 6.20 -48.05
CA LYS C 1028 -19.99 6.47 -49.37
C LYS C 1028 -20.28 5.33 -50.33
N MET C 1029 -20.18 4.09 -49.85
CA MET C 1029 -20.49 2.94 -50.70
C MET C 1029 -21.88 3.06 -51.29
N SER C 1030 -22.89 3.22 -50.44
CA SER C 1030 -24.25 3.12 -50.94
C SER C 1030 -24.63 4.32 -51.79
N GLU C 1031 -24.17 5.52 -51.42
CA GLU C 1031 -24.67 6.69 -52.13
C GLU C 1031 -23.87 6.99 -53.39
N CYS C 1032 -22.63 6.55 -53.46
CA CYS C 1032 -21.80 6.91 -54.61
C CYS C 1032 -21.54 5.76 -55.56
N VAL C 1033 -21.46 4.52 -55.08
CA VAL C 1033 -21.33 3.40 -56.00
C VAL C 1033 -22.69 2.98 -56.53
N LEU C 1034 -23.66 2.85 -55.63
CA LEU C 1034 -24.97 2.31 -56.01
C LEU C 1034 -25.82 3.35 -56.74
N GLY C 1035 -25.36 4.58 -56.81
CA GLY C 1035 -26.14 5.62 -57.46
C GLY C 1035 -25.30 6.84 -57.78
N GLN C 1036 -25.92 7.81 -58.43
CA GLN C 1036 -25.25 9.07 -58.69
C GLN C 1036 -25.53 10.04 -57.55
N SER C 1037 -24.57 10.90 -57.26
CA SER C 1037 -24.66 11.80 -56.12
C SER C 1037 -24.84 13.23 -56.60
N LYS C 1038 -25.59 14.01 -55.84
CA LYS C 1038 -25.83 15.40 -56.22
C LYS C 1038 -25.19 16.35 -55.23
N ARG C 1039 -24.92 15.90 -54.02
CA ARG C 1039 -24.35 16.76 -53.00
C ARG C 1039 -22.88 17.02 -53.29
N VAL C 1040 -22.53 18.29 -53.35
CA VAL C 1040 -21.27 18.72 -53.95
C VAL C 1040 -20.10 18.29 -53.08
N ASP C 1041 -19.04 17.85 -53.73
CA ASP C 1041 -17.73 17.61 -53.16
C ASP C 1041 -17.76 16.46 -52.17
N PHE C 1042 -18.85 15.70 -52.11
CA PHE C 1042 -18.87 14.47 -51.32
C PHE C 1042 -17.99 13.41 -51.96
N CYS C 1043 -18.07 13.26 -53.27
CA CYS C 1043 -17.43 12.17 -53.99
C CYS C 1043 -16.53 12.71 -55.10
N GLY C 1044 -15.64 13.62 -54.73
CA GLY C 1044 -14.58 14.07 -55.61
C GLY C 1044 -14.90 15.42 -56.22
N LYS C 1045 -13.83 16.15 -56.56
CA LYS C 1045 -13.98 17.46 -57.18
C LYS C 1045 -14.58 17.34 -58.58
N GLY C 1046 -15.46 18.28 -58.90
CA GLY C 1046 -16.17 18.25 -60.15
C GLY C 1046 -17.59 17.75 -59.98
N TYR C 1047 -18.22 17.45 -61.11
CA TYR C 1047 -19.55 16.86 -61.12
C TYR C 1047 -19.40 15.36 -61.20
N HIS C 1048 -20.19 14.64 -60.41
CA HIS C 1048 -19.95 13.21 -60.21
C HIS C 1048 -20.58 12.39 -61.33
N LEU C 1049 -19.92 11.30 -61.71
CA LEU C 1049 -20.43 10.38 -62.72
C LEU C 1049 -20.59 8.96 -62.23
N MET C 1050 -19.56 8.36 -61.63
CA MET C 1050 -19.66 7.02 -61.10
C MET C 1050 -18.47 6.75 -60.20
N SER C 1051 -18.43 5.58 -59.60
CA SER C 1051 -17.31 5.19 -58.75
C SER C 1051 -17.14 3.68 -58.76
N PHE C 1052 -15.91 3.23 -58.45
CA PHE C 1052 -15.60 1.77 -58.45
C PHE C 1052 -14.89 1.39 -57.16
N PRO C 1053 -15.45 0.47 -56.34
CA PRO C 1053 -14.79 0.03 -55.10
C PRO C 1053 -13.56 -0.87 -55.30
N GLN C 1054 -12.53 -0.70 -54.46
CA GLN C 1054 -11.32 -1.57 -54.53
C GLN C 1054 -10.98 -2.01 -53.10
N SER C 1055 -10.40 -3.21 -52.92
CA SER C 1055 -10.15 -3.73 -51.55
C SER C 1055 -8.74 -3.36 -51.07
N ALA C 1056 -8.45 -3.58 -49.79
CA ALA C 1056 -7.15 -3.25 -49.22
C ALA C 1056 -7.03 -4.01 -47.91
N PRO C 1057 -5.83 -4.04 -47.30
CA PRO C 1057 -5.68 -4.88 -46.11
C PRO C 1057 -6.66 -4.58 -44.99
N HIS C 1058 -6.68 -3.37 -44.43
CA HIS C 1058 -7.64 -3.04 -43.38
C HIS C 1058 -8.57 -1.91 -43.77
N GLY C 1059 -8.95 -1.80 -45.04
CA GLY C 1059 -9.72 -0.65 -45.47
C GLY C 1059 -10.31 -0.88 -46.84
N VAL C 1060 -10.71 0.23 -47.47
CA VAL C 1060 -11.31 0.21 -48.80
C VAL C 1060 -10.84 1.44 -49.53
N VAL C 1061 -10.77 1.37 -50.86
CA VAL C 1061 -10.27 2.45 -51.69
C VAL C 1061 -11.28 2.70 -52.81
N PHE C 1062 -11.60 3.98 -53.04
CA PHE C 1062 -12.58 4.38 -54.04
C PHE C 1062 -11.87 5.05 -55.19
N LEU C 1063 -12.47 5.01 -56.37
CA LEU C 1063 -11.97 5.74 -57.53
C LEU C 1063 -13.10 6.53 -58.14
N HIS C 1064 -13.18 7.82 -57.85
CA HIS C 1064 -14.29 8.65 -58.27
C HIS C 1064 -14.02 9.18 -59.68
N VAL C 1065 -15.01 9.06 -60.56
CA VAL C 1065 -14.90 9.57 -61.92
C VAL C 1065 -15.75 10.83 -62.03
N THR C 1066 -15.16 11.91 -62.51
CA THR C 1066 -15.83 13.21 -62.51
C THR C 1066 -15.68 13.90 -63.85
N TYR C 1067 -16.37 15.02 -64.01
CA TYR C 1067 -16.42 15.78 -65.25
C TYR C 1067 -16.07 17.23 -64.96
N VAL C 1068 -15.02 17.74 -65.59
CA VAL C 1068 -14.45 19.05 -65.27
C VAL C 1068 -14.41 19.87 -66.55
N PRO C 1069 -15.05 21.02 -66.60
CA PRO C 1069 -15.05 21.82 -67.84
C PRO C 1069 -13.75 22.59 -68.02
N ALA C 1070 -13.50 23.03 -69.25
CA ALA C 1070 -12.28 23.75 -69.56
C ALA C 1070 -12.42 24.53 -70.87
N GLN C 1071 -11.46 25.41 -71.12
CA GLN C 1071 -11.39 26.21 -72.34
C GLN C 1071 -12.62 27.10 -72.51
N GLU C 1072 -12.75 28.08 -71.63
CA GLU C 1072 -13.91 28.96 -71.67
C GLU C 1072 -13.68 30.16 -72.57
N LYS C 1073 -14.76 30.64 -73.17
CA LYS C 1073 -14.77 31.82 -74.03
C LYS C 1073 -15.93 32.69 -73.60
N ASN C 1074 -15.72 34.01 -73.56
CA ASN C 1074 -16.66 34.90 -72.90
C ASN C 1074 -17.41 35.75 -73.91
N PHE C 1075 -18.66 36.07 -73.61
CA PHE C 1075 -19.53 36.83 -74.48
C PHE C 1075 -20.29 37.88 -73.69
N THR C 1076 -21.28 38.47 -74.34
CA THR C 1076 -22.18 39.38 -73.64
C THR C 1076 -23.61 38.84 -73.69
N THR C 1077 -24.36 39.05 -72.61
CA THR C 1077 -25.70 38.51 -72.53
C THR C 1077 -26.69 39.57 -72.09
N ALA C 1078 -27.96 39.19 -72.13
CA ALA C 1078 -29.09 40.00 -71.73
C ALA C 1078 -30.15 39.11 -71.10
N PRO C 1079 -30.93 39.64 -70.16
CA PRO C 1079 -31.97 38.83 -69.52
C PRO C 1079 -33.09 38.40 -70.42
N ALA C 1080 -33.68 39.30 -71.21
CA ALA C 1080 -34.86 38.97 -72.01
C ALA C 1080 -34.77 39.64 -73.37
N ILE C 1081 -35.57 39.14 -74.31
CA ILE C 1081 -35.63 39.65 -75.66
C ILE C 1081 -37.00 40.28 -75.89
N CYS C 1082 -37.01 41.52 -76.36
CA CYS C 1082 -38.25 42.26 -76.59
C CYS C 1082 -38.57 42.23 -78.08
N HIS C 1083 -39.66 41.56 -78.43
CA HIS C 1083 -40.10 41.44 -79.81
C HIS C 1083 -41.60 41.61 -79.87
N ASP C 1084 -42.06 42.47 -80.77
CA ASP C 1084 -43.49 42.68 -81.00
C ASP C 1084 -44.20 43.15 -79.73
N GLY C 1085 -43.48 43.86 -78.88
CA GLY C 1085 -44.09 44.36 -77.66
C GLY C 1085 -44.31 43.32 -76.58
N LYS C 1086 -43.70 42.14 -76.71
CA LYS C 1086 -43.80 41.09 -75.70
C LYS C 1086 -42.42 40.61 -75.33
N ALA C 1087 -42.22 40.28 -74.05
CA ALA C 1087 -40.94 39.79 -73.60
C ALA C 1087 -40.87 38.28 -73.77
N HIS C 1088 -39.67 37.77 -74.07
CA HIS C 1088 -39.43 36.34 -74.21
C HIS C 1088 -38.32 35.92 -73.26
N PHE C 1089 -38.57 34.87 -72.49
CA PHE C 1089 -37.57 34.28 -71.62
C PHE C 1089 -37.22 32.88 -72.12
N PRO C 1090 -35.99 32.40 -71.92
CA PRO C 1090 -35.65 31.06 -72.39
C PRO C 1090 -36.14 29.99 -71.42
N ARG C 1091 -36.46 28.80 -71.93
CA ARG C 1091 -36.88 27.70 -71.03
C ARG C 1091 -35.64 27.15 -70.31
N GLU C 1092 -34.62 26.72 -71.06
CA GLU C 1092 -33.37 26.28 -70.47
C GLU C 1092 -32.24 26.91 -71.25
N GLY C 1093 -31.24 27.38 -70.54
CA GLY C 1093 -30.16 28.05 -71.20
C GLY C 1093 -30.28 29.56 -71.10
N VAL C 1094 -29.30 30.22 -71.69
CA VAL C 1094 -29.11 31.64 -71.49
C VAL C 1094 -28.83 32.30 -72.83
N PHE C 1095 -29.37 33.50 -73.02
CA PHE C 1095 -29.11 34.25 -74.24
C PHE C 1095 -27.65 34.64 -74.32
N VAL C 1096 -27.11 34.72 -75.52
CA VAL C 1096 -25.70 35.00 -75.73
C VAL C 1096 -25.53 35.58 -77.12
N SER C 1097 -24.53 36.45 -77.29
CA SER C 1097 -24.37 37.23 -78.51
C SER C 1097 -22.90 37.40 -78.87
N ASN C 1098 -22.52 37.00 -80.07
CA ASN C 1098 -21.20 37.28 -80.62
C ASN C 1098 -21.33 38.48 -81.54
N GLY C 1099 -20.67 39.59 -81.18
CA GLY C 1099 -20.73 40.74 -82.06
C GLY C 1099 -22.14 41.23 -82.24
N THR C 1100 -22.72 40.91 -83.41
CA THR C 1100 -24.03 41.43 -83.76
C THR C 1100 -25.14 40.41 -83.51
N HIS C 1101 -24.89 39.14 -83.82
CA HIS C 1101 -25.95 38.15 -83.79
C HIS C 1101 -26.33 37.77 -82.36
N TRP C 1102 -27.44 37.06 -82.23
CA TRP C 1102 -27.93 36.58 -80.94
C TRP C 1102 -28.25 35.10 -81.04
N PHE C 1103 -28.13 34.38 -79.93
CA PHE C 1103 -28.27 32.94 -79.93
C PHE C 1103 -28.74 32.45 -78.57
N VAL C 1104 -29.04 31.16 -78.50
CA VAL C 1104 -29.43 30.49 -77.27
C VAL C 1104 -28.57 29.25 -77.11
N THR C 1105 -28.04 29.03 -75.91
CA THR C 1105 -27.20 27.88 -75.64
C THR C 1105 -27.43 27.41 -74.21
N GLN C 1106 -27.15 26.13 -73.94
CA GLN C 1106 -27.29 25.66 -72.59
C GLN C 1106 -26.05 26.01 -71.78
N ARG C 1107 -26.17 25.93 -70.46
CA ARG C 1107 -25.22 26.63 -69.60
C ARG C 1107 -23.84 26.00 -69.64
N ASN C 1108 -23.75 24.68 -69.78
CA ASN C 1108 -22.51 24.01 -69.43
C ASN C 1108 -21.68 23.63 -70.67
N PHE C 1109 -22.23 23.85 -71.85
CA PHE C 1109 -21.51 23.56 -73.09
C PHE C 1109 -21.92 24.59 -74.11
N TYR C 1110 -21.00 24.91 -75.02
CA TYR C 1110 -21.27 25.94 -76.02
C TYR C 1110 -21.90 25.27 -77.24
N GLU C 1111 -23.16 25.60 -77.51
CA GLU C 1111 -23.91 25.02 -78.62
C GLU C 1111 -24.98 26.00 -79.05
N PRO C 1112 -24.62 27.00 -79.86
CA PRO C 1112 -25.57 28.05 -80.20
C PRO C 1112 -26.72 27.53 -81.05
N GLN C 1113 -27.87 28.17 -80.91
CA GLN C 1113 -29.10 27.80 -81.58
C GLN C 1113 -29.83 29.05 -82.04
N ILE C 1114 -30.68 28.90 -83.06
CA ILE C 1114 -31.47 30.03 -83.53
C ILE C 1114 -32.65 30.24 -82.61
N ILE C 1115 -32.87 31.50 -82.21
CA ILE C 1115 -33.99 31.82 -81.33
C ILE C 1115 -35.29 31.51 -82.05
N THR C 1116 -36.18 30.80 -81.37
CA THR C 1116 -37.44 30.37 -81.95
C THR C 1116 -38.53 30.56 -80.90
N THR C 1117 -39.77 30.71 -81.38
CA THR C 1117 -40.86 30.96 -80.44
C THR C 1117 -41.21 29.70 -79.64
N ASP C 1118 -40.62 28.56 -80.00
CA ASP C 1118 -40.98 27.33 -79.31
C ASP C 1118 -40.07 27.08 -78.11
N ASN C 1119 -38.79 27.46 -78.19
CA ASN C 1119 -37.90 27.17 -77.08
C ASN C 1119 -37.81 28.33 -76.10
N THR C 1120 -38.66 29.35 -76.26
CA THR C 1120 -38.74 30.46 -75.34
C THR C 1120 -40.20 30.73 -75.01
N PHE C 1121 -40.49 30.96 -73.74
CA PHE C 1121 -41.86 31.29 -73.36
C PHE C 1121 -42.01 32.78 -73.10
N VAL C 1122 -43.25 33.24 -73.06
CA VAL C 1122 -43.58 34.65 -73.01
C VAL C 1122 -44.32 34.91 -71.70
N SER C 1123 -43.97 36.00 -71.02
CA SER C 1123 -44.58 36.29 -69.73
C SER C 1123 -45.42 37.56 -69.77
N GLY C 1124 -44.81 38.69 -70.12
CA GLY C 1124 -45.52 39.95 -70.05
C GLY C 1124 -44.99 40.93 -71.08
N ASN C 1125 -45.39 42.19 -70.93
CA ASN C 1125 -44.99 43.20 -71.89
C ASN C 1125 -43.57 43.68 -71.65
N CYS C 1126 -43.16 44.69 -72.41
CA CYS C 1126 -41.75 45.03 -72.53
C CYS C 1126 -41.29 46.04 -71.49
N ASP C 1127 -42.19 46.52 -70.64
CA ASP C 1127 -41.88 47.70 -69.84
C ASP C 1127 -41.17 47.35 -68.54
N VAL C 1128 -41.59 46.26 -67.88
CA VAL C 1128 -41.26 46.07 -66.46
C VAL C 1128 -39.83 45.61 -66.26
N VAL C 1129 -39.28 44.87 -67.21
CA VAL C 1129 -37.97 44.27 -66.99
C VAL C 1129 -36.88 45.32 -67.15
N ILE C 1130 -35.70 45.01 -66.63
CA ILE C 1130 -34.54 45.90 -66.70
C ILE C 1130 -33.47 45.24 -67.53
N GLY C 1131 -32.85 46.00 -68.43
CA GLY C 1131 -31.78 45.48 -69.24
C GLY C 1131 -32.22 44.70 -70.45
N ILE C 1132 -33.51 44.70 -70.77
CA ILE C 1132 -33.98 43.94 -71.91
C ILE C 1132 -33.52 44.62 -73.19
N VAL C 1133 -33.16 43.81 -74.19
CA VAL C 1133 -32.62 44.31 -75.45
C VAL C 1133 -33.62 44.06 -76.56
N ASN C 1134 -33.52 44.80 -77.66
CA ASN C 1134 -34.56 44.69 -78.73
C ASN C 1134 -34.08 43.79 -79.88
N ASN C 1135 -34.63 42.58 -79.99
CA ASN C 1135 -34.28 41.66 -81.11
C ASN C 1135 -35.54 40.93 -81.61
N THR C 1136 -35.56 40.55 -82.89
CA THR C 1136 -36.72 39.81 -83.47
C THR C 1136 -36.68 38.34 -83.03
N VAL C 1137 -37.84 37.67 -83.01
CA VAL C 1137 -37.91 36.22 -82.65
C VAL C 1137 -38.51 35.45 -83.84
N TYR C 1138 -37.78 34.45 -84.35
CA TYR C 1138 -38.24 33.65 -85.51
C TYR C 1138 -39.42 32.76 -85.11
N ASP C 1139 -40.49 32.76 -85.91
CA ASP C 1139 -41.68 31.90 -85.65
C ASP C 1139 -41.38 30.47 -86.11
N PRO C 1140 -42.20 29.44 -85.81
CA PRO C 1140 -41.87 28.05 -86.18
C PRO C 1140 -41.96 27.80 -87.69
N LEU C 1141 -41.46 26.64 -88.14
CA LEU C 1141 -41.44 26.34 -89.60
C LEU C 1141 -42.84 26.35 -90.22
N GLN C 1142 -43.86 25.88 -89.51
CA GLN C 1142 -45.22 25.74 -90.13
C GLN C 1142 -45.80 27.07 -90.66
N PRO C 1143 -45.78 28.22 -89.97
CA PRO C 1143 -46.25 29.48 -90.56
C PRO C 1143 -45.41 29.86 -91.79
N GLU C 1144 -44.10 29.61 -91.74
CA GLU C 1144 -43.22 29.89 -92.91
C GLU C 1144 -43.62 28.97 -94.07
N LEU C 1145 -43.93 27.70 -93.79
CA LEU C 1145 -44.36 26.74 -94.84
C LEU C 1145 -45.67 27.23 -95.47
N ASP C 1146 -46.58 27.76 -94.65
CA ASP C 1146 -47.89 28.24 -95.15
C ASP C 1146 -47.65 29.42 -96.11
N SER C 1147 -48.38 29.47 -97.23
CA SER C 1147 -48.19 30.55 -98.23
C SER C 1147 -49.56 31.10 -98.66
N GLU D 1 28.94 20.19 80.42
CA GLU D 1 30.35 19.80 80.24
C GLU D 1 30.46 18.81 79.07
N VAL D 2 31.16 19.21 77.99
CA VAL D 2 31.36 18.30 76.83
C VAL D 2 32.25 17.13 77.28
N GLN D 3 31.91 15.91 76.88
CA GLN D 3 32.73 14.72 77.22
C GLN D 3 32.83 13.83 75.99
N LEU D 4 33.93 13.10 75.83
CA LEU D 4 34.02 12.12 74.71
C LEU D 4 34.38 10.74 75.26
N VAL D 5 33.60 9.70 74.91
CA VAL D 5 33.86 8.31 75.36
C VAL D 5 33.95 7.40 74.13
N GLU D 6 35.00 6.59 74.03
CA GLU D 6 35.20 5.73 72.83
C GLU D 6 35.64 4.32 73.22
N SER D 7 35.19 3.31 72.47
CA SER D 7 35.63 1.89 72.69
C SER D 7 35.40 1.12 71.38
N GLY D 8 36.06 -0.03 71.22
CA GLY D 8 35.91 -0.81 69.98
C GLY D 8 37.24 -1.20 69.35
N GLY D 9 38.36 -0.67 69.86
CA GLY D 9 39.69 -1.07 69.35
C GLY D 9 40.16 -2.38 69.98
N GLY D 10 40.59 -3.33 69.15
CA GLY D 10 41.01 -4.66 69.66
C GLY D 10 41.94 -5.38 68.73
N LEU D 11 42.54 -6.50 69.19
CA LEU D 11 43.46 -7.31 68.34
C LEU D 11 42.66 -7.89 67.17
N VAL D 12 43.16 -7.71 65.93
CA VAL D 12 42.41 -8.17 64.73
C VAL D 12 43.42 -8.60 63.65
N GLN D 13 42.98 -9.43 62.69
CA GLN D 13 43.88 -9.93 61.61
C GLN D 13 43.66 -9.11 60.32
N PRO D 14 44.61 -9.01 59.35
CA PRO D 14 44.35 -8.17 58.16
C PRO D 14 43.13 -8.53 57.31
N GLY D 15 42.44 -7.52 56.78
CA GLY D 15 41.22 -7.75 55.96
C GLY D 15 39.99 -7.87 56.84
N GLY D 16 40.15 -7.69 58.15
CA GLY D 16 39.03 -7.86 59.10
C GLY D 16 38.12 -6.67 59.17
N SER D 17 36.93 -6.86 59.73
CA SER D 17 35.96 -5.76 59.90
C SER D 17 35.83 -5.44 61.39
N LEU D 18 36.01 -4.17 61.76
CA LEU D 18 35.95 -3.76 63.18
C LEU D 18 35.23 -2.43 63.23
N ARG D 19 34.61 -2.10 64.38
CA ARG D 19 33.78 -0.87 64.49
C ARG D 19 34.16 -0.07 65.74
N LEU D 20 34.00 1.25 65.71
CA LEU D 20 34.28 2.11 66.87
C LEU D 20 33.01 2.92 67.15
N SER D 21 32.88 3.47 68.36
CA SER D 21 31.73 4.34 68.69
C SER D 21 32.25 5.47 69.56
N CYS D 22 31.64 6.65 69.45
CA CYS D 22 32.07 7.84 70.23
C CYS D 22 30.83 8.45 70.87
N GLU D 23 30.86 8.79 72.16
CA GLU D 23 29.66 9.29 72.86
C GLU D 23 29.94 10.71 73.37
N ALA D 24 29.00 11.63 73.23
CA ALA D 24 29.29 13.03 73.59
C ALA D 24 28.15 13.67 74.40
N SER D 25 28.51 14.65 75.23
CA SER D 25 27.50 15.33 76.08
C SER D 25 27.56 16.84 75.82
N GLU D 26 26.41 17.52 75.80
CA GLU D 26 26.32 18.99 75.57
C GLU D 26 26.52 19.33 74.09
N ILE D 27 26.93 18.38 73.26
CA ILE D 27 27.04 18.64 71.79
C ILE D 27 26.20 17.62 71.02
N ILE D 28 25.39 18.07 70.05
CA ILE D 28 24.62 17.12 69.20
C ILE D 28 25.56 16.61 68.11
N VAL D 29 25.65 15.29 67.94
CA VAL D 29 26.64 14.73 66.96
C VAL D 29 26.30 15.20 65.53
N ASN D 30 25.02 15.22 65.15
CA ASN D 30 24.65 15.57 63.76
C ASN D 30 24.98 17.04 63.48
N ARG D 31 24.55 17.94 64.37
CA ARG D 31 24.77 19.39 64.18
C ARG D 31 26.27 19.71 64.15
N ASN D 32 27.05 19.10 65.06
CA ASN D 32 28.49 19.46 65.15
C ASN D 32 29.30 18.76 64.06
N TYR D 33 30.21 19.49 63.41
CA TYR D 33 31.12 18.84 62.43
C TYR D 33 31.98 17.88 63.24
N MET D 34 32.14 16.63 62.78
CA MET D 34 32.88 15.63 63.58
C MET D 34 34.04 15.04 62.77
N ASN D 35 35.11 14.62 63.44
CA ASN D 35 36.32 14.12 62.72
C ASN D 35 36.87 12.87 63.42
N TRP D 36 37.63 12.04 62.68
CA TRP D 36 38.30 10.86 63.29
C TRP D 36 39.80 11.00 62.99
N VAL D 37 40.67 11.02 64.01
CA VAL D 37 42.11 11.25 63.74
C VAL D 37 42.91 10.14 64.41
N ARG D 38 44.05 9.68 63.83
CA ARG D 38 44.76 8.52 64.42
C ARG D 38 46.24 8.83 64.69
N GLN D 39 46.79 8.25 65.76
CA GLN D 39 48.24 8.41 66.05
C GLN D 39 48.90 7.04 66.17
N ALA D 40 49.82 6.71 65.26
CA ALA D 40 50.57 5.43 65.36
C ALA D 40 51.50 5.58 66.55
N PRO D 41 51.92 4.51 67.25
CA PRO D 41 52.68 4.71 68.48
C PRO D 41 53.92 5.59 68.22
N GLY D 42 54.10 6.63 69.03
CA GLY D 42 55.27 7.53 68.87
C GLY D 42 55.35 8.11 67.48
N LYS D 43 54.21 8.43 66.87
CA LYS D 43 54.20 8.93 65.47
C LYS D 43 53.27 10.13 65.36
N GLY D 44 53.46 10.95 64.31
CA GLY D 44 52.67 12.18 64.13
C GLY D 44 51.22 11.87 63.81
N LEU D 45 50.32 12.80 64.17
CA LEU D 45 48.87 12.57 63.96
C LEU D 45 48.55 12.49 62.46
N GLU D 46 47.64 11.59 62.06
CA GLU D 46 47.20 11.50 60.65
C GLU D 46 45.67 11.59 60.61
N TRP D 47 45.11 12.54 59.86
CA TRP D 47 43.64 12.72 59.76
C TRP D 47 43.02 11.58 58.95
N VAL D 48 41.81 11.15 59.29
CA VAL D 48 41.20 9.97 58.58
C VAL D 48 39.92 10.40 57.86
N SER D 49 38.89 10.85 58.58
CA SER D 49 37.61 11.18 57.92
C SER D 49 36.90 12.36 58.60
N ILE D 50 36.15 13.15 57.85
CA ILE D 50 35.36 14.28 58.43
C ILE D 50 33.91 14.10 57.99
N ILE D 51 32.95 14.36 58.86
CA ILE D 51 31.55 14.32 58.38
C ILE D 51 30.92 15.71 58.56
N TYR D 52 30.47 16.32 57.46
CA TYR D 52 29.81 17.64 57.52
C TYR D 52 28.41 17.44 58.11
N PRO D 53 27.75 18.47 58.67
CA PRO D 53 26.47 18.26 59.34
C PRO D 53 25.37 17.70 58.42
N GLY D 54 25.27 18.22 57.21
CA GLY D 54 24.23 17.75 56.29
C GLY D 54 24.43 16.29 55.97
N GLY D 55 25.68 15.88 55.82
CA GLY D 55 25.96 14.45 55.60
C GLY D 55 27.17 14.22 54.73
N SER D 56 27.92 15.27 54.41
CA SER D 56 29.06 15.10 53.47
C SER D 56 30.14 14.26 54.14
N THR D 57 30.74 13.35 53.38
CA THR D 57 31.83 12.52 53.93
C THR D 57 33.11 12.73 53.11
N PHE D 58 34.21 13.04 53.78
CA PHE D 58 35.50 13.16 53.06
C PHE D 58 36.49 12.22 53.75
N TYR D 59 37.40 11.61 53.00
CA TYR D 59 38.32 10.63 53.61
C TYR D 59 39.73 11.02 53.19
N ALA D 60 40.71 10.16 53.47
CA ALA D 60 42.08 10.43 53.01
C ALA D 60 42.47 9.31 52.05
N ASP D 61 43.29 9.60 51.06
CA ASP D 61 43.67 8.60 50.03
C ASP D 61 44.37 7.41 50.69
N SER D 62 45.14 7.66 51.75
CA SER D 62 45.83 6.57 52.50
C SER D 62 44.81 5.61 53.10
N VAL D 63 43.68 6.13 53.60
CA VAL D 63 42.65 5.27 54.27
C VAL D 63 41.43 5.15 53.36
N LYS D 64 41.57 5.48 52.06
CA LYS D 64 40.40 5.48 51.17
C LYS D 64 39.95 4.06 50.85
N GLY D 65 38.64 3.80 50.91
CA GLY D 65 38.11 2.48 50.56
C GLY D 65 38.15 1.53 51.73
N ARG D 66 39.34 1.34 52.32
CA ARG D 66 39.50 0.42 53.47
C ARG D 66 38.59 0.92 54.60
N PHE D 67 38.47 2.23 54.77
CA PHE D 67 37.68 2.80 55.90
C PHE D 67 36.26 3.18 55.45
N THR D 68 35.32 3.26 56.40
CA THR D 68 33.92 3.62 56.11
C THR D 68 33.36 4.34 57.34
N ILE D 69 32.30 5.15 57.21
CA ILE D 69 31.85 5.94 58.39
C ILE D 69 30.35 6.27 58.31
N SER D 70 29.72 6.50 59.45
CA SER D 70 28.29 6.90 59.51
C SER D 70 28.08 7.61 60.84
N ARG D 71 27.03 8.42 60.95
CA ARG D 71 26.71 9.06 62.25
C ARG D 71 25.23 8.80 62.53
N ASP D 72 24.89 8.30 63.73
CA ASP D 72 23.47 7.95 64.01
C ASP D 72 22.86 9.04 64.90
N ASN D 73 21.84 9.74 64.39
CA ASN D 73 21.21 10.86 65.16
C ASN D 73 20.44 10.27 66.34
N SER D 74 19.77 9.12 66.14
CA SER D 74 18.94 8.52 67.21
C SER D 74 19.80 8.12 68.42
N LYS D 75 20.98 7.53 68.17
CA LYS D 75 21.84 7.06 69.29
C LYS D 75 22.84 8.14 69.70
N ASN D 76 22.89 9.29 69.01
CA ASN D 76 23.86 10.37 69.32
C ASN D 76 25.26 9.77 69.37
N THR D 77 25.61 8.97 68.35
CA THR D 77 26.94 8.31 68.31
C THR D 77 27.56 8.46 66.93
N MET D 78 28.89 8.49 66.82
CA MET D 78 29.54 8.51 65.49
C MET D 78 30.26 7.18 65.30
N TYR D 79 30.12 6.56 64.13
CA TYR D 79 30.68 5.20 63.96
C TYR D 79 31.78 5.13 62.90
N LEU D 80 32.91 4.49 63.25
CA LEU D 80 34.01 4.30 62.25
C LEU D 80 34.23 2.81 62.00
N GLN D 81 33.86 2.32 60.81
CA GLN D 81 34.02 0.88 60.48
C GLN D 81 35.21 0.72 59.54
N MET D 82 36.11 -0.24 59.82
CA MET D 82 37.34 -0.35 58.98
C MET D 82 37.52 -1.78 58.47
N ASN D 83 37.48 -1.96 57.15
CA ASN D 83 37.73 -3.30 56.55
C ASN D 83 39.13 -3.26 55.95
N SER D 84 39.61 -4.38 55.39
CA SER D 84 40.94 -4.36 54.72
C SER D 84 41.98 -3.82 55.70
N LEU D 85 41.96 -4.28 56.95
CA LEU D 85 42.87 -3.72 57.99
C LEU D 85 44.31 -3.96 57.53
N ARG D 86 45.17 -2.96 57.70
CA ARG D 86 46.57 -3.09 57.19
C ARG D 86 47.57 -2.87 58.32
N ALA D 87 48.85 -3.16 58.07
CA ALA D 87 49.92 -2.96 59.06
C ALA D 87 49.85 -1.54 59.61
N GLU D 88 49.61 -0.56 58.74
CA GLU D 88 49.62 0.85 59.19
C GLU D 88 48.52 1.12 60.21
N ASP D 89 47.35 0.52 60.05
CA ASP D 89 46.18 0.83 60.91
C ASP D 89 46.48 0.87 62.40
N THR D 90 47.48 0.16 62.91
CA THR D 90 47.64 0.15 64.38
C THR D 90 47.89 1.59 64.88
N ALA D 91 47.07 2.06 65.82
CA ALA D 91 47.18 3.45 66.33
C ALA D 91 46.10 3.69 67.38
N VAL D 92 46.05 4.88 67.99
CA VAL D 92 44.93 5.21 68.91
C VAL D 92 44.03 6.19 68.14
N TYR D 93 42.73 5.91 68.01
CA TYR D 93 41.85 6.77 67.17
C TYR D 93 41.04 7.74 68.03
N TYR D 94 41.27 9.05 67.87
CA TYR D 94 40.58 10.02 68.75
C TYR D 94 39.49 10.73 67.96
N CYS D 95 38.24 10.61 68.40
CA CYS D 95 37.13 11.31 67.71
C CYS D 95 37.25 12.76 68.12
N ALA D 96 36.96 13.68 67.20
CA ALA D 96 37.21 15.10 67.51
C ALA D 96 36.07 15.97 66.97
N ARG D 97 35.91 17.17 67.53
CA ARG D 97 34.85 18.10 67.05
C ARG D 97 35.55 19.29 66.41
N SER D 98 35.10 19.70 65.22
CA SER D 98 35.84 20.78 64.52
C SER D 98 34.90 21.97 64.29
N TYR D 99 35.41 23.19 64.42
CA TYR D 99 34.60 24.38 64.04
C TYR D 99 34.73 24.49 62.52
N GLY D 100 33.94 23.72 61.77
CA GLY D 100 34.13 23.68 60.31
C GLY D 100 35.53 23.19 59.98
N ASP D 101 36.25 23.89 59.09
CA ASP D 101 37.66 23.51 58.80
C ASP D 101 38.62 24.43 59.55
N PHE D 102 38.09 25.38 60.34
CA PHE D 102 38.97 26.37 61.03
C PHE D 102 39.90 25.71 62.03
N TYR D 103 39.40 24.77 62.84
CA TYR D 103 40.25 24.14 63.90
C TYR D 103 39.53 22.95 64.54
N VAL D 104 40.29 22.06 65.20
CA VAL D 104 39.72 20.89 65.92
C VAL D 104 39.74 21.21 67.42
N ASP D 105 38.69 20.82 68.14
CA ASP D 105 38.58 21.12 69.60
C ASP D 105 38.02 19.88 70.29
N PHE D 106 38.14 19.81 71.62
CA PHE D 106 37.56 18.66 72.38
C PHE D 106 38.05 17.32 71.83
N TRP D 107 39.36 17.06 71.86
CA TRP D 107 39.87 15.72 71.44
C TRP D 107 39.50 14.68 72.51
N GLY D 108 39.38 13.41 72.12
CA GLY D 108 39.00 12.34 73.08
C GLY D 108 40.15 11.37 73.32
N GLN D 109 40.12 10.62 74.42
CA GLN D 109 41.25 9.72 74.77
C GLN D 109 41.41 8.66 73.66
N GLY D 110 40.31 8.14 73.13
CA GLY D 110 40.39 7.19 72.00
C GLY D 110 40.62 5.75 72.43
N THR D 111 40.69 4.83 71.46
CA THR D 111 40.95 3.41 71.77
C THR D 111 42.06 2.89 70.84
N LEU D 112 42.96 2.05 71.35
CA LEU D 112 44.10 1.54 70.54
C LEU D 112 43.62 0.42 69.62
N VAL D 113 43.70 0.62 68.30
CA VAL D 113 43.35 -0.48 67.35
C VAL D 113 44.66 -1.20 67.00
N THR D 114 44.74 -2.51 67.26
CA THR D 114 46.01 -3.26 67.04
C THR D 114 45.79 -4.34 65.98
N VAL D 115 46.62 -4.34 64.93
CA VAL D 115 46.47 -5.34 63.82
C VAL D 115 47.76 -6.16 63.76
N SER D 116 47.70 -7.47 64.05
CA SER D 116 48.94 -8.28 64.12
C SER D 116 48.60 -9.78 64.16
N SER D 117 49.62 -10.64 64.10
CA SER D 117 49.41 -12.11 64.22
C SER D 117 49.59 -12.53 65.68
N GLN E 1 50.00 12.50 50.04
CA GLN E 1 49.52 13.62 50.87
C GLN E 1 50.70 14.52 51.23
N SER E 2 50.64 15.81 50.88
CA SER E 2 51.72 16.75 51.26
C SER E 2 51.76 16.88 52.79
N VAL E 3 52.97 16.86 53.36
CA VAL E 3 53.11 16.95 54.84
C VAL E 3 53.93 18.20 55.16
N LEU E 4 53.43 19.05 56.06
CA LEU E 4 54.18 20.27 56.47
C LEU E 4 55.45 19.82 57.20
N THR E 5 56.58 20.50 56.96
CA THR E 5 57.85 20.14 57.64
C THR E 5 57.92 20.81 59.00
N GLN E 6 58.29 20.06 60.04
CA GLN E 6 58.38 20.61 61.41
C GLN E 6 59.80 20.40 61.94
N PRO E 7 60.36 21.31 62.76
CA PRO E 7 61.67 21.08 63.34
C PRO E 7 61.58 19.81 64.21
N PRO E 8 62.55 18.88 64.12
CA PRO E 8 62.46 17.63 64.86
C PRO E 8 62.46 17.86 66.38
N SER E 9 63.34 18.73 66.88
CA SER E 9 63.31 19.05 68.33
C SER E 9 63.73 20.49 68.61
N VAL E 10 63.13 21.12 69.60
CA VAL E 10 63.57 22.48 70.03
C VAL E 10 63.77 22.44 71.54
N SER E 11 64.99 22.72 72.01
CA SER E 11 65.29 22.63 73.46
C SER E 11 65.82 23.98 73.97
N ALA E 12 65.27 24.46 75.08
CA ALA E 12 65.74 25.75 75.68
C ALA E 12 65.67 25.66 77.21
N ALA E 13 66.44 26.50 77.90
CA ALA E 13 66.38 26.55 79.38
C ALA E 13 65.16 27.39 79.81
N PRO E 14 64.69 27.31 81.07
CA PRO E 14 63.58 28.14 81.54
C PRO E 14 63.88 29.64 81.44
N GLY E 15 62.86 30.44 81.13
CA GLY E 15 63.03 31.90 81.00
C GLY E 15 63.46 32.32 79.62
N GLN E 16 63.57 31.37 78.69
CA GLN E 16 63.96 31.68 77.28
C GLN E 16 62.74 31.49 76.36
N LYS E 17 62.47 32.47 75.50
CA LYS E 17 61.37 32.34 74.52
C LYS E 17 61.70 31.21 73.54
N VAL E 18 60.70 30.40 73.16
CA VAL E 18 60.93 29.24 72.25
C VAL E 18 60.09 29.43 70.99
N THR E 19 60.68 29.24 69.82
CA THR E 19 59.95 29.43 68.54
C THR E 19 59.91 28.12 67.75
N ILE E 20 58.71 27.67 67.34
CA ILE E 20 58.57 26.43 66.51
C ILE E 20 58.02 26.85 65.15
N SER E 21 58.66 26.46 64.05
CA SER E 21 58.22 26.95 62.73
C SER E 21 57.68 25.80 61.86
N CYS E 22 56.50 26.00 61.27
CA CYS E 22 55.86 24.92 60.47
C CYS E 22 56.05 25.25 59.00
N SER E 23 56.79 24.43 58.26
CA SER E 23 57.02 24.68 56.81
C SER E 23 55.73 24.43 56.03
N GLY E 24 55.47 25.19 54.96
CA GLY E 24 54.16 25.06 54.28
C GLY E 24 54.13 25.54 52.84
N SER E 25 53.01 25.30 52.15
CA SER E 25 52.84 25.70 50.72
C SER E 25 51.52 26.43 50.56
N SER E 26 51.33 27.12 49.44
CA SER E 26 50.08 27.86 49.17
C SER E 26 48.91 26.87 49.13
N SER E 27 49.14 25.67 48.60
CA SER E 27 48.04 24.68 48.48
C SER E 27 47.46 24.39 49.85
N ASN E 28 48.31 24.35 50.88
CA ASN E 28 47.85 24.08 52.26
C ASN E 28 47.92 25.34 53.13
N ILE E 29 49.09 25.64 53.71
CA ILE E 29 49.20 26.77 54.68
C ILE E 29 48.93 28.14 54.04
N GLY E 30 49.41 28.40 52.84
CA GLY E 30 49.27 29.76 52.29
C GLY E 30 47.83 30.20 52.17
N ASN E 31 46.92 29.31 51.76
CA ASN E 31 45.51 29.71 51.51
C ASN E 31 44.60 29.41 52.71
N ASN E 32 45.07 28.66 53.72
CA ASN E 32 44.15 28.24 54.83
C ASN E 32 44.74 28.53 56.20
N TYR E 33 43.90 28.59 57.23
CA TYR E 33 44.32 28.91 58.62
C TYR E 33 45.16 27.78 59.20
N VAL E 34 46.06 28.10 60.13
CA VAL E 34 46.93 27.07 60.78
C VAL E 34 46.64 27.06 62.28
N SER E 35 46.73 25.90 62.92
CA SER E 35 46.50 25.78 64.39
C SER E 35 47.60 24.91 65.00
N TRP E 36 47.92 25.09 66.28
CA TRP E 36 48.98 24.29 66.96
C TRP E 36 48.33 23.47 68.08
N TYR E 37 48.69 22.21 68.24
CA TYR E 37 48.01 21.35 69.23
C TYR E 37 49.04 20.76 70.20
N GLN E 38 48.77 20.80 71.52
CA GLN E 38 49.77 20.34 72.51
C GLN E 38 49.35 18.98 73.08
N GLN E 39 50.20 17.96 72.90
CA GLN E 39 49.89 16.62 73.44
C GLN E 39 50.91 16.28 74.51
N LEU E 40 50.45 16.11 75.75
CA LEU E 40 51.37 15.63 76.80
C LEU E 40 51.53 14.13 76.57
N PRO E 41 52.62 13.48 77.01
CA PRO E 41 52.71 12.04 76.83
C PRO E 41 51.49 11.41 77.51
N GLY E 42 50.83 10.47 76.84
CA GLY E 42 49.66 9.77 77.41
C GLY E 42 48.38 10.60 77.48
N THR E 43 48.25 11.66 76.66
CA THR E 43 46.98 12.43 76.63
C THR E 43 46.59 12.77 75.19
N ALA E 44 45.30 12.96 74.93
CA ALA E 44 44.85 13.41 73.59
C ALA E 44 45.21 14.88 73.42
N PRO E 45 45.63 15.35 72.24
CA PRO E 45 46.10 16.72 72.10
C PRO E 45 45.06 17.80 72.43
N LYS E 46 45.50 18.91 73.03
CA LYS E 46 44.59 20.04 73.40
C LYS E 46 44.97 21.25 72.55
N LEU E 47 43.98 21.93 71.95
CA LEU E 47 44.31 23.03 71.01
C LEU E 47 45.13 24.10 71.73
N LEU E 48 46.25 24.54 71.12
CA LEU E 48 47.14 25.52 71.79
C LEU E 48 46.92 26.92 71.20
N ILE E 49 46.82 27.02 69.86
CA ILE E 49 46.58 28.33 69.17
C ILE E 49 45.20 28.30 68.48
N TYR E 50 44.32 29.26 68.78
CA TYR E 50 42.92 29.25 68.25
C TYR E 50 42.85 29.42 66.74
N ASP E 51 43.57 30.39 66.17
CA ASP E 51 43.49 30.70 64.72
C ASP E 51 44.56 31.75 64.42
N ASN E 52 45.54 31.43 63.58
CA ASN E 52 46.71 32.33 63.35
C ASN E 52 47.12 32.94 64.69
N ASN E 53 47.17 34.26 64.80
CA ASN E 53 47.62 34.94 66.05
C ASN E 53 46.71 34.61 67.23
N LYS E 54 45.40 34.48 67.02
CA LYS E 54 44.42 34.29 68.14
C LYS E 54 44.78 33.20 69.17
N ARG E 55 44.24 33.31 70.39
CA ARG E 55 44.49 32.36 71.50
C ARG E 55 43.15 31.86 72.03
N PRO E 56 42.96 30.53 72.23
CA PRO E 56 41.68 29.99 72.70
C PRO E 56 41.45 30.27 74.19
N SER E 57 40.19 30.28 74.62
CA SER E 57 39.90 30.45 76.07
C SER E 57 40.29 29.15 76.79
N GLY E 58 40.87 29.26 77.99
CA GLY E 58 41.35 28.06 78.70
C GLY E 58 42.82 27.79 78.42
N ILE E 59 43.52 28.73 77.82
CA ILE E 59 44.94 28.49 77.44
C ILE E 59 45.84 29.39 78.26
N PRO E 60 46.91 28.88 78.93
CA PRO E 60 47.87 29.74 79.63
C PRO E 60 48.51 30.80 78.71
N ASP E 61 48.91 31.92 79.31
CA ASP E 61 49.54 33.02 78.53
C ASP E 61 51.01 32.70 78.27
N ARG E 62 51.77 33.65 77.72
CA ARG E 62 53.19 33.44 77.35
C ARG E 62 53.23 32.61 76.08
N PHE E 63 52.05 32.28 75.54
CA PHE E 63 51.97 31.48 74.29
C PHE E 63 51.36 32.37 73.21
N SER E 64 52.05 32.51 72.09
CA SER E 64 51.57 33.37 70.97
C SER E 64 52.07 32.77 69.66
N GLY E 65 51.40 33.06 68.55
CA GLY E 65 51.81 32.43 67.27
C GLY E 65 51.73 33.38 66.09
N SER E 66 52.57 33.16 65.07
CA SER E 66 52.58 34.07 63.90
C SER E 66 52.51 33.27 62.60
N LYS E 67 51.59 33.63 61.68
CA LYS E 67 51.56 32.96 60.36
C LYS E 67 52.38 33.81 59.37
N SER E 68 53.62 33.39 59.09
CA SER E 68 54.46 34.13 58.12
C SER E 68 54.26 33.57 56.71
N GLY E 69 53.10 33.85 56.10
CA GLY E 69 52.81 33.30 54.77
C GLY E 69 52.83 31.77 54.79
N THR E 70 53.66 31.17 53.94
CA THR E 70 53.69 29.68 53.84
C THR E 70 54.10 29.04 55.17
N SER E 71 54.99 29.67 55.95
CA SER E 71 55.45 29.01 57.20
C SER E 71 54.89 29.72 58.44
N ALA E 72 54.47 28.97 59.45
CA ALA E 72 53.86 29.58 60.67
C ALA E 72 54.72 29.27 61.89
N THR E 73 55.01 30.27 62.73
CA THR E 73 55.92 30.06 63.90
C THR E 73 55.14 30.21 65.20
N LEU E 74 55.56 29.51 66.26
CA LEU E 74 54.86 29.57 67.58
C LEU E 74 55.85 30.08 68.62
N GLY E 75 55.55 31.19 69.33
CA GLY E 75 56.48 31.80 70.31
C GLY E 75 56.02 31.62 71.75
N ILE E 76 56.92 31.13 72.61
CA ILE E 76 56.56 30.82 74.04
C ILE E 76 57.60 31.48 74.94
N THR E 77 57.30 32.67 75.48
CA THR E 77 58.23 33.31 76.44
C THR E 77 58.37 32.42 77.68
N GLY E 78 59.58 31.94 77.97
CA GLY E 78 59.80 31.09 79.17
C GLY E 78 59.51 29.62 78.90
N LEU E 79 60.36 28.73 79.44
CA LEU E 79 60.12 27.27 79.27
C LEU E 79 59.90 26.63 80.65
N GLN E 80 58.65 26.62 81.13
CA GLN E 80 58.33 26.03 82.46
C GLN E 80 58.28 24.51 82.32
N THR E 81 58.39 23.76 83.42
CA THR E 81 58.45 22.28 83.34
C THR E 81 57.25 21.76 82.52
N GLY E 82 56.07 22.32 82.73
CA GLY E 82 54.86 21.89 82.01
C GLY E 82 54.97 22.13 80.52
N ASP E 83 55.64 23.20 80.11
CA ASP E 83 55.73 23.57 78.68
C ASP E 83 56.35 22.43 77.88
N GLU E 84 57.29 21.69 78.47
CA GLU E 84 57.87 20.52 77.75
C GLU E 84 56.72 19.62 77.31
N ALA E 85 56.67 19.26 76.02
CA ALA E 85 55.55 18.46 75.46
C ALA E 85 55.78 18.29 73.97
N ASP E 86 54.80 17.72 73.25
CA ASP E 86 54.92 17.58 71.79
C ASP E 86 53.91 18.53 71.13
N TYR E 87 54.34 19.30 70.14
CA TYR E 87 53.44 20.31 69.52
C TYR E 87 53.26 19.98 68.04
N TYR E 88 52.02 20.13 67.52
CA TYR E 88 51.74 19.76 66.10
C TYR E 88 51.02 20.92 65.41
N CYS E 89 51.20 21.08 64.09
CA CYS E 89 50.57 22.18 63.32
C CYS E 89 49.63 21.60 62.26
N GLY E 90 48.43 22.17 62.10
CA GLY E 90 47.46 21.58 61.14
C GLY E 90 46.67 22.58 60.33
N THR E 91 46.38 22.24 59.07
CA THR E 91 45.60 23.14 58.18
C THR E 91 44.90 22.26 57.12
N TRP E 92 43.86 22.77 56.46
CA TRP E 92 43.18 22.00 55.39
C TRP E 92 43.95 22.14 54.07
N ASP E 93 44.23 21.02 53.38
CA ASP E 93 44.86 21.12 52.05
C ASP E 93 43.71 21.17 51.05
N SER E 94 43.54 22.31 50.39
CA SER E 94 42.37 22.48 49.49
C SER E 94 42.38 21.42 48.39
N SER E 95 43.51 21.21 47.71
CA SER E 95 43.54 20.31 46.54
C SER E 95 43.20 18.85 46.90
N LEU E 96 43.79 18.31 47.96
CA LEU E 96 43.54 16.90 48.34
C LEU E 96 42.42 16.82 49.37
N SER E 97 41.91 17.95 49.83
CA SER E 97 40.79 17.99 50.81
C SER E 97 41.14 17.14 52.04
N ALA E 98 42.35 17.28 52.58
CA ALA E 98 42.71 16.54 53.82
C ALA E 98 43.36 17.48 54.85
N TRP E 99 43.05 17.32 56.14
CA TRP E 99 43.78 18.13 57.16
C TRP E 99 45.22 17.68 57.03
N VAL E 100 46.18 18.60 57.03
CA VAL E 100 47.60 18.13 56.99
C VAL E 100 48.25 18.45 58.33
N PHE E 101 48.81 17.44 59.00
CA PHE E 101 49.46 17.66 60.32
C PHE E 101 50.93 17.31 60.22
N GLY E 102 51.81 18.18 60.72
CA GLY E 102 53.25 17.89 60.74
C GLY E 102 53.59 16.82 61.77
N GLY E 103 54.77 16.21 61.64
CA GLY E 103 55.17 15.11 62.54
C GLY E 103 55.25 15.55 63.99
N GLY E 104 55.70 16.78 64.25
CA GLY E 104 55.72 17.32 65.62
C GLY E 104 57.10 17.72 66.09
N THR E 105 57.16 18.56 67.13
CA THR E 105 58.46 19.01 67.69
C THR E 105 58.52 18.64 69.17
N LYS E 106 59.57 17.94 69.60
CA LYS E 106 59.61 17.48 71.01
C LYS E 106 60.27 18.57 71.85
N LEU E 107 59.46 19.44 72.47
CA LEU E 107 60.01 20.56 73.28
C LEU E 107 60.61 19.98 74.56
N THR E 108 61.84 20.40 74.90
CA THR E 108 62.51 19.91 76.13
C THR E 108 62.88 21.11 77.01
N VAL E 109 62.15 21.31 78.10
CA VAL E 109 62.51 22.39 79.07
C VAL E 109 63.77 21.95 79.80
N LEU E 110 64.89 22.66 79.60
CA LEU E 110 66.18 22.24 80.22
C LEU E 110 66.37 22.97 81.55
N GLU F 1 69.72 -36.67 45.82
CA GLU F 1 69.08 -37.96 46.22
C GLU F 1 67.57 -37.81 46.27
N VAL F 2 66.85 -38.53 45.41
CA VAL F 2 65.36 -38.48 45.43
C VAL F 2 64.87 -39.12 46.72
N GLN F 3 63.88 -38.50 47.38
CA GLN F 3 63.31 -39.05 48.63
C GLN F 3 61.78 -38.91 48.56
N LEU F 4 61.03 -39.80 49.19
CA LEU F 4 59.56 -39.64 49.26
C LEU F 4 59.11 -39.71 50.72
N VAL F 5 58.35 -38.71 51.18
CA VAL F 5 57.83 -38.69 52.58
C VAL F 5 56.31 -38.53 52.53
N GLU F 6 55.56 -39.38 53.25
CA GLU F 6 54.08 -39.33 53.20
C GLU F 6 53.46 -39.47 54.60
N SER F 7 52.34 -38.78 54.85
CA SER F 7 51.60 -38.91 56.13
C SER F 7 50.15 -38.47 55.89
N GLY F 8 49.23 -38.85 56.78
CA GLY F 8 47.81 -38.50 56.59
C GLY F 8 46.87 -39.67 56.70
N GLY F 9 47.40 -40.90 56.77
CA GLY F 9 46.54 -42.09 56.96
C GLY F 9 46.17 -42.30 58.42
N GLY F 10 44.87 -42.46 58.71
CA GLY F 10 44.42 -42.61 60.11
C GLY F 10 43.10 -43.33 60.23
N LEU F 11 42.70 -43.68 61.46
CA LEU F 11 41.40 -44.37 61.69
C LEU F 11 40.25 -43.42 61.30
N VAL F 12 39.32 -43.89 60.47
CA VAL F 12 38.22 -43.01 59.97
C VAL F 12 36.94 -43.86 59.78
N GLN F 13 35.77 -43.21 59.77
CA GLN F 13 34.48 -43.94 59.62
C GLN F 13 33.99 -43.84 58.16
N PRO F 14 33.13 -44.75 57.61
CA PRO F 14 32.74 -44.64 56.19
C PRO F 14 32.06 -43.32 55.77
N GLY F 15 32.35 -42.85 54.56
CA GLY F 15 31.79 -41.58 54.05
C GLY F 15 32.61 -40.39 54.49
N GLY F 16 33.71 -40.65 55.20
CA GLY F 16 34.54 -39.56 55.76
C GLY F 16 35.47 -38.91 54.75
N SER F 17 35.99 -37.74 55.08
CA SER F 17 36.94 -37.04 54.19
C SER F 17 38.32 -37.04 54.84
N LEU F 18 39.34 -37.52 54.12
CA LEU F 18 40.70 -37.61 54.67
C LEU F 18 41.67 -37.18 53.56
N ARG F 19 42.87 -36.71 53.93
CA ARG F 19 43.82 -36.18 52.93
C ARG F 19 45.22 -36.77 53.15
N LEU F 20 46.01 -36.90 52.08
CA LEU F 20 47.40 -37.41 52.18
C LEU F 20 48.31 -36.35 51.54
N SER F 21 49.59 -36.39 51.85
CA SER F 21 50.57 -35.47 51.22
C SER F 21 51.84 -36.26 50.95
N CYS F 22 52.57 -35.92 49.88
CA CYS F 22 53.81 -36.63 49.51
C CYS F 22 54.89 -35.57 49.26
N GLU F 23 56.09 -35.73 49.80
CA GLU F 23 57.15 -34.69 49.67
C GLU F 23 58.35 -35.30 48.94
N ALA F 24 58.94 -34.57 48.00
CA ALA F 24 60.01 -35.17 47.17
C ALA F 24 61.22 -34.25 47.01
N SER F 25 62.41 -34.83 46.83
CA SER F 25 63.64 -34.03 46.68
C SER F 25 64.33 -34.41 45.36
N GLU F 26 64.90 -33.43 44.66
CA GLU F 26 65.62 -33.66 43.37
C GLU F 26 64.63 -33.86 42.22
N ILE F 27 63.34 -34.03 42.50
CA ILE F 27 62.32 -34.13 41.41
C ILE F 27 61.25 -33.06 41.60
N ILE F 28 60.90 -32.33 40.53
CA ILE F 28 59.79 -31.33 40.63
C ILE F 28 58.47 -32.09 40.49
N VAL F 29 57.52 -31.88 41.41
CA VAL F 29 56.26 -32.68 41.38
C VAL F 29 55.49 -32.41 40.09
N ASN F 30 55.41 -31.14 39.65
CA ASN F 30 54.59 -30.80 38.46
C ASN F 30 55.20 -31.42 37.21
N ARG F 31 56.50 -31.24 37.00
CA ARG F 31 57.18 -31.76 35.78
C ARG F 31 57.11 -33.28 35.74
N ASN F 32 57.31 -33.95 36.88
CA ASN F 32 57.37 -35.43 36.87
C ASN F 32 55.96 -36.04 36.86
N TYR F 33 55.73 -37.05 36.03
CA TYR F 33 54.42 -37.76 36.05
C TYR F 33 54.34 -38.43 37.42
N MET F 34 53.21 -38.29 38.12
CA MET F 34 53.12 -38.83 39.51
C MET F 34 51.94 -39.80 39.62
N ASN F 35 52.03 -40.79 40.52
CA ASN F 35 50.97 -41.82 40.64
C ASN F 35 50.68 -42.12 42.11
N TRP F 36 49.48 -42.64 42.41
CA TRP F 36 49.15 -43.07 43.80
C TRP F 36 48.74 -44.55 43.73
N VAL F 37 49.40 -45.44 44.45
CA VAL F 37 49.09 -46.90 44.31
C VAL F 37 48.81 -47.46 45.71
N ARG F 38 47.90 -48.44 45.87
CA ARG F 38 47.55 -48.91 47.23
C ARG F 38 47.71 -50.43 47.38
N GLN F 39 48.11 -50.88 48.57
CA GLN F 39 48.19 -52.36 48.83
C GLN F 39 47.34 -52.70 50.06
N ALA F 40 46.28 -53.48 49.88
CA ALA F 40 45.48 -53.95 51.04
C ALA F 40 46.36 -54.94 51.80
N PRO F 41 46.19 -55.15 53.12
CA PRO F 41 47.15 -55.98 53.83
C PRO F 41 47.26 -57.37 53.19
N GLY F 42 48.49 -57.81 52.91
CA GLY F 42 48.72 -59.13 52.28
C GLY F 42 47.96 -59.28 50.98
N LYS F 43 47.85 -58.21 50.20
CA LYS F 43 47.05 -58.25 48.95
C LYS F 43 47.84 -57.60 47.80
N GLY F 44 47.48 -57.93 46.56
CA GLY F 44 48.19 -57.40 45.38
C GLY F 44 48.00 -55.90 45.20
N LEU F 45 48.99 -55.24 44.59
CA LEU F 45 48.93 -53.77 44.41
C LEU F 45 47.75 -53.39 43.51
N GLU F 46 47.05 -52.29 43.83
CA GLU F 46 45.97 -51.78 42.95
C GLU F 46 46.24 -50.31 42.64
N TRP F 47 46.32 -49.93 41.37
CA TRP F 47 46.59 -48.54 40.94
C TRP F 47 45.37 -47.64 41.24
N VAL F 48 45.59 -46.39 41.61
CA VAL F 48 44.43 -45.51 41.98
C VAL F 48 44.33 -44.33 41.02
N SER F 49 45.34 -43.45 40.98
CA SER F 49 45.24 -42.24 40.12
C SER F 49 46.59 -41.84 39.54
N ILE F 50 46.60 -41.24 38.34
CA ILE F 50 47.86 -40.74 37.72
C ILE F 50 47.65 -39.27 37.36
N ILE F 51 48.64 -38.43 37.57
CA ILE F 51 48.47 -37.02 37.10
C ILE F 51 49.55 -36.72 36.06
N TYR F 52 49.13 -36.37 34.84
CA TYR F 52 50.07 -36.02 33.75
C TYR F 52 50.66 -34.63 34.07
N PRO F 53 51.81 -34.23 33.53
CA PRO F 53 52.43 -32.97 33.91
C PRO F 53 51.56 -31.74 33.62
N GLY F 54 50.93 -31.70 32.46
CA GLY F 54 50.10 -30.55 32.09
C GLY F 54 48.94 -30.41 33.05
N GLY F 55 48.37 -31.54 33.46
CA GLY F 55 47.30 -31.50 34.47
C GLY F 55 46.28 -32.59 34.29
N SER F 56 46.53 -33.54 33.38
CA SER F 56 45.51 -34.56 33.10
C SER F 56 45.35 -35.46 34.33
N THR F 57 44.11 -35.83 34.64
CA THR F 57 43.86 -36.73 35.78
C THR F 57 43.14 -37.99 35.29
N PHE F 58 43.66 -39.16 35.63
CA PHE F 58 42.95 -40.41 35.28
C PHE F 58 42.76 -41.21 36.58
N TYR F 59 41.66 -41.92 36.72
CA TYR F 59 41.41 -42.64 37.99
C TYR F 59 41.07 -44.08 37.63
N ALA F 60 40.62 -44.86 38.60
CA ALA F 60 40.18 -46.24 38.31
C ALA F 60 38.70 -46.33 38.63
N ASP F 61 37.96 -47.16 37.92
CA ASP F 61 36.49 -47.25 38.11
C ASP F 61 36.19 -47.72 39.54
N SER F 62 37.04 -48.57 40.12
CA SER F 62 36.86 -49.04 41.51
C SER F 62 36.92 -47.85 42.49
N VAL F 63 37.82 -46.88 42.23
CA VAL F 63 38.00 -45.73 43.16
C VAL F 63 37.41 -44.47 42.51
N LYS F 64 36.58 -44.63 41.48
CA LYS F 64 36.08 -43.44 40.74
C LYS F 64 35.04 -42.69 41.59
N GLY F 65 35.16 -41.36 41.63
CA GLY F 65 34.18 -40.54 42.36
C GLY F 65 34.52 -40.42 43.82
N ARG F 66 34.67 -41.56 44.50
CA ARG F 66 35.00 -41.57 45.95
C ARG F 66 36.33 -40.84 46.14
N PHE F 67 37.27 -41.01 45.20
CA PHE F 67 38.62 -40.42 45.35
C PHE F 67 38.74 -39.09 44.58
N THR F 68 39.68 -38.23 44.96
CA THR F 68 39.91 -36.92 44.30
C THR F 68 41.40 -36.59 44.42
N ILE F 69 41.95 -35.72 43.57
CA ILE F 69 43.43 -35.50 43.62
C ILE F 69 43.81 -34.12 43.10
N SER F 70 44.95 -33.59 43.54
CA SER F 70 45.47 -32.29 43.06
C SER F 70 46.97 -32.29 43.30
N ARG F 71 47.72 -31.45 42.59
CA ARG F 71 49.17 -31.33 42.86
C ARG F 71 49.49 -29.84 43.02
N ASP F 72 50.19 -29.45 44.10
CA ASP F 72 50.43 -28.00 44.33
C ASP F 72 51.88 -27.69 43.95
N ASN F 73 52.07 -26.82 42.95
CA ASN F 73 53.43 -26.48 42.47
C ASN F 73 54.15 -25.64 43.54
N SER F 74 53.42 -24.74 44.20
CA SER F 74 54.03 -23.84 45.21
C SER F 74 54.60 -24.65 46.38
N LYS F 75 53.86 -25.65 46.86
CA LYS F 75 54.31 -26.44 48.04
C LYS F 75 55.12 -27.68 47.62
N ASN F 76 55.25 -27.93 46.31
CA ASN F 76 55.98 -29.13 45.80
C ASN F 76 55.42 -30.37 46.50
N THR F 77 54.09 -30.50 46.53
CA THR F 77 53.44 -31.64 47.22
C THR F 77 52.33 -32.23 46.33
N MET F 78 52.06 -33.53 46.43
CA MET F 78 50.92 -34.11 45.69
C MET F 78 49.86 -34.51 46.70
N TYR F 79 48.59 -34.19 46.44
CA TYR F 79 47.55 -34.44 47.47
C TYR F 79 46.50 -35.46 47.03
N LEU F 80 46.20 -36.43 47.90
CA LEU F 80 45.12 -37.41 47.59
C LEU F 80 43.99 -37.30 48.61
N GLN F 81 42.83 -36.79 48.20
CA GLN F 81 41.68 -36.62 49.14
C GLN F 81 40.65 -37.71 48.85
N MET F 82 40.15 -38.39 49.89
CA MET F 82 39.22 -39.52 49.64
C MET F 82 37.93 -39.37 50.46
N ASN F 83 36.79 -39.24 49.77
CA ASN F 83 35.49 -39.16 50.47
C ASN F 83 34.81 -40.52 50.28
N SER F 84 33.62 -40.71 50.85
CA SER F 84 32.88 -41.98 50.63
C SER F 84 33.81 -43.15 50.97
N LEU F 85 34.52 -43.09 52.09
CA LEU F 85 35.50 -44.14 52.44
C LEU F 85 34.77 -45.48 52.54
N ARG F 86 35.36 -46.55 52.00
CA ARG F 86 34.65 -47.86 51.99
C ARG F 86 35.50 -48.93 52.67
N ALA F 87 34.91 -50.10 52.91
CA ALA F 87 35.64 -51.22 53.53
C ALA F 87 36.92 -51.49 52.77
N GLU F 88 36.86 -51.43 51.44
CA GLU F 88 38.05 -51.77 50.63
C GLU F 88 39.20 -50.80 50.89
N ASP F 89 38.91 -49.52 51.09
CA ASP F 89 39.96 -48.48 51.20
C ASP F 89 41.11 -48.84 52.14
N THR F 90 40.91 -49.69 53.15
CA THR F 90 42.05 -49.92 54.09
C THR F 90 43.24 -50.48 53.32
N ALA F 91 44.41 -49.82 53.43
CA ALA F 91 45.63 -50.25 52.68
C ALA F 91 46.77 -49.29 52.99
N VAL F 92 47.97 -49.54 52.45
CA VAL F 92 49.08 -48.53 52.59
C VAL F 92 49.21 -47.85 51.23
N TYR F 93 49.16 -46.51 51.17
CA TYR F 93 49.15 -45.80 49.86
C TYR F 93 50.54 -45.26 49.52
N TYR F 94 51.15 -45.76 48.46
CA TYR F 94 52.54 -45.33 48.15
C TYR F 94 52.52 -44.39 46.95
N CYS F 95 53.01 -43.17 47.14
CA CYS F 95 53.07 -42.21 46.02
C CYS F 95 54.24 -42.66 45.16
N ALA F 96 54.12 -42.53 43.84
CA ALA F 96 55.17 -43.09 42.97
C ALA F 96 55.44 -42.17 41.79
N ARG F 97 56.63 -42.28 41.20
CA ARG F 97 56.99 -41.43 40.04
C ARG F 97 57.08 -42.35 38.82
N SER F 98 56.46 -41.96 37.70
CA SER F 98 56.44 -42.87 36.53
C SER F 98 57.12 -42.20 35.34
N TYR F 99 57.86 -42.97 34.54
CA TYR F 99 58.42 -42.41 33.28
C TYR F 99 57.27 -42.49 32.28
N GLY F 100 56.35 -41.52 32.31
CA GLY F 100 55.15 -41.63 31.45
C GLY F 100 54.36 -42.87 31.83
N ASP F 101 53.95 -43.68 30.86
CA ASP F 101 53.25 -44.96 31.18
C ASP F 101 54.23 -46.13 31.06
N PHE F 102 55.50 -45.85 30.73
CA PHE F 102 56.49 -46.95 30.51
C PHE F 102 56.72 -47.78 31.79
N TYR F 103 56.88 -47.12 32.94
CA TYR F 103 57.21 -47.86 34.20
C TYR F 103 57.13 -46.94 35.42
N VAL F 104 56.99 -47.51 36.62
CA VAL F 104 56.96 -46.73 37.88
C VAL F 104 58.31 -46.89 38.56
N ASP F 105 58.84 -45.81 39.15
CA ASP F 105 60.16 -45.84 39.81
C ASP F 105 60.06 -45.05 41.12
N PHE F 106 61.04 -45.20 42.02
CA PHE F 106 61.06 -44.41 43.28
C PHE F 106 59.74 -44.58 44.05
N TRP F 107 59.39 -45.80 44.47
CA TRP F 107 58.18 -46.00 45.31
C TRP F 107 58.45 -45.46 46.73
N GLY F 108 57.41 -45.08 47.48
CA GLY F 108 57.59 -44.49 48.82
C GLY F 108 56.96 -45.33 49.92
N GLN F 109 57.56 -45.38 51.11
CA GLN F 109 57.05 -46.25 52.21
C GLN F 109 55.53 -46.14 52.34
N GLY F 110 54.97 -44.94 52.16
CA GLY F 110 53.50 -44.77 52.18
C GLY F 110 52.92 -44.63 53.57
N THR F 111 51.60 -44.43 53.66
CA THR F 111 50.91 -44.31 54.97
C THR F 111 49.69 -45.24 55.00
N LEU F 112 49.47 -45.93 56.13
CA LEU F 112 48.35 -46.90 56.24
C LEU F 112 47.03 -46.16 56.48
N VAL F 113 46.06 -46.32 55.58
CA VAL F 113 44.71 -45.70 55.79
C VAL F 113 43.79 -46.80 56.32
N THR F 114 43.20 -46.62 57.50
CA THR F 114 42.37 -47.68 58.13
C THR F 114 40.92 -47.19 58.28
N VAL F 115 39.96 -47.95 57.75
CA VAL F 115 38.53 -47.55 57.81
C VAL F 115 37.77 -48.62 58.60
N SER F 116 37.23 -48.30 59.78
CA SER F 116 36.59 -49.32 60.63
C SER F 116 35.78 -48.68 61.77
N SER F 117 35.05 -49.48 62.54
CA SER F 117 34.30 -48.96 63.71
C SER F 117 35.17 -49.10 64.98
N GLN G 1 37.77 -54.28 36.03
CA GLN G 1 39.18 -54.10 35.60
C GLN G 1 39.80 -55.46 35.30
N SER G 2 40.30 -55.66 34.08
CA SER G 2 40.99 -56.93 33.75
C SER G 2 42.25 -57.07 34.60
N VAL G 3 42.49 -58.26 35.15
CA VAL G 3 43.69 -58.48 36.01
C VAL G 3 44.55 -59.57 35.37
N LEU G 4 45.85 -59.30 35.19
CA LEU G 4 46.77 -60.31 34.61
C LEU G 4 46.86 -61.49 35.60
N THR G 5 46.89 -62.72 35.08
CA THR G 5 46.99 -63.92 35.97
C THR G 5 48.46 -64.19 36.31
N GLN G 6 48.75 -64.42 37.58
CA GLN G 6 50.15 -64.69 38.01
C GLN G 6 50.20 -66.05 38.71
N PRO G 7 51.30 -66.83 38.60
CA PRO G 7 51.40 -68.07 39.34
C PRO G 7 51.34 -67.75 40.83
N PRO G 8 50.55 -68.50 41.64
CA PRO G 8 50.40 -68.16 43.04
C PRO G 8 51.73 -68.28 43.81
N SER G 9 52.49 -69.34 43.57
CA SER G 9 53.82 -69.45 44.21
C SER G 9 54.83 -70.18 43.33
N VAL G 10 56.09 -69.77 43.38
CA VAL G 10 57.17 -70.52 42.65
C VAL G 10 58.30 -70.76 43.66
N SER G 11 58.63 -72.03 43.90
CA SER G 11 59.67 -72.37 44.92
C SER G 11 60.79 -73.20 44.27
N ALA G 12 62.04 -72.82 44.49
CA ALA G 12 63.18 -73.57 43.94
C ALA G 12 64.35 -73.55 44.94
N ALA G 13 65.26 -74.51 44.84
CA ALA G 13 66.47 -74.52 45.71
C ALA G 13 67.51 -73.54 45.15
N PRO G 14 68.52 -73.11 45.92
CA PRO G 14 69.57 -72.23 45.41
C PRO G 14 70.35 -72.84 44.24
N GLY G 15 70.75 -72.01 43.28
CA GLY G 15 71.50 -72.49 42.09
C GLY G 15 70.58 -72.93 40.97
N GLN G 16 69.27 -72.79 41.16
CA GLN G 16 68.29 -73.18 40.11
C GLN G 16 67.66 -71.93 39.50
N LYS G 17 67.61 -71.84 38.16
CA LYS G 17 66.94 -70.69 37.50
C LYS G 17 65.45 -70.73 37.82
N VAL G 18 64.83 -69.57 38.06
CA VAL G 18 63.39 -69.50 38.44
C VAL G 18 62.66 -68.66 37.39
N THR G 19 61.52 -69.15 36.88
CA THR G 19 60.76 -68.43 35.84
C THR G 19 59.36 -68.06 36.37
N ILE G 20 58.96 -66.79 36.28
CA ILE G 20 57.60 -66.35 36.71
C ILE G 20 56.88 -65.84 35.46
N SER G 21 55.68 -66.33 35.17
CA SER G 21 54.99 -65.96 33.90
C SER G 21 53.73 -65.15 34.18
N CYS G 22 53.57 -64.02 33.50
CA CYS G 22 52.41 -63.13 33.75
C CYS G 22 51.42 -63.32 32.60
N SER G 23 50.22 -63.84 32.88
CA SER G 23 49.20 -64.06 31.83
C SER G 23 48.65 -62.70 31.36
N GLY G 24 48.32 -62.57 30.06
CA GLY G 24 47.92 -61.25 29.56
C GLY G 24 47.08 -61.26 28.30
N SER G 25 46.58 -60.08 27.88
CA SER G 25 45.73 -59.95 26.68
C SER G 25 46.26 -58.81 25.81
N SER G 26 45.83 -58.73 24.56
CA SER G 26 46.26 -57.64 23.63
C SER G 26 45.83 -56.30 24.22
N SER G 27 44.66 -56.24 24.85
CA SER G 27 44.15 -54.94 25.36
C SER G 27 45.17 -54.38 26.37
N ASN G 28 45.80 -55.24 27.15
CA ASN G 28 46.80 -54.79 28.15
C ASN G 28 48.22 -55.18 27.72
N ILE G 29 48.66 -56.40 28.02
CA ILE G 29 50.08 -56.80 27.76
C ILE G 29 50.44 -56.79 26.27
N GLY G 30 49.57 -57.28 25.40
CA GLY G 30 49.98 -57.41 23.99
C GLY G 30 50.38 -56.09 23.36
N ASN G 31 49.68 -54.99 23.67
CA ASN G 31 49.96 -53.70 23.00
C ASN G 31 50.87 -52.80 23.84
N ASN G 32 51.13 -53.13 25.11
CA ASN G 32 51.91 -52.19 25.98
C ASN G 32 53.07 -52.89 26.70
N TYR G 33 54.06 -52.12 27.16
CA TYR G 33 55.26 -52.67 27.84
C TYR G 33 54.89 -53.26 29.20
N VAL G 34 55.67 -54.24 29.65
CA VAL G 34 55.42 -54.89 30.98
C VAL G 34 56.64 -54.67 31.87
N SER G 35 56.44 -54.53 33.18
CA SER G 35 57.56 -54.35 34.14
C SER G 35 57.32 -55.25 35.36
N TRP G 36 58.38 -55.66 36.05
CA TRP G 36 58.27 -56.54 37.24
C TRP G 36 58.77 -55.78 38.47
N TYR G 37 58.07 -55.87 39.60
CA TYR G 37 58.46 -55.05 40.78
C TYR G 37 58.68 -55.98 41.98
N GLN G 38 59.78 -55.78 42.72
CA GLN G 38 60.13 -56.70 43.85
C GLN G 38 59.83 -56.02 45.18
N GLN G 39 58.95 -56.62 45.98
CA GLN G 39 58.61 -56.05 47.30
C GLN G 39 59.08 -57.01 48.38
N LEU G 40 60.03 -56.57 49.21
CA LEU G 40 60.42 -57.42 50.36
C LEU G 40 59.31 -57.23 51.40
N PRO G 41 59.09 -58.17 52.34
CA PRO G 41 58.06 -57.93 53.35
C PRO G 41 58.43 -56.64 54.08
N GLY G 42 57.44 -55.77 54.29
CA GLY G 42 57.68 -54.50 55.02
C GLY G 42 58.44 -53.44 54.23
N THR G 43 58.44 -53.50 52.90
CA THR G 43 59.10 -52.43 52.09
C THR G 43 58.24 -52.06 50.88
N ALA G 44 58.36 -50.83 50.39
CA ALA G 44 57.66 -50.44 49.15
C ALA G 44 58.34 -51.11 47.96
N PRO G 45 57.62 -51.57 46.93
CA PRO G 45 58.25 -52.32 45.84
C PRO G 45 59.33 -51.55 45.06
N LYS G 46 60.40 -52.24 44.64
CA LYS G 46 61.50 -51.61 43.87
C LYS G 46 61.50 -52.21 42.46
N LEU G 47 61.59 -51.37 41.43
CA LEU G 47 61.47 -51.89 40.04
C LEU G 47 62.54 -52.96 39.78
N LEU G 48 62.13 -54.11 39.23
CA LEU G 48 63.09 -55.23 39.01
C LEU G 48 63.50 -55.29 37.54
N ILE G 49 62.53 -55.15 36.61
CA ILE G 49 62.81 -55.17 35.14
C ILE G 49 62.48 -53.81 34.54
N TYR G 50 63.44 -53.16 33.86
CA TYR G 50 63.25 -51.77 33.34
C TYR G 50 62.17 -51.68 32.26
N ASP G 51 62.19 -52.57 31.26
CA ASP G 51 61.25 -52.49 30.11
C ASP G 51 61.47 -53.75 29.28
N ASN G 52 60.45 -54.60 29.14
CA ASN G 52 60.61 -55.92 28.47
C ASN G 52 61.96 -56.52 28.89
N ASN G 53 62.83 -56.85 27.94
CA ASN G 53 64.13 -57.49 28.25
C ASN G 53 65.03 -56.58 29.12
N LYS G 54 65.00 -55.26 28.90
CA LYS G 54 65.93 -54.31 29.59
C LYS G 54 66.02 -54.48 31.12
N ARG G 55 67.12 -54.02 31.71
CA ARG G 55 67.39 -54.11 33.17
C ARG G 55 67.73 -52.70 33.69
N PRO G 56 67.13 -52.24 34.81
CA PRO G 56 67.39 -50.91 35.33
C PRO G 56 68.76 -50.81 36.00
N SER G 57 69.31 -49.60 36.09
CA SER G 57 70.60 -49.40 36.80
C SER G 57 70.34 -49.53 38.31
N GLY G 58 71.24 -50.19 39.05
CA GLY G 58 70.99 -50.41 40.48
C GLY G 58 70.37 -51.77 40.75
N ILE G 59 70.34 -52.64 39.73
CA ILE G 59 69.66 -53.95 39.89
C ILE G 59 70.70 -55.06 39.84
N PRO G 60 70.74 -56.03 40.81
CA PRO G 60 71.65 -57.18 40.71
C PRO G 60 71.46 -57.99 39.43
N ASP G 61 72.53 -58.65 38.99
CA ASP G 61 72.46 -59.46 37.74
C ASP G 61 71.83 -60.82 38.04
N ARG G 62 71.83 -61.74 37.07
CA ARG G 62 71.18 -63.08 37.22
C ARG G 62 69.68 -62.88 37.08
N PHE G 63 69.25 -61.63 36.82
CA PHE G 63 67.81 -61.32 36.66
C PHE G 63 67.60 -60.89 35.22
N SER G 64 66.69 -61.55 34.51
CA SER G 64 66.40 -61.20 33.09
C SER G 64 64.93 -61.51 32.82
N GLY G 65 64.35 -60.88 31.81
CA GLY G 65 62.91 -61.09 31.55
C GLY G 65 62.55 -61.17 30.08
N SER G 66 61.48 -61.89 29.74
CA SER G 66 61.10 -62.05 28.32
C SER G 66 59.62 -61.76 28.12
N LYS G 67 59.27 -60.91 27.14
CA LYS G 67 57.84 -60.67 26.85
C LYS G 67 57.44 -61.61 25.70
N SER G 68 56.76 -62.72 26.02
CA SER G 68 56.29 -63.66 24.97
C SER G 68 54.89 -63.28 24.49
N GLY G 69 54.77 -62.19 23.74
CA GLY G 69 53.44 -61.73 23.30
C GLY G 69 52.55 -61.43 24.49
N THR G 70 51.38 -62.06 24.56
CA THR G 70 50.41 -61.77 25.64
C THR G 70 51.00 -62.08 27.02
N SER G 71 51.84 -63.11 27.15
CA SER G 71 52.35 -63.47 28.50
C SER G 71 53.84 -63.14 28.63
N ALA G 72 54.26 -62.60 29.78
CA ALA G 72 55.68 -62.20 29.98
C ALA G 72 56.30 -63.02 31.09
N THR G 73 57.52 -63.56 30.89
CA THR G 73 58.15 -64.43 31.90
C THR G 73 59.41 -63.77 32.48
N LEU G 74 59.74 -64.07 33.74
CA LEU G 74 60.92 -63.47 34.40
C LEU G 74 61.89 -64.58 34.80
N GLY G 75 63.14 -64.55 34.34
CA GLY G 75 64.13 -65.63 34.61
C GLY G 75 65.24 -65.21 35.57
N ILE G 76 65.48 -66.02 36.61
CA ILE G 76 66.45 -65.66 37.68
C ILE G 76 67.39 -66.85 37.89
N THR G 77 68.57 -66.83 37.26
CA THR G 77 69.56 -67.92 37.49
C THR G 77 69.97 -67.91 38.97
N GLY G 78 69.71 -69.00 39.70
CA GLY G 78 70.11 -69.08 41.11
C GLY G 78 69.07 -68.48 42.05
N LEU G 79 68.82 -69.13 43.19
CA LEU G 79 67.85 -68.58 44.18
C LEU G 79 68.60 -68.28 45.49
N GLN G 80 69.17 -67.08 45.62
CA GLN G 80 69.91 -66.69 46.85
C GLN G 80 68.89 -66.30 47.93
N THR G 81 69.30 -66.30 49.21
CA THR G 81 68.33 -66.02 50.30
C THR G 81 67.58 -64.71 50.02
N GLY G 82 68.28 -63.69 49.54
CA GLY G 82 67.66 -62.38 49.26
C GLY G 82 66.61 -62.49 48.17
N ASP G 83 66.83 -63.36 47.19
CA ASP G 83 65.90 -63.45 46.03
C ASP G 83 64.49 -63.79 46.50
N GLU G 84 64.35 -64.57 47.57
CA GLU G 84 63.01 -64.85 48.11
C GLU G 84 62.31 -63.52 48.38
N ALA G 85 61.09 -63.34 47.85
CA ALA G 85 60.36 -62.05 47.97
C ALA G 85 59.05 -62.17 47.21
N ASP G 86 58.31 -61.07 47.05
CA ASP G 86 57.06 -61.09 46.27
C ASP G 86 57.28 -60.29 44.99
N TYR G 87 56.88 -60.83 43.84
CA TYR G 87 57.15 -60.14 42.54
C TYR G 87 55.82 -59.82 41.86
N TYR G 88 55.71 -58.64 41.24
CA TYR G 88 54.43 -58.23 40.61
C TYR G 88 54.70 -57.75 39.18
N CYS G 89 53.72 -57.90 38.26
CA CYS G 89 53.89 -57.49 36.84
C CYS G 89 52.86 -56.41 36.49
N GLY G 90 53.27 -55.35 35.79
CA GLY G 90 52.34 -54.24 35.52
C GLY G 90 52.43 -53.65 34.14
N THR G 91 51.30 -53.24 33.57
CA THR G 91 51.25 -52.63 32.21
C THR G 91 50.01 -51.72 32.13
N TRP G 92 49.97 -50.79 31.18
CA TRP G 92 48.78 -49.92 31.01
C TRP G 92 47.70 -50.65 30.20
N ASP G 93 46.46 -50.65 30.68
CA ASP G 93 45.35 -51.23 29.87
C ASP G 93 44.80 -50.08 29.04
N SER G 94 44.99 -50.13 27.73
CA SER G 94 44.58 -48.99 26.88
C SER G 94 43.08 -48.72 27.01
N SER G 95 42.24 -49.74 26.92
CA SER G 95 40.77 -49.52 26.89
C SER G 95 40.24 -48.90 28.19
N LEU G 96 40.66 -49.40 29.35
CA LEU G 96 40.14 -48.87 30.64
C LEU G 96 41.09 -47.80 31.18
N SER G 97 42.21 -47.56 30.51
CA SER G 97 43.19 -46.52 30.93
C SER G 97 43.59 -46.73 32.39
N ALA G 98 43.90 -47.96 32.80
CA ALA G 98 44.37 -48.21 34.19
C ALA G 98 45.62 -49.08 34.19
N TRP G 99 46.60 -48.81 35.08
CA TRP G 99 47.76 -49.73 35.19
C TRP G 99 47.14 -51.04 35.66
N VAL G 100 47.54 -52.18 35.09
CA VAL G 100 46.99 -53.44 35.63
C VAL G 100 48.13 -54.21 36.31
N PHE G 101 47.96 -54.57 37.58
CA PHE G 101 49.01 -55.30 38.31
C PHE G 101 48.48 -56.66 38.74
N GLY G 102 49.25 -57.72 38.50
CA GLY G 102 48.86 -59.07 38.96
C GLY G 102 48.96 -59.22 40.47
N GLY G 103 48.30 -60.22 41.03
CA GLY G 103 48.29 -60.42 42.50
C GLY G 103 49.68 -60.64 43.07
N GLY G 104 50.53 -61.37 42.33
CA GLY G 104 51.93 -61.55 42.77
C GLY G 104 52.31 -63.01 42.95
N THR G 105 53.61 -63.29 42.96
CA THR G 105 54.10 -64.69 43.15
C THR G 105 55.03 -64.72 44.36
N LYS G 106 54.78 -65.61 45.32
CA LYS G 106 55.61 -65.60 46.55
C LYS G 106 56.80 -66.52 46.33
N LEU G 107 57.94 -65.95 45.92
CA LEU G 107 59.16 -66.76 45.64
C LEU G 107 59.72 -67.28 46.97
N THR G 108 60.03 -68.57 47.03
CA THR G 108 60.60 -69.18 48.26
C THR G 108 61.94 -69.83 47.95
N VAL G 109 63.05 -69.21 48.36
CA VAL G 109 64.38 -69.84 48.16
C VAL G 109 64.49 -71.00 49.14
N LEU G 110 64.56 -72.24 48.64
CA LEU G 110 64.57 -73.43 49.52
C LEU G 110 66.03 -73.83 49.82
N GLU H 1 10.75 -49.71 71.77
CA GLU H 1 10.80 -48.66 72.81
C GLU H 1 11.22 -47.33 72.19
N VAL H 2 10.33 -46.33 72.21
CA VAL H 2 10.66 -44.98 71.67
C VAL H 2 11.74 -44.36 72.57
N GLN H 3 12.76 -43.74 71.97
CA GLN H 3 13.82 -43.06 72.75
C GLN H 3 14.14 -41.72 72.08
N LEU H 4 14.55 -40.71 72.85
CA LEU H 4 14.98 -39.43 72.23
C LEU H 4 16.39 -39.07 72.73
N VAL H 5 17.31 -38.80 71.81
CA VAL H 5 18.70 -38.41 72.17
C VAL H 5 19.04 -37.08 71.50
N GLU H 6 19.55 -36.10 72.26
CA GLU H 6 19.84 -34.76 71.70
C GLU H 6 21.20 -34.22 72.17
N SER H 7 21.89 -33.48 71.31
CA SER H 7 23.18 -32.83 71.68
C SER H 7 23.42 -31.65 70.72
N GLY H 8 24.27 -30.71 71.09
CA GLY H 8 24.52 -29.54 70.23
C GLY H 8 24.41 -28.21 70.96
N GLY H 9 23.94 -28.22 72.21
CA GLY H 9 23.88 -26.99 73.00
C GLY H 9 25.22 -26.64 73.64
N GLY H 10 25.69 -25.41 73.46
CA GLY H 10 27.02 -25.02 73.99
C GLY H 10 27.15 -23.53 74.21
N LEU H 11 28.23 -23.10 74.87
CA LEU H 11 28.48 -21.65 75.10
C LEU H 11 28.69 -20.94 73.75
N VAL H 12 27.96 -19.85 73.51
CA VAL H 12 28.04 -19.16 72.19
C VAL H 12 27.84 -17.65 72.39
N GLN H 13 28.29 -16.82 71.45
CA GLN H 13 28.18 -15.34 71.57
C GLN H 13 26.98 -14.85 70.73
N PRO H 14 26.33 -13.66 70.99
CA PRO H 14 25.16 -13.27 70.20
C PRO H 14 25.37 -13.13 68.69
N GLY H 15 24.37 -13.53 67.90
CA GLY H 15 24.46 -13.47 66.42
C GLY H 15 25.11 -14.72 65.85
N GLY H 16 25.45 -15.67 66.73
CA GLY H 16 26.16 -16.89 66.31
C GLY H 16 25.26 -17.93 65.68
N SER H 17 25.86 -18.88 64.98
CA SER H 17 25.10 -19.99 64.35
C SER H 17 25.41 -21.30 65.08
N LEU H 18 24.37 -22.00 65.53
CA LEU H 18 24.56 -23.25 66.30
C LEU H 18 23.50 -24.24 65.82
N ARG H 19 23.75 -25.54 65.97
CA ARG H 19 22.81 -26.57 65.43
C ARG H 19 22.52 -27.63 66.50
N LEU H 20 21.33 -28.24 66.45
CA LEU H 20 20.95 -29.32 67.39
C LEU H 20 20.55 -30.53 66.55
N SER H 21 20.55 -31.71 67.14
CA SER H 21 20.09 -32.93 66.42
C SER H 21 19.30 -33.79 67.42
N CYS H 22 18.30 -34.52 66.96
CA CYS H 22 17.45 -35.36 67.84
C CYS H 22 17.36 -36.74 67.18
N GLU H 23 17.55 -37.82 67.96
CA GLU H 23 17.57 -39.19 67.37
C GLU H 23 16.44 -40.00 68.01
N ALA H 24 15.72 -40.79 67.21
CA ALA H 24 14.53 -41.48 67.76
C ALA H 24 14.46 -42.94 67.31
N SER H 25 13.84 -43.79 68.13
CA SER H 25 13.71 -45.23 67.81
C SER H 25 12.25 -45.63 67.83
N GLU H 26 11.83 -46.51 66.92
CA GLU H 26 10.41 -46.99 66.83
C GLU H 26 9.49 -45.94 66.21
N ILE H 27 9.97 -44.70 66.03
CA ILE H 27 9.15 -43.67 65.33
C ILE H 27 9.91 -43.11 64.13
N ILE H 28 9.26 -43.01 62.97
CA ILE H 28 9.93 -42.40 61.78
C ILE H 28 9.81 -40.88 61.93
N VAL H 29 10.93 -40.15 61.80
CA VAL H 29 10.89 -38.67 62.04
C VAL H 29 9.96 -37.99 61.02
N ASN H 30 10.02 -38.39 59.75
CA ASN H 30 9.21 -37.69 58.69
C ASN H 30 7.73 -37.94 58.94
N ARG H 31 7.33 -39.20 59.13
CA ARG H 31 5.90 -39.55 59.33
C ARG H 31 5.34 -38.87 60.58
N ASN H 32 6.11 -38.87 61.67
CA ASN H 32 5.57 -38.34 62.96
C ASN H 32 5.65 -36.81 62.99
N TYR H 33 4.58 -36.14 63.43
CA TYR H 33 4.62 -34.67 63.61
C TYR H 33 5.66 -34.42 64.70
N MET H 34 6.59 -33.48 64.48
CA MET H 34 7.69 -33.26 65.46
C MET H 34 7.69 -31.80 65.93
N ASN H 35 8.15 -31.55 67.16
CA ASN H 35 8.12 -30.18 67.73
C ASN H 35 9.43 -29.88 68.48
N TRP H 36 9.77 -28.60 68.65
CA TRP H 36 10.96 -28.20 69.46
C TRP H 36 10.46 -27.24 70.53
N VAL H 37 10.69 -27.55 71.82
CA VAL H 37 10.11 -26.68 72.89
C VAL H 37 11.25 -26.29 73.84
N ARG H 38 11.24 -25.08 74.43
CA ARG H 38 12.40 -24.66 75.26
C ARG H 38 11.98 -24.21 76.66
N GLN H 39 12.82 -24.47 77.67
CA GLN H 39 12.54 -23.98 79.04
C GLN H 39 13.72 -23.14 79.55
N ALA H 40 13.50 -21.85 79.79
CA ALA H 40 14.56 -21.00 80.37
C ALA H 40 14.73 -21.46 81.81
N PRO H 41 15.90 -21.31 82.46
CA PRO H 41 16.07 -21.90 83.79
C PRO H 41 14.96 -21.42 84.74
N GLY H 42 14.30 -22.36 85.43
CA GLY H 42 13.23 -22.01 86.37
C GLY H 42 12.14 -21.18 85.73
N LYS H 43 11.82 -21.46 84.46
CA LYS H 43 10.83 -20.63 83.73
C LYS H 43 9.84 -21.54 82.98
N GLY H 44 8.67 -21.00 82.63
CA GLY H 44 7.63 -21.79 81.96
C GLY H 44 8.03 -22.20 80.56
N LEU H 45 7.48 -23.32 80.08
CA LEU H 45 7.85 -23.83 78.74
C LEU H 45 7.40 -22.86 77.65
N GLU H 46 8.21 -22.67 76.60
CA GLU H 46 7.82 -21.82 75.45
C GLU H 46 7.99 -22.64 74.16
N TRP H 47 6.93 -22.76 73.36
CA TRP H 47 6.99 -23.54 72.09
C TRP H 47 7.81 -22.79 71.04
N VAL H 48 8.55 -23.51 70.19
CA VAL H 48 9.43 -22.81 69.21
C VAL H 48 8.99 -23.13 67.78
N SER H 49 9.04 -24.40 67.35
CA SER H 49 8.70 -24.73 65.94
C SER H 49 8.02 -26.10 65.83
N ILE H 50 7.11 -26.25 64.86
CA ILE H 50 6.48 -27.59 64.62
C ILE H 50 6.67 -27.91 63.14
N ILE H 51 7.03 -29.17 62.83
CA ILE H 51 7.14 -29.55 61.40
C ILE H 51 6.03 -30.56 61.07
N TYR H 52 5.23 -30.26 60.05
CA TYR H 52 4.11 -31.15 59.66
C TYR H 52 4.70 -32.31 58.83
N PRO H 53 4.08 -33.51 58.70
CA PRO H 53 4.75 -34.59 58.00
C PRO H 53 5.10 -34.26 56.54
N GLY H 54 4.18 -33.64 55.83
CA GLY H 54 4.41 -33.30 54.41
C GLY H 54 5.59 -32.35 54.30
N GLY H 55 5.68 -31.40 55.23
CA GLY H 55 6.85 -30.50 55.23
C GLY H 55 6.50 -29.12 55.74
N SER H 56 5.29 -28.93 56.26
CA SER H 56 4.90 -27.56 56.69
C SER H 56 5.73 -27.14 57.89
N THR H 57 6.15 -25.88 57.91
CA THR H 57 6.94 -25.37 59.06
C THR H 57 6.21 -24.18 59.67
N PHE H 58 6.00 -24.21 60.99
CA PHE H 58 5.39 -23.05 61.68
C PHE H 58 6.34 -22.66 62.81
N TYR H 59 6.46 -21.37 63.10
CA TYR H 59 7.41 -20.92 64.13
C TYR H 59 6.65 -20.03 65.10
N ALA H 60 7.37 -19.37 66.00
CA ALA H 60 6.71 -18.41 66.91
C ALA H 60 7.28 -17.03 66.62
N ASP H 61 6.49 -15.98 66.79
CA ASP H 61 6.95 -14.61 66.45
C ASP H 61 8.16 -14.23 67.31
N SER H 62 8.20 -14.72 68.56
CA SER H 62 9.36 -14.45 69.45
C SER H 62 10.64 -15.04 68.86
N VAL H 63 10.56 -16.22 68.24
CA VAL H 63 11.77 -16.89 67.68
C VAL H 63 11.73 -16.80 66.16
N LYS H 64 10.91 -15.92 65.60
CA LYS H 64 10.76 -15.88 64.12
C LYS H 64 12.01 -15.28 63.47
N GLY H 65 12.48 -15.91 62.39
CA GLY H 65 13.64 -15.38 61.64
C GLY H 65 14.95 -15.82 62.25
N ARG H 66 15.14 -15.56 63.55
CA ARG H 66 16.39 -15.94 64.24
C ARG H 66 16.54 -17.45 64.15
N PHE H 67 15.44 -18.19 64.24
CA PHE H 67 15.50 -19.68 64.25
C PHE H 67 15.23 -20.26 62.86
N THR H 68 15.68 -21.49 62.60
CA THR H 68 15.48 -22.18 61.30
C THR H 68 15.39 -23.68 61.56
N ILE H 69 14.80 -24.47 60.67
CA ILE H 69 14.62 -25.92 60.99
C ILE H 69 14.54 -26.77 59.73
N SER H 70 14.89 -28.06 59.85
CA SER H 70 14.80 -29.02 58.72
C SER H 70 14.70 -30.42 59.34
N ARG H 71 14.20 -31.39 58.58
CA ARG H 71 14.18 -32.79 59.08
C ARG H 71 14.78 -33.66 57.98
N ASP H 72 15.75 -34.52 58.32
CA ASP H 72 16.42 -35.33 57.27
C ASP H 72 15.88 -36.76 57.32
N ASN H 73 15.22 -37.22 56.26
CA ASN H 73 14.62 -38.58 56.24
C ASN H 73 15.74 -39.62 56.20
N SER H 74 16.81 -39.35 55.45
CA SER H 74 17.93 -40.33 55.30
C SER H 74 18.59 -40.60 56.65
N LYS H 75 18.84 -39.56 57.45
CA LYS H 75 19.55 -39.73 58.73
C LYS H 75 18.56 -39.95 59.89
N ASN H 76 17.25 -39.90 59.64
CA ASN H 76 16.22 -40.07 60.69
C ASN H 76 16.55 -39.12 61.84
N THR H 77 16.80 -37.84 61.51
CA THR H 77 17.16 -36.84 62.54
C THR H 77 16.38 -35.54 62.31
N MET H 78 16.08 -34.78 63.36
CA MET H 78 15.43 -33.46 63.17
C MET H 78 16.44 -32.39 63.56
N TYR H 79 16.58 -31.34 62.76
CA TYR H 79 17.65 -30.35 63.03
C TYR H 79 17.12 -28.96 63.36
N LEU H 80 17.63 -28.35 64.44
CA LEU H 80 17.23 -26.96 64.79
C LEU H 80 18.44 -26.03 64.72
N GLN H 81 18.49 -25.13 63.72
CA GLN H 81 19.64 -24.20 63.57
C GLN H 81 19.22 -22.81 64.03
N MET H 82 20.03 -22.14 64.85
CA MET H 82 19.60 -20.83 65.41
C MET H 82 20.67 -19.77 65.18
N ASN H 83 20.33 -18.73 64.40
CA ASN H 83 21.27 -17.60 64.17
C ASN H 83 20.76 -16.44 65.02
N SER H 84 21.46 -15.30 65.01
CA SER H 84 20.98 -14.11 65.77
C SER H 84 20.68 -14.52 67.20
N LEU H 85 21.58 -15.27 67.84
CA LEU H 85 21.32 -15.78 69.21
C LEU H 85 21.11 -14.58 70.14
N ARG H 86 20.12 -14.67 71.03
CA ARG H 86 19.80 -13.51 71.90
C ARG H 86 19.88 -13.91 73.38
N ALA H 87 19.81 -12.93 74.27
CA ALA H 87 19.85 -13.18 75.73
C ALA H 87 18.78 -14.22 76.08
N GLU H 88 17.60 -14.10 75.47
CA GLU H 88 16.49 -15.02 75.84
C GLU H 88 16.82 -16.47 75.51
N ASP H 89 17.51 -16.71 74.39
CA ASP H 89 17.76 -18.09 73.92
C ASP H 89 18.25 -19.06 74.99
N THR H 90 18.92 -18.61 76.04
CA THR H 90 19.46 -19.61 77.00
C THR H 90 18.33 -20.44 77.57
N ALA H 91 18.40 -21.78 77.46
CA ALA H 91 17.32 -22.68 77.93
C ALA H 91 17.70 -24.13 77.63
N VAL H 92 16.87 -25.10 78.02
CA VAL H 92 17.11 -26.51 77.60
C VAL H 92 16.08 -26.83 76.51
N TYR H 93 16.51 -27.29 75.34
CA TYR H 93 15.56 -27.50 74.20
C TYR H 93 15.15 -28.97 74.08
N TYR H 94 13.86 -29.27 74.28
CA TYR H 94 13.45 -30.69 74.27
C TYR H 94 12.69 -30.97 72.98
N CYS H 95 13.18 -31.91 72.18
CA CYS H 95 12.48 -32.28 70.93
C CYS H 95 11.28 -33.12 71.36
N ALA H 96 10.16 -32.98 70.68
CA ALA H 96 8.94 -33.67 71.18
C ALA H 96 8.13 -34.22 70.00
N ARG H 97 7.30 -35.23 70.26
CA ARG H 97 6.46 -35.82 69.19
C ARG H 97 5.01 -35.47 69.52
N SER H 98 4.25 -34.99 68.53
CA SER H 98 2.87 -34.55 68.82
C SER H 98 1.87 -35.36 68.01
N TYR H 99 0.72 -35.70 68.60
CA TYR H 99 -0.36 -36.35 67.81
C TYR H 99 -1.07 -35.19 67.10
N GLY H 100 -0.52 -34.73 65.98
CA GLY H 100 -1.09 -33.53 65.32
C GLY H 100 -1.01 -32.34 66.26
N ASP H 101 -2.10 -31.59 66.42
CA ASP H 101 -2.11 -30.47 67.40
C ASP H 101 -2.82 -30.91 68.69
N PHE H 102 -3.29 -32.16 68.76
CA PHE H 102 -4.07 -32.62 69.94
C PHE H 102 -3.24 -32.59 71.22
N TYR H 103 -1.99 -33.07 71.18
CA TYR H 103 -1.16 -33.15 72.41
C TYR H 103 0.29 -33.51 72.08
N VAL H 104 1.22 -33.23 73.01
CA VAL H 104 2.65 -33.58 72.84
C VAL H 104 2.94 -34.80 73.70
N ASP H 105 3.75 -35.75 73.19
CA ASP H 105 4.07 -37.00 73.94
C ASP H 105 5.56 -37.29 73.74
N PHE H 106 6.12 -38.18 74.57
CA PHE H 106 7.54 -38.58 74.42
C PHE H 106 8.47 -37.34 74.42
N TRP H 107 8.49 -36.57 75.50
CA TRP H 107 9.45 -35.44 75.61
C TRP H 107 10.87 -35.99 75.79
N GLY H 108 11.91 -35.21 75.42
CA GLY H 108 13.30 -35.69 75.53
C GLY H 108 14.15 -34.85 76.47
N GLN H 109 15.07 -35.45 77.22
CA GLN H 109 15.87 -34.71 78.23
C GLN H 109 16.37 -33.38 77.66
N GLY H 110 16.73 -33.36 76.37
CA GLY H 110 17.13 -32.10 75.71
C GLY H 110 18.59 -31.74 75.93
N THR H 111 19.04 -30.66 75.31
CA THR H 111 20.44 -30.19 75.50
C THR H 111 20.42 -28.71 75.92
N LEU H 112 21.17 -28.36 76.96
CA LEU H 112 21.17 -26.96 77.47
C LEU H 112 21.91 -26.06 76.47
N VAL H 113 21.31 -24.93 76.10
CA VAL H 113 21.98 -23.95 75.19
C VAL H 113 22.28 -22.72 76.03
N THR H 114 23.49 -22.17 75.95
CA THR H 114 23.88 -21.03 76.82
C THR H 114 24.48 -19.90 75.98
N VAL H 115 23.94 -18.69 76.09
CA VAL H 115 24.43 -17.53 75.29
C VAL H 115 24.93 -16.47 76.27
N SER H 116 26.24 -16.17 76.27
CA SER H 116 26.79 -15.23 77.28
C SER H 116 28.21 -14.81 76.90
N SER H 117 28.80 -13.86 77.65
CA SER H 117 30.21 -13.46 77.43
C SER H 117 31.14 -14.26 78.34
N GLN I 1 2.33 -12.90 72.04
CA GLN I 1 1.71 -14.25 72.17
C GLN I 1 0.83 -14.26 73.43
N SER I 2 -0.46 -14.57 73.28
CA SER I 2 -1.35 -14.68 74.46
C SER I 2 -0.88 -15.83 75.35
N VAL I 3 -0.84 -15.62 76.66
CA VAL I 3 -0.38 -16.68 77.60
C VAL I 3 -1.53 -17.00 78.56
N LEU I 4 -1.87 -18.29 78.70
CA LEU I 4 -2.94 -18.70 79.65
C LEU I 4 -2.46 -18.39 81.07
N THR I 5 -3.37 -17.90 81.93
CA THR I 5 -3.00 -17.58 83.32
C THR I 5 -3.09 -18.84 84.19
N GLN I 6 -2.06 -19.09 85.01
CA GLN I 6 -2.05 -20.30 85.87
C GLN I 6 -1.90 -19.85 87.32
N PRO I 7 -2.49 -20.54 88.32
CA PRO I 7 -2.29 -20.19 89.71
C PRO I 7 -0.79 -20.35 90.02
N PRO I 8 -0.15 -19.38 90.70
CA PRO I 8 1.29 -19.46 90.94
C PRO I 8 1.67 -20.67 91.79
N SER I 9 0.92 -20.95 92.86
CA SER I 9 1.20 -22.16 93.66
C SER I 9 -0.07 -22.74 94.27
N VAL I 10 -0.14 -24.08 94.37
CA VAL I 10 -1.29 -24.72 95.07
C VAL I 10 -0.69 -25.72 96.07
N SER I 11 -0.99 -25.55 97.36
CA SER I 11 -0.40 -26.42 98.40
C SER I 11 -1.51 -27.08 99.22
N ALA I 12 -1.42 -28.40 99.41
CA ALA I 12 -2.43 -29.12 100.23
C ALA I 12 -1.75 -30.25 101.00
N ALA I 13 -2.37 -30.71 102.09
CA ALA I 13 -1.84 -31.87 102.85
C ALA I 13 -2.22 -33.18 102.15
N PRO I 14 -1.57 -34.32 102.44
CA PRO I 14 -1.95 -35.60 101.84
C PRO I 14 -3.39 -36.00 102.14
N GLY I 15 -4.07 -36.64 101.19
CA GLY I 15 -5.47 -37.07 101.37
C GLY I 15 -6.47 -35.98 101.00
N GLN I 16 -5.98 -34.84 100.51
CA GLN I 16 -6.86 -33.73 100.08
C GLN I 16 -6.86 -33.60 98.55
N LYS I 17 -8.03 -33.52 97.94
CA LYS I 17 -8.10 -33.32 96.46
C LYS I 17 -7.51 -31.95 96.12
N VAL I 18 -6.76 -31.86 95.01
CA VAL I 18 -6.09 -30.58 94.62
C VAL I 18 -6.61 -30.17 93.24
N THR I 19 -6.99 -28.91 93.08
CA THR I 19 -7.54 -28.42 91.78
C THR I 19 -6.65 -27.32 91.21
N ILE I 20 -6.20 -27.45 89.96
CA ILE I 20 -5.38 -26.39 89.29
C ILE I 20 -6.18 -25.86 88.11
N SER I 21 -6.37 -24.55 88.01
CA SER I 21 -7.26 -23.99 86.95
C SER I 21 -6.46 -23.17 85.94
N CYS I 22 -6.65 -23.42 84.66
CA CYS I 22 -5.88 -22.73 83.61
C CYS I 22 -6.79 -21.68 82.97
N SER I 23 -6.46 -20.38 83.13
CA SER I 23 -7.29 -19.30 82.53
C SER I 23 -7.14 -19.30 81.01
N GLY I 24 -8.20 -18.96 80.26
CA GLY I 24 -8.12 -19.09 78.80
C GLY I 24 -9.10 -18.24 78.02
N SER I 25 -8.96 -18.22 76.69
CA SER I 25 -9.85 -17.42 75.80
C SER I 25 -10.35 -18.31 74.66
N SER I 26 -11.39 -17.86 73.94
CA SER I 26 -11.93 -18.63 72.80
C SER I 26 -10.85 -18.80 71.74
N SER I 27 -10.01 -17.79 71.55
CA SER I 27 -8.98 -17.87 70.48
C SER I 27 -8.08 -19.07 70.74
N ASN I 28 -7.80 -19.36 72.01
CA ASN I 28 -6.93 -20.52 72.36
C ASN I 28 -7.75 -21.64 73.00
N ILE I 29 -8.00 -21.58 74.30
CA ILE I 29 -8.67 -22.71 75.02
C ILE I 29 -10.10 -22.96 74.55
N GLY I 30 -10.89 -21.92 74.30
CA GLY I 30 -12.31 -22.16 74.00
C GLY I 30 -12.51 -23.01 72.76
N ASN I 31 -11.70 -22.81 71.72
CA ASN I 31 -11.91 -23.54 70.43
C ASN I 31 -11.03 -24.78 70.31
N ASN I 32 -10.03 -24.97 71.20
CA ASN I 32 -9.08 -26.10 71.00
C ASN I 32 -8.90 -26.93 72.28
N TYR I 33 -8.42 -28.16 72.14
CA TYR I 33 -8.24 -29.09 73.29
C TYR I 33 -7.13 -28.60 74.22
N VAL I 34 -7.21 -28.96 75.50
CA VAL I 34 -6.18 -28.55 76.50
C VAL I 34 -5.54 -29.82 77.08
N SER I 35 -4.25 -29.76 77.43
CA SER I 35 -3.54 -30.91 78.03
C SER I 35 -2.69 -30.41 79.21
N TRP I 36 -2.42 -31.27 80.18
CA TRP I 36 -1.62 -30.89 81.38
C TRP I 36 -0.34 -31.72 81.39
N TYR I 37 0.82 -31.12 81.67
CA TYR I 37 2.11 -31.86 81.59
C TYR I 37 2.83 -31.78 82.93
N GLN I 38 3.35 -32.91 83.44
CA GLN I 38 3.98 -32.94 84.78
C GLN I 38 5.50 -33.01 84.64
N GLN I 39 6.21 -32.01 85.17
CA GLN I 39 7.69 -32.01 85.10
C GLN I 39 8.24 -32.13 86.51
N LEU I 40 8.95 -33.21 86.80
CA LEU I 40 9.62 -33.31 88.11
C LEU I 40 10.87 -32.43 88.00
N PRO I 41 11.45 -31.90 89.09
CA PRO I 41 12.67 -31.12 88.96
C PRO I 41 13.71 -32.01 88.27
N GLY I 42 14.42 -31.46 87.27
CA GLY I 42 15.47 -32.22 86.56
C GLY I 42 14.96 -33.28 85.61
N THR I 43 13.72 -33.18 85.12
CA THR I 43 13.22 -34.16 84.11
C THR I 43 12.42 -33.45 83.02
N ALA I 44 12.38 -34.01 81.81
CA ALA I 44 11.52 -33.44 80.74
C ALA I 44 10.06 -33.74 81.08
N PRO I 45 9.10 -32.83 80.80
CA PRO I 45 7.72 -33.06 81.22
C PRO I 45 7.05 -34.30 80.62
N LYS I 46 6.21 -34.98 81.40
CA LYS I 46 5.49 -36.20 80.93
C LYS I 46 4.00 -35.87 80.87
N LEU I 47 3.31 -36.23 79.78
CA LEU I 47 1.90 -35.83 79.62
C LEU I 47 1.07 -36.37 80.79
N LEU I 48 0.24 -35.52 81.41
CA LEU I 48 -0.54 -35.94 82.60
C LEU I 48 -2.00 -36.21 82.20
N ILE I 49 -2.59 -35.32 81.38
CA ILE I 49 -4.00 -35.47 80.91
C ILE I 49 -4.01 -35.67 79.38
N TYR I 50 -4.60 -36.77 78.89
CA TYR I 50 -4.56 -37.11 77.44
C TYR I 50 -5.30 -36.09 76.56
N ASP I 51 -6.52 -35.70 76.92
CA ASP I 51 -7.35 -34.79 76.08
C ASP I 51 -8.60 -34.45 76.89
N ASN I 52 -8.80 -33.17 77.22
CA ASN I 52 -9.90 -32.77 78.12
C ASN I 52 -10.00 -33.79 79.26
N ASN I 53 -11.17 -34.41 79.45
CA ASN I 53 -11.39 -35.37 80.58
C ASN I 53 -10.47 -36.59 80.44
N LYS I 54 -10.20 -37.08 79.22
CA LYS I 54 -9.43 -38.34 79.00
C LYS I 54 -8.10 -38.45 79.79
N ARG I 55 -7.64 -39.68 80.01
CA ARG I 55 -6.39 -39.98 80.76
C ARG I 55 -5.50 -40.87 79.89
N PRO I 56 -4.19 -40.57 79.74
CA PRO I 56 -3.30 -41.36 78.90
C PRO I 56 -2.93 -42.71 79.55
N SER I 57 -2.55 -43.70 78.73
CA SER I 57 -2.09 -44.99 79.30
C SER I 57 -0.71 -44.78 79.92
N GLY I 58 -0.45 -45.41 81.08
CA GLY I 58 0.84 -45.17 81.76
C GLY I 58 0.73 -44.08 82.81
N ILE I 59 -0.49 -43.66 83.13
CA ILE I 59 -0.66 -42.52 84.09
C ILE I 59 -1.31 -43.05 85.36
N PRO I 60 -0.77 -42.75 86.59
CA PRO I 60 -1.44 -43.13 87.83
C PRO I 60 -2.86 -42.55 87.95
N ASP I 61 -3.73 -43.26 88.69
CA ASP I 61 -5.13 -42.81 88.86
C ASP I 61 -5.19 -41.71 89.93
N ARG I 62 -6.40 -41.29 90.32
CA ARG I 62 -6.59 -40.18 91.30
C ARG I 62 -6.34 -38.88 90.56
N PHE I 63 -6.05 -38.95 89.26
CA PHE I 63 -5.79 -37.74 88.44
C PHE I 63 -6.92 -37.63 87.42
N SER I 64 -7.61 -36.49 87.39
CA SER I 64 -8.73 -36.29 86.44
C SER I 64 -8.77 -34.80 86.09
N GLY I 65 -9.36 -34.45 84.95
CA GLY I 65 -9.36 -33.02 84.53
C GLY I 65 -10.66 -32.59 83.90
N SER I 66 -11.00 -31.30 84.02
CA SER I 66 -12.28 -30.80 83.45
C SER I 66 -12.05 -29.54 82.61
N LYS I 67 -12.57 -29.50 81.39
CA LYS I 67 -12.48 -28.25 80.58
C LYS I 67 -13.76 -27.45 80.79
N SER I 68 -13.70 -26.41 81.63
CA SER I 68 -14.90 -25.55 81.85
C SER I 68 -14.91 -24.39 80.87
N GLY I 69 -15.19 -24.67 79.59
CA GLY I 69 -15.15 -23.60 78.58
C GLY I 69 -13.78 -22.97 78.50
N THR I 70 -13.69 -21.65 78.67
CA THR I 70 -12.40 -20.94 78.52
C THR I 70 -11.37 -21.45 79.54
N SER I 71 -11.79 -21.81 80.75
CA SER I 71 -10.79 -22.22 81.77
C SER I 71 -10.85 -23.73 82.05
N ALA I 72 -9.71 -24.39 82.19
CA ALA I 72 -9.68 -25.86 82.40
C ALA I 72 -9.07 -26.18 83.76
N THR I 73 -9.70 -27.07 84.54
CA THR I 73 -9.21 -27.37 85.91
C THR I 73 -8.72 -28.82 86.01
N LEU I 74 -7.75 -29.08 86.88
CA LEU I 74 -7.18 -30.45 87.03
C LEU I 74 -7.40 -30.92 88.46
N GLY I 75 -8.07 -32.06 88.67
CA GLY I 75 -8.39 -32.55 90.04
C GLY I 75 -7.60 -33.79 90.43
N ILE I 76 -6.98 -33.75 91.63
CA ILE I 76 -6.09 -34.86 92.09
C ILE I 76 -6.51 -35.27 93.50
N THR I 77 -7.32 -36.32 93.63
CA THR I 77 -7.69 -36.80 94.99
C THR I 77 -6.42 -37.27 95.71
N GLY I 78 -6.08 -36.65 96.84
CA GLY I 78 -4.89 -37.07 97.61
C GLY I 78 -3.62 -36.41 97.13
N LEU I 79 -2.75 -35.99 98.05
CA LEU I 79 -1.44 -35.38 97.65
C LEU I 79 -0.30 -36.26 98.16
N GLN I 80 0.11 -37.26 97.39
CA GLN I 80 1.22 -38.17 97.80
C GLN I 80 2.55 -37.45 97.57
N THR I 81 3.64 -37.90 98.21
CA THR I 81 4.94 -37.19 98.09
C THR I 81 5.30 -37.00 96.61
N GLY I 82 5.06 -38.01 95.78
CA GLY I 82 5.39 -37.94 94.35
C GLY I 82 4.58 -36.88 93.64
N ASP I 83 3.33 -36.66 94.07
CA ASP I 83 2.43 -35.71 93.37
C ASP I 83 3.04 -34.31 93.36
N GLU I 84 3.78 -33.95 94.41
CA GLU I 84 4.45 -32.63 94.42
C GLU I 84 5.30 -32.53 93.15
N ALA I 85 5.13 -31.45 92.37
CA ALA I 85 5.84 -31.30 91.07
C ALA I 85 5.38 -30.00 90.43
N ASP I 86 5.78 -29.75 89.18
CA ASP I 86 5.30 -28.54 88.46
C ASP I 86 4.37 -28.98 87.34
N TYR I 87 3.21 -28.34 87.20
CA TYR I 87 2.22 -28.77 86.18
C TYR I 87 1.97 -27.65 85.20
N TYR I 88 1.85 -27.96 83.90
CA TYR I 88 1.68 -26.92 82.87
C TYR I 88 0.48 -27.26 81.97
N CYS I 89 -0.21 -26.26 81.41
CA CYS I 89 -1.39 -26.48 80.54
C CYS I 89 -1.13 -25.95 79.14
N GLY I 90 -1.49 -26.70 78.08
CA GLY I 90 -1.15 -26.26 76.72
C GLY I 90 -2.23 -26.49 75.69
N THR I 91 -2.38 -25.57 74.73
CA THR I 91 -3.39 -25.69 73.67
C THR I 91 -2.89 -24.91 72.43
N TRP I 92 -3.44 -25.18 71.25
CA TRP I 92 -3.03 -24.42 70.02
C TRP I 92 -3.80 -23.10 69.96
N ASP I 93 -3.11 -21.98 69.73
CA ASP I 93 -3.82 -20.69 69.53
C ASP I 93 -4.06 -20.58 68.03
N SER I 94 -5.32 -20.66 67.61
CA SER I 94 -5.62 -20.67 66.16
C SER I 94 -5.08 -19.42 65.47
N SER I 95 -5.36 -18.24 66.02
CA SER I 95 -4.99 -16.97 65.33
C SER I 95 -3.48 -16.81 65.15
N LEU I 96 -2.68 -17.06 66.17
CA LEU I 96 -1.21 -16.88 66.07
C LEU I 96 -0.53 -18.20 65.70
N SER I 97 -1.30 -19.28 65.60
CA SER I 97 -0.76 -20.61 65.22
C SER I 97 0.42 -20.99 66.11
N ALA I 98 0.30 -20.81 67.43
CA ALA I 98 1.38 -21.23 68.35
C ALA I 98 0.82 -22.04 69.52
N TRP I 99 1.52 -23.10 69.98
CA TRP I 99 1.06 -23.80 71.20
C TRP I 99 1.17 -22.75 72.29
N VAL I 100 0.17 -22.63 73.17
CA VAL I 100 0.33 -21.66 74.28
C VAL I 100 0.45 -22.45 75.59
N PHE I 101 1.53 -22.23 76.34
CA PHE I 101 1.72 -22.96 77.62
C PHE I 101 1.76 -21.96 78.77
N GLY I 102 1.00 -22.23 79.83
CA GLY I 102 1.04 -21.37 81.03
C GLY I 102 2.34 -21.49 81.79
N GLY I 103 2.64 -20.53 82.66
CA GLY I 103 3.92 -20.53 83.41
C GLY I 103 4.07 -21.75 84.30
N GLY I 104 2.97 -22.20 84.91
CA GLY I 104 3.02 -23.44 85.72
C GLY I 104 2.60 -23.23 87.16
N THR I 105 2.23 -24.31 87.85
CA THR I 105 1.82 -24.23 89.27
C THR I 105 2.72 -25.14 90.09
N LYS I 106 3.34 -24.62 91.15
CA LYS I 106 4.31 -25.45 91.92
C LYS I 106 3.53 -26.17 93.02
N LEU I 107 3.12 -27.42 92.76
CA LEU I 107 2.32 -28.20 93.75
C LEU I 107 3.24 -28.58 94.90
N THR I 108 2.78 -28.37 96.14
CA THR I 108 3.58 -28.73 97.34
C THR I 108 2.79 -29.68 98.22
N VAL I 109 3.15 -30.97 98.23
CA VAL I 109 2.47 -31.94 99.14
C VAL I 109 2.95 -31.63 100.56
N LEU I 110 2.04 -31.19 101.43
CA LEU I 110 2.43 -30.79 102.82
C LEU I 110 2.26 -31.98 103.76
C1 NAG J . -45.67 -5.19 -81.92
C2 NAG J . -46.55 -6.36 -82.35
C3 NAG J . -47.65 -5.88 -83.30
C4 NAG J . -48.42 -4.71 -82.68
C5 NAG J . -47.45 -3.62 -82.24
C6 NAG J . -48.14 -2.50 -81.51
C7 NAG J . -45.10 -7.29 -84.10
C8 NAG J . -44.36 -8.51 -84.58
N2 NAG J . -45.78 -7.42 -82.96
O3 NAG J . -48.55 -6.95 -83.57
O4 NAG J . -49.31 -4.17 -83.65
O5 NAG J . -46.48 -4.17 -81.33
O6 NAG J . -49.49 -2.38 -81.91
O7 NAG J . -45.07 -6.23 -84.74
C1 NAG K . -46.20 -20.61 -2.35
C2 NAG K . -46.80 -21.89 -2.93
C3 NAG K . -48.23 -21.65 -3.37
C4 NAG K . -49.04 -21.05 -2.24
C5 NAG K . -48.36 -19.82 -1.67
C6 NAG K . -49.04 -19.27 -0.44
C7 NAG K . -45.60 -23.67 -4.10
C8 NAG K . -44.78 -24.03 -5.31
N2 NAG K . -45.99 -22.40 -4.02
O3 NAG K . -48.80 -22.88 -3.78
O4 NAG K . -50.33 -20.67 -2.72
O5 NAG K . -47.01 -20.14 -1.27
O6 NAG K . -50.41 -18.97 -0.71
O7 NAG K . -45.89 -24.50 -3.24
C1 NAG L . -15.25 -34.23 -50.20
C2 NAG L . -15.58 -35.66 -50.65
C3 NAG L . -14.44 -36.60 -50.27
C4 NAG L . -13.11 -36.06 -50.79
C5 NAG L . -12.91 -34.61 -50.36
C6 NAG L . -11.69 -33.98 -50.96
C7 NAG L . -17.11 -36.21 -48.79
C8 NAG L . -18.48 -36.70 -48.44
N2 NAG L . -16.84 -36.12 -50.10
O3 NAG L . -14.69 -37.88 -50.84
O4 NAG L . -12.04 -36.84 -50.26
O5 NAG L . -14.03 -33.82 -50.77
O6 NAG L . -10.56 -34.84 -50.90
O7 NAG L . -16.28 -35.92 -47.93
C1 NAG M . -59.10 0.13 -41.60
C2 NAG M . -60.60 0.27 -41.85
C3 NAG M . -61.38 -0.22 -40.64
C4 NAG M . -60.95 -1.64 -40.27
C5 NAG M . -59.45 -1.68 -40.07
C6 NAG M . -58.93 -3.07 -39.79
C7 NAG M . -62.06 1.97 -42.81
C8 NAG M . -62.28 3.43 -43.04
N2 NAG M . -60.95 1.63 -42.16
O3 NAG M . -62.77 -0.21 -40.94
O4 NAG M . -61.60 -2.04 -39.08
O5 NAG M . -58.79 -1.23 -41.25
O6 NAG M . -59.67 -3.69 -38.74
O7 NAG M . -62.88 1.13 -43.19
C1 NAG N . -23.29 -5.17 -81.29
C2 NAG N . -22.66 -4.36 -82.42
C3 NAG N . -22.70 -5.15 -83.72
C4 NAG N . -22.11 -6.54 -83.53
C5 NAG N . -22.79 -7.23 -82.36
C6 NAG N . -22.20 -8.58 -82.04
C7 NAG N . -22.74 -2.01 -83.08
C8 NAG N . -23.58 -0.78 -83.16
N2 NAG N . -23.33 -3.09 -82.57
O3 NAG N . -21.98 -4.45 -84.72
O4 NAG N . -22.31 -7.32 -84.71
O5 NAG N . -22.65 -6.43 -81.19
O6 NAG N . -22.74 -9.59 -82.90
O7 NAG N . -21.58 -2.04 -83.47
C1 NAG O . -34.54 -11.08 -74.14
C2 NAG O . -34.90 -12.34 -73.36
C3 NAG O . -34.67 -13.57 -74.23
C4 NAG O . -35.41 -13.44 -75.55
C5 NAG O . -35.05 -12.12 -76.23
C6 NAG O . -35.85 -11.86 -77.49
C7 NAG O . -34.70 -12.35 -70.91
C8 NAG O . -36.18 -12.15 -70.88
N2 NAG O . -34.14 -12.43 -72.13
O3 NAG O . -35.12 -14.73 -73.54
O4 NAG O . -35.05 -14.51 -76.42
O5 NAG O . -35.31 -11.02 -75.34
O6 NAG O . -36.32 -10.51 -77.55
O7 NAG O . -34.03 -12.44 -69.88
C1 NAG P . -37.22 -23.34 -29.26
C2 NAG P . -38.58 -23.30 -29.95
C3 NAG P . -38.48 -22.50 -31.25
C4 NAG P . -37.88 -21.14 -31.00
C5 NAG P . -36.56 -21.27 -30.24
C6 NAG P . -35.97 -19.93 -29.85
C7 NAG P . -40.36 -24.99 -30.11
C8 NAG P . -40.69 -26.41 -30.41
N2 NAG P . -39.07 -24.65 -30.21
O3 NAG P . -39.78 -22.37 -31.83
O4 NAG P . -37.64 -20.47 -32.24
O5 NAG P . -36.76 -22.01 -29.03
O6 NAG P . -35.36 -19.99 -28.57
O7 NAG P . -41.23 -24.17 -29.79
C1 NAG Q . -12.74 -35.91 30.64
C2 NAG Q . -11.43 -35.77 31.41
C3 NAG Q . -10.91 -34.34 31.32
C4 NAG Q . -10.77 -33.98 29.87
C5 NAG Q . -12.09 -34.18 29.15
C6 NAG Q . -11.92 -33.80 27.68
C7 NAG Q . -11.59 -37.44 33.16
C8 NAG Q . -11.25 -37.70 34.60
N2 NAG Q . -11.61 -36.16 32.79
O3 NAG Q . -9.65 -34.25 31.98
O4 NAG Q . -10.35 -32.61 29.74
O5 NAG Q . -12.56 -35.54 29.26
O6 NAG Q . -11.08 -34.76 27.04
O7 NAG Q . -11.84 -38.34 32.38
C1 NAG R . -62.69 34.45 -61.68
C2 NAG R . -63.58 35.68 -61.47
C3 NAG R . -63.90 36.33 -62.82
C4 NAG R . -62.63 36.61 -63.60
C5 NAG R . -61.78 35.34 -63.71
C6 NAG R . -60.46 35.59 -64.37
C7 NAG R . -65.74 34.52 -61.23
C8 NAG R . -66.92 34.31 -60.33
N2 NAG R . -64.80 35.34 -60.75
O3 NAG R . -64.60 37.55 -62.60
O4 NAG R . -62.96 37.05 -64.91
O5 NAG R . -61.51 34.82 -62.40
O6 NAG R . -60.51 36.70 -65.26
O7 NAG R . -65.65 33.97 -62.31
C1 NAG S . -7.30 52.42 -5.30
C2 NAG S . -8.41 53.41 -4.98
C3 NAG S . -8.43 54.54 -6.01
C4 NAG S . -7.05 55.17 -6.12
C5 NAG S . -5.99 54.11 -6.37
C6 NAG S . -4.58 54.67 -6.34
C7 NAG S . -10.56 52.93 -3.91
C8 NAG S . -11.85 52.19 -4.00
N2 NAG S . -9.71 52.76 -4.92
O3 NAG S . -9.38 55.52 -5.62
O4 NAG S . -7.04 56.10 -7.20
O5 NAG S . -6.04 53.10 -5.35
O6 NAG S . -4.43 55.73 -7.26
O7 NAG S . -10.29 53.66 -2.95
C1 NAG T . -58.20 23.82 -10.28
C2 NAG T . -59.32 24.64 -9.69
C3 NAG T . -59.72 24.08 -8.32
C4 NAG T . -60.02 22.59 -8.43
C5 NAG T . -58.87 21.86 -9.13
C6 NAG T . -59.18 20.40 -9.41
C7 NAG T . -57.92 26.51 -8.86
C8 NAG T . -57.72 28.00 -8.90
N2 NAG T . -58.96 26.05 -9.58
O3 NAG T . -60.88 24.76 -7.85
O4 NAG T . -60.20 22.03 -7.14
O5 NAG T . -58.60 22.47 -10.40
O6 NAG T . -59.79 19.78 -8.29
O7 NAG T . -57.18 25.77 -8.22
C1 NAG U . -25.18 49.82 -47.86
C2 NAG U . -25.09 51.07 -48.71
C3 NAG U . -24.27 52.15 -48.01
C4 NAG U . -24.85 52.41 -46.62
C5 NAG U . -24.93 51.11 -45.85
C6 NAG U . -25.57 51.27 -44.49
C7 NAG U . -24.66 51.54 -51.08
C8 NAG U . -23.98 51.07 -52.33
N2 NAG U . -24.49 50.76 -50.00
O3 NAG U . -24.31 53.33 -48.78
O4 NAG U . -24.02 53.33 -45.92
O5 NAG U . -25.72 50.16 -46.57
O6 NAG U . -24.98 52.33 -43.76
O7 NAG U . -25.33 52.56 -51.05
C1 NAG V . -65.43 14.48 -51.95
C2 NAG V . -65.97 13.42 -52.90
C3 NAG V . -67.46 13.61 -53.13
C4 NAG V . -68.19 13.69 -51.79
C5 NAG V . -67.54 14.75 -50.91
C6 NAG V . -68.15 14.83 -49.53
C7 NAG V . -65.14 12.41 -54.97
C8 NAG V . -64.37 12.63 -56.24
N2 NAG V . -65.26 13.46 -54.17
O3 NAG V . -67.97 12.52 -53.88
O4 NAG V . -69.55 14.03 -52.01
O5 NAG V . -66.15 14.44 -50.74
O6 NAG V . -69.33 15.62 -49.54
O7 NAG V . -65.63 11.32 -54.69
C1 NAG W . -61.41 28.04 -48.40
C2 NAG W . -61.45 29.00 -47.22
C3 NAG W . -62.89 29.19 -46.76
C4 NAG W . -63.78 29.61 -47.93
C5 NAG W . -63.62 28.65 -49.09
C6 NAG W . -64.36 29.08 -50.33
C7 NAG W . -59.52 29.16 -45.71
C8 NAG W . -59.16 30.42 -46.46
N2 NAG W . -60.62 28.52 -46.13
O3 NAG W . -62.93 30.19 -45.74
O4 NAG W . -65.14 29.63 -47.51
O5 NAG W . -62.24 28.53 -49.46
O6 NAG W . -63.57 28.92 -51.50
O7 NAG W . -58.84 28.74 -44.79
C1 NAG X . -31.86 41.81 -15.10
C2 NAG X . -32.21 42.92 -16.10
C3 NAG X . -32.81 42.31 -17.36
C4 NAG X . -31.92 41.23 -17.92
C5 NAG X . -31.57 40.20 -16.85
C6 NAG X . -30.58 39.16 -17.31
C7 NAG X . -33.04 45.20 -15.75
C8 NAG X . -34.05 46.05 -15.05
N2 NAG X . -33.11 43.89 -15.50
O3 NAG X . -33.00 43.34 -18.32
O4 NAG X . -32.56 40.56 -19.00
O5 NAG X . -30.98 40.86 -15.71
O6 NAG X . -29.66 38.82 -16.27
O7 NAG X . -32.19 45.66 -16.50
C1 NAG Y . -46.09 10.43 3.24
C2 NAG Y . -47.03 9.38 2.66
C3 NAG Y . -48.45 9.58 3.17
C4 NAG Y . -48.43 9.60 4.69
C5 NAG Y . -47.44 10.64 5.21
C6 NAG Y . -47.34 10.60 6.73
C7 NAG Y . -47.56 10.22 0.38
C8 NAG Y . -48.37 9.61 -0.73
N2 NAG Y . -47.00 9.33 1.20
O3 NAG Y . -49.29 8.51 2.72
O4 NAG Y . -49.75 9.88 5.17
O5 NAG Y . -46.14 10.41 4.66
O6 NAG Y . -48.53 11.12 7.32
O7 NAG Y . -47.44 11.43 0.48
C1 NAG Z . -21.06 35.69 -85.10
C2 NAG Z . -20.06 35.99 -86.23
C3 NAG Z . -20.72 35.82 -87.59
C4 NAG Z . -21.39 34.46 -87.70
C5 NAG Z . -22.33 34.23 -86.52
C6 NAG Z . -22.93 32.85 -86.51
C7 NAG Z . -20.19 38.46 -86.18
C8 NAG Z . -19.40 39.72 -86.02
N2 NAG Z . -19.48 37.31 -86.09
O3 NAG Z . -19.74 35.95 -88.61
O4 NAG Z . -22.14 34.41 -88.90
O5 NAG Z . -21.61 34.39 -85.28
O6 NAG Z . -22.99 32.32 -87.82
O7 NAG Z . -21.40 38.46 -86.39
C1 NAG AA . 26.20 -13.95 -41.86
C2 NAG AA . 27.19 -13.35 -42.83
C3 NAG AA . 27.01 -13.95 -44.21
C4 NAG AA . 27.07 -15.47 -44.15
C5 NAG AA . 26.10 -15.99 -43.09
C6 NAG AA . 26.23 -17.48 -42.88
C7 NAG AA . 28.11 -11.07 -42.79
C8 NAG AA . 27.81 -9.61 -42.86
N2 NAG AA . 27.06 -11.90 -42.88
O3 NAG AA . 28.02 -13.46 -45.08
O4 NAG AA . 26.73 -16.02 -45.41
O5 NAG AA . 26.35 -15.37 -41.83
O6 NAG AA . 26.06 -18.20 -44.09
O7 NAG AA . 29.26 -11.50 -42.62
C1 NAG BA . 13.63 43.12 -46.17
C2 NAG BA . 14.76 43.85 -46.86
C3 NAG BA . 15.59 44.64 -45.86
C4 NAG BA . 14.70 45.52 -45.00
C5 NAG BA . 13.55 44.72 -44.41
C6 NAG BA . 12.53 45.57 -43.69
C7 NAG BA . 16.26 41.90 -47.12
C8 NAG BA . 17.06 41.08 -48.09
N2 NAG BA . 15.59 42.93 -47.64
O3 NAG BA . 16.54 45.43 -46.56
O4 NAG BA . 15.45 46.10 -43.95
O5 NAG BA . 12.83 44.04 -45.45
O6 NAG BA . 13.17 46.53 -42.86
O7 NAG BA . 16.25 41.65 -45.91
C1 NAG CA . -6.87 -2.56 -72.09
C2 NAG CA . -6.86 -3.29 -73.41
C3 NAG CA . -5.80 -4.37 -73.42
C4 NAG CA . -4.45 -3.79 -73.04
C5 NAG CA . -4.55 -3.06 -71.71
C6 NAG CA . -3.27 -2.37 -71.32
C7 NAG CA . -8.57 -4.18 -74.93
C8 NAG CA . -9.95 -4.76 -75.04
N2 NAG CA . -8.17 -3.86 -73.70
O3 NAG CA . -5.74 -4.96 -74.71
O4 NAG CA . -3.48 -4.84 -72.94
O5 NAG CA . -5.56 -2.05 -71.81
O6 NAG CA . -2.17 -3.26 -71.41
O7 NAG CA . -7.86 -4.02 -75.91
C1 NAG DA . -24.20 48.00 -66.67
C2 NAG DA . -25.50 48.81 -66.70
C3 NAG DA . -25.34 50.03 -67.60
C4 NAG DA . -24.11 50.83 -67.20
C5 NAG DA . -22.89 49.91 -67.15
C6 NAG DA . -21.64 50.61 -66.68
C7 NAG DA . -27.88 48.22 -66.83
C8 NAG DA . -28.88 47.28 -67.40
N2 NAG DA . -26.60 47.98 -67.16
O3 NAG DA . -26.49 50.85 -67.48
O4 NAG DA . -23.88 51.87 -68.13
O5 NAG DA . -23.14 48.83 -66.26
O6 NAG DA . -21.01 51.32 -67.73
O7 NAG DA . -28.19 49.17 -66.12
C1 NAG EA . -14.21 39.08 -72.43
C2 NAG EA . -12.71 38.86 -72.44
C3 NAG EA . -12.00 40.13 -72.92
C4 NAG EA . -12.57 40.58 -74.26
C5 NAG EA . -14.08 40.70 -74.19
C6 NAG EA . -14.72 41.01 -75.52
C7 NAG EA . -11.69 37.26 -70.87
C8 NAG EA . -11.64 36.31 -72.03
N2 NAG EA . -12.21 38.46 -71.13
O3 NAG EA . -10.61 39.87 -73.04
O4 NAG EA . -12.02 41.85 -74.61
O5 NAG EA . -14.66 39.47 -73.73
O6 NAG EA . -15.88 40.22 -75.75
O7 NAG EA . -11.29 36.96 -69.75
C1 NAG FA . 16.00 11.23 -50.42
C2 NAG FA . 15.87 10.93 -51.92
C3 NAG FA . 14.60 11.57 -52.49
C4 NAG FA . 13.39 11.14 -51.67
C5 NAG FA . 13.62 11.43 -50.18
C6 NAG FA . 12.50 10.92 -49.31
C7 NAG FA . 17.59 10.75 -53.67
C8 NAG FA . 18.79 11.38 -54.29
N2 NAG FA . 17.04 11.41 -52.65
O3 NAG FA . 14.44 11.16 -53.84
O4 NAG FA . 12.24 11.87 -52.09
O5 NAG FA . 14.83 10.77 -49.75
O6 NAG FA . 13.00 10.39 -48.08
O7 NAG FA . 17.12 9.68 -54.08
C1 NAG GA . 13.44 40.02 -24.96
C2 NAG GA . 12.07 40.65 -25.20
C3 NAG GA . 12.21 42.06 -25.78
C4 NAG GA . 13.20 42.90 -24.99
C5 NAG GA . 14.49 42.12 -24.82
C6 NAG GA . 15.53 42.90 -24.06
C7 NAG GA . 10.41 38.89 -25.66
C8 NAG GA . 9.77 38.03 -26.71
N2 NAG GA . 11.26 39.83 -26.09
O3 NAG GA . 10.91 42.67 -25.82
O4 NAG GA . 13.58 44.09 -25.68
O5 NAG GA . 14.23 40.88 -24.16
O6 NAG GA . 15.05 43.07 -22.73
O7 NAG GA . 10.15 38.75 -24.47
#